data_2IFS
#
_entry.id   2IFS
#
_entity_poly.entity_id   1
_entity_poly.type   'polypeptide(L)'
_entity_poly.pdbx_seq_one_letter_code
;GSESRFYFHPISDLPPPEPYVQTTKSYPSKLARNESRGGLVPRGSGGSLFSFLGKKCVTMSSAVVQLYAADRNCMWSKKC
SGVACLVKDNPQRSYFLRIFDIKDGKLLWEQELYNNFVYNSPRGYFHTFAGDTCQVALNFANEEEAKKFRKAVTDLLGRR
QRKSEKRRD
;
_entity_poly.pdbx_strand_id   A
#
# COMPACT_ATOMS: atom_id res chain seq x y z
N GLY A 1 20.68 -14.09 2.06
CA GLY A 1 20.92 -13.30 3.26
C GLY A 1 20.02 -12.10 3.30
N SER A 2 20.37 -11.11 4.06
CA SER A 2 19.58 -9.91 4.16
C SER A 2 20.11 -8.80 3.24
N GLU A 3 21.42 -8.69 3.16
CA GLU A 3 22.05 -7.66 2.39
C GLU A 3 23.11 -8.35 1.50
N SER A 4 23.53 -7.68 0.44
CA SER A 4 24.49 -8.18 -0.54
C SER A 4 23.87 -9.27 -1.42
N ARG A 5 23.75 -10.46 -0.89
CA ARG A 5 23.14 -11.51 -1.63
C ARG A 5 21.83 -11.88 -0.96
N PHE A 6 20.77 -11.41 -1.52
CA PHE A 6 19.46 -11.67 -1.02
C PHE A 6 18.56 -12.10 -2.15
N TYR A 7 17.80 -13.12 -1.92
CA TYR A 7 16.98 -13.69 -2.94
C TYR A 7 15.53 -13.44 -2.79
N PHE A 8 14.92 -13.27 -3.92
CA PHE A 8 13.51 -13.09 -4.04
C PHE A 8 12.88 -14.38 -4.52
N HIS A 9 13.67 -15.21 -5.22
CA HIS A 9 13.18 -16.51 -5.71
C HIS A 9 12.93 -17.46 -4.52
N PRO A 10 12.16 -18.54 -4.70
CA PRO A 10 11.46 -18.88 -5.92
C PRO A 10 9.94 -18.58 -5.88
N ILE A 11 9.37 -18.27 -7.04
CA ILE A 11 7.93 -17.96 -7.15
C ILE A 11 7.10 -19.20 -6.83
N SER A 12 7.69 -20.33 -7.09
CA SER A 12 7.09 -21.62 -6.87
C SER A 12 6.88 -21.94 -5.37
N ASP A 13 7.67 -21.32 -4.52
CA ASP A 13 7.55 -21.54 -3.07
C ASP A 13 6.59 -20.53 -2.47
N LEU A 14 6.28 -19.52 -3.25
CA LEU A 14 5.40 -18.46 -2.81
C LEU A 14 3.94 -18.94 -2.97
N PRO A 15 3.04 -18.50 -2.09
CA PRO A 15 1.62 -18.87 -2.16
C PRO A 15 0.95 -18.40 -3.46
N PRO A 16 0.03 -19.22 -4.03
CA PRO A 16 -0.68 -18.88 -5.26
C PRO A 16 -1.62 -17.68 -5.07
N PRO A 17 -1.97 -16.98 -6.17
CA PRO A 17 -2.84 -15.83 -6.11
C PRO A 17 -4.30 -16.25 -6.01
N GLU A 18 -5.16 -15.27 -5.94
CA GLU A 18 -6.57 -15.49 -5.83
C GLU A 18 -7.28 -14.26 -6.40
N PRO A 19 -8.45 -14.43 -7.03
CA PRO A 19 -9.25 -13.30 -7.49
C PRO A 19 -9.72 -12.50 -6.27
N TYR A 20 -9.97 -11.23 -6.45
CA TYR A 20 -10.39 -10.42 -5.34
C TYR A 20 -11.86 -10.75 -5.04
N VAL A 21 -12.10 -11.30 -3.86
CA VAL A 21 -13.45 -11.73 -3.47
C VAL A 21 -14.11 -10.70 -2.57
N GLN A 22 -13.30 -9.86 -2.04
CA GLN A 22 -13.72 -8.77 -1.18
C GLN A 22 -14.42 -7.72 -2.03
N THR A 23 -15.37 -7.02 -1.46
CA THR A 23 -16.05 -5.99 -2.18
C THR A 23 -15.11 -4.80 -2.31
N THR A 24 -15.01 -4.26 -3.52
CA THR A 24 -14.09 -3.19 -3.80
C THR A 24 -14.32 -1.99 -2.86
N LYS A 25 -13.28 -1.63 -2.16
CA LYS A 25 -13.35 -0.63 -1.14
C LYS A 25 -13.25 0.78 -1.70
N SER A 26 -13.67 1.74 -0.92
CA SER A 26 -13.70 3.12 -1.33
C SER A 26 -12.38 3.82 -1.04
N TYR A 27 -12.01 4.71 -1.92
CA TYR A 27 -10.81 5.49 -1.78
C TYR A 27 -11.15 6.84 -1.11
N PRO A 28 -10.60 7.10 0.09
CA PRO A 28 -10.87 8.34 0.85
C PRO A 28 -10.32 9.57 0.14
N SER A 29 -9.34 9.33 -0.69
CA SER A 29 -8.63 10.32 -1.46
C SER A 29 -9.56 11.08 -2.41
N LYS A 30 -10.53 10.37 -2.95
CA LYS A 30 -11.41 10.91 -3.95
C LYS A 30 -12.39 11.91 -3.34
N LEU A 31 -12.58 11.80 -2.03
CA LEU A 31 -13.45 12.63 -1.33
C LEU A 31 -12.64 13.71 -0.66
N ALA A 32 -11.52 13.30 -0.01
CA ALA A 32 -10.55 14.17 0.69
C ALA A 32 -11.15 14.79 1.95
N ARG A 33 -12.25 15.40 1.76
CA ARG A 33 -13.01 16.03 2.81
C ARG A 33 -14.42 16.20 2.32
N ASN A 34 -15.13 15.11 2.42
CA ASN A 34 -16.48 14.96 1.95
C ASN A 34 -16.91 13.55 2.26
N GLU A 35 -18.16 13.33 2.43
CA GLU A 35 -18.69 12.03 2.68
C GLU A 35 -19.95 11.79 1.88
N SER A 36 -20.32 10.56 1.70
CA SER A 36 -21.47 10.24 0.91
C SER A 36 -22.75 10.45 1.71
N ARG A 37 -23.37 11.58 1.49
CA ARG A 37 -24.59 11.95 2.18
C ARG A 37 -25.80 11.35 1.50
N GLY A 38 -26.84 11.09 2.27
CA GLY A 38 -28.03 10.48 1.73
C GLY A 38 -29.04 11.50 1.27
N GLY A 39 -30.23 11.04 0.98
CA GLY A 39 -31.26 11.88 0.45
C GLY A 39 -32.33 12.23 1.47
N LEU A 40 -33.49 11.67 1.28
CA LEU A 40 -34.63 11.97 2.13
C LEU A 40 -34.85 10.82 3.10
N VAL A 41 -35.14 9.63 2.59
CA VAL A 41 -35.39 8.48 3.43
C VAL A 41 -34.09 7.92 4.02
N PRO A 42 -33.08 7.52 3.21
CA PRO A 42 -31.81 7.12 3.75
C PRO A 42 -30.92 8.35 3.84
N ARG A 43 -30.70 8.86 5.02
CA ARG A 43 -29.95 10.08 5.16
C ARG A 43 -28.80 9.97 6.13
N GLY A 44 -27.68 9.58 5.62
CA GLY A 44 -26.49 9.57 6.39
C GLY A 44 -25.68 10.79 6.09
N SER A 45 -25.23 11.46 7.10
CA SER A 45 -24.41 12.63 6.94
C SER A 45 -23.46 12.73 8.12
N GLY A 46 -22.19 12.67 7.84
CA GLY A 46 -21.20 12.75 8.89
C GLY A 46 -20.62 14.13 9.00
N GLY A 47 -20.26 14.68 7.86
CA GLY A 47 -19.65 15.98 7.84
C GLY A 47 -18.26 15.97 8.41
N SER A 48 -18.12 16.57 9.58
CA SER A 48 -16.86 16.65 10.31
C SER A 48 -15.81 17.50 9.58
N LEU A 49 -15.79 18.77 9.90
CA LEU A 49 -14.91 19.71 9.27
C LEU A 49 -13.48 19.55 9.77
N PHE A 50 -12.66 18.92 8.96
CA PHE A 50 -11.27 18.77 9.26
C PHE A 50 -10.59 20.10 8.91
N SER A 51 -10.00 20.71 9.90
CA SER A 51 -9.41 22.01 9.76
C SER A 51 -8.05 21.97 9.06
N PHE A 52 -8.03 22.50 7.83
CA PHE A 52 -6.83 22.61 6.99
C PHE A 52 -6.14 21.28 6.75
N LEU A 53 -6.40 20.67 5.63
CA LEU A 53 -5.79 19.42 5.34
C LEU A 53 -4.63 19.56 4.38
N GLY A 54 -3.51 18.98 4.76
CA GLY A 54 -2.40 18.95 3.87
C GLY A 54 -1.20 19.77 4.28
N LYS A 55 -0.05 19.18 4.09
CA LYS A 55 1.24 19.86 4.18
C LYS A 55 2.04 19.42 2.97
N LYS A 56 2.46 18.18 3.00
CA LYS A 56 3.20 17.57 1.91
C LYS A 56 3.03 16.06 2.02
N CYS A 57 3.61 15.33 1.11
CA CYS A 57 3.58 13.90 1.21
C CYS A 57 4.78 13.45 2.02
N VAL A 58 4.50 12.77 3.09
CA VAL A 58 5.54 12.30 3.96
C VAL A 58 5.75 10.84 3.67
N THR A 59 6.97 10.45 3.51
CA THR A 59 7.27 9.08 3.29
C THR A 59 7.24 8.42 4.65
N MET A 60 6.64 7.28 4.75
CA MET A 60 6.44 6.62 6.02
C MET A 60 7.43 5.48 6.24
N SER A 61 7.72 4.74 5.21
CA SER A 61 8.57 3.58 5.36
C SER A 61 9.05 3.15 3.98
N SER A 62 10.24 2.58 3.92
CA SER A 62 10.81 2.13 2.68
C SER A 62 11.56 0.80 2.88
N ALA A 63 11.42 -0.10 1.92
CA ALA A 63 12.05 -1.42 1.97
C ALA A 63 12.28 -1.93 0.57
N VAL A 64 13.29 -2.76 0.40
CA VAL A 64 13.60 -3.33 -0.92
C VAL A 64 12.66 -4.52 -1.18
N VAL A 65 11.87 -4.41 -2.24
CA VAL A 65 10.88 -5.44 -2.56
C VAL A 65 10.75 -5.62 -4.08
N GLN A 66 10.12 -6.67 -4.46
CA GLN A 66 9.82 -6.95 -5.82
C GLN A 66 8.31 -7.02 -5.94
N LEU A 67 7.77 -6.46 -6.99
CA LEU A 67 6.35 -6.33 -7.11
C LEU A 67 5.75 -7.38 -8.03
N TYR A 68 4.76 -8.05 -7.51
CA TYR A 68 3.97 -8.99 -8.25
C TYR A 68 2.58 -8.46 -8.43
N ALA A 69 2.00 -8.82 -9.51
CA ALA A 69 0.62 -8.52 -9.76
C ALA A 69 0.01 -9.79 -10.29
N ALA A 70 -1.19 -10.08 -9.89
CA ALA A 70 -1.82 -11.29 -10.29
C ALA A 70 -2.69 -11.08 -11.50
N ASP A 71 -2.52 -11.96 -12.44
CA ASP A 71 -3.38 -12.00 -13.60
C ASP A 71 -4.65 -12.70 -13.14
N ARG A 72 -5.73 -12.47 -13.86
CA ARG A 72 -7.11 -12.83 -13.52
C ARG A 72 -7.32 -13.52 -12.15
N ASN A 73 -7.24 -14.81 -12.11
CA ASN A 73 -7.48 -15.51 -10.87
C ASN A 73 -6.27 -16.19 -10.30
N CYS A 74 -5.22 -16.38 -11.11
CA CYS A 74 -4.17 -17.29 -10.59
C CYS A 74 -2.76 -17.16 -11.17
N MET A 75 -2.30 -16.00 -11.55
CA MET A 75 -0.90 -15.94 -12.02
C MET A 75 -0.16 -14.74 -11.45
N TRP A 76 0.95 -14.99 -10.80
CA TRP A 76 1.79 -13.90 -10.31
C TRP A 76 2.77 -13.52 -11.40
N SER A 77 2.77 -12.28 -11.78
CA SER A 77 3.65 -11.83 -12.80
C SER A 77 4.52 -10.68 -12.29
N LYS A 78 5.78 -10.67 -12.71
CA LYS A 78 6.71 -9.62 -12.33
C LYS A 78 6.40 -8.38 -13.12
N LYS A 79 6.11 -7.32 -12.47
CA LYS A 79 5.93 -6.08 -13.17
C LYS A 79 7.06 -5.11 -12.87
N CYS A 80 7.58 -5.19 -11.68
CA CYS A 80 8.66 -4.32 -11.29
C CYS A 80 9.44 -4.93 -10.14
N SER A 81 10.69 -4.58 -10.05
CA SER A 81 11.51 -4.97 -8.94
C SER A 81 12.20 -3.71 -8.48
N GLY A 82 12.38 -3.54 -7.21
CA GLY A 82 13.03 -2.36 -6.75
C GLY A 82 12.91 -2.13 -5.29
N VAL A 83 12.48 -0.95 -4.95
CA VAL A 83 12.32 -0.55 -3.58
C VAL A 83 10.91 0.04 -3.44
N ALA A 84 10.31 -0.13 -2.30
CA ALA A 84 8.97 0.35 -2.06
C ALA A 84 8.96 1.48 -1.08
N CYS A 85 8.01 2.36 -1.24
CA CYS A 85 7.82 3.42 -0.28
C CYS A 85 6.36 3.56 0.06
N LEU A 86 6.10 3.68 1.32
CA LEU A 86 4.79 3.97 1.81
C LEU A 86 4.76 5.45 2.05
N VAL A 87 3.81 6.13 1.49
CA VAL A 87 3.74 7.57 1.59
C VAL A 87 2.38 8.01 2.11
N LYS A 88 2.37 9.01 2.94
CA LYS A 88 1.16 9.60 3.43
C LYS A 88 1.03 10.95 2.75
N ASP A 89 0.07 11.09 1.89
CA ASP A 89 -0.12 12.33 1.21
C ASP A 89 -1.20 13.06 1.93
N ASN A 90 -0.80 13.94 2.81
CA ASN A 90 -1.75 14.67 3.62
C ASN A 90 -2.58 15.71 2.80
N PRO A 91 -2.00 16.38 1.72
CA PRO A 91 -2.81 17.25 0.86
C PRO A 91 -4.06 16.55 0.30
N GLN A 92 -3.93 15.29 -0.12
CA GLN A 92 -5.05 14.55 -0.58
C GLN A 92 -5.73 13.82 0.60
N ARG A 93 -5.02 13.82 1.73
CA ARG A 93 -5.46 13.22 3.00
C ARG A 93 -5.54 11.68 2.90
N SER A 94 -4.84 11.15 1.94
CA SER A 94 -4.83 9.75 1.72
C SER A 94 -3.42 9.21 1.82
N TYR A 95 -3.23 7.98 1.47
CA TYR A 95 -1.93 7.39 1.54
C TYR A 95 -1.63 6.82 0.17
N PHE A 96 -0.39 6.76 -0.19
CA PHE A 96 0.00 6.18 -1.45
C PHE A 96 1.09 5.17 -1.24
N LEU A 97 0.96 4.07 -1.88
CA LEU A 97 1.96 3.05 -1.85
C LEU A 97 2.61 3.07 -3.21
N ARG A 98 3.89 3.24 -3.24
CA ARG A 98 4.58 3.39 -4.50
C ARG A 98 5.77 2.47 -4.59
N ILE A 99 5.86 1.80 -5.71
CA ILE A 99 6.93 0.88 -6.01
C ILE A 99 7.81 1.50 -7.08
N PHE A 100 9.06 1.63 -6.78
CA PHE A 100 10.01 2.22 -7.68
C PHE A 100 11.10 1.24 -8.02
N ASP A 101 11.30 1.13 -9.30
CA ASP A 101 12.25 0.19 -9.88
C ASP A 101 13.67 0.52 -9.47
N ILE A 102 14.44 -0.49 -9.14
CA ILE A 102 15.82 -0.31 -8.67
C ILE A 102 16.75 0.14 -9.82
N LYS A 103 16.49 -0.31 -11.02
CA LYS A 103 17.33 -0.03 -12.11
C LYS A 103 17.06 1.38 -12.62
N ASP A 104 15.80 1.71 -12.80
CA ASP A 104 15.43 3.02 -13.35
C ASP A 104 15.23 4.07 -12.27
N GLY A 105 14.45 3.75 -11.25
CA GLY A 105 14.08 4.74 -10.22
C GLY A 105 12.92 5.59 -10.70
N LYS A 106 12.34 5.14 -11.80
CA LYS A 106 11.25 5.82 -12.50
C LYS A 106 9.98 5.93 -11.66
N LEU A 107 9.69 4.88 -10.88
CA LEU A 107 8.47 4.77 -10.07
C LEU A 107 7.26 4.76 -11.02
N LEU A 108 6.77 3.59 -11.31
CA LEU A 108 5.74 3.43 -12.32
C LEU A 108 4.55 2.70 -11.75
N TRP A 109 4.50 2.58 -10.46
CA TRP A 109 3.48 1.81 -9.86
C TRP A 109 3.04 2.50 -8.62
N GLU A 110 1.77 2.72 -8.52
CA GLU A 110 1.19 3.30 -7.36
C GLU A 110 -0.03 2.53 -6.99
N GLN A 111 -0.36 2.58 -5.76
CA GLN A 111 -1.58 2.05 -5.28
C GLN A 111 -2.06 3.05 -4.25
N GLU A 112 -3.24 3.54 -4.44
CA GLU A 112 -3.79 4.53 -3.55
C GLU A 112 -4.55 3.78 -2.46
N LEU A 113 -4.23 4.08 -1.21
CA LEU A 113 -4.78 3.31 -0.09
C LEU A 113 -6.23 3.65 0.22
N TYR A 114 -6.88 2.70 0.85
CA TYR A 114 -8.26 2.79 1.23
C TYR A 114 -8.37 3.29 2.66
N ASN A 115 -9.58 3.43 3.16
CA ASN A 115 -9.77 3.88 4.55
C ASN A 115 -10.08 2.72 5.48
N ASN A 116 -10.24 1.53 4.93
CA ASN A 116 -10.45 0.31 5.69
C ASN A 116 -9.64 -0.82 5.12
N PHE A 117 -8.35 -0.69 5.19
CA PHE A 117 -7.48 -1.71 4.69
C PHE A 117 -6.92 -2.59 5.81
N VAL A 118 -7.08 -3.87 5.64
CA VAL A 118 -6.48 -4.86 6.52
C VAL A 118 -5.37 -5.48 5.69
N TYR A 119 -4.23 -5.76 6.29
CA TYR A 119 -3.14 -6.24 5.51
C TYR A 119 -3.18 -7.78 5.45
N ASN A 120 -2.83 -8.37 4.31
CA ASN A 120 -2.83 -9.80 4.18
C ASN A 120 -1.40 -10.30 4.18
N SER A 121 -1.05 -11.08 5.14
CA SER A 121 0.30 -11.54 5.24
C SER A 121 0.39 -13.06 5.33
N PRO A 122 0.70 -13.72 4.21
CA PRO A 122 0.99 -15.16 4.21
C PRO A 122 2.25 -15.39 5.02
N ARG A 123 3.26 -14.56 4.72
CA ARG A 123 4.50 -14.52 5.36
C ARG A 123 5.31 -15.72 5.02
N GLY A 124 6.06 -15.52 4.02
CA GLY A 124 6.92 -16.47 3.47
C GLY A 124 7.75 -15.74 2.50
N TYR A 125 8.16 -14.52 2.94
CA TYR A 125 8.95 -13.54 2.17
C TYR A 125 8.00 -12.92 1.18
N PHE A 126 6.74 -12.98 1.53
CA PHE A 126 5.72 -12.65 0.61
C PHE A 126 4.51 -12.06 1.32
N HIS A 127 4.05 -10.94 0.83
CA HIS A 127 2.85 -10.31 1.31
C HIS A 127 1.86 -10.18 0.19
N THR A 128 0.59 -10.22 0.50
CA THR A 128 -0.44 -10.09 -0.48
C THR A 128 -1.21 -8.81 -0.22
N PHE A 129 -1.48 -8.09 -1.24
CA PHE A 129 -2.09 -6.81 -1.09
C PHE A 129 -3.31 -6.72 -2.01
N ALA A 130 -4.27 -5.96 -1.60
CA ALA A 130 -5.54 -5.88 -2.29
C ALA A 130 -5.67 -4.63 -3.14
N GLY A 131 -6.14 -4.81 -4.36
CA GLY A 131 -6.39 -3.70 -5.25
C GLY A 131 -7.89 -3.56 -5.53
N ASP A 132 -8.24 -2.87 -6.62
CA ASP A 132 -9.66 -2.62 -6.99
C ASP A 132 -10.43 -3.92 -7.08
N THR A 133 -10.01 -4.77 -7.97
CA THR A 133 -10.56 -6.10 -8.10
C THR A 133 -9.41 -7.04 -8.53
N CYS A 134 -8.20 -6.53 -8.39
CA CYS A 134 -7.01 -7.24 -8.76
C CYS A 134 -6.21 -7.51 -7.51
N GLN A 135 -5.40 -8.52 -7.55
CA GLN A 135 -4.59 -8.85 -6.43
C GLN A 135 -3.14 -8.49 -6.78
N VAL A 136 -2.46 -7.85 -5.88
CA VAL A 136 -1.09 -7.46 -6.05
C VAL A 136 -0.31 -8.00 -4.86
N ALA A 137 0.96 -8.19 -5.01
CA ALA A 137 1.73 -8.77 -3.93
C ALA A 137 3.12 -8.22 -3.85
N LEU A 138 3.70 -8.34 -2.68
CA LEU A 138 5.06 -7.88 -2.48
C LEU A 138 5.92 -9.07 -2.14
N ASN A 139 7.06 -9.13 -2.75
CA ASN A 139 8.02 -10.18 -2.52
C ASN A 139 9.33 -9.57 -2.14
N PHE A 140 9.97 -10.12 -1.16
CA PHE A 140 11.15 -9.54 -0.57
C PHE A 140 11.97 -10.57 0.15
N ALA A 141 13.21 -10.25 0.43
CA ALA A 141 14.07 -11.16 1.13
C ALA A 141 13.96 -10.96 2.65
N ASN A 142 13.44 -9.81 3.06
CA ASN A 142 13.35 -9.47 4.50
C ASN A 142 11.93 -9.27 4.98
N GLU A 143 11.42 -10.23 5.72
CA GLU A 143 10.11 -10.12 6.37
C GLU A 143 10.13 -9.06 7.46
N GLU A 144 11.30 -8.83 8.07
CA GLU A 144 11.42 -7.88 9.15
C GLU A 144 11.07 -6.47 8.67
N GLU A 145 11.71 -6.06 7.60
CA GLU A 145 11.45 -4.75 6.97
C GLU A 145 10.05 -4.71 6.40
N ALA A 146 9.58 -5.86 6.02
CA ALA A 146 8.29 -6.04 5.46
C ALA A 146 7.24 -5.80 6.49
N LYS A 147 7.40 -6.40 7.66
CA LYS A 147 6.47 -6.20 8.76
C LYS A 147 6.36 -4.75 9.08
N LYS A 148 7.45 -4.04 8.94
CA LYS A 148 7.50 -2.64 9.32
C LYS A 148 6.55 -1.80 8.49
N PHE A 149 6.64 -1.90 7.16
CA PHE A 149 5.73 -1.10 6.33
C PHE A 149 4.32 -1.68 6.37
N ARG A 150 4.24 -2.99 6.49
CA ARG A 150 3.00 -3.74 6.57
C ARG A 150 2.22 -3.42 7.81
N LYS A 151 2.90 -3.23 8.87
CA LYS A 151 2.27 -2.92 10.12
C LYS A 151 1.93 -1.48 10.12
N ALA A 152 2.89 -0.66 9.73
CA ALA A 152 2.71 0.78 9.68
C ALA A 152 1.51 1.17 8.84
N VAL A 153 1.37 0.59 7.65
CA VAL A 153 0.28 0.95 6.77
C VAL A 153 -1.07 0.62 7.40
N THR A 154 -1.21 -0.59 7.86
CA THR A 154 -2.44 -1.07 8.43
C THR A 154 -2.73 -0.48 9.83
N ASP A 155 -1.68 -0.23 10.60
CA ASP A 155 -1.82 0.30 11.97
C ASP A 155 -2.17 1.77 11.95
N LEU A 156 -1.40 2.53 11.17
CA LEU A 156 -1.57 3.98 11.07
C LEU A 156 -2.94 4.28 10.51
N LEU A 157 -3.36 3.48 9.55
CA LEU A 157 -4.66 3.64 8.93
C LEU A 157 -5.77 3.50 10.00
N GLY A 158 -5.57 2.59 10.93
CA GLY A 158 -6.53 2.37 11.99
C GLY A 158 -6.45 3.45 13.07
N ARG A 159 -5.24 3.97 13.32
CA ARG A 159 -5.06 5.01 14.35
C ARG A 159 -5.48 6.36 13.84
N ARG A 160 -5.41 6.53 12.51
CA ARG A 160 -5.63 7.80 11.80
C ARG A 160 -4.34 8.63 11.97
N GLN A 161 -4.05 9.54 11.06
CA GLN A 161 -2.74 10.23 11.04
C GLN A 161 -2.31 10.97 12.33
N ARG A 162 -1.57 10.26 13.17
CA ARG A 162 -0.90 10.80 14.35
C ARG A 162 0.61 10.59 14.23
N LYS A 163 1.03 10.12 13.07
CA LYS A 163 2.44 9.87 12.80
C LYS A 163 2.82 10.39 11.44
N SER A 164 4.00 10.91 11.37
CA SER A 164 4.60 11.37 10.14
C SER A 164 6.02 10.83 10.11
N GLU A 165 6.16 9.63 10.65
CA GLU A 165 7.42 8.90 10.73
C GLU A 165 7.92 8.67 9.32
N LYS A 166 9.10 9.17 9.03
CA LYS A 166 9.63 9.15 7.68
C LYS A 166 10.29 7.82 7.34
N ARG A 167 11.02 7.27 8.27
CA ARG A 167 11.69 6.01 8.06
C ARG A 167 11.61 5.15 9.28
N ARG A 168 11.74 3.87 9.07
CA ARG A 168 11.71 2.91 10.14
C ARG A 168 13.09 2.61 10.64
N ASP A 169 13.18 2.33 11.91
CA ASP A 169 14.44 2.04 12.54
C ASP A 169 14.28 0.82 13.41
N GLY A 1 16.86 -19.04 10.00
CA GLY A 1 17.79 -18.17 10.70
C GLY A 1 17.61 -16.74 10.25
N SER A 2 18.57 -15.89 10.58
CA SER A 2 18.54 -14.52 10.16
C SER A 2 19.90 -14.11 9.61
N GLU A 3 19.99 -14.05 8.30
CA GLU A 3 21.23 -13.70 7.64
C GLU A 3 21.23 -12.21 7.35
N SER A 4 22.32 -11.73 6.79
CA SER A 4 22.41 -10.35 6.38
C SER A 4 22.09 -10.26 4.88
N ARG A 5 21.62 -11.38 4.36
CA ARG A 5 21.25 -11.49 2.96
C ARG A 5 19.79 -11.14 2.75
N PHE A 6 19.48 -10.74 1.56
CA PHE A 6 18.13 -10.42 1.18
C PHE A 6 17.68 -11.44 0.14
N TYR A 7 16.44 -11.84 0.21
CA TYR A 7 15.95 -12.88 -0.69
C TYR A 7 14.69 -12.54 -1.39
N PHE A 8 14.69 -12.82 -2.67
CA PHE A 8 13.52 -12.68 -3.48
C PHE A 8 13.17 -14.06 -4.07
N HIS A 9 14.19 -14.82 -4.43
CA HIS A 9 13.99 -16.18 -4.94
C HIS A 9 13.98 -17.17 -3.78
N PRO A 10 13.31 -18.34 -3.94
CA PRO A 10 12.62 -18.73 -5.16
C PRO A 10 11.14 -18.30 -5.20
N ILE A 11 10.68 -17.90 -6.38
CA ILE A 11 9.29 -17.46 -6.57
C ILE A 11 8.36 -18.65 -6.39
N SER A 12 8.89 -19.81 -6.65
CA SER A 12 8.19 -21.07 -6.52
C SER A 12 7.80 -21.36 -5.06
N ASP A 13 8.49 -20.75 -4.11
CA ASP A 13 8.17 -20.97 -2.69
C ASP A 13 7.03 -20.07 -2.29
N LEU A 14 6.92 -18.97 -3.01
CA LEU A 14 5.91 -17.99 -2.77
C LEU A 14 4.55 -18.58 -3.18
N PRO A 15 3.49 -18.28 -2.43
CA PRO A 15 2.18 -18.87 -2.68
C PRO A 15 1.52 -18.33 -3.94
N PRO A 16 0.80 -19.19 -4.70
CA PRO A 16 0.05 -18.76 -5.88
C PRO A 16 -1.01 -17.71 -5.50
N PRO A 17 -1.45 -16.87 -6.45
CA PRO A 17 -2.45 -15.84 -6.17
C PRO A 17 -3.81 -16.41 -5.87
N GLU A 18 -4.64 -15.63 -5.26
CA GLU A 18 -5.97 -16.05 -4.88
C GLU A 18 -6.94 -15.00 -5.37
N PRO A 19 -8.24 -15.32 -5.43
CA PRO A 19 -9.25 -14.31 -5.68
C PRO A 19 -9.30 -13.40 -4.45
N TYR A 20 -9.10 -12.12 -4.64
CA TYR A 20 -9.03 -11.25 -3.50
C TYR A 20 -10.43 -10.92 -3.04
N VAL A 21 -10.69 -11.15 -1.80
CA VAL A 21 -11.97 -10.84 -1.26
C VAL A 21 -11.81 -9.69 -0.31
N GLN A 22 -12.13 -8.51 -0.78
CA GLN A 22 -11.98 -7.34 0.01
C GLN A 22 -13.34 -6.74 0.25
N THR A 23 -13.51 -6.19 1.41
CA THR A 23 -14.75 -5.58 1.80
C THR A 23 -14.89 -4.21 1.06
N THR A 24 -16.04 -3.59 1.16
CA THR A 24 -16.31 -2.32 0.52
C THR A 24 -15.25 -1.29 0.92
N LYS A 25 -14.54 -0.80 -0.06
CA LYS A 25 -13.48 0.15 0.15
C LYS A 25 -14.01 1.59 0.10
N SER A 26 -13.23 2.51 0.65
CA SER A 26 -13.62 3.90 0.72
C SER A 26 -12.42 4.77 0.38
N TYR A 27 -12.64 5.89 -0.26
CA TYR A 27 -11.55 6.77 -0.60
C TYR A 27 -11.54 7.99 0.33
N PRO A 28 -10.50 8.14 1.17
CA PRO A 28 -10.39 9.27 2.11
C PRO A 28 -10.00 10.58 1.42
N SER A 29 -9.10 10.46 0.49
CA SER A 29 -8.51 11.56 -0.20
C SER A 29 -9.49 12.22 -1.16
N LYS A 30 -10.12 11.41 -1.95
CA LYS A 30 -11.05 11.85 -2.96
C LYS A 30 -12.24 12.51 -2.33
N LEU A 31 -12.71 11.94 -1.24
CA LEU A 31 -13.87 12.44 -0.50
C LEU A 31 -13.58 13.86 -0.02
N ALA A 32 -12.37 14.07 0.45
CA ALA A 32 -11.99 15.35 1.01
C ALA A 32 -11.37 16.31 -0.03
N ARG A 33 -11.27 15.88 -1.27
CA ARG A 33 -10.69 16.72 -2.30
C ARG A 33 -11.79 17.11 -3.29
N ASN A 34 -12.43 16.12 -3.84
CA ASN A 34 -13.52 16.33 -4.77
C ASN A 34 -14.52 15.21 -4.58
N GLU A 35 -15.47 15.47 -3.73
CA GLU A 35 -16.44 14.48 -3.31
C GLU A 35 -17.29 13.94 -4.46
N SER A 36 -17.25 12.66 -4.63
CA SER A 36 -18.08 12.01 -5.59
C SER A 36 -19.32 11.48 -4.84
N ARG A 37 -20.39 12.25 -4.87
CA ARG A 37 -21.61 11.88 -4.18
C ARG A 37 -22.41 10.89 -5.00
N GLY A 38 -23.24 10.11 -4.33
CA GLY A 38 -24.08 9.15 -5.03
C GLY A 38 -25.36 9.79 -5.55
N GLY A 39 -26.26 8.97 -6.09
CA GLY A 39 -27.50 9.46 -6.64
C GLY A 39 -28.42 10.05 -5.59
N LEU A 40 -28.45 9.43 -4.44
CA LEU A 40 -29.26 9.92 -3.34
C LEU A 40 -28.50 9.79 -2.03
N VAL A 41 -27.98 10.91 -1.58
CA VAL A 41 -27.23 10.96 -0.33
C VAL A 41 -27.33 12.36 0.31
N PRO A 42 -27.99 12.46 1.46
CA PRO A 42 -28.15 13.71 2.17
C PRO A 42 -26.88 14.09 2.96
N ARG A 43 -26.69 15.39 3.16
CA ARG A 43 -25.55 15.94 3.90
C ARG A 43 -24.20 15.66 3.23
N GLY A 44 -23.70 16.65 2.52
CA GLY A 44 -22.46 16.50 1.84
C GLY A 44 -21.57 17.68 2.09
N SER A 45 -20.35 17.63 1.56
CA SER A 45 -19.34 18.66 1.71
C SER A 45 -18.83 18.81 3.14
N GLY A 46 -17.59 18.44 3.33
CA GLY A 46 -16.96 18.55 4.60
C GLY A 46 -15.51 18.87 4.43
N GLY A 47 -14.80 18.93 5.52
CA GLY A 47 -13.40 19.23 5.48
C GLY A 47 -13.03 20.17 6.58
N SER A 48 -11.81 20.13 7.00
CA SER A 48 -11.35 20.99 8.03
C SER A 48 -9.95 21.50 7.73
N LEU A 49 -9.87 22.81 7.51
CA LEU A 49 -8.63 23.54 7.25
C LEU A 49 -7.85 23.00 6.05
N PHE A 50 -8.16 23.49 4.87
CA PHE A 50 -7.41 23.06 3.71
C PHE A 50 -6.20 23.96 3.50
N SER A 51 -5.16 23.67 4.22
CA SER A 51 -3.91 24.38 4.13
C SER A 51 -2.77 23.50 4.54
N PHE A 52 -2.14 22.89 3.58
CA PHE A 52 -0.99 22.05 3.81
C PHE A 52 0.08 22.40 2.81
N LEU A 53 0.99 23.24 3.23
CA LEU A 53 2.08 23.65 2.39
C LEU A 53 3.36 23.64 3.20
N GLY A 54 4.39 23.04 2.64
CA GLY A 54 5.66 22.94 3.34
C GLY A 54 5.81 21.60 4.02
N LYS A 55 4.76 20.80 3.97
CA LYS A 55 4.78 19.50 4.60
C LYS A 55 5.16 18.42 3.62
N LYS A 56 4.58 18.50 2.41
CA LYS A 56 4.83 17.57 1.31
C LYS A 56 4.34 16.15 1.69
N CYS A 57 4.45 15.23 0.79
CA CYS A 57 4.17 13.87 1.09
C CYS A 57 5.44 13.22 1.61
N VAL A 58 5.39 12.77 2.83
CA VAL A 58 6.54 12.26 3.51
C VAL A 58 6.65 10.74 3.42
N THR A 59 7.86 10.26 3.25
CA THR A 59 8.12 8.85 3.23
C THR A 59 8.17 8.34 4.66
N MET A 60 7.35 7.36 4.96
CA MET A 60 7.29 6.80 6.28
C MET A 60 8.17 5.57 6.38
N SER A 61 8.31 4.87 5.27
CA SER A 61 9.10 3.67 5.24
C SER A 61 9.45 3.36 3.78
N SER A 62 10.53 2.64 3.58
CA SER A 62 10.99 2.23 2.29
C SER A 62 11.57 0.85 2.39
N ALA A 63 11.22 0.00 1.48
CA ALA A 63 11.72 -1.37 1.48
C ALA A 63 11.86 -1.87 0.07
N VAL A 64 12.90 -2.64 -0.21
CA VAL A 64 13.08 -3.21 -1.52
C VAL A 64 12.24 -4.48 -1.67
N VAL A 65 11.34 -4.46 -2.61
CA VAL A 65 10.39 -5.53 -2.82
C VAL A 65 10.18 -5.76 -4.31
N GLN A 66 9.39 -6.75 -4.63
CA GLN A 66 8.99 -6.96 -6.00
C GLN A 66 7.50 -6.94 -6.06
N LEU A 67 6.99 -6.28 -7.03
CA LEU A 67 5.57 -6.16 -7.20
C LEU A 67 5.11 -7.18 -8.23
N TYR A 68 4.19 -7.98 -7.84
CA TYR A 68 3.60 -8.98 -8.68
C TYR A 68 2.13 -8.71 -8.84
N ALA A 69 1.64 -8.91 -10.02
CA ALA A 69 0.24 -8.76 -10.28
C ALA A 69 -0.31 -10.12 -10.62
N ALA A 70 -1.44 -10.44 -10.07
CA ALA A 70 -2.01 -11.73 -10.22
C ALA A 70 -2.81 -11.86 -11.48
N ASP A 71 -2.55 -12.92 -12.18
CA ASP A 71 -3.36 -13.30 -13.29
C ASP A 71 -4.40 -14.20 -12.69
N ARG A 72 -5.63 -14.10 -13.20
CA ARG A 72 -6.86 -14.67 -12.60
C ARG A 72 -6.66 -15.41 -11.27
N ASN A 73 -6.54 -16.72 -11.30
CA ASN A 73 -6.35 -17.45 -10.07
C ASN A 73 -5.02 -18.19 -9.97
N CYS A 74 -4.12 -18.04 -10.94
CA CYS A 74 -2.94 -18.92 -10.87
C CYS A 74 -1.61 -18.41 -11.49
N MET A 75 -1.34 -17.13 -11.45
CA MET A 75 -0.02 -16.67 -11.93
C MET A 75 0.36 -15.33 -11.37
N TRP A 76 1.61 -15.21 -10.95
CA TRP A 76 2.17 -13.94 -10.55
C TRP A 76 2.98 -13.40 -11.70
N SER A 77 2.67 -12.21 -12.10
CA SER A 77 3.41 -11.58 -13.13
C SER A 77 4.20 -10.44 -12.51
N LYS A 78 5.52 -10.55 -12.59
CA LYS A 78 6.39 -9.54 -12.06
C LYS A 78 6.26 -8.31 -12.91
N LYS A 79 5.89 -7.24 -12.30
CA LYS A 79 5.70 -6.01 -13.02
C LYS A 79 6.84 -5.06 -12.77
N CYS A 80 7.23 -4.95 -11.52
CA CYS A 80 8.29 -4.05 -11.17
C CYS A 80 9.02 -4.58 -9.95
N SER A 81 10.28 -4.26 -9.83
CA SER A 81 11.04 -4.62 -8.67
C SER A 81 11.85 -3.43 -8.21
N GLY A 82 11.96 -3.24 -6.95
CA GLY A 82 12.69 -2.12 -6.50
C GLY A 82 12.27 -1.72 -5.15
N VAL A 83 12.44 -0.48 -4.86
CA VAL A 83 12.12 -0.01 -3.56
C VAL A 83 10.69 0.52 -3.56
N ALA A 84 10.01 0.28 -2.50
CA ALA A 84 8.69 0.75 -2.32
C ALA A 84 8.69 1.90 -1.36
N CYS A 85 7.81 2.79 -1.55
CA CYS A 85 7.72 3.91 -0.64
C CYS A 85 6.33 4.01 -0.06
N LEU A 86 6.27 4.06 1.24
CA LEU A 86 5.03 4.27 1.94
C LEU A 86 4.95 5.74 2.27
N VAL A 87 4.01 6.40 1.65
CA VAL A 87 3.90 7.83 1.70
C VAL A 87 2.70 8.29 2.53
N LYS A 88 2.93 9.29 3.37
CA LYS A 88 1.85 9.93 4.10
C LYS A 88 1.72 11.31 3.47
N ASP A 89 0.65 11.54 2.80
CA ASP A 89 0.49 12.78 2.08
C ASP A 89 -0.37 13.71 2.90
N ASN A 90 0.23 14.79 3.34
CA ASN A 90 -0.45 15.74 4.20
C ASN A 90 -1.57 16.54 3.48
N PRO A 91 -1.31 17.15 2.29
CA PRO A 91 -2.34 17.90 1.55
C PRO A 91 -3.53 17.06 1.10
N GLN A 92 -3.27 15.83 0.66
CA GLN A 92 -4.33 14.97 0.19
C GLN A 92 -5.04 14.31 1.37
N ARG A 93 -4.42 14.43 2.55
CA ARG A 93 -4.95 13.89 3.83
C ARG A 93 -5.07 12.36 3.79
N SER A 94 -4.28 11.73 2.96
CA SER A 94 -4.38 10.30 2.80
C SER A 94 -2.98 9.68 2.73
N TYR A 95 -2.95 8.42 2.46
CA TYR A 95 -1.74 7.66 2.44
C TYR A 95 -1.60 7.03 1.06
N PHE A 96 -0.38 6.86 0.60
CA PHE A 96 -0.12 6.28 -0.72
C PHE A 96 1.05 5.33 -0.67
N LEU A 97 1.02 4.32 -1.48
CA LEU A 97 2.13 3.43 -1.64
C LEU A 97 2.50 3.39 -3.09
N ARG A 98 3.76 3.47 -3.39
CA ARG A 98 4.22 3.46 -4.75
C ARG A 98 5.48 2.67 -4.89
N ILE A 99 5.62 2.06 -6.02
CA ILE A 99 6.70 1.14 -6.30
C ILE A 99 7.54 1.70 -7.44
N PHE A 100 8.80 1.85 -7.18
CA PHE A 100 9.74 2.38 -8.11
C PHE A 100 10.85 1.39 -8.32
N ASP A 101 11.09 1.10 -9.56
CA ASP A 101 12.02 0.06 -9.92
C ASP A 101 13.44 0.49 -9.59
N ILE A 102 14.24 -0.43 -9.13
CA ILE A 102 15.60 -0.13 -8.71
C ILE A 102 16.57 -0.09 -9.91
N LYS A 103 16.18 -0.75 -10.98
CA LYS A 103 17.03 -0.83 -12.14
C LYS A 103 16.57 0.20 -13.17
N ASP A 104 15.27 0.26 -13.35
CA ASP A 104 14.66 1.22 -14.28
C ASP A 104 14.56 2.61 -13.61
N GLY A 105 13.71 2.73 -12.60
CA GLY A 105 13.62 3.96 -11.82
C GLY A 105 12.59 5.00 -12.29
N LYS A 106 11.76 4.67 -13.27
CA LYS A 106 10.78 5.67 -13.77
C LYS A 106 9.63 5.95 -12.79
N LEU A 107 9.38 5.01 -11.85
CA LEU A 107 8.22 5.06 -10.94
C LEU A 107 6.95 4.87 -11.76
N LEU A 108 6.39 3.69 -11.70
CA LEU A 108 5.29 3.35 -12.59
C LEU A 108 4.12 2.66 -11.90
N TRP A 109 4.08 2.69 -10.59
CA TRP A 109 3.05 1.98 -9.91
C TRP A 109 2.74 2.70 -8.64
N GLU A 110 1.50 2.99 -8.43
CA GLU A 110 1.07 3.62 -7.21
C GLU A 110 -0.25 3.00 -6.79
N GLN A 111 -0.61 3.19 -5.57
CA GLN A 111 -1.87 2.76 -5.04
C GLN A 111 -2.23 3.65 -3.88
N GLU A 112 -3.48 3.91 -3.75
CA GLU A 112 -3.98 4.70 -2.68
C GLU A 112 -4.61 3.77 -1.65
N LEU A 113 -4.39 4.04 -0.38
CA LEU A 113 -4.95 3.21 0.65
C LEU A 113 -6.45 3.40 0.76
N TYR A 114 -7.16 2.34 0.46
CA TYR A 114 -8.62 2.35 0.31
C TYR A 114 -9.39 2.29 1.64
N ASN A 115 -8.80 2.85 2.66
CA ASN A 115 -9.31 2.98 4.02
C ASN A 115 -9.68 1.64 4.69
N ASN A 116 -10.66 0.94 4.16
CA ASN A 116 -11.11 -0.35 4.72
C ASN A 116 -10.22 -1.47 4.18
N PHE A 117 -9.23 -1.07 3.41
CA PHE A 117 -8.21 -1.94 2.87
C PHE A 117 -7.44 -2.61 4.00
N VAL A 118 -7.24 -3.89 3.87
CA VAL A 118 -6.46 -4.60 4.83
C VAL A 118 -5.29 -5.28 4.13
N TYR A 119 -4.14 -5.23 4.75
CA TYR A 119 -2.96 -5.84 4.21
C TYR A 119 -2.89 -7.30 4.68
N ASN A 120 -2.83 -8.25 3.74
CA ASN A 120 -2.85 -9.66 4.09
C ASN A 120 -1.52 -10.34 3.81
N SER A 121 -1.18 -11.28 4.64
CA SER A 121 0.04 -12.02 4.50
C SER A 121 -0.19 -13.54 4.53
N PRO A 122 -0.06 -14.24 3.38
CA PRO A 122 -0.10 -15.72 3.35
C PRO A 122 1.10 -16.27 4.13
N ARG A 123 2.25 -15.74 3.81
CA ARG A 123 3.47 -15.99 4.54
C ARG A 123 3.88 -14.68 5.13
N GLY A 124 4.88 -14.70 5.94
CA GLY A 124 5.41 -13.46 6.43
C GLY A 124 6.33 -12.86 5.40
N TYR A 125 6.84 -13.74 4.57
CA TYR A 125 7.75 -13.41 3.49
C TYR A 125 6.99 -12.69 2.38
N PHE A 126 5.99 -13.35 1.91
CA PHE A 126 5.29 -12.89 0.73
C PHE A 126 3.96 -12.37 1.11
N HIS A 127 3.61 -11.23 0.58
CA HIS A 127 2.39 -10.58 0.96
C HIS A 127 1.53 -10.34 -0.26
N THR A 128 0.24 -10.39 -0.07
CA THR A 128 -0.75 -10.25 -1.13
C THR A 128 -1.78 -9.21 -0.69
N PHE A 129 -2.08 -8.27 -1.52
CA PHE A 129 -3.06 -7.25 -1.14
C PHE A 129 -4.05 -6.90 -2.27
N ALA A 130 -5.09 -6.15 -1.92
CA ALA A 130 -6.13 -5.77 -2.88
C ALA A 130 -5.66 -4.66 -3.77
N GLY A 131 -5.93 -4.80 -5.04
CA GLY A 131 -5.67 -3.76 -5.98
C GLY A 131 -6.95 -3.04 -6.27
N ASP A 132 -7.01 -2.33 -7.36
CA ASP A 132 -8.24 -1.65 -7.72
C ASP A 132 -9.21 -2.60 -8.35
N THR A 133 -8.69 -3.55 -9.10
CA THR A 133 -9.53 -4.51 -9.76
C THR A 133 -8.89 -5.92 -9.73
N CYS A 134 -7.59 -5.99 -9.48
CA CYS A 134 -6.89 -7.26 -9.45
C CYS A 134 -6.21 -7.45 -8.11
N GLN A 135 -5.43 -8.50 -7.98
CA GLN A 135 -4.69 -8.73 -6.76
C GLN A 135 -3.24 -8.44 -7.02
N VAL A 136 -2.67 -7.64 -6.19
CA VAL A 136 -1.31 -7.25 -6.28
C VAL A 136 -0.58 -7.77 -5.08
N ALA A 137 0.62 -8.13 -5.24
CA ALA A 137 1.37 -8.70 -4.16
C ALA A 137 2.77 -8.21 -4.18
N LEU A 138 3.42 -8.33 -3.06
CA LEU A 138 4.80 -7.94 -3.00
C LEU A 138 5.61 -8.90 -2.18
N ASN A 139 6.81 -9.12 -2.60
CA ASN A 139 7.68 -10.08 -1.96
C ASN A 139 8.64 -9.33 -1.04
N PHE A 140 9.18 -10.04 -0.09
CA PHE A 140 10.08 -9.48 0.89
C PHE A 140 11.49 -9.40 0.34
N ALA A 141 12.29 -8.62 1.01
CA ALA A 141 13.71 -8.63 0.83
C ALA A 141 14.29 -9.23 2.08
N ASN A 142 13.86 -8.65 3.19
CA ASN A 142 14.21 -9.13 4.50
C ASN A 142 12.94 -9.30 5.25
N GLU A 143 12.83 -10.38 6.02
CA GLU A 143 11.61 -10.69 6.77
C GLU A 143 11.22 -9.58 7.72
N GLU A 144 12.22 -8.91 8.29
CA GLU A 144 11.97 -7.88 9.25
C GLU A 144 11.18 -6.77 8.62
N GLU A 145 11.69 -6.25 7.50
CA GLU A 145 11.07 -5.13 6.83
C GLU A 145 9.68 -5.47 6.40
N ALA A 146 9.48 -6.72 6.04
CA ALA A 146 8.25 -7.19 5.52
C ALA A 146 7.15 -7.07 6.53
N LYS A 147 7.39 -7.54 7.73
CA LYS A 147 6.37 -7.47 8.75
C LYS A 147 6.24 -6.04 9.29
N LYS A 148 7.25 -5.20 9.03
CA LYS A 148 7.19 -3.84 9.52
C LYS A 148 6.37 -2.96 8.63
N PHE A 149 6.68 -2.93 7.31
CA PHE A 149 5.94 -2.06 6.43
C PHE A 149 4.49 -2.50 6.31
N ARG A 150 4.27 -3.81 6.33
CA ARG A 150 2.92 -4.39 6.30
C ARG A 150 2.05 -3.82 7.40
N LYS A 151 2.56 -3.86 8.58
CA LYS A 151 1.79 -3.51 9.73
C LYS A 151 1.68 -2.03 9.77
N ALA A 152 2.75 -1.36 9.42
CA ALA A 152 2.77 0.08 9.39
C ALA A 152 1.69 0.59 8.42
N VAL A 153 1.49 -0.11 7.29
CA VAL A 153 0.44 0.28 6.36
C VAL A 153 -0.94 0.05 6.97
N THR A 154 -1.19 -1.17 7.39
CA THR A 154 -2.49 -1.53 7.93
C THR A 154 -2.84 -0.90 9.31
N ASP A 155 -1.87 -0.73 10.17
CA ASP A 155 -2.09 -0.10 11.48
C ASP A 155 -2.46 1.35 11.27
N LEU A 156 -1.66 2.03 10.47
CA LEU A 156 -1.82 3.44 10.15
C LEU A 156 -3.16 3.69 9.48
N LEU A 157 -3.54 2.78 8.63
CA LEU A 157 -4.77 2.88 7.91
C LEU A 157 -5.95 2.68 8.85
N GLY A 158 -5.77 1.80 9.83
CA GLY A 158 -6.78 1.56 10.84
C GLY A 158 -6.92 2.74 11.77
N ARG A 159 -5.86 3.53 11.86
CA ARG A 159 -5.86 4.73 12.67
C ARG A 159 -6.79 5.74 12.04
N ARG A 160 -6.57 5.99 10.73
CA ARG A 160 -7.32 6.99 9.95
C ARG A 160 -7.04 8.38 10.54
N GLN A 161 -6.17 9.12 9.86
CA GLN A 161 -5.63 10.40 10.32
C GLN A 161 -4.71 10.10 11.50
N ARG A 162 -3.44 10.26 11.27
CA ARG A 162 -2.45 9.93 12.27
C ARG A 162 -1.20 10.77 11.95
N LYS A 163 -0.46 11.16 12.98
CA LYS A 163 0.74 11.98 12.81
C LYS A 163 1.74 11.37 11.84
N SER A 164 2.29 12.21 11.00
CA SER A 164 3.27 11.81 10.02
C SER A 164 4.51 11.23 10.70
N GLU A 165 4.97 10.13 10.20
CA GLU A 165 6.13 9.47 10.73
C GLU A 165 7.15 9.45 9.59
N LYS A 166 8.42 9.41 9.89
CA LYS A 166 9.41 9.50 8.84
C LYS A 166 10.16 8.19 8.64
N ARG A 167 10.76 8.06 7.47
CA ARG A 167 11.50 6.88 7.12
C ARG A 167 12.76 6.83 7.97
N ARG A 168 12.84 5.83 8.79
CA ARG A 168 13.90 5.70 9.76
C ARG A 168 15.15 5.21 9.08
N ASP A 169 16.12 6.07 8.96
CA ASP A 169 17.38 5.67 8.44
C ASP A 169 18.41 5.76 9.54
N GLY A 1 10.15 -15.81 8.14
CA GLY A 1 10.93 -16.53 7.15
C GLY A 1 12.39 -16.49 7.50
N SER A 2 13.22 -16.22 6.53
CA SER A 2 14.64 -16.11 6.74
C SER A 2 15.27 -15.24 5.65
N GLU A 3 15.70 -14.05 6.03
CA GLU A 3 16.36 -13.19 5.09
C GLU A 3 17.85 -13.54 4.95
N SER A 4 18.14 -14.45 4.05
CA SER A 4 19.51 -14.85 3.80
C SER A 4 20.18 -13.81 2.91
N ARG A 5 19.61 -13.61 1.74
CA ARG A 5 20.08 -12.64 0.76
C ARG A 5 18.84 -12.13 0.08
N PHE A 6 18.99 -11.41 -1.02
CA PHE A 6 17.85 -10.99 -1.80
C PHE A 6 17.26 -12.20 -2.49
N TYR A 7 16.13 -12.62 -2.04
CA TYR A 7 15.43 -13.72 -2.61
C TYR A 7 14.01 -13.30 -2.83
N PHE A 8 13.57 -13.35 -4.04
CA PHE A 8 12.24 -12.94 -4.38
C PHE A 8 11.69 -13.88 -5.44
N HIS A 9 12.50 -14.10 -6.45
CA HIS A 9 12.11 -14.91 -7.58
C HIS A 9 12.45 -16.39 -7.33
N PRO A 10 11.84 -17.32 -8.06
CA PRO A 10 10.84 -17.04 -9.09
C PRO A 10 9.39 -17.25 -8.63
N ILE A 11 8.45 -16.94 -9.52
CA ILE A 11 7.00 -17.12 -9.29
C ILE A 11 6.72 -18.58 -9.04
N SER A 12 7.51 -19.41 -9.65
CA SER A 12 7.42 -20.84 -9.55
C SER A 12 7.61 -21.33 -8.09
N ASP A 13 8.27 -20.51 -7.30
CA ASP A 13 8.52 -20.84 -5.91
C ASP A 13 7.51 -20.15 -5.00
N LEU A 14 6.97 -19.05 -5.50
CA LEU A 14 5.99 -18.26 -4.78
C LEU A 14 4.65 -18.98 -4.79
N PRO A 15 3.88 -18.87 -3.72
CA PRO A 15 2.56 -19.47 -3.69
C PRO A 15 1.62 -18.70 -4.63
N PRO A 16 0.77 -19.42 -5.38
CA PRO A 16 -0.17 -18.79 -6.30
C PRO A 16 -1.21 -17.96 -5.56
N PRO A 17 -1.62 -16.81 -6.13
CA PRO A 17 -2.57 -15.92 -5.49
C PRO A 17 -3.92 -16.57 -5.22
N GLU A 18 -4.67 -15.89 -4.44
CA GLU A 18 -5.96 -16.33 -4.03
C GLU A 18 -6.95 -15.20 -4.23
N PRO A 19 -8.25 -15.48 -4.25
CA PRO A 19 -9.27 -14.46 -4.36
C PRO A 19 -9.19 -13.48 -3.20
N TYR A 20 -9.26 -12.22 -3.50
CA TYR A 20 -9.25 -11.23 -2.46
C TYR A 20 -10.59 -11.20 -1.77
N VAL A 21 -10.56 -10.85 -0.52
CA VAL A 21 -11.73 -10.91 0.32
C VAL A 21 -12.53 -9.62 0.20
N GLN A 22 -13.51 -9.45 1.06
CA GLN A 22 -14.39 -8.31 0.99
C GLN A 22 -13.65 -7.04 1.28
N THR A 23 -13.84 -6.09 0.43
CA THR A 23 -13.19 -4.84 0.56
C THR A 23 -14.16 -3.70 0.35
N THR A 24 -14.53 -3.06 1.43
CA THR A 24 -15.28 -1.87 1.33
C THR A 24 -14.27 -0.81 1.03
N LYS A 25 -14.38 -0.15 -0.07
CA LYS A 25 -13.37 0.77 -0.38
C LYS A 25 -13.79 2.16 -0.17
N SER A 26 -13.03 2.81 0.63
CA SER A 26 -13.15 4.18 0.87
C SER A 26 -11.75 4.70 0.84
N TYR A 27 -11.46 5.58 -0.07
CA TYR A 27 -10.14 6.10 -0.15
C TYR A 27 -10.06 7.37 0.63
N PRO A 28 -9.14 7.47 1.59
CA PRO A 28 -8.91 8.71 2.33
C PRO A 28 -8.59 9.86 1.38
N SER A 29 -8.13 9.53 0.17
CA SER A 29 -7.80 10.51 -0.84
C SER A 29 -9.05 11.30 -1.22
N LYS A 30 -10.13 10.58 -1.52
CA LYS A 30 -11.40 11.19 -1.89
C LYS A 30 -12.15 11.67 -0.65
N LEU A 31 -11.85 11.03 0.47
CA LEU A 31 -12.48 11.37 1.75
C LEU A 31 -12.00 12.75 2.15
N ALA A 32 -10.72 13.01 1.91
CA ALA A 32 -10.10 14.28 2.25
C ALA A 32 -10.37 15.35 1.19
N ARG A 33 -11.34 15.09 0.33
CA ARG A 33 -11.81 16.07 -0.63
C ARG A 33 -13.18 16.53 -0.14
N ASN A 34 -13.39 16.34 1.15
CA ASN A 34 -14.63 16.63 1.83
C ASN A 34 -14.84 18.13 1.99
N GLU A 35 -15.96 18.59 1.53
CA GLU A 35 -16.34 19.96 1.68
C GLU A 35 -17.50 20.07 2.65
N SER A 36 -17.19 20.40 3.88
CA SER A 36 -18.21 20.64 4.87
C SER A 36 -18.44 22.13 4.98
N ARG A 37 -19.65 22.55 4.70
CA ARG A 37 -19.97 23.97 4.74
C ARG A 37 -20.33 24.38 6.14
N GLY A 38 -19.50 25.21 6.72
CA GLY A 38 -19.71 25.66 8.07
C GLY A 38 -20.37 27.01 8.15
N GLY A 39 -20.86 27.49 7.02
CA GLY A 39 -21.57 28.75 6.99
C GLY A 39 -22.97 28.57 7.52
N LEU A 40 -23.69 27.62 6.97
CA LEU A 40 -25.01 27.27 7.44
C LEU A 40 -24.77 26.57 8.76
N VAL A 41 -25.19 27.20 9.85
CA VAL A 41 -24.84 26.79 11.21
C VAL A 41 -23.33 26.94 11.38
N PRO A 42 -22.87 28.14 11.77
CA PRO A 42 -21.45 28.47 11.88
C PRO A 42 -20.67 27.56 12.81
N ARG A 43 -19.93 26.64 12.22
CA ARG A 43 -19.08 25.73 12.94
C ARG A 43 -17.78 25.55 12.20
N GLY A 44 -16.80 26.28 12.61
CA GLY A 44 -15.50 26.23 12.02
C GLY A 44 -14.58 27.14 12.74
N SER A 45 -13.75 26.58 13.59
CA SER A 45 -12.85 27.34 14.44
C SER A 45 -11.90 28.23 13.61
N GLY A 46 -11.51 27.76 12.45
CA GLY A 46 -10.60 28.50 11.63
C GLY A 46 -9.20 27.97 11.75
N GLY A 47 -9.12 26.67 11.87
CA GLY A 47 -7.85 26.02 12.01
C GLY A 47 -7.91 24.61 11.50
N SER A 48 -7.50 24.41 10.30
CA SER A 48 -7.49 23.09 9.70
C SER A 48 -6.26 22.94 8.82
N LEU A 49 -5.88 21.70 8.55
CA LEU A 49 -4.66 21.44 7.81
C LEU A 49 -4.81 21.61 6.31
N PHE A 50 -4.55 22.80 5.88
CA PHE A 50 -4.48 23.14 4.49
C PHE A 50 -3.42 24.21 4.40
N SER A 51 -2.67 24.22 3.29
CA SER A 51 -1.51 25.09 3.13
C SER A 51 -0.43 24.73 4.16
N PHE A 52 0.49 23.87 3.76
CA PHE A 52 1.55 23.41 4.65
C PHE A 52 2.84 24.15 4.38
N LEU A 53 2.93 24.76 3.19
CA LEU A 53 4.14 25.45 2.71
C LEU A 53 5.29 24.45 2.62
N GLY A 54 5.41 23.81 1.49
CA GLY A 54 6.36 22.73 1.35
C GLY A 54 5.76 21.50 1.96
N LYS A 55 4.70 21.04 1.35
CA LYS A 55 3.93 19.94 1.88
C LYS A 55 4.65 18.60 1.70
N LYS A 56 5.08 18.31 0.45
CA LYS A 56 5.74 17.05 0.10
C LYS A 56 4.89 15.82 0.44
N CYS A 57 5.48 14.67 0.28
CA CYS A 57 4.91 13.43 0.73
C CYS A 57 5.81 12.89 1.82
N VAL A 58 5.24 12.54 2.94
CA VAL A 58 6.02 12.09 4.05
C VAL A 58 6.16 10.57 4.03
N THR A 59 7.40 10.11 4.08
CA THR A 59 7.67 8.70 4.05
C THR A 59 7.37 8.05 5.40
N MET A 60 6.56 7.02 5.39
CA MET A 60 6.23 6.29 6.59
C MET A 60 7.21 5.15 6.75
N SER A 61 7.53 4.48 5.63
CA SER A 61 8.41 3.33 5.65
C SER A 61 8.86 3.01 4.21
N SER A 62 9.93 2.22 4.08
CA SER A 62 10.46 1.79 2.79
C SER A 62 11.11 0.40 2.93
N ALA A 63 11.06 -0.42 1.88
CA ALA A 63 11.65 -1.76 1.92
C ALA A 63 11.95 -2.28 0.53
N VAL A 64 12.93 -3.18 0.43
CA VAL A 64 13.29 -3.80 -0.83
C VAL A 64 12.35 -4.98 -1.13
N VAL A 65 11.64 -4.88 -2.25
CA VAL A 65 10.61 -5.86 -2.61
C VAL A 65 10.47 -5.98 -4.13
N GLN A 66 9.62 -6.89 -4.56
CA GLN A 66 9.17 -6.93 -5.93
C GLN A 66 7.67 -6.88 -5.89
N LEU A 67 7.09 -6.32 -6.91
CA LEU A 67 5.67 -6.22 -6.96
C LEU A 67 5.16 -7.19 -8.00
N TYR A 68 4.31 -8.04 -7.57
CA TYR A 68 3.66 -9.00 -8.39
C TYR A 68 2.19 -8.71 -8.43
N ALA A 69 1.65 -8.71 -9.59
CA ALA A 69 0.24 -8.52 -9.76
C ALA A 69 -0.32 -9.83 -10.20
N ALA A 70 -1.51 -10.10 -9.84
CA ALA A 70 -2.06 -11.37 -10.14
C ALA A 70 -2.61 -11.46 -11.53
N ASP A 71 -2.34 -12.56 -12.10
CA ASP A 71 -2.90 -13.00 -13.33
C ASP A 71 -4.13 -13.77 -12.92
N ARG A 72 -5.08 -13.93 -13.85
CA ARG A 72 -6.47 -14.36 -13.59
C ARG A 72 -6.81 -14.56 -12.09
N ASN A 73 -6.81 -15.77 -11.59
CA ASN A 73 -7.04 -15.93 -10.16
C ASN A 73 -5.85 -16.53 -9.47
N CYS A 74 -4.91 -17.10 -10.23
CA CYS A 74 -3.89 -17.92 -9.55
C CYS A 74 -2.47 -17.87 -10.17
N MET A 75 -2.08 -16.77 -10.72
CA MET A 75 -0.69 -16.61 -11.19
C MET A 75 -0.17 -15.24 -10.86
N TRP A 76 1.11 -15.11 -10.71
CA TRP A 76 1.70 -13.82 -10.47
C TRP A 76 2.41 -13.32 -11.69
N SER A 77 2.26 -12.06 -11.94
CA SER A 77 2.90 -11.38 -13.01
C SER A 77 3.76 -10.27 -12.40
N LYS A 78 5.02 -10.33 -12.65
CA LYS A 78 5.95 -9.37 -12.12
C LYS A 78 5.88 -8.11 -12.94
N LYS A 79 5.55 -7.02 -12.28
CA LYS A 79 5.46 -5.72 -12.94
C LYS A 79 6.65 -4.86 -12.62
N CYS A 80 7.01 -4.81 -11.36
CA CYS A 80 8.10 -3.97 -10.94
C CYS A 80 8.92 -4.69 -9.89
N SER A 81 10.16 -4.36 -9.82
CA SER A 81 11.04 -4.90 -8.83
C SER A 81 11.81 -3.77 -8.24
N GLY A 82 12.06 -3.76 -6.97
CA GLY A 82 12.82 -2.68 -6.46
C GLY A 82 12.60 -2.38 -5.03
N VAL A 83 12.18 -1.19 -4.77
CA VAL A 83 11.98 -0.73 -3.44
C VAL A 83 10.59 -0.11 -3.36
N ALA A 84 9.98 -0.24 -2.23
CA ALA A 84 8.67 0.29 -2.01
C ALA A 84 8.70 1.39 -1.01
N CYS A 85 7.80 2.32 -1.17
CA CYS A 85 7.63 3.38 -0.18
C CYS A 85 6.20 3.59 0.19
N LEU A 86 5.96 3.62 1.47
CA LEU A 86 4.68 3.96 2.01
C LEU A 86 4.75 5.42 2.38
N VAL A 87 4.02 6.22 1.67
CA VAL A 87 4.06 7.63 1.84
C VAL A 87 2.70 8.18 2.15
N LYS A 88 2.68 9.21 2.94
CA LYS A 88 1.47 9.92 3.15
C LYS A 88 1.65 11.15 2.32
N ASP A 89 0.91 11.19 1.27
CA ASP A 89 1.07 12.14 0.23
C ASP A 89 0.12 13.29 0.48
N ASN A 90 0.68 14.42 0.84
CA ASN A 90 -0.08 15.62 1.15
C ASN A 90 -0.90 16.18 -0.04
N PRO A 91 -0.34 16.23 -1.29
CA PRO A 91 -1.14 16.59 -2.47
C PRO A 91 -2.36 15.66 -2.67
N GLN A 92 -2.15 14.36 -2.42
CA GLN A 92 -3.19 13.36 -2.53
C GLN A 92 -4.09 13.40 -1.28
N ARG A 93 -3.65 14.16 -0.26
CA ARG A 93 -4.39 14.37 1.00
C ARG A 93 -4.59 13.07 1.78
N SER A 94 -3.76 12.08 1.53
CA SER A 94 -3.98 10.77 2.11
C SER A 94 -2.70 9.91 2.10
N TYR A 95 -2.87 8.60 2.02
CA TYR A 95 -1.77 7.67 2.06
C TYR A 95 -1.65 7.11 0.67
N PHE A 96 -0.46 6.96 0.20
CA PHE A 96 -0.25 6.57 -1.14
C PHE A 96 0.85 5.49 -1.16
N LEU A 97 0.64 4.45 -1.93
CA LEU A 97 1.61 3.39 -1.99
C LEU A 97 2.34 3.46 -3.33
N ARG A 98 3.66 3.40 -3.30
CA ARG A 98 4.46 3.53 -4.49
C ARG A 98 5.50 2.41 -4.57
N ILE A 99 5.71 1.93 -5.77
CA ILE A 99 6.73 0.95 -6.06
C ILE A 99 7.60 1.51 -7.21
N PHE A 100 8.88 1.43 -7.04
CA PHE A 100 9.85 1.96 -7.98
C PHE A 100 10.95 0.93 -8.18
N ASP A 101 11.61 0.96 -9.31
CA ASP A 101 12.48 -0.15 -9.66
C ASP A 101 13.91 0.02 -9.11
N ILE A 102 14.57 -1.08 -8.80
CA ILE A 102 15.92 -1.02 -8.26
C ILE A 102 16.94 -0.68 -9.39
N LYS A 103 16.58 -0.97 -10.61
CA LYS A 103 17.41 -0.68 -11.74
C LYS A 103 16.92 0.63 -12.38
N ASP A 104 15.63 0.70 -12.62
CA ASP A 104 14.99 1.92 -13.16
C ASP A 104 14.79 2.94 -12.04
N GLY A 105 13.72 2.80 -11.27
CA GLY A 105 13.53 3.62 -10.09
C GLY A 105 12.89 4.92 -10.35
N LYS A 106 12.22 5.03 -11.45
CA LYS A 106 11.65 6.30 -11.84
C LYS A 106 10.22 6.45 -11.38
N LEU A 107 9.74 5.47 -10.61
CA LEU A 107 8.36 5.41 -10.10
C LEU A 107 7.38 5.18 -11.24
N LEU A 108 6.81 4.01 -11.24
CA LEU A 108 5.93 3.63 -12.33
C LEU A 108 4.73 2.85 -11.83
N TRP A 109 4.58 2.80 -10.52
CA TRP A 109 3.53 2.01 -9.96
C TRP A 109 3.00 2.72 -8.73
N GLU A 110 1.71 2.86 -8.66
CA GLU A 110 1.07 3.49 -7.55
C GLU A 110 -0.32 2.91 -7.29
N GLN A 111 -0.77 3.01 -6.05
CA GLN A 111 -2.09 2.52 -5.65
C GLN A 111 -2.49 3.32 -4.39
N GLU A 112 -3.75 3.65 -4.22
CA GLU A 112 -4.19 4.40 -3.04
C GLU A 112 -4.64 3.45 -1.95
N LEU A 113 -4.31 3.75 -0.73
CA LEU A 113 -4.74 2.91 0.38
C LEU A 113 -6.20 3.21 0.70
N TYR A 114 -6.94 2.19 1.04
CA TYR A 114 -8.35 2.33 1.33
C TYR A 114 -8.68 1.70 2.66
N ASN A 115 -9.51 2.37 3.42
CA ASN A 115 -9.84 1.94 4.77
C ASN A 115 -10.80 0.77 4.81
N ASN A 116 -10.23 -0.43 5.00
CA ASN A 116 -10.95 -1.71 5.20
C ASN A 116 -9.97 -2.87 5.06
N PHE A 117 -8.90 -2.61 4.33
CA PHE A 117 -7.90 -3.63 4.07
C PHE A 117 -7.24 -4.17 5.35
N VAL A 118 -7.38 -5.44 5.56
CA VAL A 118 -6.71 -6.15 6.62
C VAL A 118 -5.39 -6.61 6.01
N TYR A 119 -4.31 -6.66 6.76
CA TYR A 119 -3.07 -6.95 6.11
C TYR A 119 -2.90 -8.46 6.03
N ASN A 120 -2.63 -8.98 4.83
CA ASN A 120 -2.57 -10.41 4.61
C ASN A 120 -1.17 -10.85 4.33
N SER A 121 -0.68 -11.76 5.14
CA SER A 121 0.63 -12.31 4.94
C SER A 121 0.56 -13.84 4.94
N PRO A 122 0.59 -14.48 3.75
CA PRO A 122 0.59 -15.94 3.65
C PRO A 122 1.97 -16.52 4.01
N ARG A 123 2.96 -15.68 3.87
CA ARG A 123 4.32 -16.01 4.14
C ARG A 123 4.90 -14.97 5.03
N GLY A 124 5.86 -15.34 5.81
CA GLY A 124 6.56 -14.39 6.62
C GLY A 124 7.77 -13.91 5.86
N TYR A 125 7.60 -13.85 4.56
CA TYR A 125 8.64 -13.45 3.67
C TYR A 125 7.98 -12.87 2.37
N PHE A 126 6.65 -12.99 2.30
CA PHE A 126 5.87 -12.56 1.14
C PHE A 126 4.52 -12.03 1.61
N HIS A 127 4.17 -10.85 1.17
CA HIS A 127 2.92 -10.22 1.58
C HIS A 127 2.00 -10.08 0.40
N THR A 128 0.71 -10.14 0.65
CA THR A 128 -0.31 -10.03 -0.38
C THR A 128 -1.20 -8.83 -0.08
N PHE A 129 -1.44 -8.01 -1.07
CA PHE A 129 -2.21 -6.81 -0.93
C PHE A 129 -3.25 -6.72 -2.04
N ALA A 130 -4.34 -6.10 -1.77
CA ALA A 130 -5.38 -5.99 -2.75
C ALA A 130 -5.37 -4.61 -3.38
N GLY A 131 -5.31 -4.57 -4.68
CA GLY A 131 -5.27 -3.33 -5.40
C GLY A 131 -6.60 -3.04 -6.07
N ASP A 132 -6.56 -2.32 -7.17
CA ASP A 132 -7.78 -1.94 -7.88
C ASP A 132 -8.35 -3.10 -8.68
N THR A 133 -9.21 -3.88 -8.00
CA THR A 133 -9.85 -5.08 -8.57
C THR A 133 -8.76 -6.12 -8.98
N CYS A 134 -7.60 -5.96 -8.36
CA CYS A 134 -6.46 -6.77 -8.64
C CYS A 134 -5.84 -7.24 -7.34
N GLN A 135 -5.06 -8.26 -7.43
CA GLN A 135 -4.33 -8.76 -6.30
C GLN A 135 -2.87 -8.40 -6.58
N VAL A 136 -2.24 -7.69 -5.68
CA VAL A 136 -0.88 -7.27 -5.84
C VAL A 136 -0.08 -7.63 -4.60
N ALA A 137 0.97 -8.33 -4.77
CA ALA A 137 1.72 -8.80 -3.65
C ALA A 137 3.13 -8.38 -3.74
N LEU A 138 3.78 -8.31 -2.61
CA LEU A 138 5.16 -7.94 -2.60
C LEU A 138 5.99 -8.92 -1.78
N ASN A 139 7.11 -9.31 -2.33
CA ASN A 139 8.02 -10.24 -1.67
C ASN A 139 9.15 -9.41 -1.14
N PHE A 140 9.62 -9.70 0.04
CA PHE A 140 10.64 -8.87 0.65
C PHE A 140 11.88 -9.64 1.04
N ALA A 141 12.99 -8.94 1.07
CA ALA A 141 14.26 -9.52 1.48
C ALA A 141 14.66 -9.01 2.86
N ASN A 142 13.77 -8.22 3.47
CA ASN A 142 13.98 -7.68 4.81
C ASN A 142 12.74 -7.91 5.63
N GLU A 143 12.81 -8.82 6.57
CA GLU A 143 11.66 -9.21 7.37
C GLU A 143 11.17 -8.08 8.27
N GLU A 144 12.10 -7.44 8.97
CA GLU A 144 11.76 -6.40 9.90
C GLU A 144 11.08 -5.23 9.19
N GLU A 145 11.64 -4.82 8.08
CA GLU A 145 11.11 -3.70 7.32
C GLU A 145 9.70 -3.97 6.82
N ALA A 146 9.42 -5.22 6.57
CA ALA A 146 8.16 -5.64 6.04
C ALA A 146 7.12 -5.60 7.10
N LYS A 147 7.51 -5.97 8.29
CA LYS A 147 6.65 -5.96 9.44
C LYS A 147 6.29 -4.51 9.78
N LYS A 148 7.21 -3.60 9.48
CA LYS A 148 7.03 -2.19 9.76
C LYS A 148 5.94 -1.61 8.88
N PHE A 149 6.06 -1.78 7.55
CA PHE A 149 5.06 -1.22 6.66
C PHE A 149 3.73 -1.94 6.80
N ARG A 150 3.79 -3.24 7.09
CA ARG A 150 2.60 -4.03 7.36
C ARG A 150 1.77 -3.41 8.48
N LYS A 151 2.43 -3.13 9.56
CA LYS A 151 1.81 -2.56 10.72
C LYS A 151 1.34 -1.18 10.38
N ALA A 152 2.23 -0.42 9.77
CA ALA A 152 1.95 0.95 9.38
C ALA A 152 0.67 1.08 8.53
N VAL A 153 0.50 0.23 7.50
CA VAL A 153 -0.68 0.31 6.64
C VAL A 153 -1.92 -0.10 7.42
N THR A 154 -1.85 -1.19 8.12
CA THR A 154 -2.95 -1.66 8.91
C THR A 154 -3.28 -0.70 10.11
N ASP A 155 -2.28 0.02 10.60
CA ASP A 155 -2.48 1.01 11.66
C ASP A 155 -3.20 2.23 11.11
N LEU A 156 -2.67 2.77 10.00
CA LEU A 156 -3.22 3.95 9.35
C LEU A 156 -4.65 3.71 8.90
N LEU A 157 -4.90 2.46 8.57
CA LEU A 157 -6.18 1.95 8.12
C LEU A 157 -7.24 2.23 9.18
N GLY A 158 -6.94 1.86 10.41
CA GLY A 158 -7.87 2.01 11.51
C GLY A 158 -7.96 3.43 12.01
N ARG A 159 -6.91 4.18 11.77
CA ARG A 159 -6.83 5.55 12.26
C ARG A 159 -7.62 6.53 11.40
N ARG A 160 -7.81 6.18 10.11
CA ARG A 160 -8.45 7.04 9.04
C ARG A 160 -7.65 8.32 8.75
N GLN A 161 -7.15 8.93 9.80
CA GLN A 161 -6.27 10.04 9.73
C GLN A 161 -5.17 9.85 10.76
N ARG A 162 -4.04 9.43 10.29
CA ARG A 162 -2.88 9.23 11.11
C ARG A 162 -1.99 10.44 10.93
N LYS A 163 -2.14 11.38 11.82
CA LYS A 163 -1.40 12.61 11.75
C LYS A 163 -1.05 13.00 13.17
N SER A 164 0.14 12.68 13.56
CA SER A 164 0.58 12.99 14.88
C SER A 164 1.25 14.36 14.88
N GLU A 165 2.36 14.44 14.14
CA GLU A 165 3.16 15.65 14.01
C GLU A 165 3.56 16.23 15.35
N LYS A 166 4.65 15.74 15.89
CA LYS A 166 5.12 16.22 17.18
C LYS A 166 5.72 17.61 16.95
N ARG A 167 6.43 17.74 15.85
CA ARG A 167 7.06 18.99 15.51
C ARG A 167 6.11 19.91 14.75
N ARG A 168 5.67 19.46 13.57
CA ARG A 168 4.85 20.26 12.62
C ARG A 168 5.49 21.62 12.34
N ASP A 169 4.79 22.49 11.69
CA ASP A 169 5.29 23.82 11.47
C ASP A 169 4.39 24.85 12.08
N GLY A 1 23.99 -15.17 14.71
CA GLY A 1 22.70 -14.96 14.05
C GLY A 1 22.41 -16.07 13.08
N SER A 2 21.55 -15.80 12.13
CA SER A 2 21.18 -16.79 11.15
C SER A 2 21.35 -16.18 9.76
N GLU A 3 22.08 -16.89 8.90
CA GLU A 3 22.31 -16.44 7.55
C GLU A 3 21.00 -16.39 6.81
N SER A 4 20.71 -15.27 6.21
CA SER A 4 19.49 -15.12 5.51
C SER A 4 19.75 -14.67 4.08
N ARG A 5 19.60 -15.58 3.16
CA ARG A 5 19.78 -15.29 1.76
C ARG A 5 18.43 -14.95 1.18
N PHE A 6 18.31 -13.80 0.58
CA PHE A 6 17.05 -13.35 0.06
C PHE A 6 16.82 -13.80 -1.36
N TYR A 7 15.68 -14.40 -1.56
CA TYR A 7 15.23 -14.84 -2.86
C TYR A 7 13.84 -14.41 -3.10
N PHE A 8 13.60 -13.87 -4.24
CA PHE A 8 12.29 -13.48 -4.62
C PHE A 8 11.72 -14.63 -5.41
N HIS A 9 12.31 -14.90 -6.56
CA HIS A 9 11.98 -16.11 -7.29
C HIS A 9 12.73 -17.28 -6.63
N PRO A 10 12.41 -18.58 -6.89
CA PRO A 10 11.41 -19.05 -7.87
C PRO A 10 9.97 -18.77 -7.47
N ILE A 11 9.19 -18.25 -8.42
CA ILE A 11 7.76 -17.92 -8.25
C ILE A 11 6.99 -19.17 -7.81
N SER A 12 7.49 -20.31 -8.24
CA SER A 12 6.95 -21.62 -7.93
C SER A 12 6.84 -21.87 -6.43
N ASP A 13 7.73 -21.26 -5.64
CA ASP A 13 7.73 -21.46 -4.20
C ASP A 13 6.68 -20.58 -3.53
N LEU A 14 6.42 -19.46 -4.13
CA LEU A 14 5.47 -18.49 -3.58
C LEU A 14 4.05 -18.98 -3.73
N PRO A 15 3.15 -18.64 -2.79
CA PRO A 15 1.75 -19.05 -2.84
C PRO A 15 1.01 -18.40 -4.02
N PRO A 16 0.12 -19.15 -4.69
CA PRO A 16 -0.63 -18.64 -5.85
C PRO A 16 -1.58 -17.49 -5.46
N PRO A 17 -1.90 -16.61 -6.41
CA PRO A 17 -2.78 -15.46 -6.16
C PRO A 17 -4.24 -15.85 -6.14
N GLU A 18 -5.08 -14.89 -5.83
CA GLU A 18 -6.51 -15.08 -5.84
C GLU A 18 -7.22 -13.75 -6.07
N PRO A 19 -8.42 -13.76 -6.67
CA PRO A 19 -9.21 -12.55 -6.82
C PRO A 19 -9.61 -12.07 -5.43
N TYR A 20 -9.23 -10.87 -5.12
CA TYR A 20 -9.41 -10.39 -3.79
C TYR A 20 -10.83 -9.87 -3.57
N VAL A 21 -11.52 -10.52 -2.68
CA VAL A 21 -12.84 -10.11 -2.34
C VAL A 21 -12.86 -9.51 -0.94
N GLN A 22 -13.26 -8.29 -0.88
CA GLN A 22 -13.27 -7.49 0.30
C GLN A 22 -14.60 -6.77 0.35
N THR A 23 -15.06 -6.42 1.53
CA THR A 23 -16.34 -5.79 1.69
C THR A 23 -16.26 -4.34 1.15
N THR A 24 -17.40 -3.68 1.07
CA THR A 24 -17.55 -2.40 0.38
C THR A 24 -16.56 -1.32 0.84
N LYS A 25 -15.78 -0.85 -0.11
CA LYS A 25 -14.75 0.13 0.14
C LYS A 25 -15.19 1.47 -0.42
N SER A 26 -14.58 2.50 0.04
CA SER A 26 -14.74 3.81 -0.51
C SER A 26 -13.36 4.42 -0.58
N TYR A 27 -13.10 5.26 -1.54
CA TYR A 27 -11.80 5.87 -1.64
C TYR A 27 -11.75 7.13 -0.81
N PRO A 28 -10.92 7.15 0.25
CA PRO A 28 -10.74 8.34 1.06
C PRO A 28 -9.89 9.33 0.28
N SER A 29 -8.93 8.79 -0.40
CA SER A 29 -7.96 9.53 -1.14
C SER A 29 -8.60 10.27 -2.33
N LYS A 30 -9.48 9.59 -3.01
CA LYS A 30 -10.15 10.16 -4.18
C LYS A 30 -11.15 11.23 -3.74
N LEU A 31 -11.76 11.02 -2.60
CA LEU A 31 -12.77 11.93 -2.05
C LEU A 31 -12.07 13.12 -1.38
N ALA A 32 -10.84 12.85 -0.94
CA ALA A 32 -9.94 13.81 -0.23
C ALA A 32 -10.27 13.86 1.25
N ARG A 33 -11.24 13.07 1.63
CA ARG A 33 -11.68 12.94 2.99
C ARG A 33 -12.26 11.55 3.13
N ASN A 34 -12.20 10.99 4.29
CA ASN A 34 -12.84 9.73 4.50
C ASN A 34 -14.24 9.98 5.00
N GLU A 35 -15.11 10.27 4.07
CA GLU A 35 -16.47 10.50 4.37
C GLU A 35 -17.28 9.31 3.88
N SER A 36 -17.76 8.56 4.80
CA SER A 36 -18.61 7.47 4.50
C SER A 36 -19.99 7.90 4.91
N ARG A 37 -20.77 8.24 3.94
CA ARG A 37 -22.04 8.84 4.21
C ARG A 37 -23.08 8.22 3.29
N GLY A 38 -23.91 7.42 3.87
CA GLY A 38 -24.95 6.78 3.12
C GLY A 38 -26.13 7.67 2.94
N GLY A 39 -26.25 8.23 1.74
CA GLY A 39 -27.36 9.09 1.43
C GLY A 39 -28.63 8.32 1.23
N LEU A 40 -28.52 7.19 0.56
CA LEU A 40 -29.65 6.35 0.29
C LEU A 40 -29.78 5.31 1.38
N VAL A 41 -28.72 4.56 1.59
CA VAL A 41 -28.69 3.54 2.61
C VAL A 41 -27.75 4.03 3.71
N PRO A 42 -28.26 4.21 4.94
CA PRO A 42 -27.48 4.77 6.04
C PRO A 42 -26.22 3.97 6.45
N ARG A 43 -25.08 4.45 6.03
CA ARG A 43 -23.78 3.98 6.49
C ARG A 43 -23.00 5.19 6.89
N GLY A 44 -22.14 5.07 7.86
CA GLY A 44 -21.40 6.21 8.31
C GLY A 44 -20.16 5.84 9.04
N SER A 45 -19.19 6.70 8.97
CA SER A 45 -17.94 6.53 9.68
C SER A 45 -17.56 7.86 10.31
N GLY A 46 -16.85 7.80 11.40
CA GLY A 46 -16.45 9.02 12.08
C GLY A 46 -15.18 9.61 11.48
N GLY A 47 -15.25 9.99 10.23
CA GLY A 47 -14.11 10.56 9.57
C GLY A 47 -14.28 12.05 9.35
N SER A 48 -13.68 12.83 10.20
CA SER A 48 -13.76 14.27 10.10
C SER A 48 -12.40 14.83 9.69
N LEU A 49 -12.32 15.33 8.47
CA LEU A 49 -11.09 15.88 7.94
C LEU A 49 -11.22 17.37 7.70
N PHE A 50 -10.50 18.14 8.45
CA PHE A 50 -10.47 19.58 8.33
C PHE A 50 -9.37 19.99 7.38
N SER A 51 -9.16 21.27 7.26
CA SER A 51 -8.12 21.78 6.43
C SER A 51 -6.77 21.70 7.17
N PHE A 52 -5.95 20.77 6.76
CA PHE A 52 -4.65 20.59 7.38
C PHE A 52 -3.59 21.29 6.56
N LEU A 53 -2.76 22.05 7.23
CA LEU A 53 -1.71 22.79 6.58
C LEU A 53 -0.47 21.93 6.38
N GLY A 54 -0.45 21.25 5.27
CA GLY A 54 0.64 20.43 4.87
C GLY A 54 0.84 20.58 3.41
N LYS A 55 2.06 20.57 2.96
CA LYS A 55 2.36 20.74 1.55
C LYS A 55 2.93 19.46 0.99
N LYS A 56 3.81 18.87 1.73
CA LYS A 56 4.56 17.73 1.29
C LYS A 56 3.87 16.44 1.69
N CYS A 57 4.02 15.44 0.87
CA CYS A 57 3.57 14.13 1.19
C CYS A 57 4.73 13.39 1.84
N VAL A 58 4.49 12.80 2.98
CA VAL A 58 5.55 12.21 3.73
C VAL A 58 5.62 10.71 3.57
N THR A 59 6.81 10.22 3.37
CA THR A 59 7.05 8.82 3.23
C THR A 59 7.16 8.21 4.62
N MET A 60 6.30 7.28 4.91
CA MET A 60 6.27 6.68 6.21
C MET A 60 7.19 5.48 6.29
N SER A 61 7.26 4.71 5.25
CA SER A 61 8.01 3.49 5.29
C SER A 61 8.56 3.14 3.93
N SER A 62 9.77 2.64 3.90
CA SER A 62 10.40 2.18 2.71
C SER A 62 10.83 0.74 2.91
N ALA A 63 10.74 -0.06 1.86
CA ALA A 63 11.17 -1.45 1.93
C ALA A 63 11.59 -1.96 0.57
N VAL A 64 12.59 -2.81 0.52
CA VAL A 64 13.01 -3.39 -0.71
C VAL A 64 12.22 -4.66 -1.01
N VAL A 65 11.52 -4.62 -2.11
CA VAL A 65 10.60 -5.68 -2.47
C VAL A 65 10.66 -5.99 -3.96
N GLN A 66 9.97 -7.02 -4.34
CA GLN A 66 9.82 -7.39 -5.71
C GLN A 66 8.30 -7.50 -5.90
N LEU A 67 7.79 -6.96 -6.98
CA LEU A 67 6.35 -6.85 -7.17
C LEU A 67 5.81 -7.83 -8.18
N TYR A 68 4.82 -8.56 -7.75
CA TYR A 68 4.09 -9.45 -8.59
C TYR A 68 2.66 -8.98 -8.68
N ALA A 69 2.11 -9.00 -9.85
CA ALA A 69 0.73 -8.64 -10.05
C ALA A 69 -0.03 -9.88 -10.45
N ALA A 70 -1.18 -10.07 -9.88
CA ALA A 70 -1.93 -11.27 -10.10
C ALA A 70 -2.76 -11.21 -11.34
N ASP A 71 -2.77 -12.31 -12.01
CA ASP A 71 -3.67 -12.55 -13.10
C ASP A 71 -4.90 -13.17 -12.43
N ARG A 72 -6.00 -13.27 -13.15
CA ARG A 72 -7.31 -13.61 -12.56
C ARG A 72 -7.34 -14.63 -11.41
N ASN A 73 -7.18 -15.89 -11.67
CA ASN A 73 -7.37 -16.85 -10.58
C ASN A 73 -6.12 -17.56 -10.14
N CYS A 74 -5.02 -17.48 -10.89
CA CYS A 74 -3.87 -18.35 -10.49
C CYS A 74 -2.51 -18.06 -11.13
N MET A 75 -2.18 -16.80 -11.43
CA MET A 75 -0.85 -16.51 -11.99
C MET A 75 -0.25 -15.21 -11.44
N TRP A 76 1.02 -15.27 -11.05
CA TRP A 76 1.76 -14.08 -10.66
C TRP A 76 2.62 -13.61 -11.80
N SER A 77 2.56 -12.35 -12.11
CA SER A 77 3.36 -11.80 -13.15
C SER A 77 4.21 -10.66 -12.58
N LYS A 78 5.51 -10.74 -12.81
CA LYS A 78 6.46 -9.74 -12.33
C LYS A 78 6.34 -8.48 -13.17
N LYS A 79 6.06 -7.39 -12.51
CA LYS A 79 5.96 -6.09 -13.17
C LYS A 79 7.10 -5.18 -12.82
N CYS A 80 7.45 -5.10 -11.56
CA CYS A 80 8.49 -4.19 -11.15
C CYS A 80 9.21 -4.74 -9.94
N SER A 81 10.45 -4.39 -9.81
CA SER A 81 11.25 -4.80 -8.68
C SER A 81 12.04 -3.61 -8.17
N GLY A 82 12.22 -3.52 -6.88
CA GLY A 82 12.98 -2.44 -6.37
C GLY A 82 12.71 -2.14 -4.95
N VAL A 83 12.35 -0.93 -4.70
CA VAL A 83 12.06 -0.46 -3.39
C VAL A 83 10.72 0.25 -3.41
N ALA A 84 9.93 0.03 -2.41
CA ALA A 84 8.62 0.61 -2.34
C ALA A 84 8.47 1.48 -1.14
N CYS A 85 7.64 2.46 -1.26
CA CYS A 85 7.38 3.35 -0.16
C CYS A 85 5.91 3.67 -0.01
N LEU A 86 5.48 3.73 1.23
CA LEU A 86 4.14 4.18 1.56
C LEU A 86 4.27 5.65 1.82
N VAL A 87 3.63 6.43 1.02
CA VAL A 87 3.68 7.85 1.15
C VAL A 87 2.29 8.35 1.48
N LYS A 88 2.15 9.07 2.56
CA LYS A 88 0.86 9.59 2.90
C LYS A 88 0.85 11.09 2.68
N ASP A 89 -0.10 11.54 1.92
CA ASP A 89 -0.15 12.92 1.52
C ASP A 89 -0.97 13.70 2.49
N ASN A 90 -0.37 14.74 3.02
CA ASN A 90 -1.03 15.58 4.00
C ASN A 90 -2.19 16.41 3.40
N PRO A 91 -2.00 17.13 2.25
CA PRO A 91 -3.10 17.86 1.60
C PRO A 91 -4.32 16.97 1.24
N GLN A 92 -4.07 15.73 0.83
CA GLN A 92 -5.12 14.81 0.47
C GLN A 92 -5.64 14.06 1.71
N ARG A 93 -4.89 14.18 2.82
CA ARG A 93 -5.20 13.48 4.10
C ARG A 93 -5.31 11.96 3.91
N SER A 94 -4.68 11.45 2.87
CA SER A 94 -4.85 10.06 2.50
C SER A 94 -3.50 9.35 2.21
N TYR A 95 -3.55 8.10 1.71
CA TYR A 95 -2.33 7.27 1.60
C TYR A 95 -2.11 6.79 0.16
N PHE A 96 -0.86 6.67 -0.24
CA PHE A 96 -0.50 6.18 -1.57
C PHE A 96 0.66 5.17 -1.46
N LEU A 97 0.59 4.11 -2.24
CA LEU A 97 1.64 3.10 -2.23
C LEU A 97 2.35 3.20 -3.58
N ARG A 98 3.64 3.38 -3.57
CA ARG A 98 4.42 3.49 -4.78
C ARG A 98 5.53 2.50 -4.77
N ILE A 99 5.75 1.85 -5.89
CA ILE A 99 6.81 0.87 -6.02
C ILE A 99 7.68 1.30 -7.17
N PHE A 100 8.92 1.47 -6.89
CA PHE A 100 9.85 2.00 -7.83
C PHE A 100 11.05 1.14 -7.96
N ASP A 101 11.56 1.11 -9.15
CA ASP A 101 12.66 0.31 -9.53
C ASP A 101 13.93 0.72 -8.81
N ILE A 102 14.74 -0.25 -8.49
CA ILE A 102 15.98 -0.02 -7.78
C ILE A 102 17.09 0.34 -8.79
N LYS A 103 16.82 0.04 -10.05
CA LYS A 103 17.76 0.31 -11.11
C LYS A 103 17.94 1.81 -11.36
N ASP A 104 16.89 2.45 -11.84
CA ASP A 104 16.98 3.86 -12.20
C ASP A 104 16.26 4.72 -11.18
N GLY A 105 15.18 4.21 -10.65
CA GLY A 105 14.41 4.96 -9.68
C GLY A 105 13.34 5.77 -10.34
N LYS A 106 12.98 5.36 -11.55
CA LYS A 106 12.05 6.10 -12.39
C LYS A 106 10.60 6.02 -11.89
N LEU A 107 10.25 4.89 -11.20
CA LEU A 107 8.89 4.65 -10.66
C LEU A 107 7.95 4.19 -11.78
N LEU A 108 7.31 3.04 -11.57
CA LEU A 108 6.41 2.51 -12.58
C LEU A 108 5.10 2.05 -11.95
N TRP A 109 4.94 2.23 -10.65
CA TRP A 109 3.82 1.61 -10.00
C TRP A 109 3.32 2.51 -8.89
N GLU A 110 2.04 2.80 -8.90
CA GLU A 110 1.43 3.58 -7.85
C GLU A 110 -0.01 3.15 -7.68
N GLN A 111 -0.44 3.05 -6.45
CA GLN A 111 -1.81 2.72 -6.18
C GLN A 111 -2.30 3.56 -5.02
N GLU A 112 -3.50 4.02 -5.14
CA GLU A 112 -4.14 4.82 -4.14
C GLU A 112 -4.87 3.89 -3.15
N LEU A 113 -4.73 4.16 -1.85
CA LEU A 113 -5.34 3.29 -0.85
C LEU A 113 -6.80 3.59 -0.57
N TYR A 114 -7.44 2.61 0.03
CA TYR A 114 -8.86 2.62 0.31
C TYR A 114 -9.05 2.76 1.81
N ASN A 115 -10.28 2.79 2.26
CA ASN A 115 -10.55 2.88 3.70
C ASN A 115 -10.44 1.53 4.40
N ASN A 116 -11.07 0.52 3.86
CA ASN A 116 -11.01 -0.81 4.46
C ASN A 116 -9.82 -1.60 3.96
N PHE A 117 -8.64 -1.20 4.37
CA PHE A 117 -7.44 -1.92 4.02
C PHE A 117 -6.95 -2.76 5.19
N VAL A 118 -6.71 -4.02 4.91
CA VAL A 118 -6.12 -4.94 5.86
C VAL A 118 -4.84 -5.45 5.23
N TYR A 119 -3.79 -5.68 5.99
CA TYR A 119 -2.59 -6.16 5.37
C TYR A 119 -2.65 -7.69 5.35
N ASN A 120 -2.26 -8.30 4.24
CA ASN A 120 -2.41 -9.74 4.10
C ASN A 120 -1.06 -10.41 3.93
N SER A 121 -0.77 -11.39 4.74
CA SER A 121 0.45 -12.15 4.59
C SER A 121 0.17 -13.67 4.60
N PRO A 122 0.15 -14.33 3.43
CA PRO A 122 -0.07 -15.79 3.35
C PRO A 122 1.21 -16.58 3.65
N ARG A 123 2.32 -15.92 3.51
CA ARG A 123 3.60 -16.46 3.73
C ARG A 123 4.30 -15.44 4.60
N GLY A 124 5.14 -15.88 5.49
CA GLY A 124 5.83 -14.94 6.34
C GLY A 124 6.82 -14.08 5.58
N TYR A 125 7.23 -14.59 4.43
CA TYR A 125 8.23 -13.95 3.58
C TYR A 125 7.61 -13.36 2.29
N PHE A 126 6.30 -13.44 2.15
CA PHE A 126 5.63 -12.92 0.97
C PHE A 126 4.32 -12.32 1.38
N HIS A 127 4.09 -11.09 0.98
CA HIS A 127 2.90 -10.39 1.39
C HIS A 127 2.00 -10.15 0.19
N THR A 128 0.72 -10.20 0.40
CA THR A 128 -0.27 -9.91 -0.60
C THR A 128 -0.95 -8.58 -0.24
N PHE A 129 -1.11 -7.73 -1.19
CA PHE A 129 -1.63 -6.40 -0.97
C PHE A 129 -2.91 -6.23 -1.77
N ALA A 130 -3.78 -5.40 -1.27
CA ALA A 130 -5.10 -5.22 -1.84
C ALA A 130 -5.10 -4.26 -3.03
N GLY A 131 -5.45 -4.78 -4.18
CA GLY A 131 -5.60 -3.96 -5.36
C GLY A 131 -7.06 -3.89 -5.71
N ASP A 132 -7.85 -3.59 -4.69
CA ASP A 132 -9.32 -3.55 -4.73
C ASP A 132 -9.92 -4.92 -4.98
N THR A 133 -9.99 -5.32 -6.22
CA THR A 133 -10.51 -6.60 -6.60
C THR A 133 -9.35 -7.48 -7.07
N CYS A 134 -8.27 -6.82 -7.46
CA CYS A 134 -7.09 -7.49 -7.91
C CYS A 134 -6.17 -7.68 -6.73
N GLN A 135 -5.12 -8.43 -6.92
CA GLN A 135 -4.19 -8.68 -5.88
C GLN A 135 -2.77 -8.41 -6.39
N VAL A 136 -2.08 -7.56 -5.70
CA VAL A 136 -0.72 -7.23 -5.98
C VAL A 136 0.08 -7.70 -4.80
N ALA A 137 1.21 -8.26 -5.02
CA ALA A 137 1.95 -8.85 -3.92
C ALA A 137 3.39 -8.46 -3.89
N LEU A 138 3.96 -8.53 -2.71
CA LEU A 138 5.33 -8.15 -2.52
C LEU A 138 6.12 -9.29 -1.92
N ASN A 139 7.27 -9.50 -2.46
CA ASN A 139 8.22 -10.43 -1.91
C ASN A 139 9.36 -9.58 -1.42
N PHE A 140 9.93 -9.88 -0.28
CA PHE A 140 10.87 -8.97 0.31
C PHE A 140 12.22 -9.58 0.58
N ALA A 141 13.20 -8.73 0.78
CA ALA A 141 14.55 -9.16 1.05
C ALA A 141 14.86 -9.23 2.55
N ASN A 142 14.08 -8.54 3.37
CA ASN A 142 14.34 -8.51 4.82
C ASN A 142 13.05 -8.62 5.62
N GLU A 143 13.00 -9.63 6.48
CA GLU A 143 11.83 -9.93 7.32
C GLU A 143 11.43 -8.75 8.20
N GLU A 144 12.40 -8.13 8.87
CA GLU A 144 12.10 -7.05 9.80
C GLU A 144 11.49 -5.88 9.07
N GLU A 145 12.16 -5.44 8.01
CA GLU A 145 11.74 -4.29 7.23
C GLU A 145 10.33 -4.48 6.67
N ALA A 146 10.02 -5.71 6.41
CA ALA A 146 8.78 -6.11 5.85
C ALA A 146 7.71 -6.05 6.87
N LYS A 147 8.02 -6.55 8.04
CA LYS A 147 7.10 -6.56 9.15
C LYS A 147 6.84 -5.12 9.57
N LYS A 148 7.85 -4.28 9.38
CA LYS A 148 7.75 -2.92 9.78
C LYS A 148 6.81 -2.15 8.87
N PHE A 149 6.98 -2.27 7.55
CA PHE A 149 6.09 -1.51 6.67
C PHE A 149 4.70 -2.14 6.69
N ARG A 150 4.63 -3.47 6.83
CA ARG A 150 3.33 -4.16 6.95
C ARG A 150 2.49 -3.59 8.07
N LYS A 151 3.09 -3.49 9.21
CA LYS A 151 2.40 -3.03 10.37
C LYS A 151 2.14 -1.56 10.18
N ALA A 152 3.16 -0.83 9.78
CA ALA A 152 3.06 0.60 9.56
C ALA A 152 1.92 0.97 8.61
N VAL A 153 1.81 0.28 7.46
CA VAL A 153 0.76 0.61 6.49
C VAL A 153 -0.62 0.39 7.11
N THR A 154 -0.81 -0.77 7.70
CA THR A 154 -2.07 -1.10 8.29
C THR A 154 -2.37 -0.31 9.61
N ASP A 155 -1.33 0.08 10.30
CA ASP A 155 -1.42 0.89 11.53
C ASP A 155 -1.80 2.32 11.23
N LEU A 156 -1.08 2.91 10.31
CA LEU A 156 -1.30 4.29 9.91
C LEU A 156 -2.66 4.42 9.23
N LEU A 157 -3.06 3.34 8.56
CA LEU A 157 -4.36 3.27 7.86
C LEU A 157 -5.50 3.69 8.81
N GLY A 158 -5.47 3.17 10.03
CA GLY A 158 -6.48 3.50 11.01
C GLY A 158 -6.31 4.89 11.65
N ARG A 159 -5.06 5.27 11.89
CA ARG A 159 -4.76 6.52 12.60
C ARG A 159 -4.90 7.74 11.68
N ARG A 160 -4.37 7.59 10.46
CA ARG A 160 -4.48 8.58 9.39
C ARG A 160 -3.64 9.85 9.61
N GLN A 161 -4.10 10.71 10.48
CA GLN A 161 -3.42 11.96 10.71
C GLN A 161 -2.42 11.87 11.84
N ARG A 162 -1.19 11.69 11.44
CA ARG A 162 -0.04 11.62 12.32
C ARG A 162 1.16 11.55 11.40
N LYS A 163 1.98 12.58 11.40
CA LYS A 163 3.14 12.61 10.52
C LYS A 163 4.08 11.47 10.87
N SER A 164 4.14 10.52 10.01
CA SER A 164 4.96 9.38 10.22
C SER A 164 5.98 9.33 9.11
N GLU A 165 7.24 9.35 9.46
CA GLU A 165 8.30 9.37 8.50
C GLU A 165 9.44 8.49 8.99
N LYS A 166 9.61 7.34 8.37
CA LYS A 166 10.65 6.40 8.74
C LYS A 166 11.38 5.90 7.49
N ARG A 167 12.68 5.78 7.62
CA ARG A 167 13.56 5.22 6.59
C ARG A 167 14.93 5.04 7.20
N ARG A 168 15.53 3.90 7.01
CA ARG A 168 16.84 3.66 7.59
C ARG A 168 17.91 4.19 6.63
N ASP A 169 17.88 3.69 5.42
CA ASP A 169 18.80 4.10 4.39
C ASP A 169 18.20 3.83 3.02
N GLY A 1 15.33 -17.29 7.65
CA GLY A 1 15.86 -16.19 6.83
C GLY A 1 17.12 -15.62 7.43
N SER A 2 18.20 -16.32 7.28
CA SER A 2 19.46 -15.90 7.82
C SER A 2 20.33 -15.22 6.76
N GLU A 3 20.50 -13.91 6.93
CA GLU A 3 21.36 -13.05 6.09
C GLU A 3 21.11 -13.18 4.59
N SER A 4 21.84 -14.07 3.94
CA SER A 4 21.75 -14.25 2.52
C SER A 4 20.57 -15.14 2.15
N ARG A 5 19.97 -15.74 3.15
CA ARG A 5 18.82 -16.53 2.92
C ARG A 5 17.57 -15.68 2.95
N PHE A 6 17.32 -15.11 1.81
CA PHE A 6 16.15 -14.36 1.52
C PHE A 6 15.66 -14.86 0.19
N TYR A 7 14.39 -14.78 -0.07
CA TYR A 7 13.91 -15.28 -1.33
C TYR A 7 13.01 -14.36 -2.07
N PHE A 8 13.43 -14.11 -3.27
CA PHE A 8 12.66 -13.41 -4.24
C PHE A 8 12.23 -14.43 -5.27
N HIS A 9 13.21 -14.91 -6.00
CA HIS A 9 13.02 -15.95 -6.94
C HIS A 9 13.32 -17.30 -6.24
N PRO A 10 12.69 -18.40 -6.64
CA PRO A 10 11.69 -18.43 -7.71
C PRO A 10 10.27 -18.24 -7.18
N ILE A 11 9.31 -18.22 -8.09
CA ILE A 11 7.89 -18.05 -7.75
C ILE A 11 7.41 -19.23 -6.92
N SER A 12 8.06 -20.35 -7.10
CA SER A 12 7.76 -21.58 -6.40
C SER A 12 7.86 -21.44 -4.86
N ASP A 13 8.74 -20.56 -4.39
CA ASP A 13 8.91 -20.34 -2.96
C ASP A 13 7.93 -19.32 -2.44
N LEU A 14 7.17 -18.75 -3.34
CA LEU A 14 6.20 -17.75 -2.99
C LEU A 14 4.81 -18.39 -3.06
N PRO A 15 3.88 -18.02 -2.16
CA PRO A 15 2.52 -18.56 -2.15
C PRO A 15 1.71 -18.21 -3.42
N PRO A 16 0.93 -19.18 -3.94
CA PRO A 16 0.08 -18.96 -5.12
C PRO A 16 -1.01 -17.94 -4.86
N PRO A 17 -1.44 -17.22 -5.90
CA PRO A 17 -2.46 -16.18 -5.77
C PRO A 17 -3.87 -16.73 -5.68
N GLU A 18 -4.72 -15.92 -5.13
CA GLU A 18 -6.11 -16.20 -4.99
C GLU A 18 -6.84 -14.90 -5.20
N PRO A 19 -8.10 -14.92 -5.63
CA PRO A 19 -8.92 -13.73 -5.66
C PRO A 19 -9.22 -13.31 -4.23
N TYR A 20 -9.23 -12.04 -3.96
CA TYR A 20 -9.49 -11.60 -2.62
C TYR A 20 -10.98 -11.56 -2.34
N VAL A 21 -11.38 -12.18 -1.25
CA VAL A 21 -12.75 -12.21 -0.82
C VAL A 21 -13.04 -11.00 0.06
N GLN A 22 -12.07 -10.12 0.09
CA GLN A 22 -12.11 -8.90 0.82
C GLN A 22 -12.86 -7.85 -0.01
N THR A 23 -13.54 -6.95 0.67
CA THR A 23 -14.37 -5.97 0.00
C THR A 23 -13.51 -4.86 -0.64
N THR A 24 -13.86 -4.48 -1.87
CA THR A 24 -13.21 -3.39 -2.54
C THR A 24 -13.81 -2.10 -1.98
N LYS A 25 -12.98 -1.19 -1.53
CA LYS A 25 -13.45 -0.09 -0.73
C LYS A 25 -13.34 1.27 -1.39
N SER A 26 -14.01 2.24 -0.78
CA SER A 26 -14.06 3.60 -1.26
C SER A 26 -12.83 4.36 -0.78
N TYR A 27 -12.40 5.32 -1.57
CA TYR A 27 -11.18 6.05 -1.32
C TYR A 27 -11.49 7.40 -0.69
N PRO A 28 -10.89 7.71 0.49
CA PRO A 28 -11.15 8.96 1.23
C PRO A 28 -10.72 10.20 0.44
N SER A 29 -9.79 9.99 -0.46
CA SER A 29 -9.24 11.03 -1.28
C SER A 29 -10.22 11.48 -2.36
N LYS A 30 -10.90 10.51 -2.95
CA LYS A 30 -11.83 10.78 -4.06
C LYS A 30 -13.04 11.55 -3.58
N LEU A 31 -13.53 11.23 -2.41
CA LEU A 31 -14.65 11.90 -1.87
C LEU A 31 -14.22 13.16 -1.16
N ALA A 32 -13.13 13.06 -0.38
CA ALA A 32 -12.59 14.14 0.50
C ALA A 32 -13.49 14.31 1.73
N ARG A 33 -14.75 14.20 1.48
CA ARG A 33 -15.82 14.26 2.43
C ARG A 33 -17.12 14.07 1.65
N ASN A 34 -17.93 13.10 2.02
CA ASN A 34 -19.21 12.93 1.35
C ASN A 34 -20.25 13.85 1.99
N GLU A 35 -20.37 15.03 1.41
CA GLU A 35 -21.21 16.14 1.88
C GLU A 35 -20.59 16.73 3.17
N SER A 36 -20.63 18.03 3.28
CA SER A 36 -20.07 18.76 4.38
C SER A 36 -20.74 18.40 5.74
N ARG A 37 -21.98 17.90 5.68
CA ARG A 37 -22.71 17.54 6.87
C ARG A 37 -21.98 16.48 7.71
N GLY A 38 -21.73 16.83 8.92
CA GLY A 38 -21.10 15.97 9.89
C GLY A 38 -21.55 16.38 11.25
N GLY A 39 -22.82 16.64 11.33
CA GLY A 39 -23.41 17.21 12.49
C GLY A 39 -23.92 18.56 12.12
N LEU A 40 -23.91 19.48 13.03
CA LEU A 40 -24.34 20.83 12.72
C LEU A 40 -23.12 21.57 12.18
N VAL A 41 -21.98 21.28 12.78
CA VAL A 41 -20.70 21.91 12.47
C VAL A 41 -20.78 23.42 12.69
N PRO A 42 -20.55 23.87 13.93
CA PRO A 42 -20.62 25.28 14.26
C PRO A 42 -19.36 26.02 13.80
N ARG A 43 -19.40 27.33 13.86
CA ARG A 43 -18.25 28.12 13.51
C ARG A 43 -17.21 28.02 14.60
N GLY A 44 -16.12 27.48 14.23
CA GLY A 44 -15.05 27.21 15.12
C GLY A 44 -14.23 26.15 14.51
N SER A 45 -13.45 26.53 13.54
CA SER A 45 -12.65 25.65 12.77
C SER A 45 -11.70 24.81 13.63
N GLY A 46 -11.59 23.56 13.28
CA GLY A 46 -10.72 22.68 13.99
C GLY A 46 -10.88 21.27 13.50
N GLY A 47 -11.72 20.52 14.15
CA GLY A 47 -11.90 19.13 13.82
C GLY A 47 -10.72 18.35 14.32
N SER A 48 -9.98 17.75 13.42
CA SER A 48 -8.78 17.06 13.78
C SER A 48 -7.64 18.08 13.88
N LEU A 49 -7.57 18.95 12.89
CA LEU A 49 -6.55 19.99 12.76
C LEU A 49 -6.87 20.68 11.43
N PHE A 50 -6.55 21.97 11.29
CA PHE A 50 -6.80 22.74 10.06
C PHE A 50 -6.33 21.99 8.81
N SER A 51 -5.03 21.82 8.68
CA SER A 51 -4.45 21.05 7.59
C SER A 51 -3.09 20.53 7.98
N PHE A 52 -2.24 21.44 8.46
CA PHE A 52 -0.86 21.16 8.82
C PHE A 52 -0.10 20.67 7.60
N LEU A 53 0.25 21.60 6.77
CA LEU A 53 0.97 21.31 5.57
C LEU A 53 2.44 21.37 5.87
N GLY A 54 2.99 20.24 6.24
CA GLY A 54 4.39 20.17 6.56
C GLY A 54 5.19 19.76 5.36
N LYS A 55 4.81 18.66 4.78
CA LYS A 55 5.46 18.14 3.60
C LYS A 55 4.41 17.97 2.53
N LYS A 56 4.83 17.62 1.35
CA LYS A 56 3.91 17.28 0.31
C LYS A 56 3.76 15.77 0.32
N CYS A 57 4.87 15.10 0.29
CA CYS A 57 4.93 13.68 0.35
C CYS A 57 5.59 13.27 1.65
N VAL A 58 4.91 12.52 2.44
CA VAL A 58 5.45 12.02 3.68
C VAL A 58 5.67 10.53 3.52
N THR A 59 6.80 10.07 3.90
CA THR A 59 7.12 8.68 3.78
C THR A 59 6.90 7.96 5.10
N MET A 60 6.08 6.92 5.08
CA MET A 60 5.79 6.17 6.29
C MET A 60 6.78 5.04 6.49
N SER A 61 7.13 4.35 5.40
CA SER A 61 8.01 3.20 5.46
C SER A 61 8.56 2.87 4.07
N SER A 62 9.63 2.08 4.05
CA SER A 62 10.26 1.67 2.81
C SER A 62 10.79 0.23 2.95
N ALA A 63 10.87 -0.48 1.83
CA ALA A 63 11.43 -1.84 1.79
C ALA A 63 11.81 -2.22 0.36
N VAL A 64 12.87 -3.01 0.19
CA VAL A 64 13.30 -3.46 -1.15
C VAL A 64 12.42 -4.63 -1.59
N VAL A 65 11.73 -4.49 -2.73
CA VAL A 65 10.74 -5.49 -3.14
C VAL A 65 10.70 -5.75 -4.66
N GLN A 66 9.91 -6.74 -5.01
CA GLN A 66 9.49 -6.99 -6.36
C GLN A 66 7.99 -6.89 -6.33
N LEU A 67 7.42 -6.35 -7.35
CA LEU A 67 5.98 -6.21 -7.38
C LEU A 67 5.38 -7.29 -8.25
N TYR A 68 4.42 -7.99 -7.70
CA TYR A 68 3.70 -9.03 -8.40
C TYR A 68 2.24 -8.67 -8.47
N ALA A 69 1.67 -8.81 -9.63
CA ALA A 69 0.25 -8.63 -9.81
C ALA A 69 -0.35 -9.95 -10.16
N ALA A 70 -1.46 -10.29 -9.56
CA ALA A 70 -2.03 -11.58 -9.77
C ALA A 70 -2.88 -11.63 -10.99
N ASP A 71 -2.61 -12.61 -11.78
CA ASP A 71 -3.36 -12.91 -12.93
C ASP A 71 -4.44 -13.88 -12.52
N ARG A 72 -5.58 -13.78 -13.18
CA ARG A 72 -6.87 -14.40 -12.83
C ARG A 72 -6.91 -15.22 -11.53
N ASN A 73 -6.73 -16.51 -11.61
CA ASN A 73 -6.83 -17.33 -10.42
C ASN A 73 -5.53 -17.96 -10.01
N CYS A 74 -4.52 -17.94 -10.86
CA CYS A 74 -3.36 -18.79 -10.54
C CYS A 74 -2.00 -18.32 -11.05
N MET A 75 -1.77 -17.04 -11.13
CA MET A 75 -0.45 -16.59 -11.56
C MET A 75 -0.06 -15.25 -10.95
N TRP A 76 1.11 -15.17 -10.39
CA TRP A 76 1.66 -13.89 -10.00
C TRP A 76 2.56 -13.44 -11.11
N SER A 77 2.32 -12.29 -11.62
CA SER A 77 3.13 -11.80 -12.65
C SER A 77 4.00 -10.73 -12.08
N LYS A 78 5.29 -10.96 -12.11
CA LYS A 78 6.25 -10.00 -11.64
C LYS A 78 6.22 -8.87 -12.62
N LYS A 79 5.90 -7.73 -12.13
CA LYS A 79 5.70 -6.59 -12.98
C LYS A 79 6.91 -5.73 -12.99
N CYS A 80 7.44 -5.46 -11.82
CA CYS A 80 8.58 -4.60 -11.72
C CYS A 80 9.41 -4.93 -10.50
N SER A 81 10.58 -4.39 -10.44
CA SER A 81 11.46 -4.60 -9.33
C SER A 81 12.00 -3.27 -8.83
N GLY A 82 12.16 -3.15 -7.54
CA GLY A 82 12.70 -1.95 -7.01
C GLY A 82 12.57 -1.84 -5.53
N VAL A 83 12.15 -0.71 -5.09
CA VAL A 83 11.97 -0.44 -3.69
C VAL A 83 10.56 0.12 -3.50
N ALA A 84 9.97 -0.19 -2.40
CA ALA A 84 8.63 0.24 -2.10
C ALA A 84 8.62 1.33 -1.10
N CYS A 85 7.72 2.26 -1.26
CA CYS A 85 7.54 3.28 -0.26
C CYS A 85 6.08 3.56 -0.04
N LEU A 86 5.68 3.54 1.22
CA LEU A 86 4.32 3.94 1.56
C LEU A 86 4.39 5.44 1.76
N VAL A 87 3.64 6.16 0.98
CA VAL A 87 3.64 7.56 1.07
C VAL A 87 2.27 8.07 1.50
N LYS A 88 2.30 9.08 2.28
CA LYS A 88 1.13 9.72 2.77
C LYS A 88 1.07 11.05 2.07
N ASP A 89 -0.06 11.38 1.49
CA ASP A 89 -0.19 12.66 0.84
C ASP A 89 -0.71 13.62 1.84
N ASN A 90 0.13 14.52 2.26
CA ASN A 90 -0.23 15.48 3.30
C ASN A 90 -1.40 16.41 2.89
N PRO A 91 -1.36 17.07 1.69
CA PRO A 91 -2.47 17.91 1.25
C PRO A 91 -3.76 17.10 1.00
N GLN A 92 -3.62 15.91 0.41
CA GLN A 92 -4.76 15.08 0.05
C GLN A 92 -5.27 14.31 1.29
N ARG A 93 -4.46 14.33 2.35
CA ARG A 93 -4.73 13.68 3.65
C ARG A 93 -4.75 12.13 3.58
N SER A 94 -4.71 11.59 2.39
CA SER A 94 -4.83 10.16 2.18
C SER A 94 -3.46 9.45 2.08
N TYR A 95 -3.47 8.21 1.60
CA TYR A 95 -2.31 7.33 1.60
C TYR A 95 -2.14 6.68 0.23
N PHE A 96 -0.92 6.52 -0.19
CA PHE A 96 -0.62 6.09 -1.52
C PHE A 96 0.56 5.11 -1.54
N LEU A 97 0.51 4.14 -2.45
CA LEU A 97 1.61 3.24 -2.67
C LEU A 97 2.24 3.51 -3.99
N ARG A 98 3.52 3.56 -3.98
CA ARG A 98 4.27 3.77 -5.16
C ARG A 98 5.45 2.83 -5.14
N ILE A 99 5.68 2.19 -6.23
CA ILE A 99 6.75 1.26 -6.34
C ILE A 99 7.71 1.79 -7.38
N PHE A 100 8.92 2.00 -6.96
CA PHE A 100 9.91 2.61 -7.79
C PHE A 100 10.98 1.65 -8.21
N ASP A 101 11.21 1.65 -9.50
CA ASP A 101 12.16 0.78 -10.16
C ASP A 101 13.57 1.08 -9.69
N ILE A 102 14.34 0.05 -9.41
CA ILE A 102 15.68 0.22 -8.90
C ILE A 102 16.75 0.36 -10.02
N LYS A 103 16.67 -0.48 -11.05
CA LYS A 103 17.66 -0.55 -12.06
C LYS A 103 17.69 0.65 -12.98
N ASP A 104 16.55 1.08 -13.40
CA ASP A 104 16.43 2.21 -14.29
C ASP A 104 16.09 3.41 -13.45
N GLY A 105 15.26 3.19 -12.44
CA GLY A 105 14.89 4.25 -11.53
C GLY A 105 13.75 5.07 -12.05
N LYS A 106 13.13 4.59 -13.10
CA LYS A 106 12.06 5.30 -13.79
C LYS A 106 10.82 5.50 -12.93
N LEU A 107 10.46 4.49 -12.10
CA LEU A 107 9.25 4.51 -11.26
C LEU A 107 7.99 4.47 -12.18
N LEU A 108 7.15 3.48 -11.99
CA LEU A 108 6.03 3.28 -12.91
C LEU A 108 4.82 2.62 -12.27
N TRP A 109 4.66 2.75 -10.98
CA TRP A 109 3.59 2.06 -10.34
C TRP A 109 2.92 2.96 -9.34
N GLU A 110 1.62 3.12 -9.50
CA GLU A 110 0.83 3.98 -8.66
C GLU A 110 -0.46 3.30 -8.25
N GLN A 111 -0.82 3.41 -6.99
CA GLN A 111 -2.14 3.05 -6.53
C GLN A 111 -2.42 3.79 -5.25
N GLU A 112 -3.57 4.39 -5.17
CA GLU A 112 -3.94 5.15 -4.00
C GLU A 112 -4.82 4.29 -3.10
N LEU A 113 -4.66 4.43 -1.80
CA LEU A 113 -5.36 3.60 -0.84
C LEU A 113 -6.75 4.08 -0.55
N TYR A 114 -7.46 3.24 0.15
CA TYR A 114 -8.84 3.45 0.48
C TYR A 114 -9.05 3.53 1.98
N ASN A 115 -10.30 3.65 2.39
CA ASN A 115 -10.67 3.90 3.79
C ASN A 115 -10.17 2.79 4.76
N ASN A 116 -10.62 1.56 4.58
CA ASN A 116 -10.19 0.49 5.49
C ASN A 116 -9.27 -0.49 4.80
N PHE A 117 -8.01 -0.30 4.97
CA PHE A 117 -7.05 -1.20 4.39
C PHE A 117 -6.60 -2.25 5.39
N VAL A 118 -6.91 -3.48 5.10
CA VAL A 118 -6.56 -4.61 5.92
C VAL A 118 -5.37 -5.31 5.28
N TYR A 119 -4.36 -5.63 6.06
CA TYR A 119 -3.18 -6.23 5.51
C TYR A 119 -3.31 -7.76 5.48
N ASN A 120 -2.77 -8.39 4.44
CA ASN A 120 -2.82 -9.86 4.30
C ASN A 120 -1.39 -10.40 4.11
N SER A 121 -1.00 -11.36 4.91
CA SER A 121 0.32 -11.92 4.79
C SER A 121 0.31 -13.46 4.67
N PRO A 122 0.63 -14.01 3.49
CA PRO A 122 0.71 -15.44 3.31
C PRO A 122 2.06 -16.04 3.76
N ARG A 123 3.14 -15.19 3.87
CA ARG A 123 4.45 -15.60 4.39
C ARG A 123 5.28 -16.27 3.34
N GLY A 124 6.55 -16.06 3.43
CA GLY A 124 7.44 -16.58 2.46
C GLY A 124 8.10 -15.45 1.76
N TYR A 125 8.27 -14.34 2.52
CA TYR A 125 8.88 -13.08 2.04
C TYR A 125 7.92 -12.43 1.14
N PHE A 126 6.66 -12.68 1.40
CA PHE A 126 5.70 -12.29 0.50
C PHE A 126 4.44 -11.86 1.22
N HIS A 127 3.96 -10.67 0.91
CA HIS A 127 2.73 -10.16 1.44
C HIS A 127 1.80 -9.85 0.29
N THR A 128 0.52 -9.98 0.50
CA THR A 128 -0.48 -9.79 -0.52
C THR A 128 -1.43 -8.68 -0.08
N PHE A 129 -1.79 -7.80 -0.96
CA PHE A 129 -2.70 -6.74 -0.56
C PHE A 129 -3.70 -6.40 -1.65
N ALA A 130 -4.86 -5.93 -1.24
CA ALA A 130 -5.86 -5.49 -2.18
C ALA A 130 -5.49 -4.10 -2.64
N GLY A 131 -4.97 -4.02 -3.83
CA GLY A 131 -4.50 -2.76 -4.34
C GLY A 131 -5.42 -2.21 -5.36
N ASP A 132 -6.05 -1.10 -5.01
CA ASP A 132 -7.00 -0.40 -5.88
C ASP A 132 -8.25 -1.26 -6.14
N THR A 133 -8.20 -2.10 -7.15
CA THR A 133 -9.27 -3.04 -7.43
C THR A 133 -8.65 -4.31 -8.04
N CYS A 134 -7.36 -4.46 -7.82
CA CYS A 134 -6.65 -5.59 -8.33
C CYS A 134 -5.97 -6.33 -7.20
N GLN A 135 -5.40 -7.45 -7.50
CA GLN A 135 -4.72 -8.22 -6.52
C GLN A 135 -3.24 -8.08 -6.81
N VAL A 136 -2.52 -7.61 -5.83
CA VAL A 136 -1.13 -7.31 -5.93
C VAL A 136 -0.43 -7.78 -4.68
N ALA A 137 0.83 -8.04 -4.80
CA ALA A 137 1.59 -8.52 -3.69
C ALA A 137 2.98 -8.02 -3.78
N LEU A 138 3.63 -7.95 -2.65
CA LEU A 138 4.99 -7.53 -2.65
C LEU A 138 5.91 -8.56 -2.04
N ASN A 139 7.03 -8.76 -2.71
CA ASN A 139 8.04 -9.73 -2.34
C ASN A 139 9.28 -8.99 -1.90
N PHE A 140 9.72 -9.25 -0.71
CA PHE A 140 10.80 -8.50 -0.06
C PHE A 140 11.92 -9.40 0.44
N ALA A 141 13.05 -8.79 0.73
CA ALA A 141 14.20 -9.52 1.22
C ALA A 141 14.19 -9.63 2.76
N ASN A 142 13.53 -8.70 3.44
CA ASN A 142 13.55 -8.69 4.90
C ASN A 142 12.20 -9.00 5.50
N GLU A 143 12.13 -10.13 6.20
CA GLU A 143 10.91 -10.54 6.90
C GLU A 143 10.54 -9.57 8.00
N GLU A 144 11.53 -9.12 8.74
CA GLU A 144 11.30 -8.25 9.87
C GLU A 144 10.84 -6.89 9.41
N GLU A 145 11.59 -6.28 8.50
CA GLU A 145 11.28 -4.94 7.98
C GLU A 145 9.88 -4.92 7.37
N ALA A 146 9.50 -6.05 6.84
CA ALA A 146 8.25 -6.21 6.19
C ALA A 146 7.15 -6.28 7.17
N LYS A 147 7.38 -6.96 8.26
CA LYS A 147 6.42 -7.03 9.33
C LYS A 147 6.25 -5.63 9.91
N LYS A 148 7.35 -4.89 9.92
CA LYS A 148 7.36 -3.56 10.49
C LYS A 148 6.50 -2.61 9.69
N PHE A 149 6.69 -2.57 8.35
CA PHE A 149 5.86 -1.66 7.56
C PHE A 149 4.44 -2.17 7.51
N ARG A 150 4.27 -3.48 7.49
CA ARG A 150 2.96 -4.11 7.55
C ARG A 150 2.17 -3.61 8.72
N LYS A 151 2.77 -3.68 9.87
CA LYS A 151 2.12 -3.31 11.08
C LYS A 151 1.96 -1.82 11.12
N ALA A 152 3.00 -1.12 10.77
CA ALA A 152 2.97 0.34 10.78
C ALA A 152 1.87 0.89 9.87
N VAL A 153 1.71 0.32 8.68
CA VAL A 153 0.69 0.79 7.78
C VAL A 153 -0.67 0.34 8.26
N THR A 154 -0.80 -0.93 8.50
CA THR A 154 -2.06 -1.50 8.86
C THR A 154 -2.57 -1.09 10.26
N ASP A 155 -1.67 -0.75 11.18
CA ASP A 155 -2.10 -0.23 12.48
C ASP A 155 -2.71 1.12 12.25
N LEU A 156 -2.01 1.95 11.49
CA LEU A 156 -2.43 3.31 11.16
C LEU A 156 -3.81 3.23 10.48
N LEU A 157 -3.91 2.35 9.51
CA LEU A 157 -5.15 2.10 8.77
C LEU A 157 -6.26 1.57 9.67
N GLY A 158 -5.89 0.74 10.63
CA GLY A 158 -6.84 0.20 11.58
C GLY A 158 -7.40 1.28 12.49
N ARG A 159 -6.56 2.24 12.84
CA ARG A 159 -7.00 3.36 13.66
C ARG A 159 -7.85 4.28 12.80
N ARG A 160 -7.38 4.44 11.56
CA ARG A 160 -7.96 5.31 10.55
C ARG A 160 -7.92 6.74 11.04
N GLN A 161 -6.80 7.35 10.79
CA GLN A 161 -6.55 8.69 11.24
C GLN A 161 -5.77 9.43 10.18
N ARG A 162 -5.73 10.74 10.31
CA ARG A 162 -5.05 11.59 9.35
C ARG A 162 -3.57 11.71 9.69
N LYS A 163 -3.24 11.29 10.89
CA LYS A 163 -1.89 11.27 11.37
C LYS A 163 -1.14 10.10 10.75
N SER A 164 0.15 10.25 10.53
CA SER A 164 0.96 9.21 9.97
C SER A 164 2.31 9.20 10.67
N GLU A 165 2.95 8.04 10.72
CA GLU A 165 4.29 7.94 11.24
C GLU A 165 5.24 8.11 10.07
N LYS A 166 6.43 8.60 10.31
CA LYS A 166 7.34 8.86 9.24
C LYS A 166 8.69 8.13 9.34
N ARG A 167 9.13 7.70 8.18
CA ARG A 167 10.40 7.03 7.96
C ARG A 167 10.86 7.32 6.55
N ARG A 168 12.03 7.89 6.42
CA ARG A 168 12.58 8.17 5.11
C ARG A 168 13.57 7.07 4.79
N ASP A 169 13.74 6.74 3.54
CA ASP A 169 14.67 5.71 3.16
C ASP A 169 16.02 6.34 2.90
N GLY A 1 17.83 -18.00 7.62
CA GLY A 1 17.80 -16.58 7.94
C GLY A 1 17.57 -15.77 6.71
N SER A 2 17.27 -14.49 6.89
CA SER A 2 17.00 -13.60 5.78
C SER A 2 18.22 -13.43 4.89
N GLU A 3 19.37 -13.11 5.53
CA GLU A 3 20.65 -12.90 4.85
C GLU A 3 20.68 -11.57 4.06
N SER A 4 21.81 -10.87 4.14
CA SER A 4 22.00 -9.57 3.48
C SER A 4 21.88 -9.72 1.96
N ARG A 5 22.32 -10.86 1.43
CA ARG A 5 22.11 -11.18 0.03
C ARG A 5 20.60 -11.29 -0.13
N PHE A 6 20.05 -10.57 -1.09
CA PHE A 6 18.62 -10.44 -1.19
C PHE A 6 17.94 -11.75 -1.57
N TYR A 7 16.89 -12.03 -0.86
CA TYR A 7 16.16 -13.25 -1.02
C TYR A 7 14.79 -12.93 -1.55
N PHE A 8 14.49 -13.46 -2.71
CA PHE A 8 13.20 -13.25 -3.37
C PHE A 8 12.61 -14.56 -3.86
N HIS A 9 13.48 -15.51 -4.13
CA HIS A 9 13.07 -16.80 -4.68
C HIS A 9 12.74 -17.78 -3.56
N PRO A 10 11.98 -18.86 -3.86
CA PRO A 10 11.39 -19.10 -5.16
C PRO A 10 9.89 -18.71 -5.20
N ILE A 11 9.44 -18.31 -6.39
CA ILE A 11 8.04 -17.89 -6.58
C ILE A 11 7.11 -19.08 -6.37
N SER A 12 7.64 -20.25 -6.60
CA SER A 12 6.92 -21.50 -6.44
C SER A 12 6.59 -21.81 -4.96
N ASP A 13 7.34 -21.22 -4.04
CA ASP A 13 7.06 -21.43 -2.61
C ASP A 13 6.04 -20.43 -2.14
N LEU A 14 6.02 -19.29 -2.81
CA LEU A 14 5.08 -18.24 -2.52
C LEU A 14 3.70 -18.72 -2.98
N PRO A 15 2.64 -18.56 -2.17
CA PRO A 15 1.30 -19.00 -2.56
C PRO A 15 0.76 -18.21 -3.75
N PRO A 16 0.09 -18.90 -4.70
CA PRO A 16 -0.51 -18.25 -5.88
C PRO A 16 -1.66 -17.31 -5.49
N PRO A 17 -1.98 -16.32 -6.33
CA PRO A 17 -3.05 -15.40 -6.06
C PRO A 17 -4.39 -16.06 -6.18
N GLU A 18 -5.34 -15.49 -5.53
CA GLU A 18 -6.68 -15.97 -5.57
C GLU A 18 -7.58 -14.83 -5.96
N PRO A 19 -8.76 -15.12 -6.52
CA PRO A 19 -9.74 -14.08 -6.77
C PRO A 19 -10.32 -13.64 -5.44
N TYR A 20 -10.22 -12.38 -5.11
CA TYR A 20 -10.69 -11.92 -3.83
C TYR A 20 -12.20 -11.73 -3.86
N VAL A 21 -12.85 -12.08 -2.80
CA VAL A 21 -14.26 -11.87 -2.70
C VAL A 21 -14.56 -10.86 -1.61
N GLN A 22 -14.42 -9.62 -1.98
CA GLN A 22 -14.64 -8.50 -1.09
C GLN A 22 -15.44 -7.47 -1.81
N THR A 23 -16.26 -6.75 -1.10
CA THR A 23 -16.99 -5.67 -1.70
C THR A 23 -16.01 -4.50 -1.92
N THR A 24 -16.27 -3.69 -2.95
CA THR A 24 -15.42 -2.56 -3.29
C THR A 24 -15.30 -1.60 -2.09
N LYS A 25 -14.12 -1.05 -1.89
CA LYS A 25 -13.88 -0.18 -0.76
C LYS A 25 -13.87 1.26 -1.22
N SER A 26 -14.01 2.15 -0.30
CA SER A 26 -13.94 3.53 -0.61
C SER A 26 -12.52 4.00 -0.37
N TYR A 27 -11.98 4.69 -1.35
CA TYR A 27 -10.64 5.22 -1.24
C TYR A 27 -10.71 6.59 -0.56
N PRO A 28 -9.84 6.84 0.41
CA PRO A 28 -9.78 8.14 1.10
C PRO A 28 -9.49 9.26 0.14
N SER A 29 -8.66 8.99 -0.85
CA SER A 29 -8.31 9.98 -1.86
C SER A 29 -9.53 10.43 -2.65
N LYS A 30 -10.53 9.58 -2.73
CA LYS A 30 -11.77 9.93 -3.39
C LYS A 30 -12.66 10.77 -2.47
N LEU A 31 -12.84 10.30 -1.23
CA LEU A 31 -13.76 10.91 -0.29
C LEU A 31 -13.21 12.19 0.35
N ALA A 32 -11.99 12.14 0.80
CA ALA A 32 -11.38 13.23 1.50
C ALA A 32 -10.51 14.03 0.56
N ARG A 33 -10.79 13.89 -0.71
CA ARG A 33 -10.07 14.60 -1.76
C ARG A 33 -10.16 16.08 -1.56
N ASN A 34 -11.38 16.57 -1.26
CA ASN A 34 -11.65 18.02 -1.13
C ASN A 34 -11.47 18.66 -2.53
N GLU A 35 -11.72 19.97 -2.66
CA GLU A 35 -11.51 20.72 -3.92
C GLU A 35 -12.55 20.34 -5.02
N SER A 36 -12.50 19.10 -5.48
CA SER A 36 -13.33 18.65 -6.55
C SER A 36 -14.64 18.05 -6.02
N ARG A 37 -15.69 18.83 -6.07
CA ARG A 37 -17.02 18.37 -5.69
C ARG A 37 -17.98 18.67 -6.84
N GLY A 38 -17.72 19.77 -7.52
CA GLY A 38 -18.52 20.16 -8.65
C GLY A 38 -19.44 21.30 -8.30
N GLY A 39 -19.59 22.23 -9.21
CA GLY A 39 -20.47 23.35 -8.99
C GLY A 39 -21.91 22.94 -9.15
N LEU A 40 -22.76 23.45 -8.27
CA LEU A 40 -24.20 23.14 -8.23
C LEU A 40 -24.43 21.62 -8.14
N VAL A 41 -24.39 21.12 -6.93
CA VAL A 41 -24.49 19.70 -6.69
C VAL A 41 -25.94 19.23 -6.73
N PRO A 42 -26.26 18.25 -7.60
CA PRO A 42 -27.57 17.61 -7.59
C PRO A 42 -27.67 16.81 -6.32
N ARG A 43 -28.60 17.19 -5.46
CA ARG A 43 -28.74 16.65 -4.12
C ARG A 43 -27.61 17.13 -3.25
N GLY A 44 -27.85 18.26 -2.63
CA GLY A 44 -26.86 18.90 -1.81
C GLY A 44 -26.77 18.31 -0.45
N SER A 45 -26.43 17.05 -0.40
CA SER A 45 -26.24 16.35 0.82
C SER A 45 -24.78 15.92 0.92
N GLY A 46 -23.98 16.45 0.00
CA GLY A 46 -22.59 16.13 -0.04
C GLY A 46 -21.73 17.32 0.29
N GLY A 47 -20.88 17.15 1.25
CA GLY A 47 -20.00 18.21 1.64
C GLY A 47 -19.56 18.03 3.06
N SER A 48 -19.17 16.82 3.40
CA SER A 48 -18.70 16.53 4.72
C SER A 48 -17.36 15.81 4.65
N LEU A 49 -16.32 16.58 4.76
CA LEU A 49 -14.97 16.09 4.74
C LEU A 49 -14.09 17.04 5.50
N PHE A 50 -13.07 16.55 6.11
CA PHE A 50 -12.19 17.40 6.86
C PHE A 50 -10.94 17.65 6.07
N SER A 51 -10.29 16.54 5.64
CA SER A 51 -9.06 16.60 4.86
C SER A 51 -7.99 17.40 5.62
N PHE A 52 -6.98 17.86 4.93
CA PHE A 52 -6.01 18.72 5.54
C PHE A 52 -5.58 19.76 4.55
N LEU A 53 -5.60 20.99 4.95
CA LEU A 53 -5.22 22.08 4.07
C LEU A 53 -3.72 22.31 4.11
N GLY A 54 -3.03 21.70 3.19
CA GLY A 54 -1.60 21.82 3.10
C GLY A 54 -1.09 20.87 2.04
N LYS A 55 0.19 20.84 1.81
CA LYS A 55 0.75 19.95 0.82
C LYS A 55 2.01 19.30 1.33
N LYS A 56 1.87 18.12 1.88
CA LYS A 56 2.99 17.32 2.34
C LYS A 56 2.71 15.86 2.17
N CYS A 57 3.44 15.22 1.32
CA CYS A 57 3.35 13.81 1.17
C CYS A 57 4.62 13.22 1.73
N VAL A 58 4.50 12.52 2.80
CA VAL A 58 5.64 12.01 3.50
C VAL A 58 5.79 10.51 3.33
N THR A 59 7.01 10.05 3.17
CA THR A 59 7.26 8.64 3.08
C THR A 59 7.23 8.04 4.48
N MET A 60 6.47 7.00 4.64
CA MET A 60 6.33 6.34 5.91
C MET A 60 7.38 5.25 6.06
N SER A 61 7.63 4.54 4.98
CA SER A 61 8.56 3.43 4.99
C SER A 61 9.05 3.15 3.58
N SER A 62 10.28 2.72 3.48
CA SER A 62 10.86 2.30 2.24
C SER A 62 11.44 0.90 2.41
N ALA A 63 11.35 0.08 1.39
CA ALA A 63 11.86 -1.28 1.43
C ALA A 63 12.11 -1.78 0.04
N VAL A 64 13.02 -2.73 -0.10
CA VAL A 64 13.31 -3.31 -1.39
C VAL A 64 12.37 -4.50 -1.57
N VAL A 65 11.61 -4.49 -2.65
CA VAL A 65 10.58 -5.50 -2.89
C VAL A 65 10.39 -5.74 -4.38
N GLN A 66 9.57 -6.70 -4.71
CA GLN A 66 9.14 -6.92 -6.06
C GLN A 66 7.66 -6.79 -6.10
N LEU A 67 7.16 -6.32 -7.20
CA LEU A 67 5.78 -6.16 -7.37
C LEU A 67 5.24 -7.23 -8.28
N TYR A 68 4.32 -7.96 -7.77
CA TYR A 68 3.65 -8.99 -8.50
C TYR A 68 2.21 -8.63 -8.63
N ALA A 69 1.68 -8.87 -9.78
CA ALA A 69 0.29 -8.64 -10.04
C ALA A 69 -0.31 -9.96 -10.36
N ALA A 70 -1.57 -10.12 -10.12
CA ALA A 70 -2.19 -11.37 -10.36
C ALA A 70 -2.58 -11.55 -11.80
N ASP A 71 -1.91 -12.47 -12.41
CA ASP A 71 -2.18 -12.90 -13.74
C ASP A 71 -3.37 -13.84 -13.64
N ARG A 72 -3.99 -14.15 -14.76
CA ARG A 72 -5.34 -14.72 -14.87
C ARG A 72 -6.10 -14.91 -13.52
N ASN A 73 -6.10 -16.07 -12.95
CA ASN A 73 -6.79 -16.23 -11.66
C ASN A 73 -5.82 -16.51 -10.58
N CYS A 74 -4.75 -17.18 -10.92
CA CYS A 74 -3.88 -17.73 -9.88
C CYS A 74 -2.40 -17.76 -10.27
N MET A 75 -1.95 -16.79 -11.02
CA MET A 75 -0.55 -16.71 -11.39
C MET A 75 0.04 -15.36 -10.97
N TRP A 76 1.19 -15.34 -10.35
CA TRP A 76 1.83 -14.07 -10.05
C TRP A 76 2.72 -13.67 -11.19
N SER A 77 2.53 -12.49 -11.67
CA SER A 77 3.32 -12.00 -12.74
C SER A 77 4.15 -10.84 -12.24
N LYS A 78 5.44 -10.90 -12.49
CA LYS A 78 6.35 -9.87 -12.05
C LYS A 78 6.28 -8.70 -13.00
N LYS A 79 5.94 -7.57 -12.44
CA LYS A 79 5.85 -6.33 -13.20
C LYS A 79 7.11 -5.54 -13.03
N CYS A 80 7.56 -5.41 -11.80
CA CYS A 80 8.76 -4.66 -11.54
C CYS A 80 9.38 -5.10 -10.24
N SER A 81 10.65 -4.95 -10.16
CA SER A 81 11.38 -5.20 -8.97
C SER A 81 11.98 -3.88 -8.59
N GLY A 82 12.06 -3.59 -7.33
CA GLY A 82 12.61 -2.35 -6.99
C GLY A 82 12.56 -2.07 -5.55
N VAL A 83 12.31 -0.85 -5.27
CA VAL A 83 12.21 -0.37 -3.97
C VAL A 83 10.93 0.39 -3.86
N ALA A 84 10.27 0.24 -2.78
CA ALA A 84 8.99 0.84 -2.61
C ALA A 84 8.99 1.83 -1.53
N CYS A 85 8.15 2.80 -1.69
CA CYS A 85 7.93 3.77 -0.67
C CYS A 85 6.47 3.94 -0.42
N LEU A 86 6.09 3.81 0.80
CA LEU A 86 4.74 4.03 1.19
C LEU A 86 4.68 5.48 1.55
N VAL A 87 3.90 6.20 0.85
CA VAL A 87 3.77 7.60 1.06
C VAL A 87 2.43 7.89 1.70
N LYS A 88 2.45 8.74 2.66
CA LYS A 88 1.29 9.11 3.37
C LYS A 88 0.96 10.50 2.91
N ASP A 89 -0.13 10.60 2.19
CA ASP A 89 -0.55 11.85 1.64
C ASP A 89 -1.50 12.46 2.61
N ASN A 90 -0.98 13.33 3.41
CA ASN A 90 -1.73 13.91 4.51
C ASN A 90 -2.93 14.81 4.08
N PRO A 91 -2.78 15.72 3.05
CA PRO A 91 -3.90 16.53 2.54
C PRO A 91 -5.12 15.67 2.10
N GLN A 92 -4.84 14.56 1.41
CA GLN A 92 -5.89 13.63 0.93
C GLN A 92 -6.28 12.62 2.00
N ARG A 93 -5.52 12.60 3.12
CA ARG A 93 -5.77 11.70 4.29
C ARG A 93 -5.55 10.23 3.85
N SER A 94 -4.86 10.07 2.76
CA SER A 94 -4.73 8.81 2.11
C SER A 94 -3.31 8.22 2.21
N TYR A 95 -3.12 7.07 1.59
CA TYR A 95 -1.84 6.39 1.58
C TYR A 95 -1.55 5.91 0.18
N PHE A 96 -0.36 6.11 -0.27
CA PHE A 96 0.02 5.66 -1.59
C PHE A 96 1.18 4.73 -1.49
N LEU A 97 1.11 3.67 -2.20
CA LEU A 97 2.22 2.77 -2.27
C LEU A 97 2.82 3.01 -3.63
N ARG A 98 4.08 3.32 -3.67
CA ARG A 98 4.75 3.61 -4.91
C ARG A 98 5.88 2.64 -5.11
N ILE A 99 5.92 2.11 -6.29
CA ILE A 99 6.88 1.11 -6.70
C ILE A 99 7.74 1.67 -7.81
N PHE A 100 9.00 1.67 -7.59
CA PHE A 100 9.97 2.17 -8.49
C PHE A 100 11.14 1.23 -8.52
N ASP A 101 11.72 1.09 -9.69
CA ASP A 101 12.78 0.12 -9.92
C ASP A 101 14.01 0.46 -9.06
N ILE A 102 14.69 -0.56 -8.58
CA ILE A 102 15.82 -0.39 -7.67
C ILE A 102 17.02 0.23 -8.39
N LYS A 103 17.12 0.01 -9.67
CA LYS A 103 18.19 0.50 -10.44
C LYS A 103 17.78 1.82 -11.08
N ASP A 104 16.68 1.80 -11.79
CA ASP A 104 16.26 2.97 -12.54
C ASP A 104 15.53 3.99 -11.66
N GLY A 105 14.46 3.56 -11.02
CA GLY A 105 13.73 4.43 -10.10
C GLY A 105 12.74 5.37 -10.79
N LYS A 106 12.36 5.05 -12.02
CA LYS A 106 11.44 5.91 -12.81
C LYS A 106 10.04 6.08 -12.20
N LEU A 107 9.65 5.19 -11.28
CA LEU A 107 8.29 5.16 -10.69
C LEU A 107 7.27 4.82 -11.77
N LEU A 108 6.79 3.63 -11.74
CA LEU A 108 5.90 3.17 -12.80
C LEU A 108 4.67 2.50 -12.24
N TRP A 109 4.49 2.58 -10.95
CA TRP A 109 3.40 1.90 -10.32
C TRP A 109 3.11 2.60 -9.01
N GLU A 110 1.87 2.98 -8.83
CA GLU A 110 1.44 3.59 -7.59
C GLU A 110 -0.01 3.26 -7.35
N GLN A 111 -0.41 3.12 -6.11
CA GLN A 111 -1.81 2.98 -5.80
C GLN A 111 -2.11 3.57 -4.46
N GLU A 112 -3.26 4.15 -4.34
CA GLU A 112 -3.72 4.70 -3.10
C GLU A 112 -4.52 3.58 -2.45
N LEU A 113 -4.40 3.45 -1.16
CA LEU A 113 -5.01 2.36 -0.43
C LEU A 113 -6.47 2.64 -0.09
N TYR A 114 -7.04 1.79 0.72
CA TYR A 114 -8.43 1.92 1.07
C TYR A 114 -8.58 2.63 2.40
N ASN A 115 -9.81 3.01 2.70
CA ASN A 115 -10.12 3.57 3.99
C ASN A 115 -10.08 2.45 5.00
N ASN A 116 -10.92 1.44 4.80
CA ASN A 116 -10.90 0.26 5.62
C ASN A 116 -9.95 -0.74 4.99
N PHE A 117 -8.71 -0.64 5.34
CA PHE A 117 -7.68 -1.49 4.79
C PHE A 117 -7.32 -2.60 5.76
N VAL A 118 -7.22 -3.79 5.26
CA VAL A 118 -6.80 -4.92 6.04
C VAL A 118 -5.48 -5.37 5.44
N TYR A 119 -4.49 -5.72 6.27
CA TYR A 119 -3.26 -6.16 5.72
C TYR A 119 -3.36 -7.65 5.50
N ASN A 120 -3.17 -8.13 4.29
CA ASN A 120 -3.31 -9.55 4.05
C ASN A 120 -1.96 -10.21 3.97
N SER A 121 -1.81 -11.25 4.71
CA SER A 121 -0.58 -11.96 4.75
C SER A 121 -0.80 -13.45 4.50
N PRO A 122 -0.54 -13.93 3.28
CA PRO A 122 -0.59 -15.35 2.99
C PRO A 122 0.61 -16.03 3.64
N ARG A 123 1.69 -15.26 3.71
CA ARG A 123 2.91 -15.61 4.35
C ARG A 123 3.29 -14.39 5.13
N GLY A 124 4.16 -14.53 6.06
CA GLY A 124 4.68 -13.37 6.74
C GLY A 124 5.67 -12.69 5.84
N TYR A 125 6.27 -13.50 5.01
CA TYR A 125 7.31 -13.09 4.08
C TYR A 125 6.67 -12.30 2.94
N PHE A 126 5.70 -12.92 2.34
CA PHE A 126 5.07 -12.44 1.11
C PHE A 126 3.75 -11.85 1.44
N HIS A 127 3.49 -10.68 0.93
CA HIS A 127 2.29 -9.96 1.32
C HIS A 127 1.40 -9.76 0.12
N THR A 128 0.10 -9.77 0.34
CA THR A 128 -0.86 -9.64 -0.74
C THR A 128 -1.95 -8.68 -0.35
N PHE A 129 -2.45 -7.94 -1.28
CA PHE A 129 -3.68 -7.14 -1.05
C PHE A 129 -4.34 -6.73 -2.35
N ALA A 130 -5.53 -6.20 -2.27
CA ALA A 130 -6.25 -5.80 -3.45
C ALA A 130 -5.77 -4.43 -3.93
N GLY A 131 -5.62 -4.31 -5.22
CA GLY A 131 -5.14 -3.10 -5.81
C GLY A 131 -6.26 -2.22 -6.28
N ASP A 132 -6.13 -1.73 -7.49
CA ASP A 132 -7.17 -0.91 -8.09
C ASP A 132 -8.39 -1.76 -8.42
N THR A 133 -8.20 -2.67 -9.35
CA THR A 133 -9.25 -3.59 -9.73
C THR A 133 -8.64 -5.01 -9.83
N CYS A 134 -7.43 -5.16 -9.31
CA CYS A 134 -6.72 -6.41 -9.42
C CYS A 134 -6.16 -6.79 -8.05
N GLN A 135 -5.42 -7.86 -8.01
CA GLN A 135 -4.81 -8.36 -6.79
C GLN A 135 -3.30 -8.10 -6.93
N VAL A 136 -2.73 -7.41 -5.97
CA VAL A 136 -1.34 -7.07 -6.00
C VAL A 136 -0.61 -7.72 -4.84
N ALA A 137 0.61 -8.04 -5.05
CA ALA A 137 1.38 -8.68 -4.03
C ALA A 137 2.76 -8.10 -3.96
N LEU A 138 3.30 -8.14 -2.79
CA LEU A 138 4.64 -7.67 -2.58
C LEU A 138 5.53 -8.80 -2.12
N ASN A 139 6.69 -8.88 -2.72
CA ASN A 139 7.67 -9.87 -2.35
C ASN A 139 8.83 -9.14 -1.74
N PHE A 140 9.34 -9.66 -0.69
CA PHE A 140 10.35 -8.99 0.11
C PHE A 140 11.75 -9.24 -0.42
N ALA A 141 12.64 -8.32 -0.13
CA ALA A 141 14.06 -8.54 -0.36
C ALA A 141 14.66 -8.95 0.96
N ASN A 142 14.11 -8.36 2.02
CA ASN A 142 14.50 -8.62 3.38
C ASN A 142 13.27 -8.73 4.22
N GLU A 143 13.21 -9.74 5.06
CA GLU A 143 12.06 -10.00 5.92
C GLU A 143 11.83 -8.89 6.91
N GLU A 144 12.91 -8.24 7.33
CA GLU A 144 12.83 -7.22 8.36
C GLU A 144 12.04 -6.03 7.85
N GLU A 145 12.44 -5.48 6.69
CA GLU A 145 11.77 -4.31 6.13
C GLU A 145 10.34 -4.61 5.72
N ALA A 146 10.09 -5.85 5.35
CA ALA A 146 8.78 -6.24 4.88
C ALA A 146 7.80 -6.18 6.01
N LYS A 147 8.25 -6.61 7.15
CA LYS A 147 7.47 -6.58 8.36
C LYS A 147 7.27 -5.14 8.80
N LYS A 148 8.25 -4.31 8.51
CA LYS A 148 8.22 -2.93 8.95
C LYS A 148 7.12 -2.18 8.27
N PHE A 149 7.07 -2.21 6.93
CA PHE A 149 6.04 -1.47 6.22
C PHE A 149 4.67 -2.08 6.46
N ARG A 150 4.64 -3.40 6.60
CA ARG A 150 3.41 -4.11 6.91
C ARG A 150 2.76 -3.60 8.16
N LYS A 151 3.52 -3.55 9.19
CA LYS A 151 3.01 -3.21 10.47
C LYS A 151 2.77 -1.72 10.49
N ALA A 152 3.67 -0.99 9.86
CA ALA A 152 3.55 0.46 9.78
C ALA A 152 2.26 0.88 9.12
N VAL A 153 1.94 0.29 7.95
CA VAL A 153 0.74 0.70 7.24
C VAL A 153 -0.51 0.35 8.03
N THR A 154 -0.55 -0.86 8.49
CA THR A 154 -1.67 -1.34 9.21
C THR A 154 -1.83 -0.73 10.65
N ASP A 155 -0.72 -0.35 11.26
CA ASP A 155 -0.75 0.29 12.60
C ASP A 155 -1.19 1.74 12.48
N LEU A 156 -0.55 2.46 11.58
CA LEU A 156 -0.82 3.86 11.31
C LEU A 156 -2.21 4.08 10.81
N LEU A 157 -2.71 3.09 10.12
CA LEU A 157 -4.06 3.09 9.58
C LEU A 157 -5.10 3.35 10.69
N GLY A 158 -4.81 2.88 11.91
CA GLY A 158 -5.72 3.05 13.02
C GLY A 158 -5.87 4.51 13.42
N ARG A 159 -4.76 5.22 13.50
CA ARG A 159 -4.80 6.64 13.84
C ARG A 159 -5.16 7.47 12.63
N ARG A 160 -4.41 7.24 11.57
CA ARG A 160 -4.52 7.90 10.26
C ARG A 160 -4.10 9.38 10.33
N GLN A 161 -4.69 10.14 11.23
CA GLN A 161 -4.30 11.51 11.43
C GLN A 161 -3.23 11.55 12.51
N ARG A 162 -2.05 11.18 12.11
CA ARG A 162 -0.88 11.13 12.95
C ARG A 162 0.23 10.67 12.03
N LYS A 163 1.46 11.06 12.32
CA LYS A 163 2.60 10.79 11.46
C LYS A 163 2.49 11.47 10.11
N SER A 164 2.85 12.70 10.10
CA SER A 164 2.98 13.47 8.90
C SER A 164 4.42 13.95 8.87
N GLU A 165 5.23 13.32 9.72
CA GLU A 165 6.62 13.60 9.84
C GLU A 165 7.32 13.20 8.56
N LYS A 166 8.07 14.12 8.01
CA LYS A 166 8.71 13.92 6.75
C LYS A 166 9.88 12.96 6.86
N ARG A 167 9.61 11.71 6.57
CA ARG A 167 10.63 10.69 6.54
C ARG A 167 10.92 10.36 5.11
N ARG A 168 12.16 10.07 4.81
CA ARG A 168 12.57 9.71 3.48
C ARG A 168 13.93 9.06 3.58
N ASP A 169 14.28 8.28 2.59
CA ASP A 169 15.56 7.61 2.55
C ASP A 169 16.18 7.82 1.18
N GLY A 1 14.09 -16.37 8.94
CA GLY A 1 15.07 -16.15 7.88
C GLY A 1 16.30 -15.47 8.41
N SER A 2 17.40 -16.18 8.46
CA SER A 2 18.64 -15.64 8.98
C SER A 2 19.72 -15.62 7.89
N GLU A 3 19.34 -15.94 6.69
CA GLU A 3 20.25 -15.97 5.59
C GLU A 3 20.21 -14.63 4.86
N SER A 4 21.37 -14.00 4.70
CA SER A 4 21.46 -12.69 4.07
C SER A 4 21.35 -12.80 2.55
N ARG A 5 21.56 -14.01 2.05
CA ARG A 5 21.38 -14.29 0.67
C ARG A 5 19.89 -14.54 0.47
N PHE A 6 19.22 -13.54 0.00
CA PHE A 6 17.78 -13.52 -0.07
C PHE A 6 17.17 -14.20 -1.29
N TYR A 7 15.93 -14.65 -1.11
CA TYR A 7 15.13 -15.21 -2.18
C TYR A 7 13.94 -14.34 -2.47
N PHE A 8 13.52 -14.41 -3.70
CA PHE A 8 12.33 -13.75 -4.20
C PHE A 8 11.70 -14.68 -5.21
N HIS A 9 12.52 -15.07 -6.17
CA HIS A 9 12.13 -16.03 -7.16
C HIS A 9 12.45 -17.45 -6.70
N PRO A 10 11.81 -18.49 -7.29
CA PRO A 10 10.81 -18.33 -8.32
C PRO A 10 9.39 -18.19 -7.78
N ILE A 11 8.48 -17.85 -8.67
CA ILE A 11 7.05 -17.70 -8.38
C ILE A 11 6.48 -19.00 -7.80
N SER A 12 7.12 -20.09 -8.16
CA SER A 12 6.76 -21.43 -7.70
C SER A 12 6.76 -21.55 -6.15
N ASP A 13 7.49 -20.68 -5.46
CA ASP A 13 7.52 -20.70 -4.00
C ASP A 13 6.57 -19.70 -3.40
N LEU A 14 5.94 -18.94 -4.24
CA LEU A 14 5.02 -17.92 -3.78
C LEU A 14 3.62 -18.50 -3.77
N PRO A 15 2.86 -18.30 -2.69
CA PRO A 15 1.48 -18.79 -2.61
C PRO A 15 0.66 -18.23 -3.77
N PRO A 16 -0.20 -19.06 -4.37
CA PRO A 16 -1.01 -18.64 -5.50
C PRO A 16 -2.00 -17.54 -5.12
N PRO A 17 -2.21 -16.57 -6.03
CA PRO A 17 -3.13 -15.49 -5.81
C PRO A 17 -4.57 -15.98 -5.76
N GLU A 18 -5.42 -15.12 -5.34
CA GLU A 18 -6.81 -15.40 -5.17
C GLU A 18 -7.59 -14.18 -5.56
N PRO A 19 -8.78 -14.35 -6.12
CA PRO A 19 -9.69 -13.24 -6.30
C PRO A 19 -9.99 -12.70 -4.91
N TYR A 20 -9.76 -11.44 -4.70
CA TYR A 20 -9.89 -10.93 -3.37
C TYR A 20 -11.33 -10.80 -2.94
N VAL A 21 -11.67 -11.57 -1.95
CA VAL A 21 -12.99 -11.59 -1.40
C VAL A 21 -13.07 -10.60 -0.24
N GLN A 22 -13.12 -9.36 -0.60
CA GLN A 22 -13.17 -8.30 0.35
C GLN A 22 -14.46 -7.55 0.15
N THR A 23 -15.00 -7.03 1.19
CA THR A 23 -16.20 -6.25 1.12
C THR A 23 -15.86 -4.89 0.51
N THR A 24 -16.89 -4.12 0.16
CA THR A 24 -16.70 -2.83 -0.47
C THR A 24 -15.81 -1.90 0.37
N LYS A 25 -14.72 -1.52 -0.23
CA LYS A 25 -13.71 -0.70 0.38
C LYS A 25 -13.78 0.70 -0.19
N SER A 26 -13.57 1.67 0.65
CA SER A 26 -13.60 3.05 0.22
C SER A 26 -12.20 3.67 0.32
N TYR A 27 -11.88 4.56 -0.59
CA TYR A 27 -10.58 5.21 -0.63
C TYR A 27 -10.62 6.50 0.17
N PRO A 28 -9.62 6.76 1.05
CA PRO A 28 -9.57 8.00 1.84
C PRO A 28 -9.57 9.26 0.97
N SER A 29 -8.85 9.22 -0.15
CA SER A 29 -8.77 10.38 -1.03
C SER A 29 -10.12 10.71 -1.64
N LYS A 30 -10.83 9.68 -2.04
CA LYS A 30 -12.10 9.83 -2.70
C LYS A 30 -13.20 10.12 -1.68
N LEU A 31 -12.97 9.73 -0.43
CA LEU A 31 -13.90 10.01 0.65
C LEU A 31 -13.75 11.47 1.06
N ALA A 32 -12.48 11.88 1.16
CA ALA A 32 -12.06 13.27 1.43
C ALA A 32 -12.44 13.77 2.82
N ARG A 33 -12.96 12.90 3.65
CA ARG A 33 -13.36 13.27 4.99
C ARG A 33 -12.88 12.29 6.02
N ASN A 34 -12.64 12.79 7.21
CA ASN A 34 -12.27 11.98 8.34
C ASN A 34 -13.37 12.09 9.38
N GLU A 35 -14.39 11.28 9.22
CA GLU A 35 -15.51 11.26 10.14
C GLU A 35 -15.92 9.83 10.41
N SER A 36 -15.96 9.03 9.35
CA SER A 36 -16.35 7.63 9.40
C SER A 36 -17.83 7.50 9.76
N ARG A 37 -18.60 8.54 9.44
CA ARG A 37 -20.01 8.57 9.70
C ARG A 37 -20.72 8.43 8.36
N GLY A 38 -21.57 7.46 8.25
CA GLY A 38 -22.29 7.27 7.03
C GLY A 38 -23.68 6.76 7.30
N GLY A 39 -24.65 7.31 6.62
CA GLY A 39 -26.00 6.90 6.80
C GLY A 39 -26.68 7.67 7.88
N LEU A 40 -27.57 7.01 8.59
CA LEU A 40 -28.34 7.65 9.64
C LEU A 40 -27.73 7.30 11.01
N VAL A 41 -26.58 6.67 10.96
CA VAL A 41 -25.86 6.28 12.16
C VAL A 41 -25.14 7.49 12.76
N PRO A 42 -25.50 7.89 13.99
CA PRO A 42 -24.89 9.03 14.64
C PRO A 42 -23.49 8.72 15.13
N ARG A 43 -22.53 9.46 14.65
CA ARG A 43 -21.14 9.35 15.05
C ARG A 43 -20.52 10.72 15.02
N GLY A 44 -19.41 10.90 15.74
CA GLY A 44 -18.71 12.16 15.78
C GLY A 44 -18.33 12.64 14.40
N SER A 45 -18.89 13.73 13.99
CA SER A 45 -18.66 14.26 12.68
C SER A 45 -17.86 15.55 12.76
N GLY A 46 -17.55 16.11 11.62
CA GLY A 46 -16.80 17.33 11.57
C GLY A 46 -16.36 17.65 10.16
N GLY A 47 -15.61 16.74 9.58
CA GLY A 47 -15.15 16.92 8.24
C GLY A 47 -13.66 16.75 8.14
N SER A 48 -13.00 17.75 7.62
CA SER A 48 -11.55 17.76 7.50
C SER A 48 -11.04 19.19 7.39
N LEU A 49 -10.43 19.67 8.44
CA LEU A 49 -9.90 21.01 8.46
C LEU A 49 -8.39 20.97 8.37
N PHE A 50 -7.79 22.15 8.47
CA PHE A 50 -6.34 22.35 8.47
C PHE A 50 -5.72 22.03 7.11
N SER A 51 -5.67 23.03 6.27
CA SER A 51 -5.07 22.88 4.96
C SER A 51 -3.61 23.28 5.01
N PHE A 52 -2.74 22.32 4.85
CA PHE A 52 -1.31 22.57 4.85
C PHE A 52 -0.78 22.26 3.48
N LEU A 53 0.08 23.08 2.95
CA LEU A 53 0.67 22.85 1.66
C LEU A 53 2.18 22.95 1.76
N GLY A 54 2.88 22.28 0.87
CA GLY A 54 4.32 22.36 0.86
C GLY A 54 4.97 21.16 1.52
N LYS A 55 4.17 20.28 2.07
CA LYS A 55 4.70 19.10 2.75
C LYS A 55 5.03 18.00 1.77
N LYS A 56 4.30 17.98 0.66
CA LYS A 56 4.43 16.94 -0.36
C LYS A 56 4.04 15.58 0.23
N CYS A 57 4.45 14.54 -0.44
CA CYS A 57 4.20 13.20 -0.01
C CYS A 57 5.24 12.78 1.02
N VAL A 58 4.81 12.32 2.16
CA VAL A 58 5.73 11.89 3.17
C VAL A 58 5.78 10.35 3.22
N THR A 59 6.98 9.82 3.27
CA THR A 59 7.16 8.39 3.31
C THR A 59 7.06 7.86 4.75
N MET A 60 6.34 6.79 4.91
CA MET A 60 6.13 6.16 6.20
C MET A 60 7.03 4.95 6.37
N SER A 61 7.33 4.29 5.29
CA SER A 61 8.17 3.13 5.33
C SER A 61 8.72 2.83 3.96
N SER A 62 9.88 2.22 3.91
CA SER A 62 10.49 1.85 2.67
C SER A 62 11.34 0.60 2.85
N ALA A 63 11.21 -0.33 1.94
CA ALA A 63 11.92 -1.60 1.99
C ALA A 63 12.23 -2.07 0.59
N VAL A 64 13.26 -2.89 0.43
CA VAL A 64 13.62 -3.42 -0.88
C VAL A 64 12.70 -4.59 -1.20
N VAL A 65 11.94 -4.47 -2.28
CA VAL A 65 10.92 -5.46 -2.62
C VAL A 65 10.75 -5.59 -4.13
N GLN A 66 9.91 -6.51 -4.53
CA GLN A 66 9.50 -6.59 -5.90
C GLN A 66 8.02 -6.83 -5.97
N LEU A 67 7.40 -6.28 -6.97
CA LEU A 67 5.97 -6.29 -7.11
C LEU A 67 5.52 -7.32 -8.13
N TYR A 68 4.61 -8.13 -7.69
CA TYR A 68 3.94 -9.09 -8.52
C TYR A 68 2.50 -8.72 -8.64
N ALA A 69 1.99 -8.85 -9.82
CA ALA A 69 0.61 -8.62 -10.09
C ALA A 69 0.02 -9.96 -10.41
N ALA A 70 -1.23 -10.14 -10.11
CA ALA A 70 -1.83 -11.41 -10.33
C ALA A 70 -2.28 -11.58 -11.76
N ASP A 71 -1.88 -12.67 -12.31
CA ASP A 71 -2.33 -13.13 -13.59
C ASP A 71 -3.64 -13.83 -13.29
N ARG A 72 -4.46 -14.05 -14.33
CA ARG A 72 -5.88 -14.50 -14.23
C ARG A 72 -6.39 -14.63 -12.77
N ASN A 73 -6.55 -15.82 -12.28
CA ASN A 73 -6.91 -15.97 -10.88
C ASN A 73 -5.87 -16.69 -10.04
N CYS A 74 -4.79 -17.17 -10.66
CA CYS A 74 -3.89 -18.06 -9.89
C CYS A 74 -2.40 -18.12 -10.32
N MET A 75 -1.85 -17.02 -10.79
CA MET A 75 -0.42 -17.02 -11.13
C MET A 75 0.10 -15.59 -10.91
N TRP A 76 1.35 -15.42 -10.52
CA TRP A 76 1.90 -14.08 -10.28
C TRP A 76 2.81 -13.63 -11.40
N SER A 77 2.66 -12.40 -11.81
CA SER A 77 3.46 -11.84 -12.87
C SER A 77 4.29 -10.69 -12.32
N LYS A 78 5.58 -10.80 -12.49
CA LYS A 78 6.52 -9.81 -12.03
C LYS A 78 6.40 -8.58 -12.89
N LYS A 79 6.11 -7.50 -12.26
CA LYS A 79 5.88 -6.26 -12.95
C LYS A 79 7.02 -5.28 -12.75
N CYS A 80 7.46 -5.14 -11.53
CA CYS A 80 8.55 -4.23 -11.25
C CYS A 80 9.30 -4.69 -10.03
N SER A 81 10.55 -4.35 -9.94
CA SER A 81 11.36 -4.67 -8.81
C SER A 81 12.15 -3.45 -8.39
N GLY A 82 12.32 -3.29 -7.10
CA GLY A 82 13.06 -2.16 -6.62
C GLY A 82 12.88 -1.96 -5.16
N VAL A 83 12.41 -0.82 -4.81
CA VAL A 83 12.18 -0.47 -3.45
C VAL A 83 10.76 0.06 -3.33
N ALA A 84 10.12 -0.18 -2.22
CA ALA A 84 8.77 0.27 -2.00
C ALA A 84 8.73 1.35 -0.99
N CYS A 85 7.77 2.23 -1.13
CA CYS A 85 7.56 3.23 -0.14
C CYS A 85 6.09 3.39 0.15
N LEU A 86 5.74 3.36 1.39
CA LEU A 86 4.38 3.65 1.78
C LEU A 86 4.34 5.14 2.00
N VAL A 87 3.52 5.79 1.26
CA VAL A 87 3.45 7.20 1.26
C VAL A 87 2.13 7.70 1.82
N LYS A 88 2.20 8.71 2.64
CA LYS A 88 1.04 9.40 3.11
C LYS A 88 1.07 10.73 2.41
N ASP A 89 0.10 10.98 1.59
CA ASP A 89 0.09 12.19 0.81
C ASP A 89 -0.74 13.25 1.48
N ASN A 90 -0.13 14.38 1.72
CA ASN A 90 -0.79 15.49 2.40
C ASN A 90 -1.92 16.14 1.55
N PRO A 91 -1.69 16.50 0.23
CA PRO A 91 -2.73 17.10 -0.61
C PRO A 91 -3.99 16.24 -0.77
N GLN A 92 -3.83 14.95 -1.00
CA GLN A 92 -4.99 14.07 -1.15
C GLN A 92 -5.47 13.55 0.19
N ARG A 93 -4.63 13.77 1.22
CA ARG A 93 -4.90 13.36 2.62
C ARG A 93 -5.10 11.84 2.75
N SER A 94 -4.56 11.11 1.81
CA SER A 94 -4.73 9.69 1.74
C SER A 94 -3.37 8.96 1.73
N TYR A 95 -3.38 7.69 1.38
CA TYR A 95 -2.18 6.91 1.36
C TYR A 95 -1.90 6.39 -0.03
N PHE A 96 -0.67 6.39 -0.40
CA PHE A 96 -0.27 5.85 -1.67
C PHE A 96 0.86 4.89 -1.46
N LEU A 97 0.79 3.78 -2.10
CA LEU A 97 1.87 2.85 -2.04
C LEU A 97 2.58 3.01 -3.36
N ARG A 98 3.86 3.28 -3.31
CA ARG A 98 4.61 3.44 -4.52
C ARG A 98 5.72 2.44 -4.59
N ILE A 99 5.85 1.84 -5.72
CA ILE A 99 6.90 0.91 -6.00
C ILE A 99 7.79 1.58 -7.01
N PHE A 100 9.02 1.75 -6.66
CA PHE A 100 9.96 2.43 -7.49
C PHE A 100 11.02 1.53 -8.02
N ASP A 101 11.16 1.64 -9.30
CA ASP A 101 12.06 0.86 -10.09
C ASP A 101 13.52 1.11 -9.72
N ILE A 102 14.27 0.04 -9.57
CA ILE A 102 15.68 0.13 -9.22
C ILE A 102 16.57 0.29 -10.49
N LYS A 103 16.02 -0.06 -11.64
CA LYS A 103 16.78 -0.05 -12.88
C LYS A 103 17.06 1.37 -13.36
N ASP A 104 16.02 2.10 -13.59
CA ASP A 104 16.09 3.49 -14.03
C ASP A 104 15.77 4.41 -12.86
N GLY A 105 14.77 4.02 -12.09
CA GLY A 105 14.36 4.83 -10.96
C GLY A 105 13.21 5.71 -11.31
N LYS A 106 12.53 5.36 -12.37
CA LYS A 106 11.41 6.12 -12.90
C LYS A 106 10.20 6.16 -11.95
N LEU A 107 9.92 5.04 -11.27
CA LEU A 107 8.73 4.90 -10.40
C LEU A 107 7.47 4.98 -11.26
N LEU A 108 6.85 3.86 -11.48
CA LEU A 108 5.73 3.79 -12.38
C LEU A 108 4.57 3.04 -11.76
N TRP A 109 4.57 2.92 -10.46
CA TRP A 109 3.53 2.19 -9.83
C TRP A 109 3.17 2.90 -8.55
N GLU A 110 1.91 3.23 -8.43
CA GLU A 110 1.36 3.81 -7.24
C GLU A 110 -0.09 3.45 -7.13
N GLN A 111 -0.57 3.28 -5.93
CA GLN A 111 -1.99 3.11 -5.73
C GLN A 111 -2.41 3.73 -4.44
N GLU A 112 -3.59 4.29 -4.42
CA GLU A 112 -4.13 4.89 -3.24
C GLU A 112 -4.82 3.77 -2.49
N LEU A 113 -4.68 3.76 -1.21
CA LEU A 113 -5.16 2.69 -0.37
C LEU A 113 -6.64 2.78 -0.06
N TYR A 114 -7.08 1.87 0.75
CA TYR A 114 -8.44 1.82 1.19
C TYR A 114 -8.46 2.22 2.63
N ASN A 115 -9.47 2.95 3.02
CA ASN A 115 -9.57 3.47 4.38
C ASN A 115 -10.12 2.37 5.32
N ASN A 116 -10.22 1.18 4.79
CA ASN A 116 -10.75 0.03 5.50
C ASN A 116 -9.78 -1.13 5.30
N PHE A 117 -8.54 -0.79 4.96
CA PHE A 117 -7.55 -1.78 4.58
C PHE A 117 -6.87 -2.46 5.78
N VAL A 118 -6.89 -3.77 5.75
CA VAL A 118 -6.15 -4.58 6.69
C VAL A 118 -5.06 -5.28 5.87
N TYR A 119 -3.91 -5.48 6.44
CA TYR A 119 -2.81 -5.97 5.69
C TYR A 119 -2.81 -7.50 5.66
N ASN A 120 -2.43 -8.12 4.52
CA ASN A 120 -2.47 -9.56 4.39
C ASN A 120 -1.04 -10.11 4.29
N SER A 121 -0.68 -11.01 5.19
CA SER A 121 0.65 -11.60 5.18
C SER A 121 0.56 -13.13 5.19
N PRO A 122 0.72 -13.78 4.04
CA PRO A 122 0.67 -15.23 3.95
C PRO A 122 2.04 -15.93 4.11
N ARG A 123 3.12 -15.30 3.66
CA ARG A 123 4.42 -15.95 3.68
C ARG A 123 5.41 -15.05 4.43
N GLY A 124 6.56 -15.61 4.81
CA GLY A 124 7.59 -14.88 5.54
C GLY A 124 8.56 -14.16 4.63
N TYR A 125 8.22 -14.04 3.36
CA TYR A 125 8.99 -13.25 2.40
C TYR A 125 8.08 -12.76 1.29
N PHE A 126 6.78 -12.91 1.52
CA PHE A 126 5.76 -12.57 0.54
C PHE A 126 4.51 -12.08 1.25
N HIS A 127 4.04 -10.92 0.86
CA HIS A 127 2.81 -10.34 1.40
C HIS A 127 1.86 -10.06 0.25
N THR A 128 0.57 -10.11 0.52
CA THR A 128 -0.42 -9.87 -0.49
C THR A 128 -1.10 -8.54 -0.20
N PHE A 129 -1.38 -7.80 -1.23
CA PHE A 129 -1.95 -6.50 -1.06
C PHE A 129 -3.13 -6.35 -2.02
N ALA A 130 -4.09 -5.57 -1.62
CA ALA A 130 -5.31 -5.40 -2.41
C ALA A 130 -5.15 -4.31 -3.44
N GLY A 131 -5.37 -4.66 -4.69
CA GLY A 131 -5.24 -3.71 -5.76
C GLY A 131 -6.58 -3.10 -6.14
N ASP A 132 -6.51 -2.17 -7.08
CA ASP A 132 -7.68 -1.44 -7.57
C ASP A 132 -8.67 -2.38 -8.26
N THR A 133 -8.15 -3.13 -9.21
CA THR A 133 -8.97 -4.02 -9.99
C THR A 133 -8.27 -5.37 -10.18
N CYS A 134 -7.17 -5.56 -9.49
CA CYS A 134 -6.41 -6.76 -9.60
C CYS A 134 -5.74 -7.01 -8.26
N GLN A 135 -5.00 -8.07 -8.15
CA GLN A 135 -4.37 -8.43 -6.91
C GLN A 135 -2.87 -8.19 -7.07
N VAL A 136 -2.24 -7.65 -6.05
CA VAL A 136 -0.84 -7.36 -6.07
C VAL A 136 -0.17 -7.98 -4.86
N ALA A 137 1.10 -8.24 -4.96
CA ALA A 137 1.83 -8.86 -3.87
C ALA A 137 3.23 -8.34 -3.82
N LEU A 138 3.80 -8.33 -2.63
CA LEU A 138 5.16 -7.85 -2.47
C LEU A 138 6.05 -8.94 -1.91
N ASN A 139 7.22 -9.08 -2.50
CA ASN A 139 8.27 -9.93 -1.95
C ASN A 139 9.32 -9.06 -1.41
N PHE A 140 9.90 -9.46 -0.34
CA PHE A 140 10.86 -8.63 0.34
C PHE A 140 12.03 -9.46 0.85
N ALA A 141 13.12 -8.79 1.13
CA ALA A 141 14.31 -9.44 1.64
C ALA A 141 14.47 -9.21 3.14
N ASN A 142 13.48 -8.58 3.75
CA ASN A 142 13.54 -8.21 5.16
C ASN A 142 12.19 -8.39 5.82
N GLU A 143 11.91 -9.56 6.41
CA GLU A 143 10.59 -9.77 7.05
C GLU A 143 10.48 -8.91 8.29
N GLU A 144 11.60 -8.65 8.96
CA GLU A 144 11.57 -7.85 10.18
C GLU A 144 11.10 -6.44 9.85
N GLU A 145 11.62 -5.91 8.76
CA GLU A 145 11.24 -4.61 8.24
C GLU A 145 9.83 -4.66 7.61
N ALA A 146 9.49 -5.81 7.08
CA ALA A 146 8.21 -6.04 6.45
C ALA A 146 7.13 -6.12 7.48
N LYS A 147 7.47 -6.74 8.57
CA LYS A 147 6.69 -6.86 9.79
C LYS A 147 6.31 -5.49 10.27
N LYS A 148 7.24 -4.57 10.11
CA LYS A 148 7.03 -3.23 10.54
C LYS A 148 6.02 -2.56 9.66
N PHE A 149 6.23 -2.58 8.33
CA PHE A 149 5.30 -1.87 7.47
C PHE A 149 3.94 -2.54 7.41
N ARG A 150 3.88 -3.87 7.50
CA ARG A 150 2.58 -4.56 7.52
C ARG A 150 1.76 -4.17 8.74
N LYS A 151 2.44 -3.89 9.81
CA LYS A 151 1.80 -3.47 11.03
C LYS A 151 1.49 -2.00 10.91
N ALA A 152 2.50 -1.25 10.48
CA ALA A 152 2.40 0.21 10.31
C ALA A 152 1.24 0.61 9.42
N VAL A 153 1.11 0.00 8.24
CA VAL A 153 0.02 0.33 7.31
C VAL A 153 -1.33 0.13 7.99
N THR A 154 -1.52 -1.05 8.51
CA THR A 154 -2.75 -1.42 9.17
C THR A 154 -3.00 -0.63 10.50
N ASP A 155 -1.93 -0.24 11.16
CA ASP A 155 -2.03 0.54 12.39
C ASP A 155 -2.38 1.98 12.07
N LEU A 156 -1.61 2.53 11.16
CA LEU A 156 -1.72 3.91 10.75
C LEU A 156 -3.03 4.15 10.04
N LEU A 157 -3.54 3.13 9.39
CA LEU A 157 -4.83 3.16 8.74
C LEU A 157 -5.91 3.68 9.74
N GLY A 158 -5.81 3.22 10.98
CA GLY A 158 -6.72 3.66 12.01
C GLY A 158 -6.39 5.06 12.55
N ARG A 159 -5.10 5.41 12.56
CA ARG A 159 -4.65 6.70 13.09
C ARG A 159 -4.93 7.81 12.07
N ARG A 160 -4.60 7.52 10.83
CA ARG A 160 -4.94 8.32 9.64
C ARG A 160 -4.14 9.64 9.47
N GLN A 161 -3.79 10.31 10.56
CA GLN A 161 -3.07 11.57 10.41
C GLN A 161 -1.56 11.44 10.59
N ARG A 162 -1.08 11.29 11.81
CA ARG A 162 0.36 11.25 12.05
C ARG A 162 0.94 9.86 11.80
N LYS A 163 2.01 9.81 11.04
CA LYS A 163 2.70 8.55 10.76
C LYS A 163 3.56 8.15 11.96
N SER A 164 3.83 6.87 12.11
CA SER A 164 4.62 6.39 13.24
C SER A 164 5.97 5.82 12.80
N GLU A 165 6.33 6.08 11.58
CA GLU A 165 7.57 5.60 11.01
C GLU A 165 7.90 6.45 9.81
N LYS A 166 9.14 6.41 9.37
CA LYS A 166 9.59 7.16 8.23
C LYS A 166 10.33 6.19 7.28
N ARG A 167 11.20 5.35 7.84
CA ARG A 167 11.98 4.36 7.06
C ARG A 167 12.47 3.23 7.98
N ARG A 168 13.51 3.58 8.71
CA ARG A 168 14.32 2.72 9.54
C ARG A 168 15.43 3.62 9.99
N ASP A 169 16.03 4.23 8.98
CA ASP A 169 17.11 5.17 9.12
C ASP A 169 16.78 6.38 8.28
N GLY A 1 15.19 -15.65 9.47
CA GLY A 1 16.19 -14.72 9.98
C GLY A 1 17.20 -14.36 8.91
N SER A 2 16.70 -14.02 7.72
CA SER A 2 17.52 -13.61 6.58
C SER A 2 18.56 -14.68 6.25
N GLU A 3 18.12 -15.95 6.23
CA GLU A 3 19.00 -17.11 6.00
C GLU A 3 19.83 -16.97 4.70
N SER A 4 19.19 -16.57 3.63
CA SER A 4 19.85 -16.34 2.36
C SER A 4 19.90 -14.84 2.08
N ARG A 5 19.80 -14.07 3.17
CA ARG A 5 19.81 -12.60 3.16
C ARG A 5 18.52 -12.00 2.59
N PHE A 6 18.25 -12.29 1.33
CA PHE A 6 17.10 -11.73 0.65
C PHE A 6 16.32 -12.86 -0.02
N TYR A 7 15.00 -12.77 -0.02
CA TYR A 7 14.19 -13.71 -0.79
C TYR A 7 13.18 -13.02 -1.64
N PHE A 8 13.33 -13.22 -2.87
CA PHE A 8 12.40 -12.79 -3.87
C PHE A 8 12.01 -14.06 -4.61
N HIS A 9 13.03 -14.80 -5.02
CA HIS A 9 12.84 -16.13 -5.55
C HIS A 9 12.90 -17.10 -4.37
N PRO A 10 12.38 -18.32 -4.49
CA PRO A 10 11.71 -18.82 -5.67
C PRO A 10 10.20 -18.58 -5.62
N ILE A 11 9.61 -18.36 -6.79
CA ILE A 11 8.17 -18.13 -6.89
C ILE A 11 7.45 -19.45 -6.49
N SER A 12 8.16 -20.53 -6.67
CA SER A 12 7.68 -21.86 -6.31
C SER A 12 7.41 -21.96 -4.77
N ASP A 13 8.08 -21.12 -4.00
CA ASP A 13 7.93 -21.12 -2.54
C ASP A 13 6.85 -20.11 -2.12
N LEU A 14 6.55 -19.23 -3.02
CA LEU A 14 5.57 -18.19 -2.80
C LEU A 14 4.16 -18.75 -3.07
N PRO A 15 3.21 -18.53 -2.14
CA PRO A 15 1.82 -18.96 -2.31
C PRO A 15 1.17 -18.25 -3.50
N PRO A 16 0.36 -19.00 -4.28
CA PRO A 16 -0.32 -18.46 -5.45
C PRO A 16 -1.37 -17.43 -5.08
N PRO A 17 -1.68 -16.51 -6.00
CA PRO A 17 -2.65 -15.48 -5.77
C PRO A 17 -4.04 -16.01 -5.81
N GLU A 18 -4.97 -15.13 -5.59
CA GLU A 18 -6.35 -15.48 -5.58
C GLU A 18 -7.10 -14.42 -6.33
N PRO A 19 -8.33 -14.69 -6.76
CA PRO A 19 -9.19 -13.68 -7.32
C PRO A 19 -9.61 -12.73 -6.21
N TYR A 20 -9.53 -11.45 -6.44
CA TYR A 20 -9.91 -10.52 -5.42
C TYR A 20 -11.43 -10.48 -5.37
N VAL A 21 -11.98 -10.93 -4.27
CA VAL A 21 -13.40 -11.01 -4.11
C VAL A 21 -13.79 -10.28 -2.84
N GLN A 22 -13.77 -9.00 -2.95
CA GLN A 22 -14.11 -8.13 -1.88
C GLN A 22 -14.99 -7.07 -2.45
N THR A 23 -15.87 -6.56 -1.66
CA THR A 23 -16.77 -5.56 -2.14
C THR A 23 -16.00 -4.26 -2.32
N THR A 24 -16.40 -3.49 -3.31
CA THR A 24 -15.71 -2.27 -3.68
C THR A 24 -15.59 -1.33 -2.50
N LYS A 25 -14.37 -0.97 -2.19
CA LYS A 25 -14.11 -0.10 -1.09
C LYS A 25 -14.04 1.31 -1.57
N SER A 26 -14.16 2.21 -0.66
CA SER A 26 -14.10 3.60 -0.95
C SER A 26 -12.70 4.14 -0.68
N TYR A 27 -12.32 5.14 -1.42
CA TYR A 27 -11.06 5.83 -1.18
C TYR A 27 -11.36 7.12 -0.45
N PRO A 28 -10.50 7.53 0.49
CA PRO A 28 -10.66 8.81 1.17
C PRO A 28 -9.89 9.92 0.47
N SER A 29 -8.94 9.52 -0.33
CA SER A 29 -7.97 10.35 -0.93
C SER A 29 -8.48 11.34 -1.98
N LYS A 30 -9.28 10.91 -2.94
CA LYS A 30 -9.74 11.85 -3.95
C LYS A 30 -10.83 12.76 -3.42
N LEU A 31 -11.52 12.31 -2.41
CA LEU A 31 -12.53 13.10 -1.75
C LEU A 31 -11.85 14.15 -0.89
N ALA A 32 -10.84 13.68 -0.15
CA ALA A 32 -10.02 14.47 0.79
C ALA A 32 -10.72 14.69 2.11
N ARG A 33 -12.01 14.70 2.06
CA ARG A 33 -12.79 14.91 3.27
C ARG A 33 -13.12 13.62 3.94
N ASN A 34 -12.10 12.99 4.45
CA ASN A 34 -12.27 11.80 5.23
C ASN A 34 -12.37 12.23 6.66
N GLU A 35 -13.58 12.31 7.12
CA GLU A 35 -13.91 12.85 8.41
C GLU A 35 -15.37 12.57 8.66
N SER A 36 -15.86 12.98 9.78
CA SER A 36 -17.25 12.81 10.06
C SER A 36 -17.98 14.07 9.60
N ARG A 37 -18.57 14.01 8.43
CA ARG A 37 -19.25 15.13 7.86
C ARG A 37 -20.61 14.66 7.39
N GLY A 38 -21.65 15.13 8.04
CA GLY A 38 -22.98 14.72 7.68
C GLY A 38 -23.57 15.64 6.66
N GLY A 39 -24.54 15.15 5.92
CA GLY A 39 -25.17 15.96 4.89
C GLY A 39 -26.20 16.92 5.45
N LEU A 40 -25.78 17.71 6.39
CA LEU A 40 -26.61 18.70 7.02
C LEU A 40 -26.38 20.03 6.33
N VAL A 41 -27.31 20.95 6.46
CA VAL A 41 -27.14 22.28 5.91
C VAL A 41 -26.11 23.01 6.79
N PRO A 42 -24.93 23.36 6.22
CA PRO A 42 -23.84 23.95 6.99
C PRO A 42 -24.21 25.26 7.69
N ARG A 43 -24.41 25.17 8.97
CA ARG A 43 -24.74 26.34 9.77
C ARG A 43 -23.45 26.91 10.32
N GLY A 44 -22.52 26.03 10.63
CA GLY A 44 -21.28 26.45 11.20
C GLY A 44 -20.29 26.88 10.14
N SER A 45 -19.20 26.19 10.08
CA SER A 45 -18.14 26.53 9.17
C SER A 45 -18.39 25.93 7.79
N GLY A 46 -18.88 24.70 7.76
CA GLY A 46 -19.06 24.01 6.50
C GLY A 46 -17.73 23.57 5.97
N GLY A 47 -17.20 24.33 5.02
CA GLY A 47 -15.87 24.06 4.52
C GLY A 47 -14.83 24.45 5.55
N SER A 48 -14.54 23.52 6.42
CA SER A 48 -13.66 23.78 7.53
C SER A 48 -12.22 23.54 7.13
N LEU A 49 -11.46 24.63 7.14
CA LEU A 49 -10.06 24.67 6.78
C LEU A 49 -9.88 24.23 5.33
N PHE A 50 -10.14 25.14 4.44
CA PHE A 50 -9.92 24.93 3.05
C PHE A 50 -8.84 25.86 2.60
N SER A 51 -7.62 25.42 2.74
CA SER A 51 -6.46 26.20 2.41
C SER A 51 -5.28 25.27 2.22
N PHE A 52 -4.80 25.15 1.02
CA PHE A 52 -3.63 24.36 0.77
C PHE A 52 -2.39 25.18 1.05
N LEU A 53 -2.04 25.23 2.32
CA LEU A 53 -0.94 26.05 2.78
C LEU A 53 0.25 25.23 3.17
N GLY A 54 0.08 23.93 3.23
CA GLY A 54 1.16 23.07 3.61
C GLY A 54 0.76 21.64 3.71
N LYS A 55 1.62 20.86 4.32
CA LYS A 55 1.49 19.42 4.49
C LYS A 55 1.55 18.66 3.19
N LYS A 56 2.73 18.20 2.87
CA LYS A 56 2.93 17.36 1.71
C LYS A 56 2.79 15.91 2.14
N CYS A 57 3.05 15.01 1.24
CA CYS A 57 2.98 13.62 1.52
C CYS A 57 4.25 13.18 2.29
N VAL A 58 4.07 12.43 3.35
CA VAL A 58 5.17 12.01 4.20
C VAL A 58 5.52 10.55 3.94
N THR A 59 6.78 10.31 3.77
CA THR A 59 7.29 8.99 3.54
C THR A 59 7.38 8.20 4.83
N MET A 60 6.79 7.02 4.85
CA MET A 60 6.79 6.20 6.03
C MET A 60 7.86 5.15 5.99
N SER A 61 8.03 4.50 4.87
CA SER A 61 8.93 3.39 4.81
C SER A 61 9.40 3.14 3.39
N SER A 62 10.58 2.59 3.29
CA SER A 62 11.17 2.21 2.03
C SER A 62 11.63 0.78 2.16
N ALA A 63 11.38 -0.02 1.16
CA ALA A 63 11.77 -1.42 1.21
C ALA A 63 12.07 -1.91 -0.20
N VAL A 64 13.02 -2.79 -0.33
CA VAL A 64 13.35 -3.35 -1.63
C VAL A 64 12.42 -4.52 -1.87
N VAL A 65 11.63 -4.44 -2.92
CA VAL A 65 10.60 -5.41 -3.16
C VAL A 65 10.47 -5.73 -4.65
N GLN A 66 9.70 -6.73 -4.95
CA GLN A 66 9.32 -7.03 -6.31
C GLN A 66 7.83 -6.98 -6.40
N LEU A 67 7.34 -6.44 -7.47
CA LEU A 67 5.94 -6.22 -7.65
C LEU A 67 5.36 -7.27 -8.58
N TYR A 68 4.43 -7.99 -8.03
CA TYR A 68 3.74 -9.05 -8.74
C TYR A 68 2.27 -8.79 -8.71
N ALA A 69 1.65 -8.89 -9.83
CA ALA A 69 0.23 -8.70 -9.92
C ALA A 69 -0.42 -10.02 -10.20
N ALA A 70 -1.62 -10.19 -9.72
CA ALA A 70 -2.29 -11.44 -9.86
C ALA A 70 -2.98 -11.58 -11.19
N ASP A 71 -2.61 -12.61 -11.89
CA ASP A 71 -3.26 -13.00 -13.10
C ASP A 71 -4.49 -13.78 -12.72
N ARG A 72 -5.47 -13.79 -13.63
CA ARG A 72 -6.84 -14.30 -13.43
C ARG A 72 -7.17 -14.85 -12.02
N ASN A 73 -6.98 -16.12 -11.80
CA ASN A 73 -7.28 -16.65 -10.49
C ASN A 73 -6.06 -17.15 -9.77
N CYS A 74 -4.97 -17.42 -10.49
CA CYS A 74 -3.89 -18.21 -9.84
C CYS A 74 -2.45 -18.01 -10.37
N MET A 75 -2.05 -16.83 -10.81
CA MET A 75 -0.64 -16.67 -11.20
C MET A 75 -0.08 -15.28 -10.88
N TRP A 76 1.12 -15.22 -10.34
CA TRP A 76 1.79 -13.95 -10.11
C TRP A 76 2.62 -13.55 -11.32
N SER A 77 2.36 -12.38 -11.83
CA SER A 77 3.11 -11.86 -12.95
C SER A 77 3.90 -10.64 -12.47
N LYS A 78 5.20 -10.67 -12.60
CA LYS A 78 6.04 -9.58 -12.14
C LYS A 78 6.08 -8.47 -13.16
N LYS A 79 5.68 -7.30 -12.74
CA LYS A 79 5.69 -6.14 -13.62
C LYS A 79 6.87 -5.25 -13.37
N CYS A 80 7.30 -5.17 -12.12
CA CYS A 80 8.40 -4.30 -11.78
C CYS A 80 9.14 -4.84 -10.57
N SER A 81 10.41 -4.54 -10.49
CA SER A 81 11.22 -4.91 -9.36
C SER A 81 12.01 -3.69 -8.94
N GLY A 82 12.21 -3.52 -7.67
CA GLY A 82 12.97 -2.40 -7.24
C GLY A 82 12.77 -2.07 -5.82
N VAL A 83 12.51 -0.83 -5.56
CA VAL A 83 12.34 -0.36 -4.23
C VAL A 83 10.96 0.26 -4.13
N ALA A 84 10.34 0.13 -3.00
CA ALA A 84 9.04 0.65 -2.76
C ALA A 84 9.07 1.74 -1.76
N CYS A 85 8.18 2.66 -1.90
CA CYS A 85 8.05 3.70 -0.92
C CYS A 85 6.60 3.81 -0.52
N LEU A 86 6.36 3.73 0.77
CA LEU A 86 5.04 3.85 1.30
C LEU A 86 4.89 5.25 1.81
N VAL A 87 3.95 5.96 1.28
CA VAL A 87 3.77 7.33 1.61
C VAL A 87 2.38 7.56 2.21
N LYS A 88 2.32 8.34 3.25
CA LYS A 88 1.07 8.72 3.83
C LYS A 88 0.83 10.16 3.52
N ASP A 89 -0.37 10.51 3.26
CA ASP A 89 -0.64 11.86 2.81
C ASP A 89 -1.63 12.54 3.72
N ASN A 90 -1.26 13.71 4.20
CA ASN A 90 -2.10 14.46 5.12
C ASN A 90 -3.39 15.06 4.47
N PRO A 91 -3.28 15.79 3.30
CA PRO A 91 -4.46 16.37 2.64
C PRO A 91 -5.47 15.32 2.12
N GLN A 92 -4.94 14.28 1.49
CA GLN A 92 -5.78 13.21 0.96
C GLN A 92 -6.18 12.22 2.06
N ARG A 93 -5.52 12.38 3.22
CA ARG A 93 -5.80 11.59 4.45
C ARG A 93 -5.75 10.07 4.20
N SER A 94 -4.98 9.66 3.22
CA SER A 94 -4.88 8.26 2.88
C SER A 94 -3.42 7.90 2.57
N TYR A 95 -3.21 6.74 1.98
CA TYR A 95 -1.90 6.23 1.70
C TYR A 95 -1.67 6.06 0.21
N PHE A 96 -0.45 6.29 -0.19
CA PHE A 96 -0.03 6.13 -1.56
C PHE A 96 1.18 5.22 -1.59
N LEU A 97 1.18 4.33 -2.52
CA LEU A 97 2.26 3.40 -2.64
C LEU A 97 2.90 3.52 -4.02
N ARG A 98 4.21 3.68 -4.03
CA ARG A 98 4.99 3.73 -5.26
C ARG A 98 6.03 2.66 -5.29
N ILE A 99 6.14 2.05 -6.42
CA ILE A 99 7.12 1.03 -6.69
C ILE A 99 8.02 1.58 -7.80
N PHE A 100 9.28 1.67 -7.51
CA PHE A 100 10.22 2.20 -8.45
C PHE A 100 11.27 1.20 -8.81
N ASP A 101 11.41 1.02 -10.11
CA ASP A 101 12.28 0.03 -10.71
C ASP A 101 13.74 0.30 -10.39
N ILE A 102 14.45 -0.72 -10.00
CA ILE A 102 15.86 -0.61 -9.60
C ILE A 102 16.81 -0.73 -10.81
N LYS A 103 16.28 -1.13 -11.94
CA LYS A 103 17.09 -1.34 -13.12
C LYS A 103 17.16 -0.06 -13.94
N ASP A 104 16.02 0.47 -14.26
CA ASP A 104 15.94 1.69 -15.06
C ASP A 104 15.89 2.91 -14.15
N GLY A 105 15.16 2.78 -13.05
CA GLY A 105 15.02 3.88 -12.10
C GLY A 105 13.96 4.86 -12.53
N LYS A 106 13.09 4.42 -13.41
CA LYS A 106 12.07 5.27 -14.01
C LYS A 106 10.91 5.62 -13.06
N LEU A 107 10.57 4.71 -12.12
CA LEU A 107 9.37 4.86 -11.22
C LEU A 107 8.11 4.92 -12.10
N LEU A 108 7.38 3.85 -12.15
CA LEU A 108 6.27 3.77 -13.09
C LEU A 108 5.04 3.15 -12.48
N TRP A 109 5.02 3.00 -11.20
CA TRP A 109 3.93 2.30 -10.60
C TRP A 109 3.46 3.06 -9.39
N GLU A 110 2.19 3.35 -9.36
CA GLU A 110 1.57 4.00 -8.24
C GLU A 110 0.32 3.25 -7.90
N GLN A 111 -0.07 3.33 -6.67
CA GLN A 111 -1.30 2.80 -6.25
C GLN A 111 -1.79 3.56 -5.04
N GLU A 112 -2.92 4.15 -5.19
CA GLU A 112 -3.57 4.86 -4.14
C GLU A 112 -4.32 3.80 -3.35
N LEU A 113 -4.23 3.85 -2.04
CA LEU A 113 -4.79 2.79 -1.22
C LEU A 113 -6.18 3.16 -0.67
N TYR A 114 -6.95 2.12 -0.30
CA TYR A 114 -8.33 2.28 0.14
C TYR A 114 -8.45 2.92 1.52
N ASN A 115 -9.68 3.28 1.85
CA ASN A 115 -10.02 3.86 3.15
C ASN A 115 -9.94 2.76 4.22
N ASN A 116 -10.66 1.69 4.01
CA ASN A 116 -10.62 0.56 4.93
C ASN A 116 -9.74 -0.54 4.37
N PHE A 117 -8.46 -0.41 4.63
CA PHE A 117 -7.48 -1.34 4.16
C PHE A 117 -7.09 -2.35 5.25
N VAL A 118 -7.03 -3.59 4.87
CA VAL A 118 -6.61 -4.68 5.72
C VAL A 118 -5.38 -5.28 5.06
N TYR A 119 -4.36 -5.64 5.84
CA TYR A 119 -3.17 -6.16 5.25
C TYR A 119 -3.29 -7.67 5.09
N ASN A 120 -2.82 -8.21 3.98
CA ASN A 120 -2.90 -9.63 3.77
C ASN A 120 -1.51 -10.23 3.69
N SER A 121 -1.29 -11.26 4.44
CA SER A 121 -0.03 -11.92 4.44
C SER A 121 -0.19 -13.43 4.22
N PRO A 122 0.07 -13.94 3.00
CA PRO A 122 0.05 -15.39 2.74
C PRO A 122 1.29 -16.05 3.35
N ARG A 123 2.26 -15.21 3.65
CA ARG A 123 3.45 -15.54 4.36
C ARG A 123 3.75 -14.34 5.20
N GLY A 124 4.59 -14.47 6.17
CA GLY A 124 5.00 -13.33 6.94
C GLY A 124 5.95 -12.48 6.13
N TYR A 125 6.66 -13.13 5.23
CA TYR A 125 7.68 -12.48 4.42
C TYR A 125 7.11 -11.99 3.07
N PHE A 126 6.18 -12.74 2.53
CA PHE A 126 5.62 -12.42 1.22
C PHE A 126 4.26 -11.83 1.45
N HIS A 127 4.01 -10.69 0.88
CA HIS A 127 2.79 -9.99 1.20
C HIS A 127 1.93 -9.76 0.01
N THR A 128 0.64 -9.74 0.23
CA THR A 128 -0.35 -9.48 -0.77
C THR A 128 -1.18 -8.28 -0.34
N PHE A 129 -1.37 -7.35 -1.21
CA PHE A 129 -2.17 -6.19 -0.88
C PHE A 129 -3.23 -5.94 -1.95
N ALA A 130 -4.13 -5.05 -1.66
CA ALA A 130 -5.18 -4.72 -2.57
C ALA A 130 -4.86 -3.41 -3.24
N GLY A 131 -5.00 -3.37 -4.54
CA GLY A 131 -4.68 -2.18 -5.28
C GLY A 131 -5.88 -1.36 -5.65
N ASP A 132 -6.05 -1.17 -6.93
CA ASP A 132 -7.18 -0.43 -7.46
C ASP A 132 -8.40 -1.30 -7.51
N THR A 133 -8.25 -2.43 -8.15
CA THR A 133 -9.32 -3.40 -8.21
C THR A 133 -8.69 -4.79 -8.32
N CYS A 134 -7.41 -4.86 -8.00
CA CYS A 134 -6.64 -6.06 -8.19
C CYS A 134 -5.92 -6.42 -6.90
N GLN A 135 -5.37 -7.61 -6.88
CA GLN A 135 -4.59 -8.08 -5.78
C GLN A 135 -3.15 -8.10 -6.26
N VAL A 136 -2.29 -7.42 -5.54
CA VAL A 136 -0.93 -7.28 -5.95
C VAL A 136 -0.07 -7.77 -4.79
N ALA A 137 1.06 -8.28 -5.08
CA ALA A 137 1.90 -8.82 -4.04
C ALA A 137 3.27 -8.24 -4.09
N LEU A 138 3.94 -8.28 -2.96
CA LEU A 138 5.29 -7.84 -2.90
C LEU A 138 6.19 -8.80 -2.12
N ASN A 139 7.43 -8.83 -2.52
CA ASN A 139 8.47 -9.63 -1.88
C ASN A 139 9.25 -8.75 -0.96
N PHE A 140 9.86 -9.34 0.02
CA PHE A 140 10.59 -8.60 1.01
C PHE A 140 12.07 -8.62 0.69
N ALA A 141 12.79 -7.71 1.28
CA ALA A 141 14.22 -7.75 1.20
C ALA A 141 14.78 -8.26 2.52
N ASN A 142 14.08 -7.96 3.58
CA ASN A 142 14.41 -8.44 4.92
C ASN A 142 13.10 -8.65 5.65
N GLU A 143 12.92 -9.80 6.30
CA GLU A 143 11.61 -10.14 6.89
C GLU A 143 11.14 -9.09 7.87
N GLU A 144 12.08 -8.50 8.58
CA GLU A 144 11.78 -7.50 9.56
C GLU A 144 11.21 -6.23 8.93
N GLU A 145 11.86 -5.73 7.91
CA GLU A 145 11.44 -4.49 7.26
C GLU A 145 10.10 -4.59 6.57
N ALA A 146 9.88 -5.70 5.95
CA ALA A 146 8.61 -5.99 5.32
C ALA A 146 7.51 -6.07 6.37
N LYS A 147 7.83 -6.72 7.47
CA LYS A 147 6.92 -6.87 8.59
C LYS A 147 6.64 -5.49 9.23
N LYS A 148 7.62 -4.59 9.12
CA LYS A 148 7.49 -3.26 9.69
C LYS A 148 6.49 -2.42 8.95
N PHE A 149 6.62 -2.29 7.62
CA PHE A 149 5.68 -1.46 6.88
C PHE A 149 4.29 -2.06 6.92
N ARG A 150 4.23 -3.38 6.93
CA ARG A 150 2.97 -4.10 7.06
C ARG A 150 2.22 -3.69 8.30
N LYS A 151 2.89 -3.73 9.40
CA LYS A 151 2.26 -3.48 10.65
C LYS A 151 2.00 -2.02 10.75
N ALA A 152 2.99 -1.23 10.36
CA ALA A 152 2.90 0.21 10.42
C ALA A 152 1.67 0.74 9.70
N VAL A 153 1.44 0.32 8.46
CA VAL A 153 0.32 0.92 7.73
C VAL A 153 -1.00 0.39 8.25
N THR A 154 -1.04 -0.89 8.49
CA THR A 154 -2.25 -1.53 8.91
C THR A 154 -2.62 -1.18 10.37
N ASP A 155 -1.63 -0.89 11.19
CA ASP A 155 -1.88 -0.44 12.56
C ASP A 155 -2.50 0.93 12.51
N LEU A 156 -1.85 1.81 11.76
CA LEU A 156 -2.29 3.18 11.54
C LEU A 156 -3.67 3.24 10.91
N LEU A 157 -3.94 2.33 10.01
CA LEU A 157 -5.21 2.27 9.31
C LEU A 157 -6.32 2.01 10.35
N GLY A 158 -6.07 1.05 11.24
CA GLY A 158 -7.03 0.72 12.27
C GLY A 158 -7.22 1.84 13.27
N ARG A 159 -6.14 2.58 13.53
CA ARG A 159 -6.19 3.71 14.45
C ARG A 159 -6.95 4.86 13.80
N ARG A 160 -6.86 4.92 12.46
CA ARG A 160 -7.50 5.92 11.58
C ARG A 160 -6.79 7.29 11.67
N GLN A 161 -6.26 7.59 12.85
CA GLN A 161 -5.49 8.82 13.17
C GLN A 161 -6.35 10.08 13.22
N ARG A 162 -7.43 10.08 12.47
CA ARG A 162 -8.36 11.20 12.46
C ARG A 162 -9.43 11.01 13.56
N LYS A 163 -9.21 10.04 14.40
CA LYS A 163 -10.08 9.74 15.52
C LYS A 163 -9.27 9.66 16.79
N SER A 164 -9.93 9.82 17.91
CA SER A 164 -9.31 9.67 19.20
C SER A 164 -8.96 8.18 19.40
N GLU A 165 -7.97 7.89 20.20
CA GLU A 165 -7.51 6.54 20.36
C GLU A 165 -8.36 5.68 21.30
N LYS A 166 -9.21 4.91 20.68
CA LYS A 166 -10.03 3.90 21.31
C LYS A 166 -10.52 2.97 20.23
N ARG A 167 -10.91 1.79 20.60
CA ARG A 167 -11.26 0.75 19.65
C ARG A 167 -12.50 1.07 18.84
N ARG A 168 -13.59 1.37 19.50
CA ARG A 168 -14.81 1.63 18.79
C ARG A 168 -15.37 3.00 18.95
N ASP A 169 -14.97 3.83 18.03
CA ASP A 169 -15.50 5.15 17.89
C ASP A 169 -16.43 5.12 16.72
N GLY A 1 21.17 -6.22 10.24
CA GLY A 1 22.23 -7.17 9.91
C GLY A 1 21.93 -7.90 8.63
N SER A 2 22.88 -7.89 7.72
CA SER A 2 22.73 -8.56 6.47
C SER A 2 23.08 -10.04 6.60
N GLU A 3 22.08 -10.88 6.37
CA GLU A 3 22.25 -12.31 6.46
C GLU A 3 22.86 -12.82 5.15
N SER A 4 22.72 -11.99 4.11
CA SER A 4 23.29 -12.21 2.77
C SER A 4 22.53 -13.27 1.97
N ARG A 5 21.96 -14.23 2.66
CA ARG A 5 21.19 -15.26 2.01
C ARG A 5 19.74 -14.83 1.96
N PHE A 6 19.35 -14.29 0.85
CA PHE A 6 18.00 -13.83 0.69
C PHE A 6 17.41 -14.32 -0.61
N TYR A 7 16.11 -14.47 -0.63
CA TYR A 7 15.41 -14.97 -1.78
C TYR A 7 14.24 -14.13 -2.21
N PHE A 8 14.02 -14.17 -3.49
CA PHE A 8 12.85 -13.63 -4.13
C PHE A 8 12.28 -14.76 -4.94
N HIS A 9 13.14 -15.40 -5.71
CA HIS A 9 12.79 -16.55 -6.49
C HIS A 9 12.99 -17.82 -5.65
N PRO A 10 12.30 -18.92 -5.96
CA PRO A 10 11.37 -19.01 -7.07
C PRO A 10 9.89 -18.81 -6.65
N ILE A 11 9.02 -18.67 -7.63
CA ILE A 11 7.58 -18.48 -7.42
C ILE A 11 6.98 -19.72 -6.76
N SER A 12 7.63 -20.83 -6.97
CA SER A 12 7.26 -22.12 -6.39
C SER A 12 7.30 -22.07 -4.84
N ASP A 13 8.06 -21.15 -4.29
CA ASP A 13 8.18 -20.98 -2.84
C ASP A 13 7.10 -20.02 -2.35
N LEU A 14 6.54 -19.30 -3.28
CA LEU A 14 5.54 -18.30 -3.00
C LEU A 14 4.13 -18.92 -3.13
N PRO A 15 3.17 -18.44 -2.34
CA PRO A 15 1.81 -18.92 -2.41
C PRO A 15 1.11 -18.36 -3.66
N PRO A 16 0.25 -19.15 -4.29
CA PRO A 16 -0.47 -18.72 -5.49
C PRO A 16 -1.50 -17.64 -5.16
N PRO A 17 -1.90 -16.85 -6.15
CA PRO A 17 -2.90 -15.84 -5.94
C PRO A 17 -4.30 -16.42 -5.98
N GLU A 18 -5.26 -15.58 -5.85
CA GLU A 18 -6.64 -15.96 -5.90
C GLU A 18 -7.42 -14.81 -6.46
N PRO A 19 -8.60 -15.05 -7.03
CA PRO A 19 -9.48 -13.96 -7.37
C PRO A 19 -10.07 -13.49 -6.05
N TYR A 20 -9.86 -12.26 -5.72
CA TYR A 20 -10.21 -11.77 -4.42
C TYR A 20 -11.69 -11.45 -4.32
N VAL A 21 -12.26 -11.76 -3.19
CA VAL A 21 -13.64 -11.47 -2.95
C VAL A 21 -13.72 -10.38 -1.91
N GLN A 22 -13.76 -9.17 -2.40
CA GLN A 22 -13.83 -7.97 -1.59
C GLN A 22 -14.86 -7.06 -2.19
N THR A 23 -15.53 -6.32 -1.37
CA THR A 23 -16.53 -5.38 -1.84
C THR A 23 -15.77 -4.17 -2.45
N THR A 24 -16.46 -3.33 -3.25
CA THR A 24 -15.83 -2.17 -3.85
C THR A 24 -15.19 -1.34 -2.74
N LYS A 25 -13.94 -1.03 -2.91
CA LYS A 25 -13.16 -0.50 -1.83
C LYS A 25 -13.44 0.96 -1.64
N SER A 26 -13.43 1.38 -0.42
CA SER A 26 -13.69 2.73 -0.09
C SER A 26 -12.38 3.53 -0.07
N TYR A 27 -12.31 4.52 -0.92
CA TYR A 27 -11.15 5.40 -1.03
C TYR A 27 -11.35 6.59 -0.10
N PRO A 28 -10.39 6.96 0.73
CA PRO A 28 -10.50 8.14 1.57
C PRO A 28 -10.37 9.44 0.76
N SER A 29 -9.44 9.45 -0.19
CA SER A 29 -9.19 10.64 -1.00
C SER A 29 -10.22 10.77 -2.12
N LYS A 30 -10.43 9.69 -2.85
CA LYS A 30 -11.34 9.67 -3.99
C LYS A 30 -12.80 9.93 -3.54
N LEU A 31 -13.15 9.51 -2.33
CA LEU A 31 -14.44 9.82 -1.76
C LEU A 31 -14.42 11.17 -1.08
N ALA A 32 -13.21 11.61 -0.73
CA ALA A 32 -12.90 12.91 -0.11
C ALA A 32 -13.21 12.92 1.37
N ARG A 33 -13.64 11.78 1.89
CA ARG A 33 -14.00 11.61 3.29
C ARG A 33 -15.13 12.58 3.65
N ASN A 34 -16.07 12.65 2.74
CA ASN A 34 -17.29 13.41 2.89
C ASN A 34 -18.38 12.57 2.26
N GLU A 35 -19.49 12.42 2.93
CA GLU A 35 -20.54 11.59 2.41
C GLU A 35 -21.90 12.24 2.45
N SER A 36 -22.48 12.40 1.29
CA SER A 36 -23.85 12.81 1.14
C SER A 36 -24.71 11.55 1.18
N ARG A 37 -24.07 10.46 0.76
CA ARG A 37 -24.61 9.13 0.80
C ARG A 37 -23.45 8.16 0.54
N GLY A 38 -22.95 7.55 1.58
CA GLY A 38 -21.79 6.66 1.44
C GLY A 38 -22.17 5.24 1.09
N GLY A 39 -22.93 5.09 0.03
CA GLY A 39 -23.37 3.79 -0.39
C GLY A 39 -24.78 3.51 0.07
N LEU A 40 -25.08 2.26 0.33
CA LEU A 40 -26.39 1.89 0.78
C LEU A 40 -26.48 2.05 2.30
N VAL A 41 -26.63 3.26 2.72
CA VAL A 41 -26.67 3.64 4.11
C VAL A 41 -28.09 4.07 4.49
N PRO A 42 -28.59 3.66 5.67
CA PRO A 42 -29.90 4.09 6.17
C PRO A 42 -29.82 5.54 6.67
N ARG A 43 -30.73 5.96 7.53
CA ARG A 43 -30.65 7.29 8.10
C ARG A 43 -29.55 7.40 9.13
N GLY A 44 -28.40 7.78 8.65
CA GLY A 44 -27.23 7.98 9.45
C GLY A 44 -26.18 8.62 8.59
N SER A 45 -25.12 9.10 9.17
CA SER A 45 -24.08 9.74 8.41
C SER A 45 -22.75 9.69 9.15
N GLY A 46 -21.69 9.41 8.43
CA GLY A 46 -20.38 9.42 9.01
C GLY A 46 -19.75 10.77 8.84
N GLY A 47 -19.90 11.60 9.85
CA GLY A 47 -19.36 12.93 9.80
C GLY A 47 -17.97 13.02 10.36
N SER A 48 -17.00 12.86 9.52
CA SER A 48 -15.63 12.94 9.94
C SER A 48 -14.83 13.70 8.89
N LEU A 49 -14.67 14.98 9.11
CA LEU A 49 -13.88 15.79 8.24
C LEU A 49 -12.88 16.57 9.04
N PHE A 50 -11.66 16.53 8.61
CA PHE A 50 -10.61 17.32 9.17
C PHE A 50 -9.80 17.81 8.02
N SER A 51 -9.51 19.08 7.99
CA SER A 51 -8.78 19.64 6.91
C SER A 51 -7.28 19.35 7.02
N PHE A 52 -6.83 18.34 6.31
CA PHE A 52 -5.42 18.02 6.22
C PHE A 52 -4.83 18.67 4.98
N LEU A 53 -3.93 19.60 5.18
CA LEU A 53 -3.25 20.26 4.09
C LEU A 53 -1.77 19.92 4.15
N GLY A 54 -1.00 20.48 3.23
CA GLY A 54 0.42 20.21 3.21
C GLY A 54 1.05 20.66 1.92
N LYS A 55 2.20 20.11 1.61
CA LYS A 55 2.90 20.50 0.41
C LYS A 55 3.14 19.29 -0.49
N LYS A 56 3.69 18.22 0.06
CA LYS A 56 4.11 17.08 -0.76
C LYS A 56 3.74 15.75 -0.12
N CYS A 57 4.22 14.67 -0.75
CA CYS A 57 4.09 13.34 -0.25
C CYS A 57 5.30 13.08 0.65
N VAL A 58 5.07 12.88 1.91
CA VAL A 58 6.17 12.66 2.81
C VAL A 58 6.45 11.17 2.91
N THR A 59 7.69 10.82 2.75
CA THR A 59 8.10 9.45 2.86
C THR A 59 8.01 9.03 4.30
N MET A 60 7.15 8.09 4.58
CA MET A 60 6.94 7.69 5.93
C MET A 60 7.58 6.32 6.21
N SER A 61 7.84 5.57 5.15
CA SER A 61 8.49 4.26 5.27
C SER A 61 8.92 3.79 3.88
N SER A 62 10.00 3.01 3.80
CA SER A 62 10.44 2.45 2.54
C SER A 62 11.00 1.04 2.73
N ALA A 63 10.80 0.19 1.75
CA ALA A 63 11.21 -1.20 1.82
C ALA A 63 11.56 -1.68 0.42
N VAL A 64 12.61 -2.46 0.29
CA VAL A 64 12.98 -3.02 -1.00
C VAL A 64 12.13 -4.24 -1.26
N VAL A 65 11.36 -4.20 -2.33
CA VAL A 65 10.39 -5.24 -2.62
C VAL A 65 10.41 -5.63 -4.08
N GLN A 66 9.66 -6.62 -4.38
CA GLN A 66 9.43 -7.06 -5.72
C GLN A 66 7.92 -7.09 -5.88
N LEU A 67 7.41 -6.56 -6.97
CA LEU A 67 5.98 -6.41 -7.12
C LEU A 67 5.40 -7.43 -8.08
N TYR A 68 4.44 -8.15 -7.59
CA TYR A 68 3.72 -9.13 -8.36
C TYR A 68 2.28 -8.72 -8.53
N ALA A 69 1.77 -8.98 -9.69
CA ALA A 69 0.39 -8.79 -10.01
C ALA A 69 -0.18 -10.15 -10.35
N ALA A 70 -1.42 -10.37 -10.03
CA ALA A 70 -2.00 -11.67 -10.26
C ALA A 70 -2.58 -11.82 -11.63
N ASP A 71 -2.01 -12.74 -12.37
CA ASP A 71 -2.56 -13.17 -13.64
C ASP A 71 -3.83 -13.91 -13.31
N ARG A 72 -4.82 -13.76 -14.17
CA ARG A 72 -6.24 -14.09 -13.94
C ARG A 72 -6.58 -14.62 -12.55
N ASN A 73 -6.55 -15.91 -12.37
CA ASN A 73 -6.94 -16.45 -11.10
C ASN A 73 -5.81 -17.15 -10.37
N CYS A 74 -4.72 -17.49 -11.06
CA CYS A 74 -3.72 -18.39 -10.41
C CYS A 74 -2.24 -18.26 -10.87
N MET A 75 -1.78 -17.08 -11.22
CA MET A 75 -0.34 -16.90 -11.49
C MET A 75 0.14 -15.54 -11.05
N TRP A 76 1.31 -15.47 -10.47
CA TRP A 76 1.89 -14.19 -10.14
C TRP A 76 2.82 -13.75 -11.25
N SER A 77 2.67 -12.53 -11.66
CA SER A 77 3.50 -11.97 -12.69
C SER A 77 4.12 -10.70 -12.15
N LYS A 78 5.43 -10.66 -12.13
CA LYS A 78 6.09 -9.50 -11.61
C LYS A 78 6.17 -8.40 -12.64
N LYS A 79 5.70 -7.24 -12.27
CA LYS A 79 5.72 -6.10 -13.16
C LYS A 79 6.96 -5.30 -12.95
N CYS A 80 7.43 -5.27 -11.72
CA CYS A 80 8.57 -4.47 -11.40
C CYS A 80 9.24 -4.98 -10.15
N SER A 81 10.49 -4.73 -10.05
CA SER A 81 11.24 -5.02 -8.88
C SER A 81 11.91 -3.72 -8.45
N GLY A 82 11.99 -3.48 -7.17
CA GLY A 82 12.59 -2.26 -6.78
C GLY A 82 12.43 -1.97 -5.33
N VAL A 83 12.11 -0.76 -5.06
CA VAL A 83 11.93 -0.31 -3.73
C VAL A 83 10.59 0.42 -3.62
N ALA A 84 9.95 0.25 -2.52
CA ALA A 84 8.65 0.80 -2.28
C ALA A 84 8.69 1.84 -1.24
N CYS A 85 7.80 2.78 -1.34
CA CYS A 85 7.70 3.76 -0.30
C CYS A 85 6.27 4.03 0.05
N LEU A 86 5.99 4.02 1.32
CA LEU A 86 4.70 4.33 1.82
C LEU A 86 4.76 5.82 2.12
N VAL A 87 4.03 6.58 1.37
CA VAL A 87 4.03 7.97 1.51
C VAL A 87 2.75 8.47 2.13
N LYS A 88 2.87 9.46 2.93
CA LYS A 88 1.75 10.07 3.53
C LYS A 88 1.63 11.39 2.83
N ASP A 89 0.56 11.57 2.13
CA ASP A 89 0.40 12.76 1.35
C ASP A 89 -0.42 13.75 2.13
N ASN A 90 0.19 14.86 2.43
CA ASN A 90 -0.47 15.86 3.24
C ASN A 90 -1.65 16.58 2.55
N PRO A 91 -1.49 17.13 1.31
CA PRO A 91 -2.61 17.79 0.60
C PRO A 91 -3.74 16.81 0.20
N GLN A 92 -3.39 15.55 -0.06
CA GLN A 92 -4.36 14.56 -0.48
C GLN A 92 -5.17 14.04 0.71
N ARG A 93 -4.73 14.41 1.94
CA ARG A 93 -5.47 14.09 3.18
C ARG A 93 -5.57 12.55 3.40
N SER A 94 -4.65 11.83 2.80
CA SER A 94 -4.70 10.39 2.86
C SER A 94 -3.30 9.78 2.73
N TYR A 95 -3.25 8.47 2.60
CA TYR A 95 -2.01 7.74 2.51
C TYR A 95 -1.90 7.21 1.11
N PHE A 96 -0.71 7.05 0.62
CA PHE A 96 -0.55 6.64 -0.73
C PHE A 96 0.60 5.62 -0.83
N LEU A 97 0.49 4.69 -1.74
CA LEU A 97 1.50 3.67 -1.89
C LEU A 97 2.10 3.71 -3.30
N ARG A 98 3.42 3.64 -3.37
CA ARG A 98 4.17 3.70 -4.62
C ARG A 98 5.24 2.65 -4.64
N ILE A 99 5.43 2.07 -5.78
CA ILE A 99 6.45 1.09 -6.04
C ILE A 99 7.29 1.64 -7.19
N PHE A 100 8.56 1.69 -7.00
CA PHE A 100 9.46 2.26 -7.96
C PHE A 100 10.65 1.38 -8.16
N ASP A 101 11.00 1.19 -9.40
CA ASP A 101 12.06 0.30 -9.79
C ASP A 101 13.38 0.80 -9.24
N ILE A 102 14.21 -0.10 -8.78
CA ILE A 102 15.46 0.27 -8.14
C ILE A 102 16.52 0.71 -9.18
N LYS A 103 16.37 0.25 -10.40
CA LYS A 103 17.27 0.56 -11.44
C LYS A 103 16.81 1.83 -12.15
N ASP A 104 15.53 1.88 -12.49
CA ASP A 104 14.99 3.04 -13.21
C ASP A 104 14.74 4.21 -12.26
N GLY A 105 13.98 3.95 -11.21
CA GLY A 105 13.60 5.00 -10.26
C GLY A 105 12.57 5.95 -10.85
N LYS A 106 12.00 5.53 -11.97
CA LYS A 106 11.05 6.34 -12.73
C LYS A 106 9.70 6.48 -12.03
N LEU A 107 9.40 5.56 -11.10
CA LEU A 107 8.10 5.45 -10.42
C LEU A 107 7.06 5.10 -11.46
N LEU A 108 6.63 3.88 -11.46
CA LEU A 108 5.75 3.39 -12.48
C LEU A 108 4.52 2.73 -11.92
N TRP A 109 4.37 2.72 -10.61
CA TRP A 109 3.29 2.02 -10.02
C TRP A 109 2.81 2.83 -8.85
N GLU A 110 1.54 3.13 -8.84
CA GLU A 110 0.95 3.88 -7.78
C GLU A 110 -0.51 3.48 -7.60
N GLN A 111 -0.98 3.57 -6.37
CA GLN A 111 -2.38 3.33 -6.05
C GLN A 111 -2.78 4.03 -4.76
N GLU A 112 -4.01 4.49 -4.71
CA GLU A 112 -4.53 5.16 -3.54
C GLU A 112 -4.91 4.11 -2.49
N LEU A 113 -4.41 4.26 -1.29
CA LEU A 113 -4.70 3.33 -0.22
C LEU A 113 -6.12 3.51 0.28
N TYR A 114 -6.77 2.42 0.55
CA TYR A 114 -8.16 2.42 0.90
C TYR A 114 -8.36 2.69 2.38
N ASN A 115 -9.58 3.08 2.72
CA ASN A 115 -9.95 3.41 4.10
C ASN A 115 -9.98 2.14 4.93
N ASN A 116 -10.73 1.16 4.47
CA ASN A 116 -10.77 -0.12 5.15
C ASN A 116 -9.82 -1.08 4.45
N PHE A 117 -8.57 -0.86 4.68
CA PHE A 117 -7.54 -1.70 4.13
C PHE A 117 -7.04 -2.65 5.21
N VAL A 118 -6.90 -3.90 4.87
CA VAL A 118 -6.39 -4.89 5.81
C VAL A 118 -5.10 -5.48 5.25
N TYR A 119 -4.02 -5.48 6.04
CA TYR A 119 -2.78 -5.99 5.55
C TYR A 119 -2.71 -7.50 5.85
N ASN A 120 -2.54 -8.33 4.83
CA ASN A 120 -2.50 -9.77 5.07
C ASN A 120 -1.21 -10.39 4.56
N SER A 121 -0.75 -11.40 5.27
CA SER A 121 0.48 -12.06 4.94
C SER A 121 0.33 -13.59 4.82
N PRO A 122 0.39 -14.14 3.60
CA PRO A 122 0.41 -15.59 3.41
C PRO A 122 1.81 -16.16 3.71
N ARG A 123 2.81 -15.29 3.69
CA ARG A 123 4.15 -15.60 4.07
C ARG A 123 4.59 -14.43 4.93
N GLY A 124 5.57 -14.62 5.75
CA GLY A 124 6.05 -13.54 6.56
C GLY A 124 6.73 -12.48 5.71
N TYR A 125 7.31 -12.93 4.63
CA TYR A 125 8.05 -12.07 3.72
C TYR A 125 7.16 -11.64 2.55
N PHE A 126 6.31 -12.53 2.09
CA PHE A 126 5.53 -12.24 0.89
C PHE A 126 4.14 -11.90 1.34
N HIS A 127 3.67 -10.78 0.89
CA HIS A 127 2.39 -10.26 1.34
C HIS A 127 1.51 -10.00 0.15
N THR A 128 0.21 -10.13 0.33
CA THR A 128 -0.72 -9.99 -0.77
C THR A 128 -1.81 -9.01 -0.41
N PHE A 129 -2.13 -8.10 -1.28
CA PHE A 129 -3.25 -7.20 -1.02
C PHE A 129 -4.09 -6.97 -2.27
N ALA A 130 -5.27 -6.44 -2.07
CA ALA A 130 -6.18 -6.18 -3.16
C ALA A 130 -5.94 -4.81 -3.75
N GLY A 131 -5.86 -4.76 -5.06
CA GLY A 131 -5.66 -3.52 -5.74
C GLY A 131 -6.97 -3.01 -6.28
N ASP A 132 -6.91 -2.21 -7.32
CA ASP A 132 -8.12 -1.65 -7.89
C ASP A 132 -8.85 -2.68 -8.69
N THR A 133 -8.18 -3.21 -9.68
CA THR A 133 -8.78 -4.17 -10.59
C THR A 133 -7.96 -5.46 -10.65
N CYS A 134 -7.05 -5.63 -9.71
CA CYS A 134 -6.20 -6.79 -9.71
C CYS A 134 -5.75 -7.10 -8.28
N GLN A 135 -5.04 -8.17 -8.11
CA GLN A 135 -4.52 -8.60 -6.84
C GLN A 135 -3.02 -8.34 -6.93
N VAL A 136 -2.49 -7.59 -6.01
CA VAL A 136 -1.11 -7.20 -6.04
C VAL A 136 -0.40 -7.66 -4.80
N ALA A 137 0.80 -8.10 -4.96
CA ALA A 137 1.53 -8.66 -3.85
C ALA A 137 2.94 -8.16 -3.81
N LEU A 138 3.53 -8.26 -2.63
CA LEU A 138 4.92 -7.87 -2.47
C LEU A 138 5.73 -9.08 -2.10
N ASN A 139 6.86 -9.22 -2.74
CA ASN A 139 7.80 -10.27 -2.42
C ASN A 139 8.97 -9.59 -1.77
N PHE A 140 9.53 -10.18 -0.74
CA PHE A 140 10.49 -9.44 0.06
C PHE A 140 11.73 -10.30 0.36
N ALA A 141 12.86 -9.63 0.60
CA ALA A 141 14.12 -10.30 0.92
C ALA A 141 14.44 -10.24 2.42
N ASN A 142 14.21 -9.10 3.04
CA ASN A 142 14.46 -8.95 4.48
C ASN A 142 13.15 -9.18 5.22
N GLU A 143 13.00 -10.35 5.80
CA GLU A 143 11.77 -10.73 6.48
C GLU A 143 11.42 -9.76 7.62
N GLU A 144 12.43 -9.16 8.24
CA GLU A 144 12.22 -8.28 9.36
C GLU A 144 11.43 -7.05 8.89
N GLU A 145 11.92 -6.39 7.83
CA GLU A 145 11.24 -5.21 7.31
C GLU A 145 9.87 -5.55 6.80
N ALA A 146 9.70 -6.77 6.33
CA ALA A 146 8.43 -7.24 5.85
C ALA A 146 7.38 -7.13 6.93
N LYS A 147 7.68 -7.66 8.12
CA LYS A 147 6.75 -7.52 9.24
C LYS A 147 6.60 -6.05 9.65
N LYS A 148 7.66 -5.27 9.46
CA LYS A 148 7.66 -3.89 9.93
C LYS A 148 6.68 -3.03 9.17
N PHE A 149 6.76 -3.02 7.83
CA PHE A 149 5.88 -2.14 7.06
C PHE A 149 4.46 -2.68 7.05
N ARG A 150 4.36 -4.00 7.10
CA ARG A 150 3.06 -4.70 7.23
C ARG A 150 2.28 -4.17 8.40
N LYS A 151 2.93 -4.13 9.52
CA LYS A 151 2.32 -3.70 10.73
C LYS A 151 2.14 -2.21 10.62
N ALA A 152 3.16 -1.52 10.11
CA ALA A 152 3.13 -0.07 9.94
C ALA A 152 1.89 0.37 9.16
N VAL A 153 1.61 -0.28 8.03
CA VAL A 153 0.45 0.10 7.22
C VAL A 153 -0.83 -0.15 7.99
N THR A 154 -1.03 -1.35 8.46
CA THR A 154 -2.20 -1.66 9.24
C THR A 154 -2.32 -0.85 10.58
N ASP A 155 -1.19 -0.44 11.15
CA ASP A 155 -1.18 0.41 12.35
C ASP A 155 -1.61 1.81 11.98
N LEU A 156 -0.97 2.37 10.93
CA LEU A 156 -1.26 3.71 10.46
C LEU A 156 -2.73 3.83 10.05
N LEU A 157 -3.25 2.74 9.54
CA LEU A 157 -4.65 2.61 9.16
C LEU A 157 -5.56 2.68 10.37
N GLY A 158 -5.07 2.22 11.50
CA GLY A 158 -5.81 2.31 12.72
C GLY A 158 -5.77 3.71 13.31
N ARG A 159 -4.65 4.39 13.08
CA ARG A 159 -4.44 5.75 13.58
C ARG A 159 -5.33 6.72 12.84
N ARG A 160 -5.34 6.59 11.49
CA ARG A 160 -6.17 7.40 10.58
C ARG A 160 -5.68 8.87 10.44
N GLN A 161 -5.12 9.42 11.49
CA GLN A 161 -4.56 10.76 11.43
C GLN A 161 -3.17 10.69 10.78
N ARG A 162 -2.15 10.35 11.57
CA ARG A 162 -0.77 10.20 11.11
C ARG A 162 0.12 9.90 12.30
N LYS A 163 0.50 8.66 12.44
CA LYS A 163 1.45 8.26 13.43
C LYS A 163 2.21 7.06 12.95
N SER A 164 3.43 7.30 12.54
CA SER A 164 4.33 6.28 12.06
C SER A 164 5.63 6.95 11.70
N GLU A 165 6.67 6.66 12.45
CA GLU A 165 7.95 7.23 12.17
C GLU A 165 9.04 6.22 12.48
N LYS A 166 9.35 5.45 11.48
CA LYS A 166 10.38 4.45 11.56
C LYS A 166 11.22 4.55 10.33
N ARG A 167 12.48 4.84 10.50
CA ARG A 167 13.38 4.97 9.38
C ARG A 167 13.86 3.58 9.01
N ARG A 168 14.14 3.36 7.74
CA ARG A 168 14.52 2.04 7.27
C ARG A 168 15.84 1.57 7.86
N ASP A 169 16.81 2.45 7.93
CA ASP A 169 18.10 2.09 8.48
C ASP A 169 18.65 3.28 9.21
N GLY A 1 22.93 -14.94 10.30
CA GLY A 1 23.06 -13.82 11.22
C GLY A 1 23.30 -12.57 10.45
N SER A 2 22.44 -11.56 10.67
CA SER A 2 22.45 -10.32 9.91
C SER A 2 22.28 -10.63 8.43
N GLU A 3 21.06 -10.91 8.07
CA GLU A 3 20.72 -11.36 6.75
C GLU A 3 20.82 -10.22 5.73
N SER A 4 21.92 -10.19 5.04
CA SER A 4 22.19 -9.21 4.00
C SER A 4 21.97 -9.88 2.65
N ARG A 5 21.30 -10.99 2.71
CA ARG A 5 20.96 -11.79 1.56
C ARG A 5 19.54 -11.47 1.14
N PHE A 6 19.37 -11.24 -0.12
CA PHE A 6 18.07 -10.91 -0.64
C PHE A 6 17.68 -11.98 -1.64
N TYR A 7 16.72 -12.78 -1.28
CA TYR A 7 16.31 -13.87 -2.14
C TYR A 7 14.79 -13.82 -2.28
N PHE A 8 14.35 -13.66 -3.49
CA PHE A 8 12.93 -13.44 -3.77
C PHE A 8 12.30 -14.64 -4.46
N HIS A 9 13.14 -15.50 -4.98
CA HIS A 9 12.77 -16.69 -5.66
C HIS A 9 12.69 -17.81 -4.59
N PRO A 10 11.99 -18.95 -4.84
CA PRO A 10 11.23 -19.23 -6.05
C PRO A 10 9.74 -18.93 -5.91
N ILE A 11 9.12 -18.44 -6.98
CA ILE A 11 7.69 -18.11 -6.99
C ILE A 11 6.90 -19.41 -6.75
N SER A 12 7.49 -20.52 -7.16
CA SER A 12 6.93 -21.85 -6.98
C SER A 12 6.63 -22.15 -5.51
N ASP A 13 7.44 -21.61 -4.60
CA ASP A 13 7.26 -21.85 -3.16
C ASP A 13 6.18 -20.93 -2.60
N LEU A 14 5.97 -19.83 -3.28
CA LEU A 14 4.95 -18.85 -2.92
C LEU A 14 3.57 -19.42 -3.27
N PRO A 15 2.60 -19.27 -2.37
CA PRO A 15 1.24 -19.76 -2.59
C PRO A 15 0.55 -19.02 -3.75
N PRO A 16 -0.28 -19.74 -4.55
CA PRO A 16 -0.96 -19.17 -5.72
C PRO A 16 -1.89 -18.02 -5.31
N PRO A 17 -2.14 -17.08 -6.23
CA PRO A 17 -2.97 -15.91 -5.94
C PRO A 17 -4.38 -16.28 -5.48
N GLU A 18 -4.75 -15.75 -4.36
CA GLU A 18 -6.06 -16.00 -3.80
C GLU A 18 -7.06 -14.99 -4.33
N PRO A 19 -8.18 -15.44 -4.90
CA PRO A 19 -9.20 -14.54 -5.45
C PRO A 19 -9.79 -13.62 -4.38
N TYR A 20 -9.67 -12.33 -4.60
CA TYR A 20 -10.17 -11.36 -3.66
C TYR A 20 -11.55 -10.90 -3.96
N VAL A 21 -12.40 -11.08 -3.00
CA VAL A 21 -13.70 -10.58 -3.04
C VAL A 21 -13.81 -9.42 -2.05
N GLN A 22 -13.28 -8.30 -2.45
CA GLN A 22 -13.25 -7.14 -1.60
C GLN A 22 -14.56 -6.43 -1.65
N THR A 23 -14.99 -5.94 -0.53
CA THR A 23 -16.20 -5.15 -0.49
C THR A 23 -15.84 -3.74 -0.96
N THR A 24 -16.83 -2.92 -1.24
CA THR A 24 -16.57 -1.58 -1.70
C THR A 24 -15.90 -0.78 -0.58
N LYS A 25 -14.70 -0.31 -0.86
CA LYS A 25 -13.90 0.34 0.13
C LYS A 25 -13.95 1.84 -0.04
N SER A 26 -13.84 2.53 1.06
CA SER A 26 -13.86 3.96 1.05
C SER A 26 -12.45 4.53 0.92
N TYR A 27 -12.31 5.43 -0.01
CA TYR A 27 -11.07 6.11 -0.23
C TYR A 27 -11.12 7.50 0.30
N PRO A 28 -10.17 7.91 1.12
CA PRO A 28 -10.10 9.28 1.61
C PRO A 28 -9.73 10.18 0.43
N SER A 29 -9.03 9.57 -0.53
CA SER A 29 -8.54 10.21 -1.73
C SER A 29 -9.70 10.86 -2.51
N LYS A 30 -10.78 10.12 -2.74
CA LYS A 30 -11.90 10.66 -3.53
C LYS A 30 -12.61 11.79 -2.80
N LEU A 31 -12.48 11.83 -1.50
CA LEU A 31 -13.12 12.85 -0.69
C LEU A 31 -12.26 14.10 -0.64
N ALA A 32 -10.99 13.90 -0.38
CA ALA A 32 -10.03 14.98 -0.22
C ALA A 32 -9.59 15.60 -1.52
N ARG A 33 -9.50 14.78 -2.51
CA ARG A 33 -9.04 15.21 -3.82
C ARG A 33 -10.25 15.68 -4.61
N ASN A 34 -11.07 14.70 -4.97
CA ASN A 34 -12.31 14.81 -5.73
C ASN A 34 -12.55 13.41 -6.27
N GLU A 35 -13.77 13.07 -6.58
CA GLU A 35 -14.01 11.75 -7.10
C GLU A 35 -13.86 11.67 -8.60
N SER A 36 -14.63 12.48 -9.31
CA SER A 36 -14.69 12.44 -10.78
C SER A 36 -14.98 11.01 -11.28
N ARG A 37 -16.22 10.60 -11.12
CA ARG A 37 -16.65 9.27 -11.46
C ARG A 37 -16.93 9.19 -12.95
N GLY A 38 -17.55 10.23 -13.46
CA GLY A 38 -17.89 10.27 -14.87
C GLY A 38 -19.31 9.83 -15.09
N GLY A 39 -19.62 8.65 -14.61
CA GLY A 39 -20.95 8.13 -14.73
C GLY A 39 -21.80 8.44 -13.52
N LEU A 40 -23.11 8.33 -13.71
CA LEU A 40 -24.14 8.59 -12.69
C LEU A 40 -24.11 10.07 -12.31
N VAL A 41 -25.02 10.82 -12.87
CA VAL A 41 -25.12 12.23 -12.55
C VAL A 41 -26.27 12.46 -11.56
N PRO A 42 -25.95 12.70 -10.27
CA PRO A 42 -26.96 12.95 -9.27
C PRO A 42 -27.58 14.33 -9.42
N ARG A 43 -28.70 14.56 -8.76
CA ARG A 43 -29.36 15.86 -8.79
C ARG A 43 -28.57 16.87 -7.96
N GLY A 44 -27.69 16.35 -7.13
CA GLY A 44 -26.80 17.17 -6.37
C GLY A 44 -25.44 17.18 -7.00
N SER A 45 -24.86 18.34 -7.12
CA SER A 45 -23.58 18.51 -7.78
C SER A 45 -22.44 17.92 -6.95
N GLY A 46 -21.54 17.21 -7.62
CA GLY A 46 -20.41 16.62 -6.96
C GLY A 46 -19.31 17.62 -6.67
N GLY A 47 -18.31 17.67 -7.52
CA GLY A 47 -17.21 18.57 -7.29
C GLY A 47 -16.45 18.86 -8.55
N SER A 48 -16.84 19.90 -9.24
CA SER A 48 -16.14 20.34 -10.41
C SER A 48 -15.10 21.39 -10.04
N LEU A 49 -15.49 22.37 -9.23
CA LEU A 49 -14.58 23.38 -8.76
C LEU A 49 -14.06 22.92 -7.40
N PHE A 50 -13.20 21.93 -7.47
CA PHE A 50 -12.55 21.26 -6.36
C PHE A 50 -11.95 20.01 -6.94
N SER A 51 -10.69 20.06 -7.29
CA SER A 51 -10.06 18.93 -7.91
C SER A 51 -8.58 18.89 -7.61
N PHE A 52 -8.12 17.68 -7.32
CA PHE A 52 -6.72 17.36 -7.07
C PHE A 52 -6.12 18.12 -5.88
N LEU A 53 -6.17 17.50 -4.73
CA LEU A 53 -5.54 18.05 -3.56
C LEU A 53 -4.55 17.05 -2.99
N GLY A 54 -3.32 17.22 -3.39
CA GLY A 54 -2.25 16.36 -2.93
C GLY A 54 -0.95 17.10 -3.07
N LYS A 55 -0.29 17.34 -1.97
CA LYS A 55 0.87 18.22 -1.98
C LYS A 55 2.11 17.52 -1.46
N LYS A 56 2.14 17.27 -0.17
CA LYS A 56 3.29 16.68 0.47
C LYS A 56 2.94 15.40 1.18
N CYS A 57 3.74 14.41 0.92
CA CYS A 57 3.54 13.10 1.45
C CYS A 57 4.63 12.75 2.42
N VAL A 58 4.24 12.19 3.52
CA VAL A 58 5.16 11.75 4.51
C VAL A 58 5.53 10.30 4.20
N THR A 59 6.78 9.98 4.39
CA THR A 59 7.28 8.69 4.05
C THR A 59 7.06 7.75 5.20
N MET A 60 6.38 6.68 4.94
CA MET A 60 6.09 5.74 5.97
C MET A 60 7.22 4.74 6.05
N SER A 61 7.60 4.25 4.91
CA SER A 61 8.54 3.18 4.81
C SER A 61 9.06 3.10 3.40
N SER A 62 10.19 2.45 3.25
CA SER A 62 10.75 2.16 1.97
C SER A 62 11.49 0.85 2.12
N ALA A 63 11.31 -0.04 1.19
CA ALA A 63 11.90 -1.36 1.28
C ALA A 63 12.17 -1.90 -0.09
N VAL A 64 13.08 -2.82 -0.19
CA VAL A 64 13.43 -3.41 -1.47
C VAL A 64 12.49 -4.58 -1.72
N VAL A 65 11.78 -4.54 -2.82
CA VAL A 65 10.74 -5.51 -3.07
C VAL A 65 10.69 -5.91 -4.55
N GLN A 66 9.93 -6.92 -4.82
CA GLN A 66 9.61 -7.33 -6.15
C GLN A 66 8.10 -7.32 -6.24
N LEU A 67 7.57 -6.89 -7.36
CA LEU A 67 6.14 -6.75 -7.49
C LEU A 67 5.58 -7.75 -8.49
N TYR A 68 4.63 -8.50 -8.01
CA TYR A 68 3.88 -9.43 -8.82
C TYR A 68 2.46 -8.93 -8.95
N ALA A 69 1.91 -9.06 -10.11
CA ALA A 69 0.54 -8.73 -10.35
C ALA A 69 -0.17 -10.01 -10.69
N ALA A 70 -1.30 -10.22 -10.11
CA ALA A 70 -2.01 -11.45 -10.31
C ALA A 70 -3.02 -11.35 -11.39
N ASP A 71 -2.95 -12.26 -12.32
CA ASP A 71 -3.98 -12.37 -13.29
C ASP A 71 -5.10 -13.10 -12.58
N ARG A 72 -6.32 -12.75 -12.93
CA ARG A 72 -7.55 -13.09 -12.20
C ARG A 72 -7.33 -13.88 -10.89
N ASN A 73 -7.50 -15.19 -10.90
CA ASN A 73 -7.22 -15.95 -9.70
C ASN A 73 -6.08 -16.96 -9.85
N CYS A 74 -5.35 -16.96 -10.98
CA CYS A 74 -4.38 -18.09 -11.17
C CYS A 74 -3.00 -17.72 -11.77
N MET A 75 -2.44 -16.55 -11.49
CA MET A 75 -1.09 -16.28 -12.04
C MET A 75 -0.43 -15.03 -11.47
N TRP A 76 0.72 -15.19 -10.83
CA TRP A 76 1.51 -14.03 -10.43
C TRP A 76 2.47 -13.67 -11.56
N SER A 77 2.36 -12.47 -12.06
CA SER A 77 3.19 -11.97 -13.12
C SER A 77 4.04 -10.81 -12.60
N LYS A 78 5.33 -10.94 -12.64
CA LYS A 78 6.22 -9.90 -12.18
C LYS A 78 6.27 -8.78 -13.18
N LYS A 79 5.89 -7.61 -12.75
CA LYS A 79 5.88 -6.45 -13.60
C LYS A 79 7.04 -5.55 -13.32
N CYS A 80 7.37 -5.39 -12.06
CA CYS A 80 8.43 -4.48 -11.69
C CYS A 80 9.18 -5.00 -10.49
N SER A 81 10.42 -4.64 -10.39
CA SER A 81 11.23 -4.98 -9.25
C SER A 81 12.00 -3.74 -8.82
N GLY A 82 12.23 -3.59 -7.55
CA GLY A 82 12.97 -2.45 -7.11
C GLY A 82 12.75 -2.14 -5.67
N VAL A 83 12.36 -0.93 -5.40
CA VAL A 83 12.14 -0.47 -4.08
C VAL A 83 10.73 0.10 -4.00
N ALA A 84 10.12 -0.05 -2.87
CA ALA A 84 8.79 0.43 -2.64
C ALA A 84 8.81 1.53 -1.64
N CYS A 85 7.89 2.44 -1.78
CA CYS A 85 7.74 3.47 -0.80
C CYS A 85 6.28 3.67 -0.50
N LEU A 86 5.96 3.68 0.75
CA LEU A 86 4.60 3.94 1.16
C LEU A 86 4.57 5.39 1.56
N VAL A 87 3.82 6.16 0.84
CA VAL A 87 3.72 7.54 1.12
C VAL A 87 2.30 7.88 1.56
N LYS A 88 2.19 8.69 2.55
CA LYS A 88 0.90 9.12 3.02
C LYS A 88 0.84 10.60 2.78
N ASP A 89 -0.02 11.02 1.89
CA ASP A 89 -0.10 12.41 1.54
C ASP A 89 -1.09 13.06 2.46
N ASN A 90 -0.68 14.13 3.09
CA ASN A 90 -1.49 14.75 4.13
C ASN A 90 -2.77 15.42 3.56
N PRO A 91 -2.68 16.31 2.53
CA PRO A 91 -3.89 16.91 1.91
C PRO A 91 -4.77 15.87 1.20
N GLN A 92 -4.17 14.80 0.71
CA GLN A 92 -4.89 13.75 -0.03
C GLN A 92 -5.63 12.86 0.95
N ARG A 93 -5.27 13.00 2.25
CA ARG A 93 -5.82 12.21 3.38
C ARG A 93 -5.71 10.68 3.18
N SER A 94 -5.05 10.27 2.13
CA SER A 94 -5.05 8.90 1.77
C SER A 94 -3.64 8.33 1.81
N TYR A 95 -3.52 7.11 1.39
CA TYR A 95 -2.30 6.35 1.44
C TYR A 95 -1.98 5.96 0.02
N PHE A 96 -0.75 6.09 -0.37
CA PHE A 96 -0.38 5.83 -1.73
C PHE A 96 0.81 4.88 -1.76
N LEU A 97 0.76 3.92 -2.64
CA LEU A 97 1.83 2.96 -2.77
C LEU A 97 2.54 3.18 -4.09
N ARG A 98 3.84 3.22 -4.06
CA ARG A 98 4.63 3.44 -5.26
C ARG A 98 5.80 2.49 -5.31
N ILE A 99 6.00 1.95 -6.47
CA ILE A 99 7.07 1.02 -6.76
C ILE A 99 7.98 1.67 -7.80
N PHE A 100 9.25 1.65 -7.53
CA PHE A 100 10.25 2.27 -8.34
C PHE A 100 11.47 1.37 -8.49
N ASP A 101 12.16 1.53 -9.59
CA ASP A 101 13.30 0.67 -9.97
C ASP A 101 14.47 0.78 -8.97
N ILE A 102 15.22 -0.30 -8.80
CA ILE A 102 16.36 -0.33 -7.87
C ILE A 102 17.54 0.53 -8.39
N LYS A 103 17.69 0.64 -9.69
CA LYS A 103 18.81 1.36 -10.28
C LYS A 103 18.37 2.77 -10.66
N ASP A 104 17.24 2.84 -11.33
CA ASP A 104 16.66 4.12 -11.75
C ASP A 104 15.95 4.77 -10.56
N GLY A 105 14.79 4.25 -10.22
CA GLY A 105 14.12 4.66 -9.03
C GLY A 105 13.22 5.86 -9.16
N LYS A 106 12.79 6.23 -10.37
CA LYS A 106 11.93 7.40 -10.46
C LYS A 106 10.49 7.06 -10.06
N LEU A 107 9.98 5.94 -10.61
CA LEU A 107 8.60 5.44 -10.44
C LEU A 107 8.24 4.70 -11.72
N LEU A 108 7.56 3.58 -11.62
CA LEU A 108 7.07 2.91 -12.82
C LEU A 108 5.81 2.13 -12.52
N TRP A 109 5.33 2.26 -11.29
CA TRP A 109 4.18 1.54 -10.85
C TRP A 109 3.64 2.26 -9.66
N GLU A 110 2.36 2.50 -9.63
CA GLU A 110 1.76 3.17 -8.52
C GLU A 110 0.39 2.59 -8.25
N GLN A 111 -0.05 2.71 -7.03
CA GLN A 111 -1.34 2.21 -6.66
C GLN A 111 -1.91 3.05 -5.52
N GLU A 112 -3.18 3.27 -5.56
CA GLU A 112 -3.87 4.05 -4.56
C GLU A 112 -4.42 3.09 -3.51
N LEU A 113 -4.31 3.42 -2.26
CA LEU A 113 -4.79 2.54 -1.22
C LEU A 113 -6.01 3.12 -0.54
N TYR A 114 -6.87 2.25 -0.07
CA TYR A 114 -8.08 2.63 0.59
C TYR A 114 -7.95 2.59 2.10
N ASN A 115 -8.82 3.34 2.76
CA ASN A 115 -8.77 3.52 4.21
C ASN A 115 -9.65 2.48 4.91
N ASN A 116 -9.46 1.26 4.49
CA ASN A 116 -10.16 0.10 5.02
C ASN A 116 -9.40 -1.11 4.49
N PHE A 117 -8.10 -0.97 4.46
CA PHE A 117 -7.24 -2.01 3.98
C PHE A 117 -6.64 -2.79 5.13
N VAL A 118 -6.97 -4.04 5.16
CA VAL A 118 -6.39 -4.95 6.09
C VAL A 118 -5.17 -5.52 5.39
N TYR A 119 -4.08 -5.75 6.09
CA TYR A 119 -2.90 -6.17 5.42
C TYR A 119 -2.95 -7.68 5.29
N ASN A 120 -2.73 -8.18 4.10
CA ASN A 120 -2.85 -9.60 3.83
C ASN A 120 -1.47 -10.21 3.57
N SER A 121 -1.12 -11.19 4.36
CA SER A 121 0.15 -11.86 4.19
C SER A 121 -0.02 -13.40 4.13
N PRO A 122 0.14 -14.02 2.93
CA PRO A 122 0.09 -15.50 2.75
C PRO A 122 1.26 -16.17 3.47
N ARG A 123 2.28 -15.41 3.68
CA ARG A 123 3.43 -15.77 4.44
C ARG A 123 3.72 -14.54 5.23
N GLY A 124 4.44 -14.64 6.30
CA GLY A 124 4.76 -13.44 7.05
C GLY A 124 5.63 -12.50 6.26
N TYR A 125 6.46 -13.07 5.42
CA TYR A 125 7.43 -12.36 4.62
C TYR A 125 6.91 -11.97 3.22
N PHE A 126 5.99 -12.73 2.69
CA PHE A 126 5.45 -12.47 1.36
C PHE A 126 4.10 -11.87 1.53
N HIS A 127 3.88 -10.75 0.90
CA HIS A 127 2.69 -10.01 1.18
C HIS A 127 1.82 -9.85 -0.07
N THR A 128 0.51 -9.78 0.12
CA THR A 128 -0.43 -9.61 -0.96
C THR A 128 -1.32 -8.39 -0.73
N PHE A 129 -1.58 -7.65 -1.77
CA PHE A 129 -2.47 -6.51 -1.71
C PHE A 129 -3.61 -6.69 -2.66
N ALA A 130 -4.73 -6.20 -2.26
CA ALA A 130 -5.87 -6.15 -3.09
C ALA A 130 -6.00 -4.72 -3.58
N GLY A 131 -5.62 -4.51 -4.80
CA GLY A 131 -5.61 -3.19 -5.36
C GLY A 131 -6.91 -2.82 -5.96
N ASP A 132 -7.89 -2.60 -5.08
CA ASP A 132 -9.28 -2.19 -5.44
C ASP A 132 -10.03 -3.29 -6.23
N THR A 133 -9.65 -3.47 -7.47
CA THR A 133 -10.25 -4.46 -8.33
C THR A 133 -9.13 -5.34 -8.97
N CYS A 134 -7.94 -5.15 -8.49
CA CYS A 134 -6.79 -5.86 -9.00
C CYS A 134 -6.09 -6.53 -7.82
N GLN A 135 -5.07 -7.29 -8.08
CA GLN A 135 -4.39 -8.02 -7.06
C GLN A 135 -2.88 -8.02 -7.34
N VAL A 136 -2.10 -7.56 -6.37
CA VAL A 136 -0.68 -7.43 -6.50
C VAL A 136 0.00 -8.01 -5.26
N ALA A 137 1.24 -8.41 -5.39
CA ALA A 137 1.98 -9.01 -4.28
C ALA A 137 3.35 -8.42 -4.16
N LEU A 138 3.86 -8.41 -2.94
CA LEU A 138 5.16 -7.86 -2.65
C LEU A 138 6.07 -8.89 -2.01
N ASN A 139 7.28 -8.93 -2.47
CA ASN A 139 8.31 -9.78 -1.90
C ASN A 139 9.15 -8.91 -1.00
N PHE A 140 9.77 -9.49 -0.03
CA PHE A 140 10.58 -8.75 0.90
C PHE A 140 12.07 -8.93 0.57
N ALA A 141 12.86 -7.92 0.85
CA ALA A 141 14.28 -8.05 0.76
C ALA A 141 14.79 -8.50 2.12
N ASN A 142 14.33 -7.80 3.14
CA ASN A 142 14.63 -8.15 4.51
C ASN A 142 13.30 -8.30 5.23
N GLU A 143 13.21 -9.34 6.02
CA GLU A 143 12.00 -9.71 6.73
C GLU A 143 11.51 -8.55 7.63
N GLU A 144 12.45 -7.86 8.26
CA GLU A 144 12.11 -6.81 9.20
C GLU A 144 11.55 -5.57 8.49
N GLU A 145 12.18 -5.17 7.38
CA GLU A 145 11.73 -3.99 6.65
C GLU A 145 10.34 -4.20 6.06
N ALA A 146 10.07 -5.44 5.74
CA ALA A 146 8.80 -5.82 5.18
C ALA A 146 7.75 -5.82 6.25
N LYS A 147 8.17 -6.25 7.42
CA LYS A 147 7.34 -6.28 8.60
C LYS A 147 6.92 -4.87 8.96
N LYS A 148 7.84 -3.92 8.73
CA LYS A 148 7.58 -2.55 9.08
C LYS A 148 6.50 -1.96 8.23
N PHE A 149 6.60 -2.07 6.89
CA PHE A 149 5.57 -1.48 6.06
C PHE A 149 4.24 -2.20 6.19
N ARG A 150 4.31 -3.52 6.41
CA ARG A 150 3.12 -4.32 6.69
C ARG A 150 2.34 -3.76 7.85
N LYS A 151 3.02 -3.53 8.92
CA LYS A 151 2.41 -3.02 10.11
C LYS A 151 2.04 -1.58 9.86
N ALA A 152 2.96 -0.85 9.29
CA ALA A 152 2.79 0.58 9.04
C ALA A 152 1.53 0.88 8.26
N VAL A 153 1.26 0.10 7.19
CA VAL A 153 0.06 0.36 6.40
C VAL A 153 -1.17 0.12 7.26
N THR A 154 -1.26 -1.05 7.83
CA THR A 154 -2.39 -1.41 8.65
C THR A 154 -2.53 -0.61 9.99
N ASP A 155 -1.42 -0.28 10.60
CA ASP A 155 -1.42 0.43 11.88
C ASP A 155 -1.83 1.87 11.70
N LEU A 156 -1.20 2.53 10.74
CA LEU A 156 -1.44 3.95 10.47
C LEU A 156 -2.88 4.12 10.02
N LEU A 157 -3.33 3.20 9.20
CA LEU A 157 -4.67 3.20 8.68
C LEU A 157 -5.67 2.95 9.82
N GLY A 158 -5.32 2.01 10.69
CA GLY A 158 -6.18 1.66 11.80
C GLY A 158 -6.36 2.80 12.79
N ARG A 159 -5.28 3.49 13.11
CA ARG A 159 -5.35 4.62 14.04
C ARG A 159 -5.88 5.87 13.37
N ARG A 160 -5.69 5.96 12.05
CA ARG A 160 -6.00 7.14 11.24
C ARG A 160 -5.12 8.29 11.64
N GLN A 161 -3.94 8.34 11.01
CA GLN A 161 -2.89 9.32 11.27
C GLN A 161 -2.39 9.16 12.71
N ARG A 162 -1.39 8.32 12.89
CA ARG A 162 -0.83 8.09 14.21
C ARG A 162 0.35 9.02 14.43
N LYS A 163 1.19 9.10 13.44
CA LYS A 163 2.30 10.00 13.44
C LYS A 163 2.67 10.26 12.02
N SER A 164 2.94 11.47 11.71
CA SER A 164 3.46 11.79 10.44
C SER A 164 4.97 11.67 10.50
N GLU A 165 5.55 11.01 9.51
CA GLU A 165 6.99 10.82 9.39
C GLU A 165 7.57 9.84 10.41
N LYS A 166 7.39 8.55 10.16
CA LYS A 166 8.19 7.57 10.88
C LYS A 166 9.48 7.47 10.06
N ARG A 167 9.26 7.64 8.74
CA ARG A 167 10.24 7.86 7.71
C ARG A 167 11.42 6.90 7.64
N ARG A 168 11.45 6.14 6.57
CA ARG A 168 12.57 5.31 6.27
C ARG A 168 13.27 6.00 5.11
N ASP A 169 13.96 7.08 5.43
CA ASP A 169 14.61 7.93 4.43
C ASP A 169 15.54 8.87 5.13
N GLY A 1 10.79 -21.09 7.30
CA GLY A 1 11.88 -21.69 8.04
C GLY A 1 12.99 -22.09 7.10
N SER A 2 14.18 -22.34 7.67
CA SER A 2 15.36 -22.78 6.92
C SER A 2 15.91 -21.70 5.95
N GLU A 3 15.43 -20.48 6.06
CA GLU A 3 15.92 -19.43 5.22
C GLU A 3 17.04 -18.66 5.92
N SER A 4 18.23 -19.12 5.71
CA SER A 4 19.38 -18.53 6.32
C SER A 4 19.73 -17.21 5.62
N ARG A 5 19.68 -17.21 4.31
CA ARG A 5 19.91 -16.02 3.51
C ARG A 5 18.58 -15.39 3.13
N PHE A 6 18.62 -14.19 2.66
CA PHE A 6 17.45 -13.53 2.16
C PHE A 6 17.37 -13.77 0.66
N TYR A 7 16.34 -14.42 0.23
CA TYR A 7 16.22 -14.81 -1.14
C TYR A 7 14.84 -14.38 -1.64
N PHE A 8 14.82 -13.60 -2.68
CA PHE A 8 13.59 -13.00 -3.20
C PHE A 8 12.83 -14.00 -4.07
N HIS A 9 13.58 -14.59 -4.96
CA HIS A 9 13.11 -15.55 -5.90
C HIS A 9 13.20 -16.93 -5.22
N PRO A 10 12.51 -17.99 -5.68
CA PRO A 10 11.64 -17.97 -6.85
C PRO A 10 10.17 -17.69 -6.52
N ILE A 11 9.48 -17.05 -7.47
CA ILE A 11 8.04 -16.78 -7.35
C ILE A 11 7.28 -18.09 -7.29
N SER A 12 7.85 -19.07 -7.93
CA SER A 12 7.30 -20.41 -7.97
C SER A 12 7.14 -21.03 -6.57
N ASP A 13 7.94 -20.60 -5.61
CA ASP A 13 7.82 -21.14 -4.25
C ASP A 13 6.83 -20.32 -3.46
N LEU A 14 6.72 -19.07 -3.84
CA LEU A 14 5.80 -18.14 -3.20
C LEU A 14 4.37 -18.57 -3.52
N PRO A 15 3.45 -18.40 -2.57
CA PRO A 15 2.07 -18.84 -2.76
C PRO A 15 1.33 -18.08 -3.87
N PRO A 16 0.54 -18.79 -4.69
CA PRO A 16 -0.27 -18.18 -5.77
C PRO A 16 -1.34 -17.23 -5.21
N PRO A 17 -1.84 -16.30 -6.04
CA PRO A 17 -2.86 -15.36 -5.61
C PRO A 17 -4.19 -16.04 -5.41
N GLU A 18 -5.05 -15.41 -4.69
CA GLU A 18 -6.35 -15.92 -4.37
C GLU A 18 -7.32 -14.77 -4.37
N PRO A 19 -8.52 -14.96 -4.93
CA PRO A 19 -9.56 -13.95 -4.87
C PRO A 19 -9.91 -13.71 -3.41
N TYR A 20 -9.79 -12.50 -3.00
CA TYR A 20 -9.98 -12.14 -1.62
C TYR A 20 -11.43 -11.72 -1.36
N VAL A 21 -11.93 -12.00 -0.20
CA VAL A 21 -13.28 -11.60 0.14
C VAL A 21 -13.25 -10.25 0.85
N GLN A 22 -13.26 -9.20 0.08
CA GLN A 22 -13.25 -7.87 0.61
C GLN A 22 -14.27 -7.04 -0.14
N THR A 23 -14.89 -6.15 0.55
CA THR A 23 -15.87 -5.28 -0.04
C THR A 23 -15.20 -4.08 -0.71
N THR A 24 -15.98 -3.28 -1.42
CA THR A 24 -15.47 -2.11 -2.12
C THR A 24 -14.76 -1.19 -1.11
N LYS A 25 -13.59 -0.71 -1.49
CA LYS A 25 -12.80 0.09 -0.60
C LYS A 25 -12.94 1.55 -1.02
N SER A 26 -12.58 2.46 -0.16
CA SER A 26 -12.66 3.86 -0.49
C SER A 26 -11.28 4.45 -0.75
N TYR A 27 -11.16 5.23 -1.80
CA TYR A 27 -9.92 5.91 -2.13
C TYR A 27 -9.96 7.31 -1.53
N PRO A 28 -9.09 7.62 -0.55
CA PRO A 28 -9.09 8.92 0.10
C PRO A 28 -8.73 10.08 -0.84
N SER A 29 -7.83 9.85 -1.77
CA SER A 29 -7.42 10.89 -2.68
C SER A 29 -8.43 11.05 -3.80
N LYS A 30 -8.85 9.94 -4.37
CA LYS A 30 -9.78 9.96 -5.50
C LYS A 30 -11.18 10.42 -5.10
N LEU A 31 -11.60 10.06 -3.91
CA LEU A 31 -12.91 10.50 -3.41
C LEU A 31 -12.74 11.93 -2.90
N ALA A 32 -11.53 12.20 -2.40
CA ALA A 32 -11.18 13.48 -1.76
C ALA A 32 -11.91 13.57 -0.44
N ARG A 33 -11.93 12.44 0.23
CA ARG A 33 -12.62 12.27 1.48
C ARG A 33 -11.76 12.91 2.56
N ASN A 34 -12.33 13.89 3.23
CA ASN A 34 -11.65 14.55 4.33
C ASN A 34 -12.66 15.10 5.29
N GLU A 35 -13.57 15.91 4.76
CA GLU A 35 -14.56 16.65 5.53
C GLU A 35 -13.88 17.72 6.37
N SER A 36 -13.98 18.97 5.91
CA SER A 36 -13.43 20.08 6.66
C SER A 36 -14.12 20.08 8.01
N ARG A 37 -15.43 20.13 7.98
CA ARG A 37 -16.19 20.02 9.17
C ARG A 37 -16.41 18.55 9.48
N GLY A 38 -15.50 18.00 10.20
CA GLY A 38 -15.60 16.65 10.63
C GLY A 38 -15.49 16.57 12.11
N GLY A 39 -14.35 16.95 12.62
CA GLY A 39 -14.14 16.97 14.03
C GLY A 39 -14.69 18.23 14.65
N LEU A 40 -16.00 18.30 14.72
CA LEU A 40 -16.68 19.44 15.30
C LEU A 40 -18.02 19.01 15.87
N VAL A 41 -18.03 18.66 17.13
CA VAL A 41 -19.24 18.31 17.84
C VAL A 41 -19.17 18.89 19.23
N PRO A 42 -20.30 19.38 19.78
CA PRO A 42 -20.32 19.96 21.13
C PRO A 42 -20.32 18.88 22.21
N ARG A 43 -20.37 17.63 21.79
CA ARG A 43 -20.37 16.53 22.70
C ARG A 43 -18.95 16.14 23.03
N GLY A 44 -18.42 16.74 24.08
CA GLY A 44 -17.08 16.49 24.47
C GLY A 44 -16.11 17.16 23.52
N SER A 45 -15.36 16.38 22.83
CA SER A 45 -14.39 16.89 21.90
C SER A 45 -14.47 16.14 20.58
N GLY A 46 -14.79 16.83 19.53
CA GLY A 46 -14.84 16.21 18.22
C GLY A 46 -13.54 16.38 17.51
N GLY A 47 -12.92 17.50 17.74
CA GLY A 47 -11.67 17.80 17.13
C GLY A 47 -11.32 19.22 17.39
N SER A 48 -10.09 19.47 17.66
CA SER A 48 -9.65 20.79 17.95
C SER A 48 -9.35 21.51 16.63
N LEU A 49 -8.84 20.77 15.68
CA LEU A 49 -8.51 21.30 14.38
C LEU A 49 -9.40 20.67 13.33
N PHE A 50 -9.61 21.38 12.25
CA PHE A 50 -10.26 20.81 11.12
C PHE A 50 -9.15 20.22 10.25
N SER A 51 -9.30 18.95 9.87
CA SER A 51 -8.25 18.19 9.20
C SER A 51 -7.08 17.99 10.21
N PHE A 52 -5.92 17.54 9.76
CA PHE A 52 -4.83 17.39 10.69
C PHE A 52 -3.81 18.54 10.50
N LEU A 53 -3.00 18.43 9.45
CA LEU A 53 -1.98 19.43 9.11
C LEU A 53 -1.19 18.94 7.91
N GLY A 54 -1.63 19.31 6.75
CA GLY A 54 -0.98 18.84 5.56
C GLY A 54 0.13 19.75 5.12
N LYS A 55 1.32 19.23 5.13
CA LYS A 55 2.48 19.97 4.65
C LYS A 55 3.01 19.30 3.41
N LYS A 56 3.43 18.07 3.58
CA LYS A 56 4.05 17.29 2.55
C LYS A 56 3.72 15.82 2.78
N CYS A 57 3.82 15.04 1.74
CA CYS A 57 3.65 13.63 1.81
C CYS A 57 4.88 13.03 2.47
N VAL A 58 4.68 12.28 3.52
CA VAL A 58 5.77 11.76 4.30
C VAL A 58 5.95 10.27 4.01
N THR A 59 7.20 9.85 3.93
CA THR A 59 7.51 8.46 3.73
C THR A 59 7.25 7.71 5.03
N MET A 60 6.42 6.73 4.96
CA MET A 60 6.06 5.95 6.10
C MET A 60 7.00 4.78 6.26
N SER A 61 7.33 4.15 5.15
CA SER A 61 8.15 2.96 5.13
C SER A 61 8.69 2.73 3.71
N SER A 62 9.84 2.10 3.60
CA SER A 62 10.43 1.80 2.32
C SER A 62 11.26 0.50 2.40
N ALA A 63 11.18 -0.34 1.37
CA ALA A 63 11.89 -1.63 1.36
C ALA A 63 12.22 -2.04 -0.07
N VAL A 64 13.21 -2.89 -0.25
CA VAL A 64 13.59 -3.40 -1.58
C VAL A 64 12.64 -4.53 -1.95
N VAL A 65 11.90 -4.37 -3.05
CA VAL A 65 10.82 -5.29 -3.37
C VAL A 65 10.67 -5.59 -4.86
N GLN A 66 9.87 -6.59 -5.13
CA GLN A 66 9.38 -6.90 -6.45
C GLN A 66 7.88 -6.80 -6.36
N LEU A 67 7.27 -6.25 -7.36
CA LEU A 67 5.84 -6.14 -7.35
C LEU A 67 5.26 -7.18 -8.27
N TYR A 68 4.40 -7.97 -7.73
CA TYR A 68 3.71 -8.97 -8.49
C TYR A 68 2.26 -8.61 -8.59
N ALA A 69 1.72 -8.72 -9.76
CA ALA A 69 0.35 -8.45 -9.99
C ALA A 69 -0.34 -9.73 -10.30
N ALA A 70 -1.55 -9.88 -9.85
CA ALA A 70 -2.27 -11.10 -10.07
C ALA A 70 -2.95 -11.12 -11.41
N ASP A 71 -2.53 -12.05 -12.19
CA ASP A 71 -3.14 -12.36 -13.45
C ASP A 71 -4.17 -13.43 -13.10
N ARG A 72 -5.07 -13.78 -14.02
CA ARG A 72 -6.37 -14.50 -13.75
C ARG A 72 -6.67 -14.56 -12.21
N ASN A 73 -6.91 -15.72 -11.66
CA ASN A 73 -7.12 -15.78 -10.21
C ASN A 73 -5.98 -16.47 -9.51
N CYS A 74 -5.10 -17.09 -10.26
CA CYS A 74 -4.05 -17.90 -9.65
C CYS A 74 -2.70 -17.72 -10.35
N MET A 75 -2.42 -16.53 -10.87
CA MET A 75 -1.15 -16.29 -11.56
C MET A 75 -0.48 -15.02 -11.05
N TRP A 76 0.81 -15.09 -10.74
CA TRP A 76 1.55 -13.88 -10.39
C TRP A 76 2.39 -13.46 -11.56
N SER A 77 2.41 -12.19 -11.83
CA SER A 77 3.19 -11.66 -12.86
C SER A 77 4.00 -10.51 -12.29
N LYS A 78 5.31 -10.54 -12.46
CA LYS A 78 6.14 -9.46 -12.02
C LYS A 78 5.89 -8.29 -12.93
N LYS A 79 5.45 -7.22 -12.37
CA LYS A 79 5.15 -6.05 -13.17
C LYS A 79 6.32 -5.10 -13.15
N CYS A 80 6.88 -4.91 -11.98
CA CYS A 80 8.02 -4.05 -11.81
C CYS A 80 8.81 -4.49 -10.59
N SER A 81 10.08 -4.21 -10.59
CA SER A 81 10.94 -4.60 -9.51
C SER A 81 11.80 -3.43 -9.11
N GLY A 82 12.07 -3.30 -7.84
CA GLY A 82 12.90 -2.23 -7.38
C GLY A 82 12.76 -2.01 -5.91
N VAL A 83 12.32 -0.84 -5.55
CA VAL A 83 12.15 -0.46 -4.17
C VAL A 83 10.73 0.10 -3.99
N ALA A 84 10.15 -0.12 -2.85
CA ALA A 84 8.81 0.35 -2.57
C ALA A 84 8.83 1.47 -1.60
N CYS A 85 7.88 2.34 -1.71
CA CYS A 85 7.74 3.40 -0.76
C CYS A 85 6.29 3.56 -0.36
N LEU A 86 6.06 3.53 0.92
CA LEU A 86 4.77 3.75 1.49
C LEU A 86 4.68 5.20 1.86
N VAL A 87 3.90 5.95 1.15
CA VAL A 87 3.84 7.37 1.36
C VAL A 87 2.49 7.79 1.90
N LYS A 88 2.48 8.67 2.86
CA LYS A 88 1.28 9.22 3.38
C LYS A 88 1.18 10.65 2.94
N ASP A 89 0.25 10.94 2.08
CA ASP A 89 0.06 12.30 1.66
C ASP A 89 -0.98 12.87 2.56
N ASN A 90 -0.52 13.54 3.59
CA ASN A 90 -1.39 14.05 4.62
C ASN A 90 -2.31 15.21 4.17
N PRO A 91 -1.87 16.14 3.25
CA PRO A 91 -2.77 17.18 2.74
C PRO A 91 -4.03 16.59 2.08
N GLN A 92 -3.85 15.51 1.31
CA GLN A 92 -4.94 14.83 0.69
C GLN A 92 -5.59 13.85 1.66
N ARG A 93 -4.93 13.62 2.81
CA ARG A 93 -5.39 12.65 3.82
C ARG A 93 -5.38 11.24 3.18
N SER A 94 -4.52 11.06 2.21
CA SER A 94 -4.46 9.84 1.47
C SER A 94 -3.17 9.10 1.77
N TYR A 95 -3.13 7.89 1.32
CA TYR A 95 -2.00 7.04 1.51
C TYR A 95 -1.77 6.36 0.19
N PHE A 96 -0.55 6.18 -0.20
CA PHE A 96 -0.28 5.48 -1.43
C PHE A 96 1.01 4.72 -1.36
N LEU A 97 1.04 3.59 -1.99
CA LEU A 97 2.20 2.77 -2.05
C LEU A 97 2.70 2.82 -3.48
N ARG A 98 3.93 3.16 -3.65
CA ARG A 98 4.53 3.26 -4.97
C ARG A 98 5.68 2.32 -5.08
N ILE A 99 5.79 1.73 -6.22
CA ILE A 99 6.84 0.82 -6.52
C ILE A 99 7.67 1.46 -7.61
N PHE A 100 8.90 1.66 -7.33
CA PHE A 100 9.80 2.27 -8.27
C PHE A 100 10.82 1.29 -8.73
N ASP A 101 10.90 1.21 -10.03
CA ASP A 101 11.71 0.25 -10.73
C ASP A 101 13.20 0.51 -10.58
N ILE A 102 13.96 -0.54 -10.41
CA ILE A 102 15.41 -0.45 -10.25
C ILE A 102 16.14 -0.47 -11.61
N LYS A 103 15.51 -1.04 -12.62
CA LYS A 103 16.10 -1.21 -13.90
C LYS A 103 16.13 0.10 -14.69
N ASP A 104 14.96 0.55 -15.05
CA ASP A 104 14.79 1.76 -15.83
C ASP A 104 14.69 2.95 -14.88
N GLY A 105 14.08 2.71 -13.72
CA GLY A 105 14.06 3.72 -12.66
C GLY A 105 13.13 4.90 -12.85
N LYS A 106 12.15 4.76 -13.71
CA LYS A 106 11.24 5.88 -13.98
C LYS A 106 10.08 5.96 -12.97
N LEU A 107 9.81 4.83 -12.27
CA LEU A 107 8.64 4.67 -11.36
C LEU A 107 7.38 4.67 -12.22
N LEU A 108 6.62 3.62 -12.13
CA LEU A 108 5.44 3.51 -12.97
C LEU A 108 4.30 2.81 -12.26
N TRP A 109 4.35 2.74 -10.95
CA TRP A 109 3.36 2.01 -10.25
C TRP A 109 3.05 2.68 -8.94
N GLU A 110 1.80 2.94 -8.71
CA GLU A 110 1.35 3.44 -7.46
C GLU A 110 -0.02 2.88 -7.17
N GLN A 111 -0.27 2.55 -5.97
CA GLN A 111 -1.53 2.03 -5.58
C GLN A 111 -2.00 2.88 -4.42
N GLU A 112 -3.10 3.56 -4.58
CA GLU A 112 -3.60 4.42 -3.54
C GLU A 112 -4.18 3.52 -2.47
N LEU A 113 -3.73 3.69 -1.27
CA LEU A 113 -4.16 2.84 -0.22
C LEU A 113 -5.43 3.33 0.34
N TYR A 114 -6.16 2.42 0.87
CA TYR A 114 -7.46 2.68 1.31
C TYR A 114 -7.44 3.11 2.74
N ASN A 115 -8.44 3.88 3.10
CA ASN A 115 -8.57 4.49 4.42
C ASN A 115 -8.48 3.44 5.52
N ASN A 116 -9.22 2.35 5.35
CA ASN A 116 -9.20 1.23 6.30
C ASN A 116 -8.86 -0.06 5.57
N PHE A 117 -7.58 -0.28 5.37
CA PHE A 117 -7.10 -1.46 4.67
C PHE A 117 -6.58 -2.53 5.63
N VAL A 118 -7.12 -3.73 5.51
CA VAL A 118 -6.68 -4.85 6.33
C VAL A 118 -5.54 -5.58 5.63
N TYR A 119 -4.45 -5.73 6.34
CA TYR A 119 -3.26 -6.27 5.76
C TYR A 119 -3.22 -7.81 5.91
N ASN A 120 -2.70 -8.52 4.91
CA ASN A 120 -2.60 -9.95 4.98
C ASN A 120 -1.25 -10.44 4.52
N SER A 121 -0.72 -11.42 5.22
CA SER A 121 0.56 -11.97 4.95
C SER A 121 0.53 -13.49 4.81
N PRO A 122 0.79 -14.04 3.61
CA PRO A 122 0.96 -15.47 3.42
C PRO A 122 2.16 -15.96 4.25
N ARG A 123 3.31 -15.30 4.06
CA ARG A 123 4.50 -15.53 4.83
C ARG A 123 5.02 -14.19 5.27
N GLY A 124 6.09 -14.17 6.03
CA GLY A 124 6.63 -12.91 6.48
C GLY A 124 7.28 -12.12 5.37
N TYR A 125 7.90 -12.82 4.43
CA TYR A 125 8.67 -12.18 3.36
C TYR A 125 7.89 -12.05 2.06
N PHE A 126 6.60 -12.32 2.11
CA PHE A 126 5.75 -12.15 0.96
C PHE A 126 4.38 -11.76 1.45
N HIS A 127 3.85 -10.66 0.96
CA HIS A 127 2.55 -10.15 1.40
C HIS A 127 1.64 -9.91 0.22
N THR A 128 0.35 -10.03 0.41
CA THR A 128 -0.59 -9.82 -0.67
C THR A 128 -1.48 -8.66 -0.30
N PHE A 129 -1.78 -7.79 -1.22
CA PHE A 129 -2.63 -6.67 -0.93
C PHE A 129 -3.56 -6.35 -2.10
N ALA A 130 -4.63 -5.67 -1.81
CA ALA A 130 -5.64 -5.37 -2.80
C ALA A 130 -5.35 -4.07 -3.51
N GLY A 131 -5.68 -4.02 -4.78
CA GLY A 131 -5.54 -2.83 -5.54
C GLY A 131 -4.84 -3.03 -6.86
N ASP A 132 -4.67 -1.92 -7.58
CA ASP A 132 -3.98 -1.82 -8.88
C ASP A 132 -4.69 -2.60 -9.98
N THR A 133 -4.59 -3.90 -9.94
CA THR A 133 -5.26 -4.71 -10.91
C THR A 133 -6.45 -5.42 -10.25
N CYS A 134 -6.28 -5.72 -8.95
CA CYS A 134 -7.24 -6.44 -8.11
C CYS A 134 -6.48 -6.93 -6.90
N GLN A 135 -5.57 -7.82 -7.16
CA GLN A 135 -4.73 -8.44 -6.17
C GLN A 135 -3.28 -8.21 -6.59
N VAL A 136 -2.48 -7.69 -5.72
CA VAL A 136 -1.09 -7.45 -5.96
C VAL A 136 -0.29 -7.97 -4.78
N ALA A 137 0.91 -8.38 -5.01
CA ALA A 137 1.71 -8.94 -3.95
C ALA A 137 3.00 -8.22 -3.86
N LEU A 138 3.52 -8.12 -2.66
CA LEU A 138 4.73 -7.47 -2.47
C LEU A 138 5.74 -8.50 -1.94
N ASN A 139 6.94 -8.50 -2.51
CA ASN A 139 8.00 -9.44 -2.13
C ASN A 139 9.22 -8.69 -1.74
N PHE A 140 9.81 -9.08 -0.65
CA PHE A 140 10.93 -8.39 -0.03
C PHE A 140 11.85 -9.33 0.71
N ALA A 141 13.04 -8.86 0.98
CA ALA A 141 14.05 -9.64 1.69
C ALA A 141 13.85 -9.56 3.19
N ASN A 142 13.75 -8.34 3.70
CA ASN A 142 13.68 -8.11 5.12
C ASN A 142 12.25 -8.29 5.62
N GLU A 143 11.98 -9.43 6.21
CA GLU A 143 10.66 -9.76 6.75
C GLU A 143 10.29 -8.89 7.95
N GLU A 144 11.30 -8.46 8.69
CA GLU A 144 11.10 -7.60 9.85
C GLU A 144 10.53 -6.26 9.41
N GLU A 145 11.15 -5.66 8.40
CA GLU A 145 10.71 -4.40 7.82
C GLU A 145 9.30 -4.54 7.30
N ALA A 146 9.03 -5.71 6.80
CA ALA A 146 7.78 -6.02 6.20
C ALA A 146 6.70 -6.07 7.24
N LYS A 147 7.05 -6.61 8.38
CA LYS A 147 6.12 -6.70 9.48
C LYS A 147 5.83 -5.31 10.01
N LYS A 148 6.82 -4.43 9.87
CA LYS A 148 6.69 -3.08 10.35
C LYS A 148 5.69 -2.30 9.53
N PHE A 149 5.82 -2.31 8.19
CA PHE A 149 4.87 -1.57 7.37
C PHE A 149 3.50 -2.24 7.34
N ARG A 150 3.49 -3.56 7.42
CA ARG A 150 2.25 -4.35 7.56
C ARG A 150 1.43 -3.83 8.73
N LYS A 151 2.08 -3.72 9.84
CA LYS A 151 1.46 -3.29 11.06
C LYS A 151 1.17 -1.82 10.94
N ALA A 152 2.07 -1.10 10.35
CA ALA A 152 1.91 0.34 10.12
C ALA A 152 0.61 0.64 9.38
N VAL A 153 0.28 -0.14 8.35
CA VAL A 153 -0.95 0.08 7.59
C VAL A 153 -2.17 -0.38 8.40
N THR A 154 -2.12 -1.60 8.89
CA THR A 154 -3.21 -2.15 9.66
C THR A 154 -3.47 -1.46 11.04
N ASP A 155 -2.43 -0.92 11.64
CA ASP A 155 -2.59 -0.12 12.88
C ASP A 155 -3.28 1.16 12.52
N LEU A 156 -2.86 1.73 11.41
CA LEU A 156 -3.42 2.96 10.85
C LEU A 156 -4.91 2.78 10.58
N LEU A 157 -5.28 1.59 10.09
CA LEU A 157 -6.67 1.21 9.84
C LEU A 157 -7.48 1.47 11.13
N GLY A 158 -6.95 0.96 12.23
CA GLY A 158 -7.61 1.11 13.50
C GLY A 158 -7.63 2.53 13.96
N ARG A 159 -6.53 3.23 13.76
CA ARG A 159 -6.39 4.63 14.18
C ARG A 159 -7.44 5.53 13.53
N ARG A 160 -7.78 5.25 12.28
CA ARG A 160 -8.73 6.09 11.57
C ARG A 160 -10.15 5.87 12.06
N GLN A 161 -10.42 4.70 12.60
CA GLN A 161 -11.75 4.41 13.14
C GLN A 161 -11.72 4.52 14.66
N ARG A 162 -10.63 5.12 15.18
CA ARG A 162 -10.39 5.26 16.61
C ARG A 162 -9.97 3.92 17.21
N LYS A 163 -8.71 3.80 17.53
CA LYS A 163 -8.19 2.58 18.08
C LYS A 163 -7.73 2.82 19.50
N SER A 164 -8.52 2.41 20.41
CA SER A 164 -8.19 2.48 21.80
C SER A 164 -8.82 1.31 22.50
N GLU A 165 -8.20 0.17 22.37
CA GLU A 165 -8.71 -1.03 22.97
C GLU A 165 -8.13 -1.12 24.36
N LYS A 166 -6.89 -0.75 24.44
CA LYS A 166 -6.15 -0.63 25.65
C LYS A 166 -5.11 0.43 25.44
N ARG A 167 -5.19 1.48 26.18
CA ARG A 167 -4.18 2.49 26.06
C ARG A 167 -2.99 2.06 26.88
N ARG A 168 -1.97 1.56 26.20
CA ARG A 168 -0.80 1.04 26.89
C ARG A 168 0.14 2.16 27.28
N ASP A 169 1.12 1.84 28.09
CA ASP A 169 2.09 2.81 28.50
C ASP A 169 3.28 2.75 27.57
N GLY A 1 19.70 -12.51 12.80
CA GLY A 1 20.63 -11.51 13.36
C GLY A 1 21.03 -10.51 12.31
N SER A 2 22.21 -9.94 12.44
CA SER A 2 22.71 -9.02 11.45
C SER A 2 23.33 -9.83 10.33
N GLU A 3 22.47 -10.25 9.43
CA GLU A 3 22.83 -11.15 8.36
C GLU A 3 22.17 -10.66 7.10
N SER A 4 22.92 -10.52 6.06
CA SER A 4 22.37 -10.05 4.83
C SER A 4 22.24 -11.18 3.80
N ARG A 5 21.14 -11.88 3.87
CA ARG A 5 20.81 -12.92 2.93
C ARG A 5 19.34 -12.83 2.63
N PHE A 6 19.01 -12.71 1.38
CA PHE A 6 17.65 -12.50 0.99
C PHE A 6 17.22 -13.41 -0.14
N TYR A 7 15.94 -13.69 -0.15
CA TYR A 7 15.32 -14.53 -1.15
C TYR A 7 14.11 -13.88 -1.73
N PHE A 8 13.80 -14.28 -2.92
CA PHE A 8 12.63 -13.84 -3.63
C PHE A 8 12.05 -15.03 -4.36
N HIS A 9 12.91 -15.75 -5.07
CA HIS A 9 12.52 -16.94 -5.80
C HIS A 9 12.67 -18.19 -4.91
N PRO A 10 12.02 -19.33 -5.27
CA PRO A 10 11.15 -19.47 -6.45
C PRO A 10 9.70 -19.10 -6.17
N ILE A 11 8.95 -18.86 -7.25
CA ILE A 11 7.52 -18.48 -7.18
C ILE A 11 6.71 -19.57 -6.45
N SER A 12 7.23 -20.76 -6.50
CA SER A 12 6.68 -21.93 -5.84
C SER A 12 6.59 -21.73 -4.30
N ASP A 13 7.49 -20.89 -3.75
CA ASP A 13 7.47 -20.59 -2.32
C ASP A 13 6.52 -19.47 -1.99
N LEU A 14 5.94 -18.90 -2.99
CA LEU A 14 4.97 -17.84 -2.83
C LEU A 14 3.57 -18.43 -3.04
N PRO A 15 2.59 -18.01 -2.25
CA PRO A 15 1.22 -18.49 -2.40
C PRO A 15 0.54 -17.90 -3.64
N PRO A 16 -0.25 -18.71 -4.38
CA PRO A 16 -0.98 -18.23 -5.57
C PRO A 16 -2.02 -17.16 -5.19
N PRO A 17 -2.29 -16.21 -6.09
CA PRO A 17 -3.24 -15.13 -5.82
C PRO A 17 -4.70 -15.57 -5.85
N GLU A 18 -5.57 -14.61 -5.63
CA GLU A 18 -7.02 -14.81 -5.68
C GLU A 18 -7.66 -13.54 -6.20
N PRO A 19 -8.73 -13.67 -6.99
CA PRO A 19 -9.53 -12.51 -7.39
C PRO A 19 -10.36 -12.04 -6.19
N TYR A 20 -10.60 -10.75 -6.08
CA TYR A 20 -11.33 -10.24 -4.94
C TYR A 20 -12.80 -10.43 -5.00
N VAL A 21 -13.30 -11.13 -4.00
CA VAL A 21 -14.72 -11.34 -3.81
C VAL A 21 -15.27 -10.20 -2.95
N GLN A 22 -14.34 -9.44 -2.39
CA GLN A 22 -14.66 -8.30 -1.57
C GLN A 22 -15.29 -7.22 -2.38
N THR A 23 -16.20 -6.53 -1.79
CA THR A 23 -16.77 -5.37 -2.38
C THR A 23 -15.71 -4.27 -2.26
N THR A 24 -15.53 -3.54 -3.33
CA THR A 24 -14.48 -2.56 -3.42
C THR A 24 -14.57 -1.52 -2.28
N LYS A 25 -13.45 -1.37 -1.59
CA LYS A 25 -13.33 -0.51 -0.44
C LYS A 25 -13.13 0.94 -0.86
N SER A 26 -13.31 1.85 0.06
CA SER A 26 -13.22 3.26 -0.22
C SER A 26 -11.78 3.75 -0.16
N TYR A 27 -11.44 4.57 -1.12
CA TYR A 27 -10.15 5.21 -1.20
C TYR A 27 -10.24 6.54 -0.46
N PRO A 28 -9.33 6.82 0.50
CA PRO A 28 -9.42 8.03 1.35
C PRO A 28 -9.52 9.35 0.57
N SER A 29 -8.80 9.47 -0.53
CA SER A 29 -8.81 10.70 -1.30
C SER A 29 -10.16 10.91 -1.95
N LYS A 30 -10.71 9.83 -2.50
CA LYS A 30 -11.98 9.86 -3.20
C LYS A 30 -13.14 9.90 -2.21
N LEU A 31 -12.92 9.37 -1.03
CA LEU A 31 -13.91 9.35 0.03
C LEU A 31 -14.10 10.76 0.57
N ALA A 32 -12.99 11.46 0.74
CA ALA A 32 -12.96 12.85 1.20
C ALA A 32 -13.21 13.80 0.02
N ARG A 33 -13.73 13.26 -1.06
CA ARG A 33 -14.07 13.97 -2.28
C ARG A 33 -15.54 13.68 -2.54
N ASN A 34 -16.32 13.75 -1.46
CA ASN A 34 -17.77 13.45 -1.47
C ASN A 34 -18.52 14.31 -2.46
N GLU A 35 -18.19 15.59 -2.50
CA GLU A 35 -18.85 16.51 -3.39
C GLU A 35 -18.46 16.27 -4.83
N SER A 36 -19.39 16.46 -5.75
CA SER A 36 -19.12 16.18 -7.14
C SER A 36 -20.08 16.91 -8.07
N ARG A 37 -19.59 17.95 -8.70
CA ARG A 37 -20.29 18.68 -9.75
C ARG A 37 -19.34 19.71 -10.34
N GLY A 38 -19.34 19.84 -11.64
CA GLY A 38 -18.50 20.82 -12.26
C GLY A 38 -19.27 22.07 -12.60
N GLY A 39 -18.77 22.84 -13.52
CA GLY A 39 -19.46 24.03 -13.96
C GLY A 39 -20.51 23.71 -15.00
N LEU A 40 -21.42 22.86 -14.62
CA LEU A 40 -22.47 22.37 -15.48
C LEU A 40 -23.51 21.72 -14.56
N VAL A 41 -24.72 21.51 -15.08
CA VAL A 41 -25.81 20.83 -14.35
C VAL A 41 -26.30 21.64 -13.13
N PRO A 42 -27.38 22.40 -13.29
CA PRO A 42 -27.92 23.18 -12.21
C PRO A 42 -28.92 22.38 -11.37
N ARG A 43 -28.42 21.80 -10.30
CA ARG A 43 -29.24 21.03 -9.38
C ARG A 43 -28.79 21.31 -7.98
N GLY A 44 -29.51 20.79 -7.02
CA GLY A 44 -29.17 20.98 -5.63
C GLY A 44 -27.86 20.32 -5.29
N SER A 45 -26.92 21.10 -4.86
CA SER A 45 -25.61 20.60 -4.49
C SER A 45 -25.11 21.40 -3.30
N GLY A 46 -26.05 21.85 -2.48
CA GLY A 46 -25.73 22.59 -1.29
C GLY A 46 -25.07 21.72 -0.24
N GLY A 47 -23.79 21.70 -0.26
CA GLY A 47 -23.01 20.90 0.64
C GLY A 47 -21.72 20.54 -0.04
N SER A 48 -20.64 20.60 0.68
CA SER A 48 -19.36 20.27 0.11
C SER A 48 -18.44 19.63 1.14
N LEU A 49 -18.27 18.34 1.03
CA LEU A 49 -17.37 17.63 1.89
C LEU A 49 -16.12 17.26 1.13
N PHE A 50 -15.12 18.11 1.26
CA PHE A 50 -13.85 17.92 0.61
C PHE A 50 -12.76 18.56 1.44
N SER A 51 -11.85 17.76 1.91
CA SER A 51 -10.73 18.23 2.66
C SER A 51 -9.63 18.64 1.69
N PHE A 52 -9.34 19.91 1.65
CA PHE A 52 -8.37 20.44 0.74
C PHE A 52 -7.02 20.68 1.41
N LEU A 53 -5.97 20.33 0.68
CA LEU A 53 -4.57 20.55 1.08
C LEU A 53 -4.15 19.79 2.33
N GLY A 54 -2.93 20.00 2.72
CA GLY A 54 -2.35 19.36 3.87
C GLY A 54 -0.94 19.81 4.02
N LYS A 55 -0.08 18.98 4.52
CA LYS A 55 1.32 19.36 4.67
C LYS A 55 2.15 18.90 3.47
N LYS A 56 2.59 17.65 3.50
CA LYS A 56 3.43 17.13 2.45
C LYS A 56 3.34 15.59 2.49
N CYS A 57 4.11 14.91 1.67
CA CYS A 57 4.15 13.48 1.64
C CYS A 57 4.91 12.95 2.84
N VAL A 58 4.35 11.97 3.48
CA VAL A 58 4.95 11.36 4.63
C VAL A 58 5.43 9.99 4.24
N THR A 59 6.68 9.75 4.43
CA THR A 59 7.25 8.48 4.13
C THR A 59 7.02 7.58 5.33
N MET A 60 6.29 6.54 5.14
CA MET A 60 5.96 5.65 6.20
C MET A 60 7.03 4.60 6.34
N SER A 61 7.47 4.06 5.23
CA SER A 61 8.43 2.98 5.17
C SER A 61 8.91 2.77 3.74
N SER A 62 10.01 2.08 3.60
CA SER A 62 10.60 1.78 2.33
C SER A 62 11.34 0.43 2.43
N ALA A 63 11.24 -0.38 1.39
CA ALA A 63 11.88 -1.70 1.37
C ALA A 63 12.14 -2.14 -0.05
N VAL A 64 13.05 -3.09 -0.22
CA VAL A 64 13.40 -3.61 -1.54
C VAL A 64 12.40 -4.71 -1.92
N VAL A 65 11.68 -4.51 -3.01
CA VAL A 65 10.61 -5.42 -3.38
C VAL A 65 10.59 -5.73 -4.88
N GLN A 66 9.74 -6.66 -5.23
CA GLN A 66 9.37 -6.94 -6.58
C GLN A 66 7.87 -6.82 -6.66
N LEU A 67 7.37 -6.25 -7.71
CA LEU A 67 5.96 -6.05 -7.84
C LEU A 67 5.37 -7.14 -8.72
N TYR A 68 4.40 -7.81 -8.17
CA TYR A 68 3.69 -8.86 -8.87
C TYR A 68 2.23 -8.53 -8.91
N ALA A 69 1.63 -8.80 -10.03
CA ALA A 69 0.22 -8.60 -10.20
C ALA A 69 -0.43 -9.96 -10.38
N ALA A 70 -1.66 -10.06 -9.95
CA ALA A 70 -2.38 -11.31 -10.03
C ALA A 70 -3.00 -11.49 -11.39
N ASP A 71 -2.44 -12.42 -12.11
CA ASP A 71 -2.93 -12.79 -13.40
C ASP A 71 -4.11 -13.73 -13.19
N ARG A 72 -4.86 -13.97 -14.27
CA ARG A 72 -6.17 -14.64 -14.30
C ARG A 72 -6.75 -15.02 -12.92
N ASN A 73 -6.60 -16.25 -12.48
CA ASN A 73 -7.12 -16.57 -11.16
C ASN A 73 -6.02 -16.93 -10.22
N CYS A 74 -4.86 -17.29 -10.76
CA CYS A 74 -3.89 -17.94 -9.88
C CYS A 74 -2.41 -17.83 -10.32
N MET A 75 -2.01 -16.73 -10.91
CA MET A 75 -0.59 -16.59 -11.26
C MET A 75 -0.08 -15.20 -10.93
N TRP A 76 1.13 -15.13 -10.43
CA TRP A 76 1.76 -13.85 -10.17
C TRP A 76 2.66 -13.50 -11.30
N SER A 77 2.45 -12.36 -11.87
CA SER A 77 3.25 -11.92 -12.95
C SER A 77 4.00 -10.67 -12.55
N LYS A 78 5.30 -10.79 -12.50
CA LYS A 78 6.15 -9.70 -12.17
C LYS A 78 6.14 -8.66 -13.26
N LYS A 79 5.84 -7.45 -12.89
CA LYS A 79 5.87 -6.37 -13.83
C LYS A 79 7.18 -5.64 -13.69
N CYS A 80 7.55 -5.37 -12.47
CA CYS A 80 8.74 -4.60 -12.22
C CYS A 80 9.30 -4.90 -10.84
N SER A 81 10.51 -4.52 -10.62
CA SER A 81 11.15 -4.66 -9.35
C SER A 81 11.84 -3.39 -8.97
N GLY A 82 12.15 -3.25 -7.72
CA GLY A 82 12.83 -2.09 -7.30
C GLY A 82 12.76 -1.91 -5.83
N VAL A 83 12.43 -0.74 -5.43
CA VAL A 83 12.28 -0.39 -4.05
C VAL A 83 10.91 0.22 -3.92
N ALA A 84 10.27 0.01 -2.82
CA ALA A 84 8.97 0.52 -2.61
C ALA A 84 8.95 1.50 -1.51
N CYS A 85 8.06 2.44 -1.61
CA CYS A 85 7.89 3.39 -0.57
C CYS A 85 6.42 3.53 -0.27
N LEU A 86 6.09 3.46 0.97
CA LEU A 86 4.74 3.62 1.39
C LEU A 86 4.63 5.06 1.84
N VAL A 87 3.84 5.81 1.14
CA VAL A 87 3.72 7.21 1.42
C VAL A 87 2.30 7.57 1.80
N LYS A 88 2.17 8.41 2.76
CA LYS A 88 0.91 8.94 3.13
C LYS A 88 0.96 10.38 2.66
N ASP A 89 0.18 10.73 1.68
CA ASP A 89 0.18 12.09 1.21
C ASP A 89 -0.83 12.84 1.97
N ASN A 90 -0.34 13.59 2.94
CA ASN A 90 -1.19 14.35 3.84
C ASN A 90 -2.18 15.26 3.07
N PRO A 91 -1.72 16.08 2.05
CA PRO A 91 -2.63 16.90 1.24
C PRO A 91 -3.68 16.08 0.47
N GLN A 92 -3.34 14.83 0.17
CA GLN A 92 -4.21 13.96 -0.60
C GLN A 92 -5.10 13.13 0.35
N ARG A 93 -4.74 13.20 1.64
CA ARG A 93 -5.42 12.50 2.78
C ARG A 93 -5.26 10.97 2.70
N SER A 94 -4.75 10.47 1.62
CA SER A 94 -4.73 9.07 1.38
C SER A 94 -3.36 8.45 1.59
N TYR A 95 -3.20 7.23 1.11
CA TYR A 95 -2.00 6.47 1.28
C TYR A 95 -1.67 5.91 -0.08
N PHE A 96 -0.43 5.98 -0.46
CA PHE A 96 -0.02 5.44 -1.73
C PHE A 96 1.17 4.54 -1.53
N LEU A 97 1.16 3.41 -2.16
CA LEU A 97 2.32 2.61 -2.16
C LEU A 97 2.91 2.74 -3.52
N ARG A 98 4.12 3.17 -3.57
CA ARG A 98 4.75 3.45 -4.81
C ARG A 98 5.97 2.62 -5.02
N ILE A 99 6.04 2.10 -6.20
CA ILE A 99 7.04 1.17 -6.62
C ILE A 99 7.93 1.87 -7.64
N PHE A 100 9.18 1.94 -7.34
CA PHE A 100 10.14 2.60 -8.16
C PHE A 100 11.33 1.72 -8.38
N ASP A 101 11.93 1.89 -9.51
CA ASP A 101 13.06 1.09 -9.94
C ASP A 101 14.29 1.31 -9.03
N ILE A 102 15.08 0.27 -8.86
CA ILE A 102 16.24 0.34 -7.97
C ILE A 102 17.46 0.99 -8.65
N LYS A 103 17.49 0.98 -9.97
CA LYS A 103 18.57 1.52 -10.71
C LYS A 103 18.34 3.01 -10.94
N ASP A 104 17.22 3.34 -11.53
CA ASP A 104 16.87 4.73 -11.84
C ASP A 104 15.94 5.33 -10.80
N GLY A 105 14.79 4.71 -10.59
CA GLY A 105 13.87 5.21 -9.56
C GLY A 105 12.83 6.20 -10.07
N LYS A 106 12.59 6.19 -11.38
CA LYS A 106 11.64 7.13 -12.05
C LYS A 106 10.16 6.98 -11.59
N LEU A 107 9.88 5.95 -10.77
CA LEU A 107 8.52 5.59 -10.33
C LEU A 107 7.74 4.99 -11.50
N LEU A 108 7.34 3.75 -11.36
CA LEU A 108 6.69 3.06 -12.44
C LEU A 108 5.26 2.66 -12.11
N TRP A 109 4.94 2.63 -10.83
CA TRP A 109 3.68 2.05 -10.42
C TRP A 109 3.20 2.74 -9.14
N GLU A 110 1.91 3.02 -9.07
CA GLU A 110 1.30 3.70 -7.93
C GLU A 110 -0.12 3.21 -7.73
N GLN A 111 -0.51 2.96 -6.51
CA GLN A 111 -1.87 2.56 -6.21
C GLN A 111 -2.21 3.19 -4.84
N GLU A 112 -3.44 3.61 -4.65
CA GLU A 112 -3.86 4.22 -3.42
C GLU A 112 -4.48 3.17 -2.51
N LEU A 113 -4.07 3.14 -1.26
CA LEU A 113 -4.53 2.13 -0.34
C LEU A 113 -5.88 2.50 0.23
N TYR A 114 -6.70 1.51 0.41
CA TYR A 114 -8.03 1.65 0.91
C TYR A 114 -7.99 2.06 2.35
N ASN A 115 -8.97 2.79 2.78
CA ASN A 115 -9.02 3.31 4.16
C ASN A 115 -9.54 2.22 5.11
N ASN A 116 -9.75 1.04 4.56
CA ASN A 116 -10.23 -0.12 5.31
C ASN A 116 -9.35 -1.30 4.98
N PHE A 117 -8.12 -1.03 4.63
CA PHE A 117 -7.20 -2.08 4.27
C PHE A 117 -6.61 -2.76 5.50
N VAL A 118 -6.86 -4.02 5.62
CA VAL A 118 -6.27 -4.86 6.63
C VAL A 118 -5.00 -5.42 5.99
N TYR A 119 -3.93 -5.57 6.73
CA TYR A 119 -2.73 -6.01 6.08
C TYR A 119 -2.69 -7.52 6.06
N ASN A 120 -2.32 -8.11 4.94
CA ASN A 120 -2.31 -9.55 4.82
C ASN A 120 -0.94 -10.08 4.50
N SER A 121 -0.44 -10.91 5.37
CA SER A 121 0.84 -11.53 5.20
C SER A 121 0.65 -13.04 5.34
N PRO A 122 0.61 -13.77 4.22
CA PRO A 122 0.43 -15.21 4.23
C PRO A 122 1.73 -16.04 4.25
N ARG A 123 2.83 -15.52 3.68
CA ARG A 123 4.05 -16.33 3.53
C ARG A 123 5.27 -15.72 4.25
N GLY A 124 5.11 -14.58 4.84
CA GLY A 124 6.24 -13.95 5.49
C GLY A 124 7.07 -13.15 4.52
N TYR A 125 7.61 -13.82 3.50
CA TYR A 125 8.44 -13.19 2.44
C TYR A 125 7.59 -12.46 1.46
N PHE A 126 6.33 -12.78 1.47
CA PHE A 126 5.45 -12.27 0.51
C PHE A 126 4.19 -11.77 1.19
N HIS A 127 3.81 -10.55 0.89
CA HIS A 127 2.60 -9.97 1.44
C HIS A 127 1.65 -9.67 0.30
N THR A 128 0.39 -9.74 0.56
CA THR A 128 -0.64 -9.54 -0.45
C THR A 128 -1.37 -8.21 -0.23
N PHE A 129 -1.75 -7.55 -1.31
CA PHE A 129 -2.43 -6.27 -1.25
C PHE A 129 -3.75 -6.35 -2.03
N ALA A 130 -4.63 -5.40 -1.80
CA ALA A 130 -5.95 -5.40 -2.41
C ALA A 130 -6.02 -4.41 -3.57
N GLY A 131 -6.78 -4.76 -4.56
CA GLY A 131 -6.99 -3.92 -5.69
C GLY A 131 -8.43 -4.01 -6.14
N ASP A 132 -8.82 -3.15 -7.06
CA ASP A 132 -10.19 -3.11 -7.57
C ASP A 132 -10.46 -4.36 -8.39
N THR A 133 -11.04 -5.37 -7.73
CA THR A 133 -11.33 -6.72 -8.27
C THR A 133 -10.06 -7.53 -8.65
N CYS A 134 -8.92 -6.87 -8.64
CA CYS A 134 -7.66 -7.48 -8.98
C CYS A 134 -6.81 -7.54 -7.74
N GLN A 135 -5.67 -8.15 -7.83
CA GLN A 135 -4.81 -8.27 -6.70
C GLN A 135 -3.37 -8.03 -7.13
N VAL A 136 -2.62 -7.38 -6.28
CA VAL A 136 -1.23 -7.14 -6.47
C VAL A 136 -0.56 -7.47 -5.15
N ALA A 137 0.68 -7.80 -5.17
CA ALA A 137 1.33 -8.18 -3.93
C ALA A 137 2.79 -7.81 -3.93
N LEU A 138 3.39 -7.83 -2.74
CA LEU A 138 4.79 -7.45 -2.64
C LEU A 138 5.64 -8.63 -2.18
N ASN A 139 6.75 -8.81 -2.84
CA ASN A 139 7.73 -9.83 -2.50
C ASN A 139 9.01 -9.08 -2.19
N PHE A 140 9.60 -9.36 -1.07
CA PHE A 140 10.69 -8.54 -0.55
C PHE A 140 11.87 -9.33 -0.04
N ALA A 141 12.97 -8.61 0.12
CA ALA A 141 14.22 -9.17 0.54
C ALA A 141 14.31 -9.42 2.05
N ASN A 142 13.64 -8.60 2.84
CA ASN A 142 13.81 -8.69 4.30
C ASN A 142 12.49 -8.60 5.03
N GLU A 143 12.18 -9.66 5.77
CA GLU A 143 10.96 -9.78 6.54
C GLU A 143 10.89 -8.70 7.63
N GLU A 144 12.05 -8.29 8.15
CA GLU A 144 12.10 -7.27 9.21
C GLU A 144 11.48 -5.97 8.74
N GLU A 145 11.95 -5.50 7.61
CA GLU A 145 11.47 -4.24 7.07
C GLU A 145 10.01 -4.38 6.63
N ALA A 146 9.65 -5.58 6.24
CA ALA A 146 8.33 -5.89 5.81
C ALA A 146 7.37 -5.91 6.95
N LYS A 147 7.82 -6.50 8.04
CA LYS A 147 7.08 -6.55 9.30
C LYS A 147 6.79 -5.14 9.73
N LYS A 148 7.75 -4.26 9.48
CA LYS A 148 7.64 -2.89 9.84
C LYS A 148 6.63 -2.16 9.00
N PHE A 149 6.73 -2.25 7.66
CA PHE A 149 5.73 -1.55 6.84
C PHE A 149 4.34 -2.18 7.00
N ARG A 150 4.30 -3.47 7.22
CA ARG A 150 3.06 -4.19 7.51
C ARG A 150 2.32 -3.57 8.69
N LYS A 151 3.04 -3.41 9.78
CA LYS A 151 2.46 -2.89 11.00
C LYS A 151 2.18 -1.43 10.81
N ALA A 152 3.14 -0.76 10.20
CA ALA A 152 3.03 0.66 9.92
C ALA A 152 1.77 0.98 9.12
N VAL A 153 1.50 0.21 8.03
CA VAL A 153 0.32 0.44 7.21
C VAL A 153 -0.92 0.22 8.04
N THR A 154 -1.03 -0.95 8.62
CA THR A 154 -2.16 -1.31 9.41
C THR A 154 -2.37 -0.44 10.70
N ASP A 155 -1.30 0.12 11.24
CA ASP A 155 -1.41 1.05 12.39
C ASP A 155 -1.90 2.40 11.91
N LEU A 156 -1.24 2.92 10.91
CA LEU A 156 -1.51 4.23 10.39
C LEU A 156 -2.88 4.25 9.69
N LEU A 157 -3.27 3.12 9.15
CA LEU A 157 -4.54 2.95 8.45
C LEU A 157 -5.72 3.45 9.33
N GLY A 158 -5.75 3.02 10.59
CA GLY A 158 -6.81 3.49 11.50
C GLY A 158 -6.52 4.89 12.01
N ARG A 159 -5.26 5.16 12.16
CA ARG A 159 -4.71 6.40 12.72
C ARG A 159 -4.98 7.61 11.77
N ARG A 160 -5.02 7.30 10.48
CA ARG A 160 -5.42 8.19 9.38
C ARG A 160 -4.57 9.45 9.18
N GLN A 161 -4.89 10.52 9.89
CA GLN A 161 -4.23 11.82 9.65
C GLN A 161 -3.13 12.12 10.64
N ARG A 162 -3.10 11.43 11.75
CA ARG A 162 -2.11 11.75 12.75
C ARG A 162 -0.92 10.79 12.63
N LYS A 163 0.05 11.19 11.86
CA LYS A 163 1.23 10.37 11.59
C LYS A 163 2.38 10.70 12.56
N SER A 164 3.41 9.87 12.54
CA SER A 164 4.60 10.07 13.36
C SER A 164 5.82 9.40 12.72
N GLU A 165 6.98 10.09 12.74
CA GLU A 165 8.28 9.56 12.26
C GLU A 165 8.37 9.39 10.73
N LYS A 166 9.53 9.68 10.21
CA LYS A 166 9.87 9.46 8.82
C LYS A 166 11.06 8.52 8.79
N ARG A 167 10.87 7.34 8.27
CA ARG A 167 11.93 6.38 8.25
C ARG A 167 12.17 5.84 6.85
N ARG A 168 13.37 6.08 6.35
CA ARG A 168 13.80 5.62 5.04
C ARG A 168 15.29 5.36 5.18
N ASP A 169 15.78 4.29 4.61
CA ASP A 169 17.20 4.01 4.71
C ASP A 169 17.79 3.90 3.34
N GLY A 1 18.18 -5.85 11.25
CA GLY A 1 17.37 -6.06 10.06
C GLY A 1 17.46 -7.48 9.60
N SER A 2 17.14 -7.69 8.35
CA SER A 2 17.17 -9.00 7.76
C SER A 2 18.54 -9.25 7.12
N GLU A 3 19.45 -8.26 7.28
CA GLU A 3 20.83 -8.31 6.77
C GLU A 3 20.90 -8.13 5.26
N SER A 4 19.73 -7.94 4.66
CA SER A 4 19.57 -7.74 3.24
C SER A 4 20.23 -8.84 2.38
N ARG A 5 19.74 -10.05 2.52
CA ARG A 5 20.15 -11.14 1.66
C ARG A 5 19.02 -11.38 0.71
N PHE A 6 19.29 -11.42 -0.55
CA PHE A 6 18.22 -11.40 -1.50
C PHE A 6 17.83 -12.76 -2.02
N TYR A 7 16.69 -13.20 -1.58
CA TYR A 7 16.00 -14.32 -2.12
C TYR A 7 14.58 -13.98 -2.34
N PHE A 8 14.18 -14.12 -3.55
CA PHE A 8 12.86 -13.83 -3.97
C PHE A 8 12.28 -15.05 -4.64
N HIS A 9 13.06 -15.60 -5.54
CA HIS A 9 12.75 -16.80 -6.24
C HIS A 9 13.05 -17.98 -5.31
N PRO A 10 12.40 -19.15 -5.49
CA PRO A 10 11.44 -19.45 -6.57
C PRO A 10 10.02 -18.92 -6.31
N ILE A 11 9.30 -18.62 -7.41
CA ILE A 11 7.92 -18.13 -7.37
C ILE A 11 6.98 -19.22 -6.87
N SER A 12 7.40 -20.43 -7.07
CA SER A 12 6.68 -21.61 -6.62
C SER A 12 6.49 -21.61 -5.09
N ASP A 13 7.39 -20.96 -4.38
CA ASP A 13 7.33 -20.89 -2.93
C ASP A 13 6.49 -19.72 -2.46
N LEU A 14 5.98 -18.98 -3.41
CA LEU A 14 5.12 -17.86 -3.13
C LEU A 14 3.68 -18.30 -3.38
N PRO A 15 2.77 -18.07 -2.42
CA PRO A 15 1.36 -18.46 -2.57
C PRO A 15 0.71 -17.76 -3.79
N PRO A 16 -0.13 -18.50 -4.56
CA PRO A 16 -0.80 -17.94 -5.74
C PRO A 16 -1.83 -16.86 -5.36
N PRO A 17 -2.16 -15.96 -6.30
CA PRO A 17 -3.11 -14.89 -6.07
C PRO A 17 -4.53 -15.40 -5.89
N GLU A 18 -5.37 -14.53 -5.42
CA GLU A 18 -6.74 -14.83 -5.14
C GLU A 18 -7.62 -13.62 -5.41
N PRO A 19 -8.84 -13.85 -5.93
CA PRO A 19 -9.83 -12.79 -6.04
C PRO A 19 -10.48 -12.60 -4.67
N TYR A 20 -10.69 -11.37 -4.28
CA TYR A 20 -11.27 -11.11 -2.99
C TYR A 20 -12.76 -11.25 -2.99
N VAL A 21 -13.28 -11.95 -1.99
CA VAL A 21 -14.69 -12.06 -1.79
C VAL A 21 -15.12 -10.91 -0.89
N GLN A 22 -14.11 -10.26 -0.34
CA GLN A 22 -14.25 -9.06 0.43
C GLN A 22 -14.60 -7.94 -0.53
N THR A 23 -15.36 -7.00 -0.08
CA THR A 23 -15.85 -5.93 -0.93
C THR A 23 -14.73 -4.92 -1.22
N THR A 24 -14.98 -4.00 -2.13
CA THR A 24 -14.05 -2.98 -2.48
C THR A 24 -13.95 -1.94 -1.38
N LYS A 25 -12.74 -1.62 -1.03
CA LYS A 25 -12.49 -0.71 0.06
C LYS A 25 -12.39 0.70 -0.50
N SER A 26 -12.82 1.66 0.24
CA SER A 26 -12.72 3.03 -0.17
C SER A 26 -11.36 3.59 0.20
N TYR A 27 -10.86 4.49 -0.61
CA TYR A 27 -9.60 5.15 -0.33
C TYR A 27 -9.96 6.46 0.35
N PRO A 28 -9.15 6.98 1.30
CA PRO A 28 -9.44 8.27 1.97
C PRO A 28 -9.56 9.42 0.96
N SER A 29 -8.86 9.30 -0.15
CA SER A 29 -8.86 10.29 -1.19
C SER A 29 -10.19 10.29 -1.97
N LYS A 30 -10.62 9.10 -2.36
CA LYS A 30 -11.83 8.95 -3.14
C LYS A 30 -13.07 9.05 -2.27
N LEU A 31 -12.91 8.77 -0.99
CA LEU A 31 -14.02 8.82 -0.03
C LEU A 31 -14.40 10.28 0.21
N ALA A 32 -13.39 11.12 0.36
CA ALA A 32 -13.61 12.55 0.58
C ALA A 32 -14.01 13.26 -0.71
N ARG A 33 -13.92 12.53 -1.80
CA ARG A 33 -14.28 12.99 -3.11
C ARG A 33 -15.69 12.52 -3.46
N ASN A 34 -16.59 13.44 -3.62
CA ASN A 34 -17.94 13.07 -4.00
C ASN A 34 -18.06 13.03 -5.50
N GLU A 35 -17.90 11.87 -6.05
CA GLU A 35 -18.09 11.68 -7.45
C GLU A 35 -19.13 10.63 -7.71
N SER A 36 -20.35 11.09 -7.62
CA SER A 36 -21.53 10.33 -7.80
C SER A 36 -22.68 11.31 -7.86
N ARG A 37 -23.25 11.46 -9.02
CA ARG A 37 -24.29 12.43 -9.25
C ARG A 37 -25.64 11.91 -8.80
N GLY A 38 -26.06 12.36 -7.66
CA GLY A 38 -27.32 11.94 -7.11
C GLY A 38 -28.36 13.01 -7.27
N GLY A 39 -28.46 13.55 -8.47
CA GLY A 39 -29.41 14.58 -8.74
C GLY A 39 -30.78 14.01 -8.95
N LEU A 40 -30.89 13.11 -9.88
CA LEU A 40 -32.13 12.44 -10.16
C LEU A 40 -32.46 11.50 -9.01
N VAL A 41 -31.45 10.79 -8.55
CA VAL A 41 -31.60 9.87 -7.45
C VAL A 41 -30.79 10.30 -6.21
N PRO A 42 -31.46 10.91 -5.22
CA PRO A 42 -30.82 11.33 -3.97
C PRO A 42 -30.05 10.18 -3.31
N ARG A 43 -28.81 10.44 -2.98
CA ARG A 43 -27.96 9.45 -2.36
C ARG A 43 -27.62 9.95 -0.97
N GLY A 44 -27.06 9.09 -0.14
CA GLY A 44 -26.70 9.49 1.18
C GLY A 44 -25.39 10.25 1.18
N SER A 45 -25.47 11.55 1.04
CA SER A 45 -24.30 12.37 1.02
C SER A 45 -24.44 13.48 2.06
N GLY A 46 -23.36 13.78 2.73
CA GLY A 46 -23.35 14.81 3.72
C GLY A 46 -22.28 15.83 3.41
N GLY A 47 -22.17 16.19 2.15
CA GLY A 47 -21.20 17.16 1.73
C GLY A 47 -20.02 16.51 1.06
N SER A 48 -18.84 16.82 1.54
CA SER A 48 -17.63 16.28 0.99
C SER A 48 -16.55 16.18 2.07
N LEU A 49 -16.51 17.22 2.94
CA LEU A 49 -15.53 17.35 4.04
C LEU A 49 -14.13 17.65 3.53
N PHE A 50 -13.50 18.64 4.12
CA PHE A 50 -12.17 18.99 3.68
C PHE A 50 -11.11 18.13 4.37
N SER A 51 -10.48 17.30 3.61
CA SER A 51 -9.40 16.50 4.09
C SER A 51 -8.08 17.18 3.75
N PHE A 52 -8.17 18.22 2.92
CA PHE A 52 -7.01 18.97 2.47
C PHE A 52 -6.27 19.61 3.64
N LEU A 53 -5.00 19.33 3.72
CA LEU A 53 -4.13 19.86 4.74
C LEU A 53 -2.93 20.48 4.06
N GLY A 54 -2.45 21.57 4.59
CA GLY A 54 -1.29 22.23 4.04
C GLY A 54 -0.02 21.60 4.56
N LYS A 55 0.15 20.34 4.25
CA LYS A 55 1.30 19.57 4.69
C LYS A 55 1.95 18.90 3.50
N LYS A 56 3.04 18.24 3.75
CA LYS A 56 3.79 17.58 2.71
C LYS A 56 3.50 16.09 2.73
N CYS A 57 3.63 15.46 1.60
CA CYS A 57 3.48 14.03 1.52
C CYS A 57 4.75 13.43 2.11
N VAL A 58 4.63 12.79 3.23
CA VAL A 58 5.76 12.30 3.95
C VAL A 58 5.92 10.78 3.87
N THR A 59 7.15 10.34 3.75
CA THR A 59 7.49 8.95 3.69
C THR A 59 7.31 8.27 5.05
N MET A 60 6.74 7.10 5.04
CA MET A 60 6.52 6.37 6.25
C MET A 60 7.40 5.12 6.33
N SER A 61 7.67 4.48 5.20
CA SER A 61 8.48 3.25 5.21
C SER A 61 8.93 2.90 3.79
N SER A 62 10.03 2.16 3.67
CA SER A 62 10.59 1.77 2.39
C SER A 62 11.31 0.41 2.49
N ALA A 63 11.20 -0.43 1.45
CA ALA A 63 11.82 -1.77 1.45
C ALA A 63 12.04 -2.26 0.03
N VAL A 64 12.93 -3.25 -0.13
CA VAL A 64 13.22 -3.83 -1.41
C VAL A 64 12.20 -4.94 -1.70
N VAL A 65 11.49 -4.81 -2.79
CA VAL A 65 10.40 -5.71 -3.09
C VAL A 65 10.32 -6.06 -4.57
N GLN A 66 9.45 -6.98 -4.86
CA GLN A 66 9.09 -7.31 -6.20
C GLN A 66 7.62 -7.03 -6.29
N LEU A 67 7.20 -6.49 -7.36
CA LEU A 67 5.81 -6.25 -7.54
C LEU A 67 5.24 -7.34 -8.40
N TYR A 68 4.33 -8.06 -7.86
CA TYR A 68 3.63 -9.07 -8.57
C TYR A 68 2.22 -8.65 -8.79
N ALA A 69 1.76 -8.81 -9.99
CA ALA A 69 0.42 -8.51 -10.33
C ALA A 69 -0.27 -9.80 -10.60
N ALA A 70 -1.51 -9.89 -10.22
CA ALA A 70 -2.22 -11.12 -10.37
C ALA A 70 -2.78 -11.28 -11.75
N ASP A 71 -2.41 -12.35 -12.37
CA ASP A 71 -2.97 -12.79 -13.60
C ASP A 71 -4.28 -13.47 -13.26
N ARG A 72 -5.18 -13.56 -14.23
CA ARG A 72 -6.60 -13.96 -14.08
C ARG A 72 -7.03 -14.21 -12.63
N ASN A 73 -7.12 -15.44 -12.20
CA ASN A 73 -7.42 -15.69 -10.81
C ASN A 73 -6.31 -16.37 -10.07
N CYS A 74 -5.29 -16.86 -10.77
CA CYS A 74 -4.36 -17.77 -10.08
C CYS A 74 -2.90 -17.80 -10.59
N MET A 75 -2.38 -16.70 -11.05
CA MET A 75 -0.96 -16.71 -11.41
C MET A 75 -0.34 -15.35 -11.17
N TRP A 76 0.85 -15.30 -10.62
CA TRP A 76 1.54 -14.04 -10.44
C TRP A 76 2.40 -13.71 -11.65
N SER A 77 2.48 -12.45 -11.96
CA SER A 77 3.33 -11.97 -12.99
C SER A 77 4.02 -10.72 -12.49
N LYS A 78 5.34 -10.69 -12.54
CA LYS A 78 6.08 -9.52 -12.13
C LYS A 78 5.82 -8.39 -13.04
N LYS A 79 5.61 -7.28 -12.47
CA LYS A 79 5.38 -6.08 -13.21
C LYS A 79 6.58 -5.17 -13.09
N CYS A 80 7.32 -5.38 -12.01
CA CYS A 80 8.53 -4.64 -11.72
C CYS A 80 9.13 -5.19 -10.43
N SER A 81 10.39 -4.96 -10.24
CA SER A 81 11.02 -5.26 -9.01
C SER A 81 11.83 -4.05 -8.67
N GLY A 82 11.92 -3.72 -7.41
CA GLY A 82 12.62 -2.55 -7.04
C GLY A 82 12.49 -2.27 -5.60
N VAL A 83 12.25 -1.05 -5.29
CA VAL A 83 12.09 -0.63 -3.95
C VAL A 83 10.74 0.02 -3.85
N ALA A 84 10.10 -0.12 -2.74
CA ALA A 84 8.82 0.45 -2.54
C ALA A 84 8.88 1.49 -1.47
N CYS A 85 8.07 2.49 -1.60
CA CYS A 85 8.03 3.52 -0.59
C CYS A 85 6.60 3.85 -0.23
N LEU A 86 6.33 3.89 1.05
CA LEU A 86 5.06 4.28 1.57
C LEU A 86 5.09 5.74 1.87
N VAL A 87 4.23 6.47 1.26
CA VAL A 87 4.15 7.89 1.45
C VAL A 87 2.73 8.22 1.81
N LYS A 88 2.54 9.09 2.76
CA LYS A 88 1.20 9.48 3.08
C LYS A 88 0.96 10.86 2.60
N ASP A 89 -0.15 11.05 1.99
CA ASP A 89 -0.50 12.31 1.45
C ASP A 89 -1.44 12.99 2.39
N ASN A 90 -1.06 14.12 2.88
CA ASN A 90 -1.91 14.90 3.76
C ASN A 90 -3.13 15.53 3.07
N PRO A 91 -2.96 16.22 1.89
CA PRO A 91 -4.11 16.82 1.14
C PRO A 91 -5.30 15.85 0.90
N GLN A 92 -5.04 14.61 0.53
CA GLN A 92 -6.11 13.64 0.36
C GLN A 92 -6.29 12.79 1.62
N ARG A 93 -5.32 12.90 2.53
CA ARG A 93 -5.22 12.09 3.77
C ARG A 93 -5.04 10.61 3.47
N SER A 94 -4.79 10.29 2.21
CA SER A 94 -4.62 8.94 1.79
C SER A 94 -3.16 8.53 1.91
N TYR A 95 -2.89 7.31 1.59
CA TYR A 95 -1.55 6.82 1.68
C TYR A 95 -1.25 6.22 0.34
N PHE A 96 -0.04 6.27 -0.08
CA PHE A 96 0.34 5.73 -1.35
C PHE A 96 1.53 4.86 -1.17
N LEU A 97 1.50 3.74 -1.80
CA LEU A 97 2.66 2.91 -1.84
C LEU A 97 3.14 2.96 -3.27
N ARG A 98 4.36 3.31 -3.43
CA ARG A 98 4.90 3.51 -4.75
C ARG A 98 6.04 2.60 -4.99
N ILE A 99 6.03 2.04 -6.14
CA ILE A 99 6.98 1.08 -6.60
C ILE A 99 7.85 1.74 -7.64
N PHE A 100 9.11 1.70 -7.41
CA PHE A 100 10.10 2.25 -8.28
C PHE A 100 11.14 1.20 -8.59
N ASP A 101 11.53 1.15 -9.84
CA ASP A 101 12.30 0.05 -10.40
C ASP A 101 13.71 -0.09 -9.77
N ILE A 102 14.17 -1.33 -9.70
CA ILE A 102 15.46 -1.67 -9.14
C ILE A 102 16.61 -1.04 -9.96
N LYS A 103 16.40 -0.91 -11.25
CA LYS A 103 17.39 -0.35 -12.14
C LYS A 103 17.11 1.11 -12.38
N ASP A 104 15.89 1.41 -12.76
CA ASP A 104 15.47 2.78 -13.08
C ASP A 104 15.18 3.56 -11.79
N GLY A 105 14.07 3.29 -11.16
CA GLY A 105 13.82 3.81 -9.84
C GLY A 105 13.23 5.20 -9.78
N LYS A 106 12.63 5.67 -10.86
CA LYS A 106 12.01 6.99 -10.76
C LYS A 106 10.59 6.87 -10.26
N LEU A 107 9.86 5.91 -10.82
CA LEU A 107 8.48 5.54 -10.48
C LEU A 107 7.88 4.85 -11.68
N LEU A 108 6.98 3.95 -11.44
CA LEU A 108 6.23 3.34 -12.51
C LEU A 108 4.89 2.79 -12.05
N TRP A 109 4.65 2.83 -10.74
CA TRP A 109 3.46 2.25 -10.20
C TRP A 109 3.20 2.83 -8.81
N GLU A 110 2.03 3.36 -8.60
CA GLU A 110 1.59 3.76 -7.28
C GLU A 110 0.08 3.59 -7.20
N GLN A 111 -0.42 3.36 -6.02
CA GLN A 111 -1.84 3.19 -5.81
C GLN A 111 -2.18 3.70 -4.44
N GLU A 112 -3.35 4.29 -4.29
CA GLU A 112 -3.78 4.73 -2.99
C GLU A 112 -4.01 3.51 -2.10
N LEU A 113 -3.60 3.62 -0.89
CA LEU A 113 -3.93 2.64 0.09
C LEU A 113 -5.30 2.99 0.60
N TYR A 114 -6.06 1.98 0.90
CA TYR A 114 -7.45 2.16 1.26
C TYR A 114 -7.58 2.72 2.67
N ASN A 115 -8.79 3.03 3.06
CA ASN A 115 -9.07 3.53 4.39
C ASN A 115 -9.76 2.43 5.18
N ASN A 116 -9.97 1.29 4.51
CA ASN A 116 -10.70 0.17 5.10
C ASN A 116 -9.93 -1.13 4.85
N PHE A 117 -8.63 -1.02 4.66
CA PHE A 117 -7.82 -2.17 4.35
C PHE A 117 -7.14 -2.76 5.59
N VAL A 118 -7.41 -4.01 5.82
CA VAL A 118 -6.75 -4.81 6.82
C VAL A 118 -5.57 -5.47 6.10
N TYR A 119 -4.44 -5.67 6.76
CA TYR A 119 -3.26 -6.07 6.02
C TYR A 119 -3.26 -7.59 5.82
N ASN A 120 -2.87 -8.06 4.63
CA ASN A 120 -2.94 -9.48 4.31
C ASN A 120 -1.55 -10.07 4.09
N SER A 121 -1.14 -10.93 4.98
CA SER A 121 0.15 -11.58 4.87
C SER A 121 0.01 -13.11 4.96
N PRO A 122 0.08 -13.82 3.83
CA PRO A 122 -0.01 -15.27 3.82
C PRO A 122 1.29 -15.94 4.33
N ARG A 123 2.40 -15.25 4.16
CA ARG A 123 3.71 -15.76 4.57
C ARG A 123 4.49 -14.65 5.23
N GLY A 124 5.58 -15.00 5.87
CA GLY A 124 6.42 -14.02 6.53
C GLY A 124 7.36 -13.33 5.54
N TYR A 125 7.44 -13.89 4.35
CA TYR A 125 8.31 -13.37 3.30
C TYR A 125 7.55 -12.82 2.09
N PHE A 126 6.22 -12.89 2.14
CA PHE A 126 5.40 -12.48 1.00
C PHE A 126 4.11 -11.82 1.49
N HIS A 127 3.81 -10.64 0.98
CA HIS A 127 2.62 -9.90 1.39
C HIS A 127 1.66 -9.73 0.23
N THR A 128 0.39 -9.67 0.52
CA THR A 128 -0.63 -9.55 -0.51
C THR A 128 -1.47 -8.32 -0.25
N PHE A 129 -1.77 -7.59 -1.28
CA PHE A 129 -2.51 -6.37 -1.20
C PHE A 129 -3.52 -6.32 -2.35
N ALA A 130 -4.55 -5.53 -2.21
CA ALA A 130 -5.58 -5.44 -3.22
C ALA A 130 -5.20 -4.40 -4.25
N GLY A 131 -5.46 -4.71 -5.50
CA GLY A 131 -5.09 -3.82 -6.55
C GLY A 131 -6.17 -3.69 -7.59
N ASP A 132 -5.96 -2.79 -8.53
CA ASP A 132 -6.93 -2.53 -9.63
C ASP A 132 -7.17 -3.78 -10.44
N THR A 133 -6.11 -4.55 -10.64
CA THR A 133 -6.19 -5.80 -11.34
C THR A 133 -7.07 -6.79 -10.57
N CYS A 134 -6.69 -7.02 -9.34
CA CYS A 134 -7.37 -7.88 -8.41
C CYS A 134 -6.62 -7.85 -7.11
N GLN A 135 -5.42 -8.37 -7.19
CA GLN A 135 -4.55 -8.45 -6.07
C GLN A 135 -3.13 -8.20 -6.56
N VAL A 136 -2.39 -7.43 -5.83
CA VAL A 136 -1.02 -7.14 -6.11
C VAL A 136 -0.22 -7.57 -4.90
N ALA A 137 0.90 -8.14 -5.10
CA ALA A 137 1.63 -8.67 -3.99
C ALA A 137 3.02 -8.19 -3.97
N LEU A 138 3.58 -8.13 -2.79
CA LEU A 138 4.94 -7.74 -2.64
C LEU A 138 5.74 -8.90 -2.10
N ASN A 139 6.87 -9.12 -2.71
CA ASN A 139 7.80 -10.13 -2.24
C ASN A 139 9.03 -9.40 -1.85
N PHE A 140 9.57 -9.68 -0.73
CA PHE A 140 10.66 -8.90 -0.21
C PHE A 140 11.79 -9.75 0.30
N ALA A 141 12.93 -9.13 0.42
CA ALA A 141 14.09 -9.80 0.96
C ALA A 141 14.24 -9.43 2.43
N ASN A 142 13.90 -8.20 2.74
CA ASN A 142 14.00 -7.70 4.08
C ASN A 142 12.69 -7.76 4.82
N GLU A 143 12.52 -8.81 5.59
CA GLU A 143 11.33 -9.03 6.36
C GLU A 143 11.15 -8.01 7.46
N GLU A 144 12.25 -7.49 7.97
CA GLU A 144 12.21 -6.54 9.06
C GLU A 144 11.52 -5.25 8.64
N GLU A 145 11.87 -4.74 7.47
CA GLU A 145 11.23 -3.54 6.94
C GLU A 145 9.80 -3.82 6.52
N ALA A 146 9.54 -5.03 6.12
CA ALA A 146 8.25 -5.45 5.64
C ALA A 146 7.30 -5.56 6.77
N LYS A 147 7.82 -6.09 7.85
CA LYS A 147 7.14 -6.19 9.11
C LYS A 147 6.76 -4.81 9.56
N LYS A 148 7.66 -3.86 9.30
CA LYS A 148 7.43 -2.50 9.67
C LYS A 148 6.37 -1.86 8.80
N PHE A 149 6.49 -1.96 7.47
CA PHE A 149 5.51 -1.32 6.62
C PHE A 149 4.12 -1.94 6.77
N ARG A 150 4.08 -3.23 7.01
CA ARG A 150 2.82 -3.96 7.25
C ARG A 150 2.07 -3.36 8.42
N LYS A 151 2.77 -3.22 9.49
CA LYS A 151 2.19 -2.71 10.71
C LYS A 151 1.93 -1.24 10.51
N ALA A 152 2.89 -0.56 9.91
CA ALA A 152 2.79 0.87 9.62
C ALA A 152 1.53 1.19 8.81
N VAL A 153 1.26 0.40 7.73
CA VAL A 153 0.07 0.66 6.92
C VAL A 153 -1.17 0.50 7.76
N THR A 154 -1.30 -0.68 8.35
CA THR A 154 -2.48 -1.03 9.09
C THR A 154 -2.70 -0.20 10.39
N ASP A 155 -1.62 0.20 11.03
CA ASP A 155 -1.67 1.02 12.25
C ASP A 155 -2.19 2.40 11.93
N LEU A 156 -1.57 3.01 10.93
CA LEU A 156 -1.88 4.37 10.53
C LEU A 156 -3.27 4.40 9.89
N LEU A 157 -3.57 3.37 9.13
CA LEU A 157 -4.83 3.25 8.40
C LEU A 157 -6.00 3.00 9.36
N GLY A 158 -5.80 2.08 10.30
CA GLY A 158 -6.88 1.71 11.18
C GLY A 158 -7.17 2.74 12.25
N ARG A 159 -6.13 3.26 12.87
CA ARG A 159 -6.31 4.28 13.90
C ARG A 159 -6.48 5.66 13.30
N ARG A 160 -5.65 5.96 12.31
CA ARG A 160 -5.50 7.29 11.72
C ARG A 160 -5.01 8.23 12.78
N GLN A 161 -3.75 8.09 13.06
CA GLN A 161 -3.09 8.79 14.13
C GLN A 161 -2.04 9.69 13.52
N ARG A 162 -1.84 10.85 14.10
CA ARG A 162 -0.82 11.75 13.60
C ARG A 162 0.53 11.38 14.22
N LYS A 163 1.32 10.70 13.45
CA LYS A 163 2.61 10.22 13.86
C LYS A 163 3.68 10.94 13.05
N SER A 164 4.68 11.48 13.71
CA SER A 164 5.70 12.25 13.03
C SER A 164 7.08 11.81 13.49
N GLU A 165 8.10 12.13 12.68
CA GLU A 165 9.51 11.84 12.97
C GLU A 165 9.81 10.36 13.16
N LYS A 166 10.22 9.72 12.10
CA LYS A 166 10.59 8.33 12.18
C LYS A 166 12.08 8.23 12.02
N ARG A 167 12.78 8.03 13.08
CA ARG A 167 14.19 7.84 12.98
C ARG A 167 14.68 6.89 14.05
N ARG A 168 15.23 5.81 13.60
CA ARG A 168 15.89 4.88 14.46
C ARG A 168 17.15 4.54 13.71
N ASP A 169 16.98 3.80 12.64
CA ASP A 169 18.07 3.42 11.77
C ASP A 169 17.49 2.98 10.44
N GLY A 1 20.86 -7.54 12.09
CA GLY A 1 21.12 -7.93 10.70
C GLY A 1 22.57 -8.18 10.46
N SER A 2 22.91 -9.42 10.23
CA SER A 2 24.27 -9.79 9.99
C SER A 2 24.38 -10.72 8.79
N GLU A 3 24.53 -10.11 7.61
CA GLU A 3 24.62 -10.79 6.33
C GLU A 3 23.33 -11.48 5.93
N SER A 4 22.89 -11.22 4.75
CA SER A 4 21.71 -11.83 4.28
C SER A 4 21.86 -12.15 2.81
N ARG A 5 21.72 -13.40 2.49
CA ARG A 5 21.65 -13.83 1.13
C ARG A 5 20.24 -13.60 0.70
N PHE A 6 20.04 -12.60 -0.11
CA PHE A 6 18.71 -12.15 -0.44
C PHE A 6 17.98 -13.16 -1.31
N TYR A 7 17.00 -13.78 -0.72
CA TYR A 7 16.16 -14.71 -1.41
C TYR A 7 14.78 -14.18 -1.60
N PHE A 8 14.43 -14.09 -2.83
CA PHE A 8 13.13 -13.69 -3.27
C PHE A 8 12.49 -14.90 -3.93
N HIS A 9 13.34 -15.68 -4.55
CA HIS A 9 13.01 -16.87 -5.25
C HIS A 9 13.10 -18.07 -4.27
N PRO A 10 12.40 -19.21 -4.54
CA PRO A 10 11.59 -19.44 -5.74
C PRO A 10 10.10 -19.10 -5.55
N ILE A 11 9.43 -18.79 -6.66
CA ILE A 11 8.01 -18.40 -6.69
C ILE A 11 7.14 -19.59 -6.21
N SER A 12 7.67 -20.77 -6.40
CA SER A 12 7.00 -22.00 -6.01
C SER A 12 6.67 -22.06 -4.49
N ASP A 13 7.44 -21.35 -3.67
CA ASP A 13 7.19 -21.27 -2.22
C ASP A 13 6.26 -20.12 -1.87
N LEU A 14 5.98 -19.31 -2.86
CA LEU A 14 5.06 -18.21 -2.73
C LEU A 14 3.63 -18.71 -2.98
N PRO A 15 2.65 -18.22 -2.22
CA PRO A 15 1.26 -18.65 -2.38
C PRO A 15 0.63 -18.11 -3.65
N PRO A 16 -0.18 -18.94 -4.33
CA PRO A 16 -0.90 -18.52 -5.53
C PRO A 16 -1.88 -17.39 -5.21
N PRO A 17 -2.17 -16.50 -6.18
CA PRO A 17 -3.09 -15.39 -5.97
C PRO A 17 -4.51 -15.89 -5.83
N GLU A 18 -5.38 -15.02 -5.39
CA GLU A 18 -6.74 -15.41 -5.10
C GLU A 18 -7.66 -14.19 -5.02
N PRO A 19 -8.99 -14.39 -5.13
CA PRO A 19 -9.94 -13.35 -4.86
C PRO A 19 -9.96 -13.09 -3.35
N TYR A 20 -9.67 -11.88 -2.95
CA TYR A 20 -9.62 -11.52 -1.55
C TYR A 20 -10.97 -11.11 -1.02
N VAL A 21 -11.24 -11.41 0.22
CA VAL A 21 -12.52 -11.09 0.80
C VAL A 21 -12.48 -9.70 1.41
N GLN A 22 -12.64 -8.73 0.55
CA GLN A 22 -12.68 -7.35 0.90
C GLN A 22 -13.82 -6.67 0.18
N THR A 23 -14.38 -5.68 0.81
CA THR A 23 -15.53 -4.97 0.29
C THR A 23 -15.12 -4.03 -0.88
N THR A 24 -16.12 -3.44 -1.51
CA THR A 24 -15.95 -2.56 -2.65
C THR A 24 -15.00 -1.40 -2.29
N LYS A 25 -14.18 -1.00 -3.24
CA LYS A 25 -13.16 -0.02 -3.01
C LYS A 25 -13.71 1.38 -3.03
N SER A 26 -13.38 2.09 -2.01
CA SER A 26 -13.73 3.46 -1.83
C SER A 26 -12.44 4.14 -1.40
N TYR A 27 -12.00 5.11 -2.15
CA TYR A 27 -10.70 5.70 -1.92
C TYR A 27 -10.76 6.95 -1.06
N PRO A 28 -9.89 7.03 -0.03
CA PRO A 28 -9.83 8.16 0.88
C PRO A 28 -9.55 9.48 0.16
N SER A 29 -8.81 9.44 -0.93
CA SER A 29 -8.50 10.65 -1.67
C SER A 29 -9.76 11.33 -2.20
N LYS A 30 -10.61 10.56 -2.83
CA LYS A 30 -11.82 11.08 -3.41
C LYS A 30 -12.93 11.30 -2.38
N LEU A 31 -12.87 10.60 -1.27
CA LEU A 31 -13.93 10.70 -0.27
C LEU A 31 -13.58 11.74 0.80
N ALA A 32 -12.38 11.67 1.33
CA ALA A 32 -11.97 12.54 2.43
C ALA A 32 -11.62 13.92 1.96
N ARG A 33 -11.05 14.00 0.81
CA ARG A 33 -10.70 15.28 0.24
C ARG A 33 -11.86 15.78 -0.58
N ASN A 34 -12.71 16.54 0.05
CA ASN A 34 -13.85 17.10 -0.62
C ASN A 34 -13.52 18.52 -1.02
N GLU A 35 -13.98 18.93 -2.18
CA GLU A 35 -13.74 20.29 -2.63
C GLU A 35 -15.00 21.14 -2.45
N SER A 36 -16.07 20.49 -1.99
CA SER A 36 -17.34 21.13 -1.68
C SER A 36 -18.07 21.65 -2.94
N ARG A 37 -18.92 20.80 -3.49
CA ARG A 37 -19.74 21.14 -4.65
C ARG A 37 -21.21 20.95 -4.31
N GLY A 38 -22.07 21.60 -5.05
CA GLY A 38 -23.47 21.46 -4.83
C GLY A 38 -24.26 21.86 -6.04
N GLY A 39 -24.04 21.16 -7.13
CA GLY A 39 -24.76 21.44 -8.34
C GLY A 39 -26.04 20.64 -8.41
N LEU A 40 -26.85 20.94 -9.42
CA LEU A 40 -28.17 20.34 -9.62
C LEU A 40 -29.12 20.75 -8.49
N VAL A 41 -29.79 21.88 -8.72
CA VAL A 41 -30.70 22.56 -7.76
C VAL A 41 -29.97 22.93 -6.43
N PRO A 42 -30.57 23.70 -5.52
CA PRO A 42 -29.96 23.97 -4.24
C PRO A 42 -29.93 22.70 -3.40
N ARG A 43 -28.75 22.13 -3.28
CA ARG A 43 -28.52 20.93 -2.51
C ARG A 43 -27.04 20.63 -2.55
N GLY A 44 -26.47 20.34 -1.41
CA GLY A 44 -25.06 20.09 -1.35
C GLY A 44 -24.31 21.35 -1.03
N SER A 45 -23.55 21.32 0.03
CA SER A 45 -22.78 22.45 0.44
C SER A 45 -21.65 22.67 -0.57
N GLY A 46 -21.67 23.80 -1.24
CA GLY A 46 -20.68 24.10 -2.24
C GLY A 46 -19.82 25.27 -1.85
N GLY A 47 -19.87 25.62 -0.58
CA GLY A 47 -19.08 26.72 -0.09
C GLY A 47 -18.45 26.40 1.23
N SER A 48 -18.10 25.15 1.42
CA SER A 48 -17.47 24.72 2.63
C SER A 48 -15.96 24.66 2.43
N LEU A 49 -15.27 25.55 3.09
CA LEU A 49 -13.84 25.63 2.99
C LEU A 49 -13.15 24.56 3.81
N PHE A 50 -12.17 23.94 3.24
CA PHE A 50 -11.36 22.96 3.91
C PHE A 50 -9.96 23.47 4.09
N SER A 51 -9.28 22.97 5.06
CA SER A 51 -7.91 23.33 5.29
C SER A 51 -7.03 22.53 4.35
N PHE A 52 -6.39 23.21 3.42
CA PHE A 52 -5.53 22.54 2.49
C PHE A 52 -4.09 22.70 2.96
N LEU A 53 -3.55 21.61 3.46
CA LEU A 53 -2.22 21.60 4.02
C LEU A 53 -1.16 21.52 2.91
N GLY A 54 0.10 21.54 3.28
CA GLY A 54 1.17 21.49 2.30
C GLY A 54 1.78 20.12 2.19
N LYS A 55 3.10 20.09 1.98
CA LYS A 55 3.89 18.84 1.82
C LYS A 55 3.44 18.08 0.57
N LYS A 56 3.95 16.88 0.44
CA LYS A 56 3.55 15.95 -0.60
C LYS A 56 3.40 14.56 0.00
N CYS A 57 4.50 13.84 0.05
CA CYS A 57 4.49 12.50 0.55
C CYS A 57 5.29 12.39 1.82
N VAL A 58 4.64 12.00 2.87
CA VAL A 58 5.32 11.75 4.08
C VAL A 58 5.58 10.25 4.18
N THR A 59 6.78 9.90 4.55
CA THR A 59 7.19 8.53 4.57
C THR A 59 6.68 7.80 5.80
N MET A 60 6.04 6.67 5.59
CA MET A 60 5.67 5.83 6.68
C MET A 60 6.70 4.73 6.83
N SER A 61 7.19 4.22 5.68
CA SER A 61 8.21 3.19 5.67
C SER A 61 8.58 2.87 4.19
N SER A 62 9.65 2.14 3.97
CA SER A 62 10.07 1.73 2.64
C SER A 62 10.82 0.40 2.71
N ALA A 63 10.86 -0.35 1.61
CA ALA A 63 11.58 -1.62 1.55
C ALA A 63 11.83 -2.01 0.10
N VAL A 64 12.86 -2.83 -0.12
CA VAL A 64 13.20 -3.31 -1.45
C VAL A 64 12.28 -4.49 -1.77
N VAL A 65 11.50 -4.37 -2.82
CA VAL A 65 10.49 -5.37 -3.14
C VAL A 65 10.42 -5.64 -4.65
N GLN A 66 9.75 -6.69 -5.00
CA GLN A 66 9.42 -6.98 -6.37
C GLN A 66 7.92 -7.01 -6.43
N LEU A 67 7.36 -6.41 -7.44
CA LEU A 67 5.92 -6.32 -7.54
C LEU A 67 5.38 -7.38 -8.46
N TYR A 68 4.47 -8.15 -7.94
CA TYR A 68 3.77 -9.15 -8.68
C TYR A 68 2.32 -8.76 -8.76
N ALA A 69 1.79 -8.83 -9.93
CA ALA A 69 0.41 -8.53 -10.17
C ALA A 69 -0.30 -9.79 -10.52
N ALA A 70 -1.45 -10.00 -9.96
CA ALA A 70 -2.17 -11.20 -10.21
C ALA A 70 -2.96 -11.10 -11.46
N ASP A 71 -2.75 -12.04 -12.33
CA ASP A 71 -3.52 -12.16 -13.52
C ASP A 71 -4.82 -12.85 -13.11
N ARG A 72 -5.80 -12.83 -13.98
CA ARG A 72 -7.21 -13.20 -13.75
C ARG A 72 -7.57 -13.62 -12.30
N ASN A 73 -7.48 -14.88 -11.97
CA ASN A 73 -7.82 -15.30 -10.62
C ASN A 73 -6.64 -15.85 -9.88
N CYS A 74 -5.58 -16.22 -10.58
CA CYS A 74 -4.52 -16.96 -9.88
C CYS A 74 -3.18 -17.11 -10.66
N MET A 75 -2.59 -16.01 -11.08
CA MET A 75 -1.23 -16.04 -11.68
C MET A 75 -0.43 -14.82 -11.27
N TRP A 76 0.77 -15.00 -10.77
CA TRP A 76 1.61 -13.85 -10.44
C TRP A 76 2.45 -13.43 -11.61
N SER A 77 2.27 -12.21 -12.01
CA SER A 77 3.02 -11.63 -13.08
C SER A 77 3.97 -10.60 -12.49
N LYS A 78 5.25 -10.83 -12.66
CA LYS A 78 6.23 -9.89 -12.17
C LYS A 78 6.20 -8.70 -13.07
N LYS A 79 5.92 -7.57 -12.51
CA LYS A 79 5.75 -6.37 -13.28
C LYS A 79 6.88 -5.40 -13.09
N CYS A 80 7.30 -5.22 -11.87
CA CYS A 80 8.35 -4.26 -11.60
C CYS A 80 9.18 -4.73 -10.43
N SER A 81 10.42 -4.31 -10.38
CA SER A 81 11.29 -4.64 -9.31
C SER A 81 11.95 -3.36 -8.81
N GLY A 82 12.13 -3.24 -7.53
CA GLY A 82 12.77 -2.08 -7.03
C GLY A 82 12.53 -1.89 -5.57
N VAL A 83 12.13 -0.72 -5.22
CA VAL A 83 11.90 -0.36 -3.85
C VAL A 83 10.52 0.27 -3.76
N ALA A 84 9.84 0.06 -2.67
CA ALA A 84 8.54 0.63 -2.49
C ALA A 84 8.52 1.51 -1.28
N CYS A 85 7.70 2.52 -1.32
CA CYS A 85 7.56 3.42 -0.21
C CYS A 85 6.10 3.51 0.19
N LEU A 86 5.88 3.45 1.46
CA LEU A 86 4.58 3.60 2.01
C LEU A 86 4.36 5.06 2.24
N VAL A 87 3.54 5.61 1.43
CA VAL A 87 3.32 7.01 1.37
C VAL A 87 1.98 7.37 1.93
N LYS A 88 1.99 8.30 2.82
CA LYS A 88 0.80 8.88 3.29
C LYS A 88 0.80 10.25 2.65
N ASP A 89 -0.20 10.53 1.87
CA ASP A 89 -0.18 11.77 1.13
C ASP A 89 -0.86 12.82 1.96
N ASN A 90 -0.12 13.83 2.29
CA ASN A 90 -0.64 14.89 3.15
C ASN A 90 -1.70 15.80 2.45
N PRO A 91 -1.44 16.33 1.22
CA PRO A 91 -2.41 17.17 0.48
C PRO A 91 -3.63 16.38 -0.04
N GLN A 92 -3.40 15.20 -0.61
CA GLN A 92 -4.47 14.37 -1.17
C GLN A 92 -5.18 13.66 -0.01
N ARG A 93 -4.52 13.74 1.16
CA ARG A 93 -4.96 13.15 2.45
C ARG A 93 -5.25 11.65 2.41
N SER A 94 -4.85 11.01 1.36
CA SER A 94 -5.07 9.61 1.18
C SER A 94 -3.80 8.83 1.45
N TYR A 95 -3.75 7.61 0.94
CA TYR A 95 -2.62 6.73 1.17
C TYR A 95 -2.16 6.20 -0.16
N PHE A 96 -0.89 6.18 -0.38
CA PHE A 96 -0.39 5.63 -1.60
C PHE A 96 0.72 4.69 -1.34
N LEU A 97 0.68 3.59 -1.97
CA LEU A 97 1.81 2.74 -1.97
C LEU A 97 2.43 2.96 -3.33
N ARG A 98 3.66 3.33 -3.36
CA ARG A 98 4.29 3.66 -4.62
C ARG A 98 5.53 2.83 -4.78
N ILE A 99 5.70 2.26 -5.93
CA ILE A 99 6.80 1.39 -6.19
C ILE A 99 7.66 1.98 -7.30
N PHE A 100 8.92 2.02 -7.03
CA PHE A 100 9.89 2.61 -7.90
C PHE A 100 10.99 1.64 -8.20
N ASP A 101 11.29 1.52 -9.48
CA ASP A 101 12.25 0.56 -9.99
C ASP A 101 13.66 0.90 -9.44
N ILE A 102 14.45 -0.11 -9.16
CA ILE A 102 15.77 0.10 -8.56
C ILE A 102 16.83 0.41 -9.63
N LYS A 103 16.55 0.01 -10.84
CA LYS A 103 17.46 0.21 -11.92
C LYS A 103 17.12 1.51 -12.62
N ASP A 104 15.85 1.64 -12.95
CA ASP A 104 15.32 2.84 -13.59
C ASP A 104 15.06 3.96 -12.57
N GLY A 105 14.02 3.82 -11.79
CA GLY A 105 13.77 4.77 -10.72
C GLY A 105 12.86 5.94 -11.07
N LYS A 106 12.08 5.84 -12.15
CA LYS A 106 11.16 6.94 -12.53
C LYS A 106 9.93 6.94 -11.63
N LEU A 107 9.69 5.79 -10.98
CA LEU A 107 8.49 5.53 -10.19
C LEU A 107 7.29 5.50 -11.13
N LEU A 108 6.81 4.33 -11.39
CA LEU A 108 5.75 4.16 -12.37
C LEU A 108 4.61 3.37 -11.77
N TRP A 109 4.59 3.27 -10.47
CA TRP A 109 3.62 2.47 -9.84
C TRP A 109 3.12 3.18 -8.61
N GLU A 110 1.83 3.35 -8.52
CA GLU A 110 1.21 3.96 -7.38
C GLU A 110 -0.17 3.36 -7.17
N GLN A 111 -0.50 3.07 -5.96
CA GLN A 111 -1.80 2.56 -5.65
C GLN A 111 -2.35 3.33 -4.47
N GLU A 112 -3.49 3.96 -4.68
CA GLU A 112 -4.19 4.62 -3.62
C GLU A 112 -4.81 3.48 -2.81
N LEU A 113 -4.74 3.55 -1.53
CA LEU A 113 -5.05 2.41 -0.72
C LEU A 113 -6.43 2.49 -0.18
N TYR A 114 -6.76 1.54 0.60
CA TYR A 114 -8.05 1.48 1.11
C TYR A 114 -8.08 1.91 2.56
N ASN A 115 -9.13 2.68 2.90
CA ASN A 115 -9.37 3.23 4.25
C ASN A 115 -9.19 2.17 5.35
N ASN A 116 -10.10 1.21 5.43
CA ASN A 116 -9.96 0.13 6.39
C ASN A 116 -9.35 -1.08 5.72
N PHE A 117 -8.07 -1.04 5.52
CA PHE A 117 -7.37 -2.14 4.90
C PHE A 117 -6.65 -2.99 5.94
N VAL A 118 -6.86 -4.28 5.87
CA VAL A 118 -6.14 -5.21 6.71
C VAL A 118 -5.01 -5.77 5.87
N TYR A 119 -3.84 -5.94 6.45
CA TYR A 119 -2.71 -6.36 5.69
C TYR A 119 -2.67 -7.90 5.62
N ASN A 120 -2.25 -8.46 4.48
CA ASN A 120 -2.23 -9.91 4.30
C ASN A 120 -0.79 -10.40 4.21
N SER A 121 -0.43 -11.29 5.09
CA SER A 121 0.91 -11.82 5.09
C SER A 121 0.86 -13.35 5.09
N PRO A 122 1.06 -13.97 3.92
CA PRO A 122 1.09 -15.42 3.81
C PRO A 122 2.49 -16.00 4.09
N ARG A 123 3.53 -15.25 3.75
CA ARG A 123 4.89 -15.67 3.99
C ARG A 123 5.63 -14.55 4.65
N GLY A 124 6.74 -14.85 5.26
CA GLY A 124 7.52 -13.84 5.91
C GLY A 124 8.30 -13.02 4.93
N TYR A 125 8.43 -13.53 3.70
CA TYR A 125 9.16 -12.86 2.64
C TYR A 125 8.28 -12.52 1.43
N PHE A 126 6.99 -12.69 1.58
CA PHE A 126 6.04 -12.36 0.53
C PHE A 126 4.73 -11.89 1.15
N HIS A 127 4.24 -10.74 0.72
CA HIS A 127 2.98 -10.20 1.22
C HIS A 127 2.04 -9.93 0.05
N THR A 128 0.75 -10.04 0.28
CA THR A 128 -0.26 -9.85 -0.74
C THR A 128 -1.18 -8.69 -0.31
N PHE A 129 -1.55 -7.83 -1.23
CA PHE A 129 -2.41 -6.72 -0.89
C PHE A 129 -3.43 -6.42 -1.99
N ALA A 130 -4.37 -5.58 -1.67
CA ALA A 130 -5.44 -5.26 -2.59
C ALA A 130 -5.09 -4.12 -3.50
N GLY A 131 -5.42 -4.27 -4.76
CA GLY A 131 -5.22 -3.23 -5.71
C GLY A 131 -6.54 -2.58 -6.05
N ASP A 132 -6.62 -1.95 -7.20
CA ASP A 132 -7.86 -1.31 -7.62
C ASP A 132 -8.90 -2.35 -8.00
N THR A 133 -8.58 -3.13 -8.98
CA THR A 133 -9.46 -4.20 -9.41
C THR A 133 -8.63 -5.48 -9.64
N CYS A 134 -7.38 -5.40 -9.23
CA CYS A 134 -6.44 -6.49 -9.39
C CYS A 134 -5.83 -6.79 -8.02
N GLN A 135 -5.16 -7.89 -7.91
CA GLN A 135 -4.49 -8.25 -6.68
C GLN A 135 -3.01 -8.07 -6.92
N VAL A 136 -2.36 -7.37 -6.06
CA VAL A 136 -0.96 -7.11 -6.19
C VAL A 136 -0.25 -7.55 -4.95
N ALA A 137 0.92 -8.04 -5.10
CA ALA A 137 1.67 -8.54 -3.98
C ALA A 137 3.10 -8.13 -4.08
N LEU A 138 3.75 -8.07 -2.95
CA LEU A 138 5.13 -7.69 -2.95
C LEU A 138 6.03 -8.76 -2.34
N ASN A 139 7.12 -9.00 -3.02
CA ASN A 139 8.12 -9.99 -2.64
C ASN A 139 9.36 -9.25 -2.18
N PHE A 140 9.98 -9.72 -1.14
CA PHE A 140 11.09 -9.01 -0.52
C PHE A 140 12.01 -9.99 0.18
N ALA A 141 13.20 -9.55 0.48
CA ALA A 141 14.16 -10.39 1.14
C ALA A 141 14.27 -10.04 2.63
N ASN A 142 14.03 -8.78 2.97
CA ASN A 142 14.11 -8.39 4.36
C ASN A 142 12.80 -8.51 5.06
N GLU A 143 12.64 -9.62 5.77
CA GLU A 143 11.44 -9.93 6.53
C GLU A 143 11.21 -8.89 7.60
N GLU A 144 12.31 -8.34 8.12
CA GLU A 144 12.28 -7.38 9.19
C GLU A 144 11.60 -6.09 8.79
N GLU A 145 12.05 -5.50 7.69
CA GLU A 145 11.52 -4.24 7.23
C GLU A 145 10.09 -4.39 6.78
N ALA A 146 9.79 -5.54 6.27
CA ALA A 146 8.50 -5.84 5.78
C ALA A 146 7.55 -6.07 6.90
N LYS A 147 8.04 -6.67 7.97
CA LYS A 147 7.25 -6.87 9.16
C LYS A 147 6.84 -5.52 9.70
N LYS A 148 7.79 -4.59 9.60
CA LYS A 148 7.61 -3.24 10.06
C LYS A 148 6.59 -2.48 9.27
N PHE A 149 6.73 -2.44 7.93
CA PHE A 149 5.79 -1.67 7.15
C PHE A 149 4.42 -2.31 7.14
N ARG A 150 4.39 -3.63 7.19
CA ARG A 150 3.16 -4.41 7.27
C ARG A 150 2.32 -3.94 8.43
N LYS A 151 2.94 -3.85 9.55
CA LYS A 151 2.29 -3.46 10.75
C LYS A 151 2.01 -1.99 10.64
N ALA A 152 3.01 -1.23 10.20
CA ALA A 152 2.91 0.23 10.05
C ALA A 152 1.71 0.65 9.22
N VAL A 153 1.49 -0.02 8.08
CA VAL A 153 0.40 0.36 7.20
C VAL A 153 -0.92 0.08 7.90
N THR A 154 -1.12 -1.15 8.31
CA THR A 154 -2.36 -1.56 8.98
C THR A 154 -2.59 -0.85 10.35
N ASP A 155 -1.51 -0.49 11.00
CA ASP A 155 -1.54 0.23 12.27
C ASP A 155 -2.07 1.63 12.06
N LEU A 156 -1.53 2.29 11.05
CA LEU A 156 -1.94 3.64 10.73
C LEU A 156 -3.35 3.62 10.15
N LEU A 157 -3.64 2.61 9.36
CA LEU A 157 -4.98 2.41 8.79
C LEU A 157 -6.06 2.34 9.85
N GLY A 158 -5.73 1.76 10.99
CA GLY A 158 -6.67 1.71 12.09
C GLY A 158 -6.82 3.03 12.80
N ARG A 159 -5.74 3.80 12.84
CA ARG A 159 -5.73 5.08 13.53
C ARG A 159 -6.39 6.16 12.69
N ARG A 160 -5.91 6.32 11.45
CA ARG A 160 -6.33 7.37 10.52
C ARG A 160 -6.05 8.75 11.15
N GLN A 161 -4.92 9.33 10.80
CA GLN A 161 -4.54 10.63 11.33
C GLN A 161 -3.32 11.13 10.56
N ARG A 162 -2.17 10.53 10.82
CA ARG A 162 -0.90 10.90 10.19
C ARG A 162 0.19 9.99 10.72
N LYS A 163 1.17 9.66 9.90
CA LYS A 163 2.32 8.92 10.35
C LYS A 163 3.50 9.28 9.49
N SER A 164 4.18 10.30 9.86
CA SER A 164 5.35 10.71 9.17
C SER A 164 6.56 10.29 9.97
N GLU A 165 7.21 9.25 9.52
CA GLU A 165 8.34 8.69 10.18
C GLU A 165 9.47 8.70 9.16
N LYS A 166 10.45 9.54 9.37
CA LYS A 166 11.51 9.67 8.41
C LYS A 166 12.58 8.61 8.61
N ARG A 167 12.95 7.98 7.54
CA ARG A 167 13.96 6.96 7.56
C ARG A 167 14.98 7.21 6.49
N ARG A 168 16.24 7.32 6.91
CA ARG A 168 17.32 7.54 5.97
C ARG A 168 17.62 6.26 5.17
N ASP A 169 17.49 5.13 5.85
CA ASP A 169 17.72 3.84 5.26
C ASP A 169 16.58 2.90 5.59
N GLY A 1 26.77 -22.47 7.03
CA GLY A 1 26.61 -21.75 5.76
C GLY A 1 25.24 -21.12 5.64
N SER A 2 25.01 -20.08 6.41
CA SER A 2 23.77 -19.35 6.37
C SER A 2 24.09 -17.88 6.56
N GLU A 3 23.53 -17.05 5.72
CA GLU A 3 23.84 -15.64 5.78
C GLU A 3 22.64 -14.80 5.40
N SER A 4 22.67 -13.56 5.82
CA SER A 4 21.64 -12.62 5.46
C SER A 4 21.85 -12.27 3.99
N ARG A 5 20.88 -12.57 3.17
CA ARG A 5 21.03 -12.39 1.77
C ARG A 5 19.71 -11.99 1.13
N PHE A 6 19.73 -11.75 -0.16
CA PHE A 6 18.57 -11.26 -0.88
C PHE A 6 18.02 -12.31 -1.84
N TYR A 7 16.82 -12.75 -1.58
CA TYR A 7 16.10 -13.64 -2.47
C TYR A 7 14.71 -13.17 -2.72
N PHE A 8 14.28 -13.34 -3.95
CA PHE A 8 12.93 -13.06 -4.33
C PHE A 8 12.40 -14.30 -5.01
N HIS A 9 13.12 -14.79 -5.99
CA HIS A 9 12.82 -16.09 -6.57
C HIS A 9 13.64 -17.16 -5.81
N PRO A 10 13.38 -18.49 -5.97
CA PRO A 10 12.36 -19.09 -6.88
C PRO A 10 10.93 -18.64 -6.62
N ILE A 11 10.22 -18.28 -7.70
CA ILE A 11 8.82 -17.84 -7.62
C ILE A 11 7.97 -19.00 -7.09
N SER A 12 8.48 -20.18 -7.30
CA SER A 12 7.88 -21.43 -6.88
C SER A 12 7.68 -21.51 -5.35
N ASP A 13 8.54 -20.83 -4.58
CA ASP A 13 8.44 -20.86 -3.09
C ASP A 13 7.28 -19.98 -2.64
N LEU A 14 7.02 -18.99 -3.45
CA LEU A 14 5.96 -18.06 -3.23
C LEU A 14 4.63 -18.73 -3.58
N PRO A 15 3.62 -18.62 -2.73
CA PRO A 15 2.32 -19.24 -2.99
C PRO A 15 1.59 -18.57 -4.17
N PRO A 16 0.93 -19.36 -5.03
CA PRO A 16 0.15 -18.84 -6.16
C PRO A 16 -1.00 -17.95 -5.67
N PRO A 17 -1.45 -17.00 -6.50
CA PRO A 17 -2.51 -16.07 -6.11
C PRO A 17 -3.85 -16.76 -5.83
N GLU A 18 -4.72 -16.03 -5.20
CA GLU A 18 -6.03 -16.48 -4.80
C GLU A 18 -6.97 -15.34 -5.04
N PRO A 19 -8.30 -15.52 -4.95
CA PRO A 19 -9.22 -14.41 -4.97
C PRO A 19 -8.97 -13.54 -3.74
N TYR A 20 -8.91 -12.24 -3.92
CA TYR A 20 -8.63 -11.35 -2.81
C TYR A 20 -9.81 -11.21 -1.88
N VAL A 21 -9.52 -10.99 -0.64
CA VAL A 21 -10.51 -11.00 0.40
C VAL A 21 -11.15 -9.60 0.46
N GLN A 22 -12.08 -9.41 1.36
CA GLN A 22 -12.81 -8.18 1.46
C GLN A 22 -11.94 -7.06 1.88
N THR A 23 -12.02 -6.05 1.13
CA THR A 23 -11.44 -4.80 1.42
C THR A 23 -12.48 -3.74 1.07
N THR A 24 -13.04 -3.07 2.06
CA THR A 24 -13.98 -2.04 1.76
C THR A 24 -13.24 -0.86 1.19
N LYS A 25 -13.57 -0.49 0.00
CA LYS A 25 -12.87 0.52 -0.69
C LYS A 25 -13.34 1.87 -0.22
N SER A 26 -12.41 2.62 0.25
CA SER A 26 -12.63 3.97 0.64
C SER A 26 -11.43 4.78 0.23
N TYR A 27 -11.62 5.77 -0.59
CA TYR A 27 -10.54 6.65 -0.95
C TYR A 27 -10.56 7.85 -0.03
N PRO A 28 -9.51 8.02 0.80
CA PRO A 28 -9.46 9.09 1.79
C PRO A 28 -9.47 10.47 1.17
N SER A 29 -9.01 10.55 -0.05
CA SER A 29 -8.88 11.79 -0.76
C SER A 29 -10.21 12.39 -1.22
N LYS A 30 -11.19 11.55 -1.56
CA LYS A 30 -12.45 12.08 -2.05
C LYS A 30 -13.30 12.70 -0.93
N LEU A 31 -13.06 12.27 0.31
CA LEU A 31 -13.74 12.81 1.45
C LEU A 31 -12.89 13.92 2.01
N ALA A 32 -11.61 13.81 1.69
CA ALA A 32 -10.51 14.64 2.19
C ALA A 32 -10.20 14.18 3.58
N ARG A 33 -11.15 14.36 4.44
CA ARG A 33 -11.10 13.95 5.82
C ARG A 33 -12.34 14.40 6.56
N ASN A 34 -13.37 13.60 6.45
CA ASN A 34 -14.65 13.82 7.13
C ASN A 34 -15.61 12.76 6.67
N GLU A 35 -15.86 11.81 7.51
CA GLU A 35 -16.84 10.80 7.23
C GLU A 35 -18.18 11.48 7.58
N SER A 36 -18.84 11.99 6.57
CA SER A 36 -20.02 12.80 6.76
C SER A 36 -21.30 11.99 6.82
N ARG A 37 -22.14 12.34 7.75
CA ARG A 37 -23.43 11.74 7.90
C ARG A 37 -24.40 12.83 8.28
N GLY A 38 -25.64 12.69 7.89
CA GLY A 38 -26.62 13.68 8.21
C GLY A 38 -27.20 13.48 9.60
N GLY A 39 -28.35 14.06 9.83
CA GLY A 39 -28.98 13.99 11.12
C GLY A 39 -29.58 12.63 11.39
N LEU A 40 -28.84 11.79 12.04
CA LEU A 40 -29.32 10.49 12.42
C LEU A 40 -29.88 10.59 13.82
N VAL A 41 -29.06 11.08 14.71
CA VAL A 41 -29.41 11.26 16.11
C VAL A 41 -28.85 12.61 16.54
N PRO A 42 -29.30 13.17 17.68
CA PRO A 42 -28.72 14.40 18.20
C PRO A 42 -27.26 14.17 18.54
N ARG A 43 -26.38 14.74 17.74
CA ARG A 43 -24.97 14.48 17.88
C ARG A 43 -24.20 15.66 17.31
N GLY A 44 -23.05 15.92 17.87
CA GLY A 44 -22.18 16.94 17.35
C GLY A 44 -21.14 16.28 16.50
N SER A 45 -21.26 16.42 15.22
CA SER A 45 -20.37 15.74 14.33
C SER A 45 -19.34 16.67 13.74
N GLY A 46 -18.22 16.14 13.39
CA GLY A 46 -17.18 16.92 12.80
C GLY A 46 -16.48 16.15 11.71
N GLY A 47 -15.20 16.35 11.58
CA GLY A 47 -14.45 15.64 10.57
C GLY A 47 -13.33 14.85 11.17
N SER A 48 -13.38 14.68 12.50
CA SER A 48 -12.34 13.95 13.26
C SER A 48 -10.98 14.62 13.00
N LEU A 49 -11.00 15.94 12.96
CA LEU A 49 -9.84 16.73 12.60
C LEU A 49 -8.78 16.76 13.69
N PHE A 50 -7.91 15.79 13.64
CA PHE A 50 -6.73 15.78 14.46
C PHE A 50 -5.58 16.10 13.54
N SER A 51 -5.23 17.35 13.51
CA SER A 51 -4.26 17.83 12.58
C SER A 51 -2.83 17.58 13.04
N PHE A 52 -2.20 16.63 12.39
CA PHE A 52 -0.80 16.34 12.59
C PHE A 52 -0.11 16.56 11.27
N LEU A 53 0.60 17.67 11.17
CA LEU A 53 1.26 17.99 9.92
C LEU A 53 2.74 17.62 9.99
N GLY A 54 3.41 17.80 8.89
CA GLY A 54 4.81 17.48 8.80
C GLY A 54 5.14 17.01 7.42
N LYS A 55 5.69 17.91 6.60
CA LYS A 55 6.02 17.65 5.19
C LYS A 55 4.76 17.48 4.32
N LYS A 56 4.93 17.54 3.02
CA LYS A 56 3.85 17.26 2.11
C LYS A 56 3.69 15.76 1.96
N CYS A 57 4.60 15.15 1.27
CA CYS A 57 4.55 13.74 1.11
C CYS A 57 5.31 13.12 2.25
N VAL A 58 4.61 12.49 3.09
CA VAL A 58 5.20 11.84 4.22
C VAL A 58 5.43 10.41 3.87
N THR A 59 6.64 10.00 3.99
CA THR A 59 6.96 8.65 3.77
C THR A 59 6.49 7.85 4.97
N MET A 60 5.56 6.97 4.74
CA MET A 60 4.97 6.19 5.79
C MET A 60 5.73 4.91 6.00
N SER A 61 6.28 4.38 4.92
CA SER A 61 7.04 3.16 4.97
C SER A 61 7.95 3.08 3.75
N SER A 62 9.02 2.36 3.87
CA SER A 62 9.94 2.12 2.79
C SER A 62 10.58 0.75 2.97
N ALA A 63 10.70 0.01 1.88
CA ALA A 63 11.24 -1.34 1.94
C ALA A 63 11.70 -1.80 0.58
N VAL A 64 12.53 -2.81 0.54
CA VAL A 64 13.00 -3.41 -0.68
C VAL A 64 12.16 -4.65 -0.91
N VAL A 65 11.43 -4.67 -2.01
CA VAL A 65 10.49 -5.74 -2.29
C VAL A 65 10.36 -5.98 -3.78
N GLN A 66 9.67 -7.02 -4.12
CA GLN A 66 9.36 -7.30 -5.49
C GLN A 66 7.85 -7.33 -5.63
N LEU A 67 7.36 -6.68 -6.66
CA LEU A 67 5.95 -6.50 -6.87
C LEU A 67 5.46 -7.42 -7.96
N TYR A 68 4.44 -8.15 -7.65
CA TYR A 68 3.84 -9.05 -8.59
C TYR A 68 2.41 -8.62 -8.78
N ALA A 69 1.90 -8.84 -9.94
CA ALA A 69 0.51 -8.64 -10.20
C ALA A 69 -0.06 -9.97 -10.62
N ALA A 70 -1.22 -10.28 -10.13
CA ALA A 70 -1.82 -11.55 -10.39
C ALA A 70 -2.58 -11.53 -11.68
N ASP A 71 -2.23 -12.44 -12.55
CA ASP A 71 -2.99 -12.63 -13.75
C ASP A 71 -4.02 -13.68 -13.36
N ARG A 72 -5.04 -13.87 -14.20
CA ARG A 72 -6.30 -14.57 -13.87
C ARG A 72 -6.44 -15.06 -12.40
N ASN A 73 -6.30 -16.34 -12.13
CA ASN A 73 -6.37 -16.79 -10.76
C ASN A 73 -5.08 -17.39 -10.24
N CYS A 74 -4.09 -17.59 -11.10
CA CYS A 74 -2.92 -18.34 -10.62
C CYS A 74 -1.55 -17.95 -11.25
N MET A 75 -1.36 -16.69 -11.59
CA MET A 75 -0.05 -16.30 -12.12
C MET A 75 0.45 -15.00 -11.52
N TRP A 76 1.57 -15.04 -10.83
CA TRP A 76 2.19 -13.81 -10.37
C TRP A 76 3.14 -13.29 -11.43
N SER A 77 2.91 -12.11 -11.91
CA SER A 77 3.75 -11.52 -12.92
C SER A 77 4.44 -10.28 -12.35
N LYS A 78 5.76 -10.25 -12.41
CA LYS A 78 6.50 -9.11 -11.92
C LYS A 78 6.36 -7.93 -12.84
N LYS A 79 5.88 -6.85 -12.31
CA LYS A 79 5.83 -5.60 -13.05
C LYS A 79 7.06 -4.77 -12.74
N CYS A 80 7.51 -4.85 -11.51
CA CYS A 80 8.68 -4.15 -11.09
C CYS A 80 9.22 -4.73 -9.78
N SER A 81 10.49 -4.62 -9.60
CA SER A 81 11.14 -5.03 -8.40
C SER A 81 12.10 -3.97 -7.97
N GLY A 82 12.21 -3.73 -6.70
CA GLY A 82 13.08 -2.72 -6.27
C GLY A 82 12.76 -2.24 -4.89
N VAL A 83 12.52 -0.98 -4.77
CA VAL A 83 12.25 -0.40 -3.50
C VAL A 83 10.84 0.17 -3.53
N ALA A 84 10.18 0.11 -2.44
CA ALA A 84 8.85 0.58 -2.34
C ALA A 84 8.75 1.68 -1.33
N CYS A 85 7.84 2.57 -1.56
CA CYS A 85 7.61 3.61 -0.62
C CYS A 85 6.13 3.83 -0.47
N LEU A 86 5.70 3.78 0.73
CA LEU A 86 4.34 4.02 1.06
C LEU A 86 4.27 5.45 1.51
N VAL A 87 3.42 6.22 0.91
CA VAL A 87 3.40 7.64 1.14
C VAL A 87 2.04 8.12 1.62
N LYS A 88 2.05 8.92 2.66
CA LYS A 88 0.88 9.57 3.12
C LYS A 88 1.09 11.02 2.77
N ASP A 89 0.33 11.54 1.85
CA ASP A 89 0.50 12.92 1.48
C ASP A 89 -0.41 13.69 2.35
N ASN A 90 0.18 14.44 3.26
CA ASN A 90 -0.57 15.15 4.27
C ASN A 90 -1.58 16.17 3.70
N PRO A 91 -1.18 17.07 2.75
CA PRO A 91 -2.12 17.97 2.10
C PRO A 91 -3.24 17.23 1.35
N GLN A 92 -2.92 16.09 0.74
CA GLN A 92 -3.90 15.32 0.00
C GLN A 92 -4.78 14.55 0.96
N ARG A 93 -4.33 14.48 2.22
CA ARG A 93 -5.03 13.81 3.32
C ARG A 93 -5.28 12.31 3.08
N SER A 94 -4.66 11.78 2.06
CA SER A 94 -4.77 10.40 1.76
C SER A 94 -3.40 9.75 1.81
N TYR A 95 -3.37 8.50 1.52
CA TYR A 95 -2.18 7.71 1.56
C TYR A 95 -2.19 6.67 0.47
N PHE A 96 -1.07 6.52 -0.15
CA PHE A 96 -0.91 5.69 -1.29
C PHE A 96 0.43 4.98 -1.23
N LEU A 97 0.54 3.89 -1.92
CA LEU A 97 1.78 3.18 -1.93
C LEU A 97 2.32 3.12 -3.35
N ARG A 98 3.62 3.28 -3.48
CA ARG A 98 4.27 3.28 -4.77
C ARG A 98 5.41 2.29 -4.77
N ILE A 99 5.68 1.73 -5.92
CA ILE A 99 6.76 0.80 -6.07
C ILE A 99 7.63 1.32 -7.19
N PHE A 100 8.89 1.39 -6.95
CA PHE A 100 9.83 1.87 -7.92
C PHE A 100 10.91 0.84 -8.17
N ASP A 101 11.09 0.53 -9.42
CA ASP A 101 11.97 -0.54 -9.84
C ASP A 101 13.43 -0.16 -9.58
N ILE A 102 14.25 -1.13 -9.28
CA ILE A 102 15.67 -0.87 -8.98
C ILE A 102 16.51 -0.80 -10.28
N LYS A 103 16.02 -1.43 -11.31
CA LYS A 103 16.70 -1.49 -12.57
C LYS A 103 16.26 -0.35 -13.45
N ASP A 104 14.97 -0.23 -13.58
CA ASP A 104 14.33 0.79 -14.40
C ASP A 104 14.34 2.12 -13.66
N GLY A 105 13.69 2.14 -12.51
CA GLY A 105 13.76 3.27 -11.60
C GLY A 105 13.03 4.53 -12.04
N LYS A 106 12.09 4.44 -12.96
CA LYS A 106 11.41 5.68 -13.38
C LYS A 106 10.18 5.95 -12.53
N LEU A 107 9.83 4.98 -11.67
CA LEU A 107 8.60 4.97 -10.86
C LEU A 107 7.39 4.85 -11.78
N LEU A 108 6.68 3.78 -11.65
CA LEU A 108 5.60 3.52 -12.58
C LEU A 108 4.41 2.83 -11.93
N TRP A 109 4.35 2.84 -10.62
CA TRP A 109 3.31 2.11 -9.97
C TRP A 109 2.85 2.91 -8.75
N GLU A 110 1.56 3.19 -8.68
CA GLU A 110 0.98 3.92 -7.57
C GLU A 110 -0.47 3.53 -7.32
N GLN A 111 -0.88 3.50 -6.07
CA GLN A 111 -2.29 3.26 -5.73
C GLN A 111 -2.62 3.81 -4.35
N GLU A 112 -3.73 4.54 -4.26
CA GLU A 112 -4.22 5.01 -2.96
C GLU A 112 -4.80 3.85 -2.16
N LEU A 113 -4.50 3.86 -0.90
CA LEU A 113 -4.91 2.82 0.03
C LEU A 113 -6.34 3.02 0.50
N TYR A 114 -6.95 1.94 0.91
CA TYR A 114 -8.36 1.95 1.28
C TYR A 114 -8.46 1.92 2.78
N ASN A 115 -9.27 2.79 3.33
CA ASN A 115 -9.43 2.95 4.82
C ASN A 115 -9.88 1.68 5.56
N ASN A 116 -10.24 0.65 4.83
CA ASN A 116 -10.70 -0.62 5.43
C ASN A 116 -9.84 -1.79 4.94
N PHE A 117 -8.70 -1.48 4.35
CA PHE A 117 -7.80 -2.51 3.89
C PHE A 117 -7.09 -3.19 5.06
N VAL A 118 -7.33 -4.46 5.21
CA VAL A 118 -6.65 -5.28 6.19
C VAL A 118 -5.43 -5.83 5.49
N TYR A 119 -4.32 -6.01 6.18
CA TYR A 119 -3.13 -6.39 5.48
C TYR A 119 -3.12 -7.89 5.32
N ASN A 120 -2.98 -8.37 4.11
CA ASN A 120 -3.06 -9.78 3.85
C ASN A 120 -1.69 -10.39 3.77
N SER A 121 -1.42 -11.24 4.68
CA SER A 121 -0.19 -11.94 4.70
C SER A 121 -0.42 -13.45 4.80
N PRO A 122 -0.33 -14.17 3.66
CA PRO A 122 -0.43 -15.63 3.66
C PRO A 122 0.77 -16.21 4.37
N ARG A 123 1.90 -15.56 4.16
CA ARG A 123 3.13 -15.95 4.77
C ARG A 123 3.74 -14.68 5.31
N GLY A 124 4.78 -14.81 6.07
CA GLY A 124 5.47 -13.66 6.55
C GLY A 124 6.35 -13.09 5.48
N TYR A 125 6.81 -13.97 4.60
CA TYR A 125 7.74 -13.57 3.56
C TYR A 125 7.05 -12.96 2.37
N PHE A 126 5.86 -13.42 2.11
CA PHE A 126 5.12 -12.98 0.99
C PHE A 126 3.83 -12.38 1.47
N HIS A 127 3.55 -11.17 1.03
CA HIS A 127 2.37 -10.49 1.43
C HIS A 127 1.51 -10.27 0.20
N THR A 128 0.22 -10.25 0.36
CA THR A 128 -0.70 -10.10 -0.73
C THR A 128 -1.51 -8.82 -0.55
N PHE A 129 -1.79 -8.15 -1.63
CA PHE A 129 -2.51 -6.91 -1.55
C PHE A 129 -3.77 -6.96 -2.39
N ALA A 130 -4.79 -6.42 -1.85
CA ALA A 130 -6.09 -6.37 -2.48
C ALA A 130 -6.35 -4.99 -3.04
N GLY A 131 -6.34 -4.86 -4.34
CA GLY A 131 -6.62 -3.61 -4.95
C GLY A 131 -7.96 -3.64 -5.60
N ASP A 132 -8.43 -2.49 -6.01
CA ASP A 132 -9.71 -2.35 -6.68
C ASP A 132 -9.75 -3.17 -7.95
N THR A 133 -8.89 -2.84 -8.88
CA THR A 133 -8.88 -3.47 -10.16
C THR A 133 -7.75 -4.48 -10.26
N CYS A 134 -6.74 -4.33 -9.43
CA CYS A 134 -5.56 -5.16 -9.58
C CYS A 134 -5.22 -5.87 -8.31
N GLN A 135 -4.76 -7.06 -8.44
CA GLN A 135 -4.29 -7.82 -7.33
C GLN A 135 -2.79 -7.88 -7.45
N VAL A 136 -2.12 -7.42 -6.45
CA VAL A 136 -0.71 -7.29 -6.43
C VAL A 136 -0.16 -7.85 -5.14
N ALA A 137 1.07 -8.24 -5.14
CA ALA A 137 1.66 -8.82 -3.95
C ALA A 137 3.10 -8.40 -3.79
N LEU A 138 3.57 -8.42 -2.55
CA LEU A 138 4.94 -8.03 -2.24
C LEU A 138 5.71 -9.19 -1.61
N ASN A 139 6.95 -9.38 -2.05
CA ASN A 139 7.87 -10.34 -1.44
C ASN A 139 9.01 -9.55 -0.84
N PHE A 140 9.47 -9.93 0.35
CA PHE A 140 10.48 -9.13 1.04
C PHE A 140 11.90 -9.48 0.65
N ALA A 141 12.79 -8.56 0.98
CA ALA A 141 14.20 -8.80 0.91
C ALA A 141 14.71 -9.13 2.33
N ASN A 142 14.08 -8.51 3.34
CA ASN A 142 14.45 -8.72 4.74
C ASN A 142 13.18 -8.87 5.57
N GLU A 143 13.19 -9.80 6.47
CA GLU A 143 12.06 -10.12 7.32
C GLU A 143 11.65 -8.96 8.20
N GLU A 144 12.62 -8.17 8.64
CA GLU A 144 12.35 -7.08 9.55
C GLU A 144 11.53 -6.00 8.87
N GLU A 145 12.00 -5.54 7.71
CA GLU A 145 11.36 -4.45 7.00
C GLU A 145 9.96 -4.83 6.56
N ALA A 146 9.76 -6.09 6.26
CA ALA A 146 8.50 -6.61 5.82
C ALA A 146 7.46 -6.45 6.88
N LYS A 147 7.82 -6.78 8.10
CA LYS A 147 6.92 -6.62 9.21
C LYS A 147 6.67 -5.15 9.48
N LYS A 148 7.66 -4.33 9.17
CA LYS A 148 7.55 -2.93 9.46
C LYS A 148 6.58 -2.23 8.57
N PHE A 149 6.74 -2.37 7.24
CA PHE A 149 5.83 -1.67 6.34
C PHE A 149 4.43 -2.24 6.44
N ARG A 150 4.36 -3.55 6.67
CA ARG A 150 3.09 -4.23 6.90
C ARG A 150 2.32 -3.65 8.08
N LYS A 151 2.98 -3.52 9.19
CA LYS A 151 2.31 -3.07 10.38
C LYS A 151 2.06 -1.60 10.25
N ALA A 152 3.05 -0.87 9.79
CA ALA A 152 2.95 0.57 9.61
C ALA A 152 1.82 0.94 8.67
N VAL A 153 1.67 0.18 7.55
CA VAL A 153 0.62 0.52 6.60
C VAL A 153 -0.75 0.32 7.23
N THR A 154 -0.96 -0.83 7.82
CA THR A 154 -2.21 -1.17 8.42
C THR A 154 -2.49 -0.35 9.72
N ASP A 155 -1.44 0.06 10.42
CA ASP A 155 -1.59 0.90 11.61
C ASP A 155 -2.07 2.27 11.24
N LEU A 156 -1.39 2.88 10.30
CA LEU A 156 -1.69 4.23 9.87
C LEU A 156 -3.02 4.24 9.14
N LEU A 157 -3.28 3.21 8.39
CA LEU A 157 -4.51 3.08 7.65
C LEU A 157 -5.70 2.84 8.59
N GLY A 158 -5.48 2.05 9.62
CA GLY A 158 -6.54 1.73 10.57
C GLY A 158 -6.87 2.89 11.47
N ARG A 159 -5.87 3.57 11.98
CA ARG A 159 -6.08 4.71 12.85
C ARG A 159 -6.44 5.95 12.03
N ARG A 160 -5.81 6.06 10.88
CA ARG A 160 -5.99 7.13 9.91
C ARG A 160 -5.57 8.49 10.51
N GLN A 161 -4.27 8.70 10.55
CA GLN A 161 -3.63 9.90 11.12
C GLN A 161 -2.35 10.21 10.35
N ARG A 162 -1.46 10.95 10.95
CA ARG A 162 -0.16 11.23 10.40
C ARG A 162 0.85 10.87 11.46
N LYS A 163 1.28 9.65 11.44
CA LYS A 163 2.17 9.12 12.44
C LYS A 163 3.58 9.14 11.87
N SER A 164 4.51 9.58 12.68
CA SER A 164 5.90 9.67 12.28
C SER A 164 6.52 8.27 12.18
N GLU A 165 6.59 7.75 10.98
CA GLU A 165 7.08 6.42 10.75
C GLU A 165 7.59 6.35 9.33
N LYS A 166 8.34 5.30 9.02
CA LYS A 166 8.86 5.03 7.69
C LYS A 166 9.63 3.71 7.73
N ARG A 167 10.84 3.82 8.24
CA ARG A 167 11.81 2.77 8.46
C ARG A 167 13.11 3.49 8.59
N ARG A 168 13.62 3.60 9.78
CA ARG A 168 14.87 4.29 9.94
C ARG A 168 16.00 3.31 9.74
N ASP A 169 16.64 3.42 8.62
CA ASP A 169 17.73 2.56 8.28
C ASP A 169 18.86 3.37 7.70
N GLY A 1 15.93 -10.63 7.85
CA GLY A 1 16.62 -10.97 6.61
C GLY A 1 18.10 -11.06 6.82
N SER A 2 18.77 -11.79 5.98
CA SER A 2 20.20 -11.93 6.05
C SER A 2 20.85 -10.98 5.05
N GLU A 3 21.58 -10.00 5.53
CA GLU A 3 22.24 -9.09 4.64
C GLU A 3 23.50 -9.72 4.08
N SER A 4 23.30 -10.50 3.05
CA SER A 4 24.33 -11.23 2.34
C SER A 4 23.79 -11.55 0.95
N ARG A 5 22.55 -11.97 0.94
CA ARG A 5 21.79 -12.19 -0.25
C ARG A 5 20.37 -12.30 0.17
N PHE A 6 19.47 -12.03 -0.71
CA PHE A 6 18.10 -11.98 -0.32
C PHE A 6 17.26 -12.97 -1.10
N TYR A 7 16.23 -13.45 -0.48
CA TYR A 7 15.39 -14.44 -1.04
C TYR A 7 14.29 -13.79 -1.85
N PHE A 8 14.21 -14.16 -3.10
CA PHE A 8 13.23 -13.65 -4.03
C PHE A 8 12.66 -14.80 -4.82
N HIS A 9 13.56 -15.60 -5.36
CA HIS A 9 13.21 -16.76 -6.13
C HIS A 9 13.11 -17.96 -5.19
N PRO A 10 12.37 -19.01 -5.56
CA PRO A 10 11.59 -19.07 -6.78
C PRO A 10 10.11 -18.73 -6.55
N ILE A 11 9.43 -18.35 -7.62
CA ILE A 11 8.00 -18.02 -7.56
C ILE A 11 7.22 -19.28 -7.18
N SER A 12 7.78 -20.40 -7.55
CA SER A 12 7.23 -21.71 -7.28
C SER A 12 7.09 -22.00 -5.77
N ASP A 13 7.89 -21.30 -4.95
CA ASP A 13 7.86 -21.50 -3.49
C ASP A 13 6.92 -20.50 -2.86
N LEU A 14 6.59 -19.48 -3.62
CA LEU A 14 5.69 -18.43 -3.22
C LEU A 14 4.27 -18.97 -3.37
N PRO A 15 3.31 -18.45 -2.61
CA PRO A 15 1.95 -18.93 -2.72
C PRO A 15 1.28 -18.37 -3.97
N PRO A 16 0.51 -19.19 -4.70
CA PRO A 16 -0.19 -18.75 -5.91
C PRO A 16 -1.26 -17.72 -5.57
N PRO A 17 -1.49 -16.75 -6.45
CA PRO A 17 -2.52 -15.77 -6.24
C PRO A 17 -3.89 -16.36 -6.40
N GLU A 18 -4.85 -15.64 -5.95
CA GLU A 18 -6.22 -16.05 -6.03
C GLU A 18 -6.96 -14.91 -6.68
N PRO A 19 -8.09 -15.18 -7.36
CA PRO A 19 -8.94 -14.14 -7.91
C PRO A 19 -9.27 -13.14 -6.80
N TYR A 20 -9.04 -11.88 -7.04
CA TYR A 20 -9.18 -10.89 -6.00
C TYR A 20 -10.66 -10.61 -5.73
N VAL A 21 -11.08 -10.94 -4.53
CA VAL A 21 -12.45 -10.74 -4.11
C VAL A 21 -12.52 -9.76 -2.94
N GLN A 22 -12.86 -8.53 -3.22
CA GLN A 22 -13.00 -7.52 -2.21
C GLN A 22 -14.27 -6.74 -2.43
N THR A 23 -14.94 -6.39 -1.36
CA THR A 23 -16.13 -5.60 -1.43
C THR A 23 -15.71 -4.12 -1.54
N THR A 24 -16.65 -3.26 -1.79
CA THR A 24 -16.35 -1.87 -1.98
C THR A 24 -15.97 -1.16 -0.66
N LYS A 25 -14.77 -0.62 -0.64
CA LYS A 25 -14.30 0.24 0.43
C LYS A 25 -14.23 1.65 -0.10
N SER A 26 -14.16 2.61 0.78
CA SER A 26 -14.08 3.97 0.39
C SER A 26 -12.62 4.42 0.34
N TYR A 27 -12.32 5.34 -0.55
CA TYR A 27 -11.01 5.94 -0.66
C TYR A 27 -11.05 7.30 0.06
N PRO A 28 -10.17 7.54 1.06
CA PRO A 28 -10.18 8.80 1.83
C PRO A 28 -9.90 10.01 0.95
N SER A 29 -8.97 9.85 0.03
CA SER A 29 -8.56 10.89 -0.86
C SER A 29 -9.58 11.13 -1.97
N LYS A 30 -10.40 10.16 -2.21
CA LYS A 30 -11.41 10.27 -3.22
C LYS A 30 -12.59 11.07 -2.66
N LEU A 31 -13.02 10.71 -1.46
CA LEU A 31 -14.21 11.29 -0.85
C LEU A 31 -13.93 12.70 -0.31
N ALA A 32 -12.84 12.85 0.42
CA ALA A 32 -12.53 14.11 1.09
C ALA A 32 -11.93 15.16 0.15
N ARG A 33 -11.78 14.79 -1.09
CA ARG A 33 -11.23 15.68 -2.11
C ARG A 33 -12.34 16.44 -2.79
N ASN A 34 -13.55 15.87 -2.70
CA ASN A 34 -14.73 16.36 -3.44
C ASN A 34 -14.62 15.96 -4.90
N GLU A 35 -15.73 15.96 -5.59
CA GLU A 35 -15.83 15.52 -6.97
C GLU A 35 -15.56 14.01 -7.01
N SER A 36 -16.57 13.31 -6.55
CA SER A 36 -16.66 11.86 -6.52
C SER A 36 -18.09 11.49 -6.19
N ARG A 37 -18.86 11.29 -7.20
CA ARG A 37 -20.25 10.95 -7.05
C ARG A 37 -20.74 10.36 -8.36
N GLY A 38 -20.79 9.06 -8.41
CA GLY A 38 -21.16 8.39 -9.62
C GLY A 38 -22.57 7.91 -9.59
N GLY A 39 -23.47 8.77 -9.97
CA GLY A 39 -24.85 8.43 -9.99
C GLY A 39 -25.59 9.30 -10.97
N LEU A 40 -26.80 8.92 -11.34
CA LEU A 40 -27.59 9.70 -12.27
C LEU A 40 -28.21 10.92 -11.58
N VAL A 41 -27.35 11.81 -11.18
CA VAL A 41 -27.70 13.02 -10.50
C VAL A 41 -27.04 14.22 -11.21
N PRO A 42 -27.81 14.98 -12.01
CA PRO A 42 -27.28 16.11 -12.76
C PRO A 42 -27.05 17.39 -11.93
N ARG A 43 -27.74 17.54 -10.82
CA ARG A 43 -27.57 18.74 -10.01
C ARG A 43 -26.58 18.52 -8.89
N GLY A 44 -26.27 19.57 -8.19
CA GLY A 44 -25.32 19.49 -7.11
C GLY A 44 -24.11 20.30 -7.42
N SER A 45 -23.39 20.69 -6.38
CA SER A 45 -22.20 21.53 -6.47
C SER A 45 -22.58 22.93 -6.96
N GLY A 46 -22.91 23.79 -6.00
CA GLY A 46 -23.23 25.17 -6.30
C GLY A 46 -22.05 25.91 -6.88
N GLY A 47 -22.08 26.11 -8.17
CA GLY A 47 -21.00 26.73 -8.87
C GLY A 47 -19.94 25.72 -9.16
N SER A 48 -19.04 25.53 -8.22
CA SER A 48 -17.98 24.57 -8.31
C SER A 48 -17.43 24.36 -6.90
N LEU A 49 -17.87 23.29 -6.27
CA LEU A 49 -17.48 23.02 -4.89
C LEU A 49 -16.43 21.93 -4.80
N PHE A 50 -15.62 21.83 -5.81
CA PHE A 50 -14.56 20.87 -5.81
C PHE A 50 -13.26 21.50 -6.24
N SER A 51 -12.29 21.44 -5.37
CA SER A 51 -10.97 21.94 -5.66
C SER A 51 -10.04 21.52 -4.53
N PHE A 52 -9.44 20.35 -4.66
CA PHE A 52 -8.55 19.86 -3.64
C PHE A 52 -7.59 18.82 -4.23
N LEU A 53 -6.38 18.79 -3.71
CA LEU A 53 -5.36 17.87 -4.16
C LEU A 53 -4.30 17.66 -3.10
N GLY A 54 -3.47 16.67 -3.28
CA GLY A 54 -2.38 16.42 -2.38
C GLY A 54 -1.12 17.03 -2.94
N LYS A 55 -0.25 17.52 -2.08
CA LYS A 55 0.94 18.23 -2.55
C LYS A 55 2.07 18.23 -1.52
N LYS A 56 1.98 17.39 -0.51
CA LYS A 56 2.99 17.35 0.53
C LYS A 56 3.05 15.95 1.08
N CYS A 57 3.96 15.20 0.54
CA CYS A 57 4.05 13.81 0.83
C CYS A 57 5.19 13.49 1.76
N VAL A 58 4.87 12.83 2.83
CA VAL A 58 5.83 12.35 3.75
C VAL A 58 5.97 10.83 3.60
N THR A 59 7.18 10.35 3.67
CA THR A 59 7.46 8.95 3.56
C THR A 59 7.20 8.27 4.88
N MET A 60 6.37 7.28 4.86
CA MET A 60 6.00 6.59 6.06
C MET A 60 6.96 5.44 6.31
N SER A 61 7.31 4.72 5.23
CA SER A 61 8.23 3.60 5.29
C SER A 61 8.68 3.24 3.88
N SER A 62 9.87 2.66 3.76
CA SER A 62 10.38 2.20 2.50
C SER A 62 11.20 0.91 2.72
N ALA A 63 11.07 -0.04 1.82
CA ALA A 63 11.75 -1.34 1.95
C ALA A 63 12.01 -1.95 0.58
N VAL A 64 13.03 -2.80 0.49
CA VAL A 64 13.38 -3.46 -0.77
C VAL A 64 12.45 -4.65 -1.00
N VAL A 65 11.71 -4.60 -2.10
CA VAL A 65 10.71 -5.60 -2.42
C VAL A 65 10.60 -5.78 -3.94
N GLN A 66 9.78 -6.71 -4.34
CA GLN A 66 9.46 -6.92 -5.73
C GLN A 66 7.97 -7.14 -5.88
N LEU A 67 7.39 -6.50 -6.85
CA LEU A 67 5.96 -6.47 -7.01
C LEU A 67 5.50 -7.48 -8.04
N TYR A 68 4.55 -8.26 -7.64
CA TYR A 68 3.94 -9.23 -8.47
C TYR A 68 2.47 -8.90 -8.64
N ALA A 69 2.01 -9.05 -9.84
CA ALA A 69 0.62 -8.86 -10.15
C ALA A 69 0.10 -10.19 -10.57
N ALA A 70 -1.15 -10.46 -10.33
CA ALA A 70 -1.67 -11.74 -10.63
C ALA A 70 -2.09 -11.87 -12.06
N ASP A 71 -1.57 -12.85 -12.69
CA ASP A 71 -1.96 -13.24 -13.99
C ASP A 71 -3.17 -14.14 -13.80
N ARG A 72 -3.93 -14.35 -14.86
CA ARG A 72 -5.31 -14.92 -14.86
C ARG A 72 -5.89 -15.20 -13.45
N ASN A 73 -5.83 -16.41 -12.97
CA ASN A 73 -6.40 -16.70 -11.67
C ASN A 73 -5.36 -17.09 -10.66
N CYS A 74 -4.16 -17.42 -11.11
CA CYS A 74 -3.22 -18.06 -10.17
C CYS A 74 -1.73 -18.01 -10.57
N MET A 75 -1.28 -16.97 -11.20
CA MET A 75 0.16 -16.89 -11.53
C MET A 75 0.71 -15.49 -11.21
N TRP A 76 1.82 -15.42 -10.48
CA TRP A 76 2.41 -14.12 -10.15
C TRP A 76 3.38 -13.67 -11.21
N SER A 77 3.11 -12.53 -11.79
CA SER A 77 3.95 -11.98 -12.80
C SER A 77 4.59 -10.73 -12.23
N LYS A 78 5.89 -10.65 -12.31
CA LYS A 78 6.63 -9.54 -11.79
C LYS A 78 6.59 -8.38 -12.76
N LYS A 79 6.10 -7.28 -12.30
CA LYS A 79 6.05 -6.08 -13.12
C LYS A 79 7.15 -5.12 -12.76
N CYS A 80 7.47 -5.04 -11.49
CA CYS A 80 8.50 -4.13 -11.05
C CYS A 80 9.25 -4.72 -9.87
N SER A 81 10.52 -4.36 -9.73
CA SER A 81 11.31 -4.81 -8.62
C SER A 81 12.09 -3.65 -8.06
N GLY A 82 12.26 -3.57 -6.79
CA GLY A 82 13.03 -2.49 -6.29
C GLY A 82 12.73 -2.15 -4.88
N VAL A 83 12.27 -0.97 -4.67
CA VAL A 83 11.98 -0.51 -3.36
C VAL A 83 10.57 0.04 -3.35
N ALA A 84 9.90 -0.12 -2.26
CA ALA A 84 8.55 0.34 -2.10
C ALA A 84 8.51 1.47 -1.15
N CYS A 85 7.60 2.36 -1.35
CA CYS A 85 7.45 3.46 -0.43
C CYS A 85 6.00 3.68 -0.09
N LEU A 86 5.72 3.72 1.19
CA LEU A 86 4.42 4.05 1.67
C LEU A 86 4.38 5.55 1.83
N VAL A 87 3.61 6.19 1.01
CA VAL A 87 3.58 7.61 0.99
C VAL A 87 2.27 8.12 1.57
N LYS A 88 2.38 8.96 2.54
CA LYS A 88 1.24 9.60 3.07
C LYS A 88 1.29 11.03 2.66
N ASP A 89 0.24 11.52 2.14
CA ASP A 89 0.20 12.90 1.78
C ASP A 89 -0.55 13.57 2.86
N ASN A 90 0.08 14.48 3.52
CA ASN A 90 -0.51 15.10 4.68
C ASN A 90 -1.77 15.95 4.34
N PRO A 91 -1.72 16.87 3.33
CA PRO A 91 -2.91 17.61 2.92
C PRO A 91 -4.05 16.69 2.47
N GLN A 92 -3.73 15.64 1.69
CA GLN A 92 -4.73 14.72 1.18
C GLN A 92 -5.14 13.72 2.27
N ARG A 93 -4.37 13.69 3.37
CA ARG A 93 -4.54 12.80 4.56
C ARG A 93 -4.66 11.31 4.23
N SER A 94 -4.47 10.97 3.00
CA SER A 94 -4.64 9.63 2.53
C SER A 94 -3.28 8.93 2.43
N TYR A 95 -3.29 7.79 1.76
CA TYR A 95 -2.12 6.95 1.64
C TYR A 95 -2.00 6.43 0.23
N PHE A 96 -0.81 6.45 -0.28
CA PHE A 96 -0.52 5.95 -1.58
C PHE A 96 0.66 5.02 -1.46
N LEU A 97 0.58 3.90 -2.11
CA LEU A 97 1.67 2.97 -2.07
C LEU A 97 2.27 2.90 -3.44
N ARG A 98 3.56 3.05 -3.52
CA ARG A 98 4.26 3.08 -4.78
C ARG A 98 5.44 2.16 -4.78
N ILE A 99 5.62 1.48 -5.87
CA ILE A 99 6.73 0.58 -6.05
C ILE A 99 7.59 1.16 -7.17
N PHE A 100 8.82 1.41 -6.87
CA PHE A 100 9.75 2.00 -7.79
C PHE A 100 10.90 1.06 -8.02
N ASP A 101 11.17 0.82 -9.28
CA ASP A 101 12.17 -0.15 -9.67
C ASP A 101 13.55 0.34 -9.29
N ILE A 102 14.39 -0.56 -8.86
CA ILE A 102 15.72 -0.21 -8.39
C ILE A 102 16.73 -0.14 -9.55
N LYS A 103 16.36 -0.71 -10.67
CA LYS A 103 17.24 -0.72 -11.81
C LYS A 103 16.78 0.37 -12.76
N ASP A 104 15.49 0.41 -13.01
CA ASP A 104 14.89 1.39 -13.89
C ASP A 104 14.72 2.73 -13.15
N GLY A 105 13.80 2.77 -12.19
CA GLY A 105 13.64 3.93 -11.33
C GLY A 105 12.57 4.94 -11.78
N LYS A 106 11.77 4.64 -12.79
CA LYS A 106 10.76 5.62 -13.26
C LYS A 106 9.49 5.63 -12.40
N LEU A 107 9.40 4.72 -11.42
CA LEU A 107 8.19 4.51 -10.59
C LEU A 107 7.05 4.04 -11.52
N LEU A 108 6.80 2.76 -11.54
CA LEU A 108 5.89 2.19 -12.52
C LEU A 108 4.57 1.78 -11.90
N TRP A 109 4.41 1.96 -10.60
CA TRP A 109 3.28 1.40 -9.94
C TRP A 109 2.91 2.20 -8.72
N GLU A 110 1.67 2.61 -8.64
CA GLU A 110 1.15 3.23 -7.45
C GLU A 110 -0.31 2.82 -7.31
N GLN A 111 -0.82 2.80 -6.13
CA GLN A 111 -2.20 2.44 -5.91
C GLN A 111 -2.69 3.34 -4.78
N GLU A 112 -3.94 3.76 -4.84
CA GLU A 112 -4.51 4.62 -3.82
C GLU A 112 -5.16 3.73 -2.76
N LEU A 113 -4.81 3.93 -1.52
CA LEU A 113 -5.27 3.05 -0.47
C LEU A 113 -6.62 3.44 0.10
N TYR A 114 -7.30 2.46 0.63
CA TYR A 114 -8.65 2.61 1.13
C TYR A 114 -8.69 3.13 2.54
N ASN A 115 -9.88 3.48 2.96
CA ASN A 115 -10.15 3.91 4.32
C ASN A 115 -10.11 2.69 5.23
N ASN A 116 -10.69 1.60 4.75
CA ASN A 116 -10.72 0.35 5.49
C ASN A 116 -9.84 -0.68 4.80
N PHE A 117 -8.55 -0.57 5.04
CA PHE A 117 -7.59 -1.51 4.51
C PHE A 117 -7.14 -2.51 5.58
N VAL A 118 -7.23 -3.76 5.26
CA VAL A 118 -6.74 -4.82 6.12
C VAL A 118 -5.45 -5.32 5.50
N TYR A 119 -4.45 -5.70 6.29
CA TYR A 119 -3.23 -6.13 5.68
C TYR A 119 -3.34 -7.61 5.37
N ASN A 120 -2.80 -8.06 4.26
CA ASN A 120 -2.93 -9.44 3.88
C ASN A 120 -1.56 -10.10 3.84
N SER A 121 -1.34 -11.08 4.67
CA SER A 121 -0.09 -11.78 4.67
C SER A 121 -0.31 -13.30 4.60
N PRO A 122 -0.14 -13.90 3.42
CA PRO A 122 -0.29 -15.34 3.26
C PRO A 122 0.94 -16.09 3.80
N ARG A 123 2.10 -15.46 3.74
CA ARG A 123 3.35 -16.05 4.15
C ARG A 123 4.20 -15.01 4.86
N GLY A 124 5.23 -15.46 5.54
CA GLY A 124 6.13 -14.55 6.23
C GLY A 124 7.28 -14.11 5.34
N TYR A 125 7.15 -14.40 4.06
CA TYR A 125 8.13 -13.99 3.06
C TYR A 125 7.43 -13.35 1.86
N PHE A 126 6.11 -13.30 1.91
CA PHE A 126 5.36 -12.77 0.81
C PHE A 126 4.10 -12.11 1.35
N HIS A 127 3.84 -10.89 0.96
CA HIS A 127 2.64 -10.20 1.41
C HIS A 127 1.75 -9.93 0.20
N THR A 128 0.46 -9.90 0.41
CA THR A 128 -0.50 -9.63 -0.63
C THR A 128 -1.13 -8.25 -0.37
N PHE A 129 -1.43 -7.52 -1.42
CA PHE A 129 -1.90 -6.16 -1.28
C PHE A 129 -3.25 -5.95 -1.96
N ALA A 130 -3.97 -4.92 -1.55
CA ALA A 130 -5.29 -4.64 -2.06
C ALA A 130 -5.24 -3.66 -3.22
N GLY A 131 -5.63 -4.13 -4.39
CA GLY A 131 -5.76 -3.29 -5.53
C GLY A 131 -7.19 -2.90 -5.72
N ASP A 132 -7.46 -1.99 -6.66
CA ASP A 132 -8.83 -1.49 -6.94
C ASP A 132 -9.82 -2.66 -7.14
N THR A 133 -9.52 -3.52 -8.09
CA THR A 133 -10.25 -4.76 -8.30
C THR A 133 -9.26 -5.74 -8.95
N CYS A 134 -8.00 -5.47 -8.70
CA CYS A 134 -6.93 -6.23 -9.24
C CYS A 134 -6.12 -6.85 -8.11
N GLN A 135 -5.33 -7.85 -8.43
CA GLN A 135 -4.57 -8.55 -7.43
C GLN A 135 -3.09 -8.18 -7.57
N VAL A 136 -2.54 -7.69 -6.50
CA VAL A 136 -1.17 -7.25 -6.42
C VAL A 136 -0.56 -7.73 -5.11
N ALA A 137 0.67 -8.12 -5.14
CA ALA A 137 1.34 -8.59 -3.94
C ALA A 137 2.81 -8.30 -4.02
N LEU A 138 3.49 -8.37 -2.91
CA LEU A 138 4.88 -8.07 -2.91
C LEU A 138 5.71 -9.05 -2.12
N ASN A 139 6.80 -9.42 -2.71
CA ASN A 139 7.80 -10.26 -2.11
C ASN A 139 8.89 -9.36 -1.61
N PHE A 140 9.53 -9.70 -0.54
CA PHE A 140 10.46 -8.77 0.05
C PHE A 140 11.81 -9.36 0.34
N ALA A 141 12.78 -8.48 0.39
CA ALA A 141 14.14 -8.85 0.70
C ALA A 141 14.36 -8.76 2.20
N ASN A 142 13.78 -7.75 2.82
CA ASN A 142 13.97 -7.51 4.24
C ASN A 142 12.74 -7.92 5.01
N GLU A 143 12.86 -8.99 5.77
CA GLU A 143 11.78 -9.51 6.60
C GLU A 143 11.35 -8.47 7.64
N GLU A 144 12.35 -7.89 8.29
CA GLU A 144 12.15 -6.96 9.30
C GLU A 144 11.46 -5.71 8.79
N GLU A 145 11.93 -5.16 7.70
CA GLU A 145 11.30 -4.01 7.09
C GLU A 145 9.93 -4.33 6.49
N ALA A 146 9.76 -5.56 6.04
CA ALA A 146 8.50 -6.00 5.51
C ALA A 146 7.42 -5.92 6.54
N LYS A 147 7.74 -6.39 7.73
CA LYS A 147 6.79 -6.34 8.80
C LYS A 147 6.65 -4.92 9.34
N LYS A 148 7.60 -4.06 8.99
CA LYS A 148 7.52 -2.66 9.35
C LYS A 148 6.47 -2.00 8.52
N PHE A 149 6.56 -2.15 7.18
CA PHE A 149 5.56 -1.54 6.32
C PHE A 149 4.21 -2.19 6.49
N ARG A 150 4.21 -3.50 6.76
CA ARG A 150 2.98 -4.22 7.08
C ARG A 150 2.24 -3.55 8.22
N LYS A 151 2.96 -3.31 9.27
CA LYS A 151 2.41 -2.71 10.45
C LYS A 151 2.11 -1.27 10.14
N ALA A 152 3.05 -0.60 9.55
CA ALA A 152 2.91 0.80 9.21
C ALA A 152 1.67 1.07 8.36
N VAL A 153 1.42 0.26 7.34
CA VAL A 153 0.24 0.50 6.51
C VAL A 153 -1.02 0.31 7.34
N THR A 154 -1.13 -0.82 7.96
CA THR A 154 -2.29 -1.17 8.74
C THR A 154 -2.47 -0.34 10.06
N ASP A 155 -1.39 0.07 10.67
CA ASP A 155 -1.45 0.88 11.90
C ASP A 155 -1.85 2.30 11.55
N LEU A 156 -1.16 2.84 10.56
CA LEU A 156 -1.44 4.16 10.05
C LEU A 156 -2.81 4.22 9.43
N LEU A 157 -3.25 3.10 8.88
CA LEU A 157 -4.60 2.97 8.36
C LEU A 157 -5.59 3.22 9.49
N GLY A 158 -5.36 2.55 10.61
CA GLY A 158 -6.23 2.66 11.75
C GLY A 158 -6.16 4.00 12.45
N ARG A 159 -4.95 4.52 12.61
CA ARG A 159 -4.76 5.81 13.26
C ARG A 159 -5.24 6.94 12.38
N ARG A 160 -4.93 6.81 11.09
CA ARG A 160 -5.06 7.85 10.05
C ARG A 160 -4.22 9.10 10.26
N GLN A 161 -3.96 9.42 11.51
CA GLN A 161 -3.04 10.47 11.87
C GLN A 161 -1.64 9.89 11.75
N ARG A 162 -0.70 10.68 11.28
CA ARG A 162 0.67 10.21 11.13
C ARG A 162 1.49 10.47 12.38
N LYS A 163 2.36 9.53 12.69
CA LYS A 163 3.28 9.66 13.81
C LYS A 163 4.42 8.69 13.51
N SER A 164 4.76 8.61 12.25
CA SER A 164 5.83 7.79 11.78
C SER A 164 6.42 8.47 10.54
N GLU A 165 7.70 8.29 10.32
CA GLU A 165 8.39 8.90 9.19
C GLU A 165 9.68 8.11 9.01
N LYS A 166 9.76 7.40 7.91
CA LYS A 166 10.86 6.49 7.65
C LYS A 166 11.03 6.32 6.15
N ARG A 167 12.26 6.14 5.69
CA ARG A 167 12.51 5.94 4.29
C ARG A 167 13.74 5.07 4.05
N ARG A 168 14.91 5.65 4.30
CA ARG A 168 16.22 5.03 4.00
C ARG A 168 16.45 4.97 2.49
N ASP A 169 17.18 5.93 2.00
CA ASP A 169 17.50 6.06 0.59
C ASP A 169 18.71 6.93 0.44
N GLY A 1 16.72 -11.92 8.48
CA GLY A 1 17.00 -10.59 7.96
C GLY A 1 17.83 -10.66 6.72
N SER A 2 18.85 -9.85 6.65
CA SER A 2 19.69 -9.82 5.50
C SER A 2 20.73 -10.92 5.57
N GLU A 3 20.49 -11.95 4.80
CA GLU A 3 21.43 -13.02 4.64
C GLU A 3 22.08 -12.72 3.29
N SER A 4 23.27 -13.21 3.06
CA SER A 4 23.94 -12.96 1.80
C SER A 4 23.12 -13.52 0.61
N ARG A 5 22.45 -14.65 0.81
CA ARG A 5 21.56 -15.17 -0.19
C ARG A 5 20.11 -14.87 0.20
N PHE A 6 19.68 -13.68 -0.11
CA PHE A 6 18.31 -13.30 0.12
C PHE A 6 17.51 -13.63 -1.12
N TYR A 7 16.31 -14.09 -0.96
CA TYR A 7 15.53 -14.55 -2.09
C TYR A 7 14.19 -13.91 -2.22
N PHE A 8 13.73 -13.93 -3.44
CA PHE A 8 12.41 -13.51 -3.82
C PHE A 8 11.82 -14.64 -4.67
N HIS A 9 12.62 -15.11 -5.62
CA HIS A 9 12.27 -16.23 -6.50
C HIS A 9 12.71 -17.56 -5.85
N PRO A 10 12.22 -18.75 -6.32
CA PRO A 10 11.28 -18.90 -7.45
C PRO A 10 9.80 -18.78 -7.06
N ILE A 11 8.99 -18.33 -8.02
CA ILE A 11 7.54 -18.09 -7.89
C ILE A 11 6.80 -19.35 -7.38
N SER A 12 7.40 -20.47 -7.65
CA SER A 12 6.90 -21.78 -7.27
C SER A 12 6.66 -21.89 -5.75
N ASP A 13 7.51 -21.25 -4.96
CA ASP A 13 7.38 -21.33 -3.51
C ASP A 13 6.31 -20.38 -3.02
N LEU A 14 6.16 -19.30 -3.74
CA LEU A 14 5.22 -18.27 -3.37
C LEU A 14 3.80 -18.76 -3.61
N PRO A 15 2.88 -18.46 -2.70
CA PRO A 15 1.50 -18.92 -2.82
C PRO A 15 0.82 -18.33 -4.06
N PRO A 16 0.03 -19.14 -4.78
CA PRO A 16 -0.71 -18.67 -5.95
C PRO A 16 -1.72 -17.60 -5.54
N PRO A 17 -2.02 -16.65 -6.44
CA PRO A 17 -2.96 -15.57 -6.16
C PRO A 17 -4.32 -16.11 -5.77
N GLU A 18 -4.75 -15.73 -4.60
CA GLU A 18 -5.99 -16.16 -4.08
C GLU A 18 -6.97 -15.00 -4.10
N PRO A 19 -8.03 -15.10 -4.93
CA PRO A 19 -9.06 -14.05 -5.04
C PRO A 19 -9.65 -13.70 -3.68
N TYR A 20 -9.69 -12.44 -3.38
CA TYR A 20 -10.17 -11.98 -2.11
C TYR A 20 -11.59 -11.44 -2.23
N VAL A 21 -12.42 -11.80 -1.28
CA VAL A 21 -13.76 -11.28 -1.24
C VAL A 21 -13.84 -10.30 -0.09
N GLN A 22 -13.92 -9.04 -0.42
CA GLN A 22 -13.94 -7.97 0.56
C GLN A 22 -15.16 -7.12 0.39
N THR A 23 -15.65 -6.59 1.48
CA THR A 23 -16.81 -5.74 1.47
C THR A 23 -16.41 -4.36 0.88
N THR A 24 -17.34 -3.72 0.16
CA THR A 24 -17.07 -2.48 -0.54
C THR A 24 -16.53 -1.37 0.38
N LYS A 25 -15.44 -0.78 -0.03
CA LYS A 25 -14.82 0.28 0.70
C LYS A 25 -14.66 1.51 -0.17
N SER A 26 -14.48 2.63 0.46
CA SER A 26 -14.27 3.87 -0.22
C SER A 26 -12.77 4.17 -0.27
N TYR A 27 -12.36 4.86 -1.32
CA TYR A 27 -10.99 5.25 -1.49
C TYR A 27 -10.84 6.67 -0.92
N PRO A 28 -10.06 6.83 0.16
CA PRO A 28 -9.91 8.11 0.88
C PRO A 28 -9.40 9.28 0.01
N SER A 29 -8.58 8.99 -0.98
CA SER A 29 -8.06 10.03 -1.84
C SER A 29 -9.08 10.40 -2.86
N LYS A 30 -9.68 9.40 -3.48
CA LYS A 30 -10.66 9.63 -4.53
C LYS A 30 -11.83 10.46 -4.05
N LEU A 31 -12.15 10.33 -2.77
CA LEU A 31 -13.19 11.11 -2.14
C LEU A 31 -12.78 12.59 -2.01
N ALA A 32 -11.53 12.83 -1.72
CA ALA A 32 -11.05 14.18 -1.49
C ALA A 32 -10.74 14.92 -2.77
N ARG A 33 -10.28 14.21 -3.75
CA ARG A 33 -9.84 14.81 -5.02
C ARG A 33 -10.97 14.89 -6.04
N ASN A 34 -12.05 14.17 -5.79
CA ASN A 34 -13.18 14.14 -6.70
C ASN A 34 -14.44 13.89 -5.89
N GLU A 35 -15.52 14.54 -6.26
CA GLU A 35 -16.75 14.31 -5.55
C GLU A 35 -17.74 13.56 -6.42
N SER A 36 -17.82 12.28 -6.23
CA SER A 36 -18.78 11.46 -6.88
C SER A 36 -19.83 11.12 -5.86
N ARG A 37 -20.83 11.97 -5.75
CA ARG A 37 -21.90 11.82 -4.77
C ARG A 37 -22.92 12.90 -5.04
N GLY A 38 -24.14 12.51 -5.31
CA GLY A 38 -25.20 13.46 -5.60
C GLY A 38 -25.60 14.25 -4.37
N GLY A 39 -25.46 13.65 -3.21
CA GLY A 39 -25.74 14.34 -1.99
C GLY A 39 -26.97 13.79 -1.29
N LEU A 40 -28.02 14.59 -1.30
CA LEU A 40 -29.29 14.26 -0.64
C LEU A 40 -29.10 14.15 0.87
N VAL A 41 -28.89 15.32 1.50
CA VAL A 41 -28.72 15.50 2.96
C VAL A 41 -27.94 14.36 3.70
N PRO A 42 -26.61 14.49 3.78
CA PRO A 42 -25.77 13.54 4.49
C PRO A 42 -25.65 13.89 5.98
N ARG A 43 -26.11 12.99 6.84
CA ARG A 43 -26.01 13.22 8.28
C ARG A 43 -24.82 12.45 8.82
N GLY A 44 -24.90 11.13 8.68
CA GLY A 44 -23.86 10.25 9.16
C GLY A 44 -22.71 10.15 8.20
N SER A 45 -22.01 11.23 8.06
CA SER A 45 -20.86 11.33 7.22
C SER A 45 -19.84 12.25 7.88
N GLY A 46 -18.58 12.07 7.59
CA GLY A 46 -17.56 12.89 8.19
C GLY A 46 -16.45 13.19 7.24
N GLY A 47 -16.82 13.51 6.02
CA GLY A 47 -15.85 13.82 5.00
C GLY A 47 -15.51 15.29 5.01
N SER A 48 -15.29 15.84 3.81
CA SER A 48 -14.87 17.23 3.63
C SER A 48 -13.60 17.53 4.41
N LEU A 49 -12.49 17.29 3.79
CA LEU A 49 -11.22 17.48 4.43
C LEU A 49 -10.82 18.93 4.43
N PHE A 50 -11.10 19.57 5.53
CA PHE A 50 -10.70 20.92 5.74
C PHE A 50 -9.79 20.97 6.94
N SER A 51 -8.77 21.79 6.85
CA SER A 51 -7.79 21.98 7.89
C SER A 51 -6.95 20.70 8.09
N PHE A 52 -5.86 20.64 7.40
CA PHE A 52 -4.93 19.54 7.52
C PHE A 52 -3.49 20.03 7.46
N LEU A 53 -3.24 20.99 6.56
CA LEU A 53 -1.92 21.63 6.40
C LEU A 53 -0.82 20.65 5.95
N GLY A 54 -0.34 20.87 4.77
CA GLY A 54 0.65 20.01 4.17
C GLY A 54 0.23 19.72 2.77
N LYS A 55 0.98 20.19 1.81
CA LYS A 55 0.58 20.11 0.40
C LYS A 55 1.20 18.93 -0.32
N LYS A 56 2.23 18.35 0.26
CA LYS A 56 2.95 17.26 -0.39
C LYS A 56 2.68 15.90 0.23
N CYS A 57 3.09 14.88 -0.48
CA CYS A 57 3.06 13.53 -0.03
C CYS A 57 4.45 13.17 0.48
N VAL A 58 4.54 12.57 1.63
CA VAL A 58 5.82 12.31 2.22
C VAL A 58 6.18 10.83 2.27
N THR A 59 7.45 10.52 1.97
CA THR A 59 7.98 9.19 2.07
C THR A 59 8.29 8.83 3.53
N MET A 60 7.68 7.77 3.98
CA MET A 60 7.77 7.38 5.37
C MET A 60 8.66 6.15 5.59
N SER A 61 8.51 5.14 4.76
CA SER A 61 9.18 3.86 5.00
C SER A 61 9.52 3.17 3.69
N SER A 62 10.61 2.42 3.66
CA SER A 62 11.01 1.72 2.45
C SER A 62 11.40 0.26 2.73
N ALA A 63 11.28 -0.58 1.71
CA ALA A 63 11.66 -1.99 1.79
C ALA A 63 12.04 -2.47 0.39
N VAL A 64 13.04 -3.34 0.29
CA VAL A 64 13.49 -3.87 -1.00
C VAL A 64 12.54 -5.00 -1.42
N VAL A 65 11.89 -4.84 -2.57
CA VAL A 65 10.83 -5.77 -2.97
C VAL A 65 10.81 -6.03 -4.48
N GLN A 66 9.94 -6.94 -4.85
CA GLN A 66 9.56 -7.16 -6.23
C GLN A 66 8.06 -7.11 -6.30
N LEU A 67 7.53 -6.47 -7.31
CA LEU A 67 6.11 -6.27 -7.40
C LEU A 67 5.52 -7.16 -8.48
N TYR A 68 4.53 -7.92 -8.08
CA TYR A 68 3.82 -8.80 -8.97
C TYR A 68 2.36 -8.42 -9.01
N ALA A 69 1.77 -8.61 -10.15
CA ALA A 69 0.35 -8.42 -10.34
C ALA A 69 -0.25 -9.76 -10.67
N ALA A 70 -1.42 -10.01 -10.20
CA ALA A 70 -2.00 -11.30 -10.34
C ALA A 70 -2.96 -11.45 -11.46
N ASP A 71 -2.85 -12.57 -12.09
CA ASP A 71 -3.86 -13.10 -12.96
C ASP A 71 -4.97 -13.50 -12.03
N ARG A 72 -6.22 -13.42 -12.48
CA ARG A 72 -7.39 -13.62 -11.63
C ARG A 72 -7.20 -14.69 -10.55
N ASN A 73 -7.11 -15.93 -10.93
CA ASN A 73 -6.88 -16.97 -9.95
C ASN A 73 -5.56 -17.72 -10.09
N CYS A 74 -4.69 -17.41 -11.07
CA CYS A 74 -3.57 -18.35 -11.24
C CYS A 74 -2.21 -17.84 -11.77
N MET A 75 -1.78 -16.62 -11.48
CA MET A 75 -0.42 -16.21 -11.93
C MET A 75 0.06 -14.90 -11.33
N TRP A 76 1.26 -14.88 -10.79
CA TRP A 76 1.89 -13.63 -10.40
C TRP A 76 2.81 -13.15 -11.52
N SER A 77 2.54 -11.98 -12.03
CA SER A 77 3.31 -11.41 -13.11
C SER A 77 4.15 -10.25 -12.60
N LYS A 78 5.45 -10.32 -12.83
CA LYS A 78 6.35 -9.28 -12.39
C LYS A 78 6.19 -8.03 -13.23
N LYS A 79 5.89 -6.95 -12.57
CA LYS A 79 5.76 -5.65 -13.20
C LYS A 79 7.04 -4.86 -13.05
N CYS A 80 7.57 -4.85 -11.85
CA CYS A 80 8.79 -4.13 -11.58
C CYS A 80 9.45 -4.66 -10.33
N SER A 81 10.71 -4.42 -10.20
CA SER A 81 11.45 -4.81 -9.04
C SER A 81 12.31 -3.68 -8.56
N GLY A 82 12.43 -3.54 -7.27
CA GLY A 82 13.23 -2.50 -6.75
C GLY A 82 13.00 -2.30 -5.30
N VAL A 83 12.60 -1.14 -4.94
CA VAL A 83 12.36 -0.80 -3.58
C VAL A 83 10.97 -0.18 -3.48
N ALA A 84 10.31 -0.42 -2.39
CA ALA A 84 9.00 0.09 -2.14
C ALA A 84 9.06 1.17 -1.13
N CYS A 85 8.16 2.11 -1.23
CA CYS A 85 8.07 3.12 -0.22
C CYS A 85 6.63 3.41 0.13
N LEU A 86 6.39 3.57 1.41
CA LEU A 86 5.12 3.96 1.92
C LEU A 86 5.09 5.46 1.94
N VAL A 87 4.18 6.02 1.20
CA VAL A 87 4.06 7.44 1.08
C VAL A 87 2.66 7.83 1.44
N LYS A 88 2.49 8.78 2.31
CA LYS A 88 1.15 9.19 2.57
C LYS A 88 0.92 10.54 1.98
N ASP A 89 -0.20 10.70 1.37
CA ASP A 89 -0.55 11.95 0.81
C ASP A 89 -1.29 12.68 1.86
N ASN A 90 -0.57 13.53 2.56
CA ASN A 90 -1.10 14.30 3.68
C ASN A 90 -2.41 15.05 3.32
N PRO A 91 -2.48 15.77 2.15
CA PRO A 91 -3.73 16.42 1.72
C PRO A 91 -4.95 15.48 1.66
N GLN A 92 -4.75 14.21 1.26
CA GLN A 92 -5.89 13.28 1.19
C GLN A 92 -6.08 12.60 2.52
N ARG A 93 -5.09 12.76 3.42
CA ARG A 93 -5.03 12.02 4.69
C ARG A 93 -5.00 10.51 4.41
N SER A 94 -4.60 10.17 3.20
CA SER A 94 -4.60 8.80 2.74
C SER A 94 -3.17 8.31 2.57
N TYR A 95 -3.03 7.05 2.24
CA TYR A 95 -1.75 6.42 2.11
C TYR A 95 -1.62 5.81 0.72
N PHE A 96 -0.42 5.78 0.21
CA PHE A 96 -0.13 5.23 -1.08
C PHE A 96 1.11 4.36 -1.03
N LEU A 97 1.06 3.26 -1.71
CA LEU A 97 2.23 2.45 -1.90
C LEU A 97 2.80 2.82 -3.22
N ARG A 98 4.05 3.13 -3.24
CA ARG A 98 4.67 3.43 -4.48
C ARG A 98 5.89 2.56 -4.65
N ILE A 99 6.11 2.11 -5.86
CA ILE A 99 7.19 1.19 -6.15
C ILE A 99 8.09 1.83 -7.21
N PHE A 100 9.34 1.82 -6.92
CA PHE A 100 10.36 2.38 -7.77
C PHE A 100 11.38 1.31 -8.07
N ASP A 101 11.84 1.31 -9.29
CA ASP A 101 12.65 0.21 -9.78
C ASP A 101 14.09 0.35 -9.34
N ILE A 102 14.77 -0.75 -9.14
CA ILE A 102 16.17 -0.72 -8.71
C ILE A 102 17.09 -0.18 -9.82
N LYS A 103 16.76 -0.50 -11.06
CA LYS A 103 17.56 -0.10 -12.19
C LYS A 103 17.03 1.20 -12.72
N ASP A 104 15.73 1.25 -12.90
CA ASP A 104 15.05 2.40 -13.44
C ASP A 104 14.86 3.47 -12.35
N GLY A 105 13.89 3.26 -11.49
CA GLY A 105 13.76 4.09 -10.29
C GLY A 105 13.06 5.40 -10.50
N LYS A 106 12.30 5.52 -11.56
CA LYS A 106 11.65 6.79 -11.86
C LYS A 106 10.35 6.93 -11.08
N LEU A 107 10.00 5.86 -10.38
CA LEU A 107 8.73 5.68 -9.68
C LEU A 107 7.67 5.53 -10.75
N LEU A 108 7.20 4.33 -10.90
CA LEU A 108 6.31 4.02 -11.98
C LEU A 108 5.09 3.27 -11.50
N TRP A 109 4.87 3.29 -10.20
CA TRP A 109 3.79 2.52 -9.63
C TRP A 109 3.30 3.20 -8.38
N GLU A 110 2.03 3.45 -8.31
CA GLU A 110 1.42 4.02 -7.15
C GLU A 110 0.04 3.40 -6.96
N GLN A 111 -0.31 3.05 -5.75
CA GLN A 111 -1.61 2.47 -5.49
C GLN A 111 -2.13 3.09 -4.18
N GLU A 112 -3.41 3.38 -4.13
CA GLU A 112 -4.01 4.10 -3.02
C GLU A 112 -4.55 3.11 -1.97
N LEU A 113 -4.44 3.46 -0.71
CA LEU A 113 -5.02 2.66 0.35
C LEU A 113 -6.52 2.88 0.44
N TYR A 114 -7.18 2.12 1.30
CA TYR A 114 -8.64 2.15 1.33
C TYR A 114 -9.13 2.40 2.72
N ASN A 115 -10.35 2.84 2.83
CA ASN A 115 -10.99 3.04 4.09
C ASN A 115 -11.42 1.67 4.59
N ASN A 116 -10.81 1.22 5.69
CA ASN A 116 -11.01 -0.14 6.24
C ASN A 116 -10.38 -1.21 5.35
N PHE A 117 -9.08 -1.14 5.25
CA PHE A 117 -8.28 -2.12 4.57
C PHE A 117 -7.63 -3.03 5.59
N VAL A 118 -7.66 -4.31 5.36
CA VAL A 118 -6.94 -5.25 6.21
C VAL A 118 -5.70 -5.72 5.44
N TYR A 119 -4.60 -5.92 6.12
CA TYR A 119 -3.40 -6.29 5.43
C TYR A 119 -3.35 -7.83 5.32
N ASN A 120 -2.96 -8.39 4.16
CA ASN A 120 -2.91 -9.84 4.03
C ASN A 120 -1.48 -10.31 3.83
N SER A 121 -0.96 -11.00 4.83
CA SER A 121 0.37 -11.55 4.77
C SER A 121 0.38 -13.03 5.13
N PRO A 122 0.74 -13.91 4.19
CA PRO A 122 0.94 -15.33 4.49
C PRO A 122 2.14 -15.48 5.45
N ARG A 123 3.25 -14.88 5.07
CA ARG A 123 4.48 -14.89 5.84
C ARG A 123 5.27 -13.66 5.39
N GLY A 124 6.11 -13.09 6.25
CA GLY A 124 6.86 -11.82 5.95
C GLY A 124 7.87 -11.89 4.79
N TYR A 125 7.73 -12.88 3.98
CA TYR A 125 8.57 -13.09 2.82
C TYR A 125 7.77 -12.68 1.58
N PHE A 126 6.44 -12.70 1.72
CA PHE A 126 5.54 -12.41 0.63
C PHE A 126 4.27 -11.75 1.17
N HIS A 127 3.89 -10.62 0.63
CA HIS A 127 2.64 -9.98 1.03
C HIS A 127 1.75 -9.79 -0.15
N THR A 128 0.46 -9.83 0.08
CA THR A 128 -0.52 -9.69 -0.95
C THR A 128 -1.30 -8.42 -0.68
N PHE A 129 -1.47 -7.63 -1.68
CA PHE A 129 -2.09 -6.35 -1.54
C PHE A 129 -3.14 -6.15 -2.65
N ALA A 130 -4.05 -5.25 -2.42
CA ALA A 130 -5.08 -4.98 -3.39
C ALA A 130 -4.59 -3.95 -4.39
N GLY A 131 -4.62 -4.29 -5.64
CA GLY A 131 -4.13 -3.42 -6.68
C GLY A 131 -5.26 -2.68 -7.34
N ASP A 132 -5.92 -1.83 -6.55
CA ASP A 132 -7.08 -1.02 -6.99
C ASP A 132 -8.30 -1.87 -7.19
N THR A 133 -8.30 -2.59 -8.26
CA THR A 133 -9.35 -3.50 -8.62
C THR A 133 -8.77 -4.88 -8.95
N CYS A 134 -7.45 -4.95 -9.03
CA CYS A 134 -6.74 -6.18 -9.30
C CYS A 134 -6.04 -6.62 -8.01
N GLN A 135 -5.17 -7.59 -8.09
CA GLN A 135 -4.46 -8.10 -6.95
C GLN A 135 -2.95 -8.00 -7.22
N VAL A 136 -2.23 -7.39 -6.31
CA VAL A 136 -0.81 -7.19 -6.42
C VAL A 136 -0.12 -7.82 -5.23
N ALA A 137 1.10 -8.17 -5.38
CA ALA A 137 1.84 -8.76 -4.29
C ALA A 137 3.23 -8.30 -4.31
N LEU A 138 3.84 -8.27 -3.17
CA LEU A 138 5.22 -7.90 -3.10
C LEU A 138 6.07 -8.91 -2.32
N ASN A 139 7.23 -9.23 -2.87
CA ASN A 139 8.20 -10.20 -2.29
C ASN A 139 9.28 -9.44 -1.57
N PHE A 140 9.82 -10.00 -0.50
CA PHE A 140 10.75 -9.25 0.34
C PHE A 140 12.10 -9.90 0.46
N ALA A 141 13.08 -9.07 0.75
CA ALA A 141 14.42 -9.48 1.01
C ALA A 141 14.57 -9.68 2.51
N ASN A 142 13.97 -8.78 3.27
CA ASN A 142 14.01 -8.82 4.71
C ASN A 142 12.62 -8.86 5.26
N GLU A 143 12.34 -9.84 6.09
CA GLU A 143 11.03 -9.96 6.71
C GLU A 143 10.76 -8.80 7.65
N GLU A 144 11.81 -8.25 8.24
CA GLU A 144 11.66 -7.26 9.28
C GLU A 144 10.94 -6.04 8.77
N GLU A 145 11.41 -5.47 7.66
CA GLU A 145 10.75 -4.31 7.10
C GLU A 145 9.32 -4.61 6.70
N ALA A 146 9.11 -5.84 6.26
CA ALA A 146 7.83 -6.29 5.80
C ALA A 146 6.86 -6.35 6.95
N LYS A 147 7.30 -6.91 8.05
CA LYS A 147 6.50 -7.06 9.26
C LYS A 147 6.27 -5.68 9.90
N LYS A 148 7.13 -4.74 9.58
CA LYS A 148 7.02 -3.40 10.11
C LYS A 148 6.09 -2.52 9.33
N PHE A 149 6.31 -2.41 8.00
CA PHE A 149 5.46 -1.52 7.22
C PHE A 149 4.05 -2.07 7.15
N ARG A 150 3.94 -3.38 7.19
CA ARG A 150 2.66 -4.08 7.19
C ARG A 150 1.78 -3.54 8.29
N LYS A 151 2.35 -3.51 9.47
CA LYS A 151 1.67 -3.07 10.63
C LYS A 151 1.46 -1.60 10.51
N ALA A 152 2.53 -0.91 10.11
CA ALA A 152 2.49 0.53 9.94
C ALA A 152 1.35 0.95 9.03
N VAL A 153 1.25 0.34 7.85
CA VAL A 153 0.21 0.75 6.91
C VAL A 153 -1.16 0.50 7.49
N THR A 154 -1.38 -0.71 7.94
CA THR A 154 -2.66 -1.08 8.49
C THR A 154 -3.02 -0.34 9.83
N ASP A 155 -2.01 -0.01 10.63
CA ASP A 155 -2.23 0.72 11.90
C ASP A 155 -2.52 2.19 11.60
N LEU A 156 -1.67 2.78 10.79
CA LEU A 156 -1.76 4.17 10.41
C LEU A 156 -3.04 4.47 9.64
N LEU A 157 -3.49 3.49 8.89
CA LEU A 157 -4.71 3.60 8.13
C LEU A 157 -5.91 3.65 9.09
N GLY A 158 -5.81 2.87 10.16
CA GLY A 158 -6.85 2.87 11.18
C GLY A 158 -6.85 4.16 11.98
N ARG A 159 -5.70 4.79 12.07
CA ARG A 159 -5.56 6.05 12.77
C ARG A 159 -6.09 7.19 11.89
N ARG A 160 -5.65 7.17 10.63
CA ARG A 160 -5.95 8.22 9.61
C ARG A 160 -5.17 9.51 9.92
N GLN A 161 -5.35 10.01 11.13
CA GLN A 161 -4.73 11.22 11.59
C GLN A 161 -3.27 10.99 11.93
N ARG A 162 -2.40 11.67 11.21
CA ARG A 162 -0.97 11.66 11.46
C ARG A 162 -0.29 12.59 10.49
N LYS A 163 0.05 13.76 10.95
CA LYS A 163 0.76 14.71 10.12
C LYS A 163 2.22 14.30 10.03
N SER A 164 2.53 13.57 9.02
CA SER A 164 3.84 13.05 8.87
C SER A 164 4.61 13.91 7.90
N GLU A 165 5.88 14.05 8.14
CA GLU A 165 6.76 14.78 7.30
C GLU A 165 7.86 13.87 6.79
N LYS A 166 8.54 14.28 5.75
CA LYS A 166 9.60 13.48 5.17
C LYS A 166 10.92 13.83 5.78
N ARG A 167 11.71 12.83 6.09
CA ARG A 167 13.00 13.06 6.67
C ARG A 167 13.96 13.51 5.57
N ARG A 168 13.93 12.80 4.46
CA ARG A 168 14.73 13.12 3.30
C ARG A 168 14.27 12.29 2.13
N ASP A 169 14.43 11.01 2.27
CA ASP A 169 14.05 10.03 1.29
C ASP A 169 13.49 8.87 2.03
N GLY A 1 19.17 -12.46 16.09
CA GLY A 1 18.84 -12.75 14.70
C GLY A 1 18.90 -14.21 14.40
N SER A 2 18.64 -14.56 13.18
CA SER A 2 18.67 -15.93 12.75
C SER A 2 19.05 -15.92 11.27
N GLU A 3 19.44 -17.06 10.75
CA GLU A 3 19.86 -17.11 9.39
C GLU A 3 18.74 -17.57 8.47
N SER A 4 18.57 -16.84 7.40
CA SER A 4 17.61 -17.13 6.39
C SER A 4 18.09 -16.44 5.13
N ARG A 5 18.07 -17.11 4.00
CA ARG A 5 18.50 -16.46 2.79
C ARG A 5 17.36 -15.68 2.18
N PHE A 6 17.56 -14.39 2.03
CA PHE A 6 16.53 -13.54 1.50
C PHE A 6 16.46 -13.71 0.00
N TYR A 7 15.33 -14.09 -0.48
CA TYR A 7 15.15 -14.27 -1.87
C TYR A 7 13.90 -13.60 -2.39
N PHE A 8 14.04 -12.96 -3.51
CA PHE A 8 12.94 -12.33 -4.19
C PHE A 8 12.33 -13.34 -5.15
N HIS A 9 13.21 -14.11 -5.77
CA HIS A 9 12.79 -15.24 -6.59
C HIS A 9 12.74 -16.44 -5.60
N PRO A 10 12.31 -17.63 -6.00
CA PRO A 10 11.74 -17.87 -7.26
C PRO A 10 10.21 -17.77 -7.19
N ILE A 11 9.56 -17.50 -8.31
CA ILE A 11 8.10 -17.34 -8.32
C ILE A 11 7.40 -18.64 -7.94
N SER A 12 8.02 -19.74 -8.28
CA SER A 12 7.50 -21.05 -7.96
C SER A 12 7.58 -21.40 -6.46
N ASP A 13 8.34 -20.61 -5.69
CA ASP A 13 8.43 -20.84 -4.23
C ASP A 13 7.43 -19.95 -3.54
N LEU A 14 7.08 -18.88 -4.20
CA LEU A 14 6.15 -17.91 -3.69
C LEU A 14 4.76 -18.54 -3.57
N PRO A 15 3.97 -18.12 -2.57
CA PRO A 15 2.64 -18.67 -2.35
C PRO A 15 1.71 -18.35 -3.53
N PRO A 16 0.86 -19.32 -3.91
CA PRO A 16 -0.11 -19.14 -5.00
C PRO A 16 -1.03 -17.97 -4.71
N PRO A 17 -1.35 -17.20 -5.75
CA PRO A 17 -2.23 -16.05 -5.62
C PRO A 17 -3.64 -16.44 -5.21
N GLU A 18 -4.23 -15.61 -4.41
CA GLU A 18 -5.56 -15.81 -3.92
C GLU A 18 -6.30 -14.53 -4.09
N PRO A 19 -7.59 -14.59 -4.37
CA PRO A 19 -8.40 -13.40 -4.54
C PRO A 19 -8.62 -12.64 -3.22
N TYR A 20 -8.70 -11.35 -3.32
CA TYR A 20 -8.94 -10.49 -2.21
C TYR A 20 -10.47 -10.44 -2.03
N VAL A 21 -10.95 -10.83 -0.87
CA VAL A 21 -12.36 -11.05 -0.68
C VAL A 21 -13.16 -9.84 -0.25
N GLN A 22 -12.66 -9.10 0.63
CA GLN A 22 -13.36 -7.94 1.14
C GLN A 22 -12.65 -6.71 0.77
N THR A 23 -13.29 -5.93 0.03
CA THR A 23 -12.76 -4.68 -0.41
C THR A 23 -13.82 -3.59 -0.36
N THR A 24 -13.72 -2.71 0.60
CA THR A 24 -14.57 -1.59 0.59
C THR A 24 -13.79 -0.49 -0.08
N LYS A 25 -14.24 0.02 -1.20
CA LYS A 25 -13.44 0.97 -1.87
C LYS A 25 -13.83 2.35 -1.54
N SER A 26 -12.91 3.00 -0.97
CA SER A 26 -12.92 4.37 -0.76
C SER A 26 -11.51 4.83 -0.89
N TYR A 27 -11.21 5.69 -1.80
CA TYR A 27 -9.89 6.24 -1.85
C TYR A 27 -9.90 7.53 -1.08
N PRO A 28 -9.17 7.61 0.06
CA PRO A 28 -9.11 8.80 0.91
C PRO A 28 -8.73 10.09 0.17
N SER A 29 -7.95 9.96 -0.88
CA SER A 29 -7.56 11.12 -1.67
C SER A 29 -8.67 11.52 -2.65
N LYS A 30 -9.25 10.52 -3.26
CA LYS A 30 -10.22 10.68 -4.34
C LYS A 30 -11.59 11.05 -3.76
N LEU A 31 -12.03 10.30 -2.78
CA LEU A 31 -13.35 10.47 -2.26
C LEU A 31 -13.32 11.54 -1.17
N ALA A 32 -12.33 11.44 -0.26
CA ALA A 32 -12.06 12.42 0.83
C ALA A 32 -13.13 12.49 1.93
N ARG A 33 -14.28 11.99 1.63
CA ARG A 33 -15.38 11.98 2.58
C ARG A 33 -15.33 10.69 3.35
N ASN A 34 -14.89 10.75 4.59
CA ASN A 34 -14.81 9.56 5.41
C ASN A 34 -16.17 9.26 5.98
N GLU A 35 -16.57 10.06 6.98
CA GLU A 35 -17.89 10.01 7.64
C GLU A 35 -18.21 8.64 8.34
N SER A 36 -18.30 7.57 7.53
CA SER A 36 -18.68 6.24 7.98
C SER A 36 -20.12 6.26 8.51
N ARG A 37 -21.07 6.24 7.58
CA ARG A 37 -22.51 6.30 7.85
C ARG A 37 -22.89 7.47 8.76
N GLY A 38 -23.10 8.60 8.16
CA GLY A 38 -23.49 9.76 8.91
C GLY A 38 -24.70 10.38 8.32
N GLY A 39 -24.68 10.56 7.03
CA GLY A 39 -25.82 11.11 6.35
C GLY A 39 -25.53 12.46 5.76
N LEU A 40 -25.35 12.48 4.46
CA LEU A 40 -25.09 13.71 3.75
C LEU A 40 -26.42 14.44 3.60
N VAL A 41 -26.60 15.45 4.40
CA VAL A 41 -27.78 16.25 4.38
C VAL A 41 -27.44 17.60 5.02
N PRO A 42 -27.91 18.73 4.43
CA PRO A 42 -27.62 20.07 4.95
C PRO A 42 -28.15 20.31 6.37
N ARG A 43 -27.36 19.91 7.34
CA ARG A 43 -27.66 20.08 8.76
C ARG A 43 -26.40 20.51 9.48
N GLY A 44 -25.37 20.77 8.73
CA GLY A 44 -24.08 21.07 9.31
C GLY A 44 -23.25 19.81 9.39
N SER A 45 -23.69 18.80 8.66
CA SER A 45 -23.02 17.54 8.65
C SER A 45 -22.10 17.44 7.44
N GLY A 46 -20.91 17.96 7.59
CA GLY A 46 -19.96 17.92 6.53
C GLY A 46 -18.69 17.27 6.95
N GLY A 47 -17.60 17.79 6.51
CA GLY A 47 -16.31 17.25 6.85
C GLY A 47 -15.26 18.30 6.68
N SER A 48 -14.42 18.46 7.67
CA SER A 48 -13.39 19.44 7.61
C SER A 48 -12.17 18.95 6.83
N LEU A 49 -12.10 19.32 5.57
CA LEU A 49 -10.98 18.95 4.74
C LEU A 49 -10.08 20.14 4.52
N PHE A 50 -9.17 20.33 5.42
CA PHE A 50 -8.17 21.34 5.28
C PHE A 50 -6.85 20.66 5.13
N SER A 51 -6.57 19.76 6.09
CA SER A 51 -5.38 18.94 6.11
C SER A 51 -4.13 19.79 5.97
N PHE A 52 -4.14 20.93 6.63
CA PHE A 52 -3.06 21.84 6.55
C PHE A 52 -2.42 22.01 7.91
N LEU A 53 -1.59 21.04 8.24
CA LEU A 53 -0.84 20.97 9.46
C LEU A 53 0.08 19.78 9.33
N GLY A 54 1.19 20.05 8.71
CA GLY A 54 2.15 19.06 8.35
C GLY A 54 2.72 19.49 7.04
N LYS A 55 3.73 18.83 6.55
CA LYS A 55 4.32 19.28 5.31
C LYS A 55 4.71 18.17 4.39
N LYS A 56 4.24 18.29 3.14
CA LYS A 56 4.53 17.36 2.05
C LYS A 56 4.00 15.96 2.31
N CYS A 57 4.32 15.07 1.42
CA CYS A 57 3.99 13.70 1.56
C CYS A 57 5.17 12.99 2.23
N VAL A 58 4.89 12.36 3.33
CA VAL A 58 5.89 11.75 4.14
C VAL A 58 6.04 10.26 3.87
N THR A 59 7.26 9.82 3.68
CA THR A 59 7.52 8.42 3.49
C THR A 59 7.57 7.75 4.86
N MET A 60 6.66 6.86 5.13
CA MET A 60 6.60 6.23 6.43
C MET A 60 7.36 4.92 6.46
N SER A 61 7.49 4.29 5.31
CA SER A 61 8.19 3.02 5.20
C SER A 61 8.80 2.85 3.82
N SER A 62 9.92 2.17 3.79
CA SER A 62 10.64 1.87 2.57
C SER A 62 11.33 0.51 2.71
N ALA A 63 11.29 -0.29 1.66
CA ALA A 63 11.90 -1.63 1.67
C ALA A 63 12.24 -2.05 0.25
N VAL A 64 13.15 -2.99 0.12
CA VAL A 64 13.56 -3.48 -1.20
C VAL A 64 12.64 -4.63 -1.59
N VAL A 65 11.93 -4.51 -2.71
CA VAL A 65 10.90 -5.47 -3.08
C VAL A 65 10.75 -5.64 -4.59
N GLN A 66 9.94 -6.60 -4.96
CA GLN A 66 9.49 -6.78 -6.32
C GLN A 66 8.00 -7.06 -6.33
N LEU A 67 7.32 -6.40 -7.24
CA LEU A 67 5.87 -6.38 -7.26
C LEU A 67 5.30 -7.34 -8.30
N TYR A 68 4.36 -8.13 -7.86
CA TYR A 68 3.62 -9.03 -8.69
C TYR A 68 2.15 -8.68 -8.60
N ALA A 69 1.45 -8.82 -9.68
CA ALA A 69 0.01 -8.59 -9.70
C ALA A 69 -0.65 -9.85 -10.15
N ALA A 70 -1.63 -10.29 -9.43
CA ALA A 70 -2.28 -11.54 -9.71
C ALA A 70 -3.39 -11.40 -10.70
N ASP A 71 -3.27 -12.10 -11.79
CA ASP A 71 -4.34 -12.19 -12.72
C ASP A 71 -5.35 -13.10 -12.09
N ARG A 72 -6.62 -12.85 -12.39
CA ARG A 72 -7.78 -13.37 -11.64
C ARG A 72 -7.50 -14.20 -10.38
N ASN A 73 -7.48 -15.50 -10.48
CA ASN A 73 -7.32 -16.30 -9.28
C ASN A 73 -6.02 -17.08 -9.21
N CYS A 74 -5.15 -17.00 -10.23
CA CYS A 74 -3.98 -17.92 -10.17
C CYS A 74 -2.74 -17.54 -10.99
N MET A 75 -2.43 -16.27 -11.16
CA MET A 75 -1.20 -15.93 -11.91
C MET A 75 -0.50 -14.72 -11.34
N TRP A 76 0.73 -14.88 -10.90
CA TRP A 76 1.51 -13.72 -10.48
C TRP A 76 2.26 -13.16 -11.68
N SER A 77 2.00 -11.92 -12.00
CA SER A 77 2.66 -11.27 -13.10
C SER A 77 3.54 -10.17 -12.52
N LYS A 78 4.82 -10.23 -12.80
CA LYS A 78 5.74 -9.27 -12.27
C LYS A 78 5.72 -7.99 -13.10
N LYS A 79 5.41 -6.90 -12.44
CA LYS A 79 5.36 -5.60 -13.11
C LYS A 79 6.64 -4.84 -12.93
N CYS A 80 7.15 -4.81 -11.74
CA CYS A 80 8.34 -4.03 -11.50
C CYS A 80 9.09 -4.57 -10.31
N SER A 81 10.37 -4.36 -10.29
CA SER A 81 11.20 -4.79 -9.20
C SER A 81 12.05 -3.62 -8.77
N GLY A 82 12.28 -3.48 -7.49
CA GLY A 82 13.09 -2.41 -7.04
C GLY A 82 12.96 -2.14 -5.57
N VAL A 83 12.54 -0.96 -5.27
CA VAL A 83 12.38 -0.51 -3.91
C VAL A 83 10.99 0.07 -3.80
N ALA A 84 10.39 -0.08 -2.65
CA ALA A 84 9.07 0.41 -2.43
C ALA A 84 9.03 1.43 -1.36
N CYS A 85 8.11 2.33 -1.48
CA CYS A 85 7.87 3.32 -0.45
C CYS A 85 6.41 3.51 -0.19
N LEU A 86 6.08 3.51 1.07
CA LEU A 86 4.75 3.78 1.51
C LEU A 86 4.77 5.22 1.96
N VAL A 87 4.12 6.05 1.21
CA VAL A 87 4.14 7.46 1.45
C VAL A 87 2.75 7.93 1.81
N LYS A 88 2.65 8.75 2.82
CA LYS A 88 1.39 9.31 3.18
C LYS A 88 1.36 10.75 2.81
N ASP A 89 0.36 11.15 2.12
CA ASP A 89 0.23 12.51 1.71
C ASP A 89 -0.63 13.23 2.70
N ASN A 90 -0.04 14.16 3.42
CA ASN A 90 -0.75 14.92 4.46
C ASN A 90 -1.96 15.73 3.90
N PRO A 91 -1.80 16.54 2.81
CA PRO A 91 -2.93 17.29 2.20
C PRO A 91 -4.10 16.39 1.74
N GLN A 92 -3.81 15.29 1.10
CA GLN A 92 -4.84 14.37 0.62
C GLN A 92 -5.30 13.40 1.71
N ARG A 93 -4.56 13.33 2.82
CA ARG A 93 -4.83 12.40 3.96
C ARG A 93 -4.81 10.94 3.49
N SER A 94 -4.24 10.69 2.36
CA SER A 94 -4.26 9.40 1.77
C SER A 94 -2.93 8.69 1.88
N TYR A 95 -2.88 7.47 1.43
CA TYR A 95 -1.70 6.68 1.50
C TYR A 95 -1.36 6.18 0.13
N PHE A 96 -0.12 6.27 -0.24
CA PHE A 96 0.30 5.79 -1.51
C PHE A 96 1.38 4.78 -1.32
N LEU A 97 1.28 3.72 -2.02
CA LEU A 97 2.29 2.73 -2.04
C LEU A 97 2.91 2.74 -3.40
N ARG A 98 4.20 2.94 -3.45
CA ARG A 98 4.92 3.12 -4.69
C ARG A 98 6.02 2.13 -4.85
N ILE A 99 6.13 1.63 -6.04
CA ILE A 99 7.12 0.65 -6.41
C ILE A 99 7.95 1.28 -7.54
N PHE A 100 9.21 1.38 -7.33
CA PHE A 100 10.11 1.99 -8.26
C PHE A 100 11.26 1.08 -8.59
N ASP A 101 11.57 1.00 -9.86
CA ASP A 101 12.51 0.04 -10.43
C ASP A 101 13.95 0.26 -9.94
N ILE A 102 14.68 -0.84 -9.78
CA ILE A 102 16.06 -0.79 -9.29
C ILE A 102 17.05 -0.46 -10.43
N LYS A 103 16.66 -0.72 -11.64
CA LYS A 103 17.49 -0.45 -12.79
C LYS A 103 17.27 0.97 -13.21
N ASP A 104 16.02 1.31 -13.42
CA ASP A 104 15.65 2.66 -13.84
C ASP A 104 15.15 3.49 -12.64
N GLY A 105 13.92 3.25 -12.23
CA GLY A 105 13.41 3.91 -11.05
C GLY A 105 12.57 5.15 -11.31
N LYS A 106 12.03 5.32 -12.51
CA LYS A 106 11.16 6.49 -12.84
C LYS A 106 9.82 6.46 -12.09
N LEU A 107 9.60 5.39 -11.30
CA LEU A 107 8.33 5.11 -10.63
C LEU A 107 7.31 4.66 -11.68
N LEU A 108 6.98 3.39 -11.64
CA LEU A 108 6.14 2.82 -12.67
C LEU A 108 4.85 2.28 -12.09
N TRP A 109 4.70 2.33 -10.78
CA TRP A 109 3.59 1.68 -10.17
C TRP A 109 3.32 2.33 -8.84
N GLU A 110 2.08 2.71 -8.62
CA GLU A 110 1.67 3.18 -7.33
C GLU A 110 0.22 2.85 -7.11
N GLN A 111 -0.17 2.80 -5.87
CA GLN A 111 -1.52 2.51 -5.51
C GLN A 111 -1.89 3.37 -4.32
N GLU A 112 -3.02 4.01 -4.40
CA GLU A 112 -3.55 4.77 -3.29
C GLU A 112 -4.38 3.74 -2.53
N LEU A 113 -4.28 3.72 -1.24
CA LEU A 113 -4.91 2.66 -0.47
C LEU A 113 -6.39 2.91 -0.20
N TYR A 114 -7.03 1.97 0.45
CA TYR A 114 -8.46 2.05 0.71
C TYR A 114 -8.75 2.44 2.13
N ASN A 115 -10.01 2.77 2.37
CA ASN A 115 -10.49 3.14 3.70
C ASN A 115 -10.67 1.88 4.55
N ASN A 116 -10.80 0.73 3.88
CA ASN A 116 -10.84 -0.58 4.55
C ASN A 116 -10.00 -1.58 3.83
N PHE A 117 -8.73 -1.45 4.05
CA PHE A 117 -7.74 -2.34 3.52
C PHE A 117 -7.32 -3.32 4.61
N VAL A 118 -7.33 -4.58 4.28
CA VAL A 118 -6.92 -5.62 5.20
C VAL A 118 -5.54 -6.08 4.79
N TYR A 119 -4.65 -6.32 5.74
CA TYR A 119 -3.35 -6.74 5.34
C TYR A 119 -3.32 -8.27 5.24
N ASN A 120 -2.84 -8.81 4.12
CA ASN A 120 -2.82 -10.22 3.93
C ASN A 120 -1.37 -10.72 3.85
N SER A 121 -1.03 -11.68 4.67
CA SER A 121 0.28 -12.25 4.65
C SER A 121 0.22 -13.79 4.55
N PRO A 122 0.57 -14.34 3.38
CA PRO A 122 0.60 -15.79 3.16
C PRO A 122 1.60 -16.49 4.08
N ARG A 123 2.82 -15.97 4.14
CA ARG A 123 3.82 -16.54 5.03
C ARG A 123 4.42 -15.44 5.85
N GLY A 124 5.06 -14.53 5.19
CA GLY A 124 5.72 -13.48 5.89
C GLY A 124 6.79 -12.86 5.06
N TYR A 125 7.51 -13.69 4.29
CA TYR A 125 8.56 -13.16 3.40
C TYR A 125 7.96 -12.69 2.10
N PHE A 126 6.66 -12.84 2.00
CA PHE A 126 5.94 -12.45 0.84
C PHE A 126 4.61 -11.93 1.33
N HIS A 127 4.23 -10.77 0.90
CA HIS A 127 2.96 -10.19 1.30
C HIS A 127 2.09 -9.99 0.10
N THR A 128 0.82 -10.11 0.31
CA THR A 128 -0.17 -9.94 -0.69
C THR A 128 -1.11 -8.81 -0.23
N PHE A 129 -1.38 -7.88 -1.08
CA PHE A 129 -2.22 -6.77 -0.71
C PHE A 129 -3.21 -6.40 -1.82
N ALA A 130 -4.14 -5.56 -1.49
CA ALA A 130 -5.21 -5.19 -2.38
C ALA A 130 -4.81 -4.21 -3.47
N GLY A 131 -5.21 -4.55 -4.66
CA GLY A 131 -5.14 -3.67 -5.79
C GLY A 131 -6.56 -3.46 -6.24
N ASP A 132 -6.79 -2.67 -7.26
CA ASP A 132 -8.18 -2.43 -7.71
C ASP A 132 -8.83 -3.70 -8.27
N THR A 133 -9.65 -4.36 -7.42
CA THR A 133 -10.34 -5.62 -7.74
C THR A 133 -9.28 -6.72 -8.07
N CYS A 134 -8.07 -6.49 -7.60
CA CYS A 134 -6.98 -7.35 -7.88
C CYS A 134 -6.16 -7.58 -6.63
N GLN A 135 -5.35 -8.58 -6.65
CA GLN A 135 -4.47 -8.88 -5.58
C GLN A 135 -3.05 -8.63 -6.11
N VAL A 136 -2.32 -7.80 -5.44
CA VAL A 136 -0.98 -7.46 -5.79
C VAL A 136 -0.08 -7.86 -4.65
N ALA A 137 1.10 -8.27 -4.92
CA ALA A 137 1.94 -8.78 -3.87
C ALA A 137 3.34 -8.30 -3.98
N LEU A 138 4.03 -8.27 -2.87
CA LEU A 138 5.41 -7.86 -2.87
C LEU A 138 6.31 -8.80 -2.07
N ASN A 139 7.46 -9.11 -2.64
CA ASN A 139 8.49 -9.92 -1.98
C ASN A 139 9.59 -8.96 -1.58
N PHE A 140 10.17 -9.16 -0.44
CA PHE A 140 11.15 -8.24 0.13
C PHE A 140 12.35 -8.97 0.68
N ALA A 141 13.41 -8.23 0.86
CA ALA A 141 14.64 -8.77 1.39
C ALA A 141 14.52 -8.98 2.90
N ASN A 142 14.20 -7.93 3.61
CA ASN A 142 14.08 -8.02 5.06
C ASN A 142 12.63 -8.16 5.44
N GLU A 143 12.24 -9.36 5.83
CA GLU A 143 10.87 -9.66 6.23
C GLU A 143 10.45 -8.84 7.45
N GLU A 144 11.40 -8.50 8.29
CA GLU A 144 11.15 -7.73 9.49
C GLU A 144 10.69 -6.30 9.15
N GLU A 145 11.33 -5.68 8.14
CA GLU A 145 10.95 -4.32 7.71
C GLU A 145 9.55 -4.34 7.16
N ALA A 146 9.21 -5.46 6.59
CA ALA A 146 7.94 -5.68 5.98
C ALA A 146 6.87 -5.84 6.99
N LYS A 147 7.22 -6.48 8.09
CA LYS A 147 6.33 -6.63 9.21
C LYS A 147 5.99 -5.26 9.77
N LYS A 148 6.97 -4.37 9.70
CA LYS A 148 6.80 -3.04 10.19
C LYS A 148 5.83 -2.26 9.32
N PHE A 149 6.06 -2.25 7.97
CA PHE A 149 5.16 -1.51 7.10
C PHE A 149 3.77 -2.12 7.07
N ARG A 150 3.72 -3.44 7.20
CA ARG A 150 2.46 -4.16 7.29
C ARG A 150 1.57 -3.62 8.38
N LYS A 151 2.13 -3.51 9.54
CA LYS A 151 1.40 -3.07 10.69
C LYS A 151 1.13 -1.60 10.53
N ALA A 152 2.11 -0.90 10.03
CA ALA A 152 1.99 0.53 9.80
C ALA A 152 0.82 0.87 8.87
N VAL A 153 0.73 0.22 7.71
CA VAL A 153 -0.34 0.53 6.75
C VAL A 153 -1.70 0.20 7.36
N THR A 154 -1.81 -0.98 7.88
CA THR A 154 -3.04 -1.44 8.45
C THR A 154 -3.43 -0.70 9.80
N ASP A 155 -2.43 -0.24 10.56
CA ASP A 155 -2.68 0.52 11.81
C ASP A 155 -3.09 1.92 11.50
N LEU A 156 -2.28 2.58 10.68
CA LEU A 156 -2.48 3.96 10.29
C LEU A 156 -3.79 4.17 9.58
N LEU A 157 -4.23 3.17 8.88
CA LEU A 157 -5.49 3.22 8.18
C LEU A 157 -6.65 3.29 9.18
N GLY A 158 -6.65 2.39 10.16
CA GLY A 158 -7.73 2.36 11.14
C GLY A 158 -7.66 3.53 12.09
N ARG A 159 -6.44 3.88 12.43
CA ARG A 159 -6.11 4.98 13.30
C ARG A 159 -6.51 6.30 12.64
N ARG A 160 -6.08 6.47 11.39
CA ARG A 160 -6.43 7.61 10.50
C ARG A 160 -5.99 8.98 11.10
N GLN A 161 -5.06 8.92 12.02
CA GLN A 161 -4.55 10.11 12.65
C GLN A 161 -3.36 10.65 11.87
N ARG A 162 -2.93 11.84 12.22
CA ARG A 162 -1.82 12.44 11.56
C ARG A 162 -0.55 11.96 12.24
N LYS A 163 0.04 11.01 11.64
CA LYS A 163 1.30 10.52 12.05
C LYS A 163 2.18 10.65 10.85
N SER A 164 3.15 11.51 10.94
CA SER A 164 4.02 11.72 9.84
C SER A 164 4.99 10.57 9.74
N GLU A 165 5.50 10.14 10.91
CA GLU A 165 6.45 9.03 11.06
C GLU A 165 7.80 9.42 10.45
N LYS A 166 7.79 9.60 9.14
CA LYS A 166 8.91 10.05 8.33
C LYS A 166 10.14 9.17 8.55
N ARG A 167 10.27 8.15 7.74
CA ARG A 167 11.38 7.25 7.86
C ARG A 167 12.58 7.79 7.09
N ARG A 168 12.34 8.39 5.94
CA ARG A 168 13.41 8.98 5.18
C ARG A 168 12.88 10.17 4.40
N ASP A 169 13.77 10.91 3.80
CA ASP A 169 13.42 12.05 2.99
C ASP A 169 13.25 11.62 1.56
N GLY A 1 12.04 -17.59 6.18
CA GLY A 1 13.23 -18.25 6.69
C GLY A 1 13.33 -18.13 8.17
N SER A 2 14.13 -18.98 8.77
CA SER A 2 14.34 -18.97 10.21
C SER A 2 15.66 -18.26 10.52
N GLU A 3 16.18 -17.62 9.51
CA GLU A 3 17.42 -16.88 9.55
C GLU A 3 17.19 -15.59 8.84
N SER A 4 18.07 -14.65 8.97
CA SER A 4 17.95 -13.43 8.23
C SER A 4 18.73 -13.53 6.92
N ARG A 5 18.05 -13.99 5.89
CA ARG A 5 18.66 -14.11 4.59
C ARG A 5 17.80 -13.37 3.60
N PHE A 6 18.38 -13.00 2.51
CA PHE A 6 17.66 -12.28 1.51
C PHE A 6 17.22 -13.22 0.42
N TYR A 7 15.93 -13.47 0.37
CA TYR A 7 15.36 -14.37 -0.61
C TYR A 7 14.37 -13.70 -1.51
N PHE A 8 14.45 -14.03 -2.75
CA PHE A 8 13.48 -13.62 -3.74
C PHE A 8 12.82 -14.89 -4.26
N HIS A 9 13.65 -15.93 -4.37
CA HIS A 9 13.19 -17.28 -4.69
C HIS A 9 12.90 -18.00 -3.38
N PRO A 10 12.14 -19.11 -3.39
CA PRO A 10 11.49 -19.68 -4.57
C PRO A 10 10.06 -19.17 -4.73
N ILE A 11 9.65 -18.87 -5.96
CA ILE A 11 8.32 -18.35 -6.22
C ILE A 11 7.26 -19.41 -5.93
N SER A 12 7.69 -20.64 -6.02
CA SER A 12 6.85 -21.78 -5.73
C SER A 12 6.48 -21.84 -4.23
N ASP A 13 7.37 -21.33 -3.38
CA ASP A 13 7.14 -21.30 -1.93
C ASP A 13 6.16 -20.20 -1.63
N LEU A 14 6.22 -19.18 -2.44
CA LEU A 14 5.31 -18.06 -2.34
C LEU A 14 3.93 -18.54 -2.82
N PRO A 15 2.86 -18.11 -2.18
CA PRO A 15 1.51 -18.56 -2.53
C PRO A 15 1.04 -18.02 -3.89
N PRO A 16 0.36 -18.86 -4.69
CA PRO A 16 -0.27 -18.42 -5.94
C PRO A 16 -1.36 -17.38 -5.64
N PRO A 17 -1.73 -16.54 -6.62
CA PRO A 17 -2.72 -15.50 -6.41
C PRO A 17 -4.11 -16.09 -6.22
N GLU A 18 -4.99 -15.29 -5.69
CA GLU A 18 -6.34 -15.67 -5.41
C GLU A 18 -7.24 -14.55 -5.86
N PRO A 19 -8.55 -14.77 -5.97
CA PRO A 19 -9.48 -13.69 -6.23
C PRO A 19 -9.65 -12.90 -4.95
N TYR A 20 -9.36 -11.62 -4.98
CA TYR A 20 -9.43 -10.84 -3.76
C TYR A 20 -10.86 -10.45 -3.52
N VAL A 21 -11.42 -10.96 -2.45
CA VAL A 21 -12.79 -10.70 -2.10
C VAL A 21 -12.83 -9.59 -1.08
N GLN A 22 -13.30 -8.44 -1.48
CA GLN A 22 -13.35 -7.30 -0.61
C GLN A 22 -14.74 -6.69 -0.60
N THR A 23 -15.11 -6.14 0.52
CA THR A 23 -16.36 -5.46 0.71
C THR A 23 -16.20 -4.04 0.08
N THR A 24 -17.27 -3.25 0.01
CA THR A 24 -17.18 -1.93 -0.58
C THR A 24 -16.11 -1.09 0.14
N LYS A 25 -15.13 -0.66 -0.63
CA LYS A 25 -13.98 0.03 -0.11
C LYS A 25 -14.04 1.52 -0.39
N SER A 26 -13.78 2.29 0.61
CA SER A 26 -13.86 3.72 0.51
C SER A 26 -12.46 4.35 0.42
N TYR A 27 -12.31 5.25 -0.52
CA TYR A 27 -11.07 5.97 -0.69
C TYR A 27 -11.24 7.38 -0.14
N PRO A 28 -10.44 7.77 0.87
CA PRO A 28 -10.49 9.13 1.45
C PRO A 28 -10.17 10.19 0.42
N SER A 29 -9.39 9.78 -0.56
CA SER A 29 -8.93 10.65 -1.62
C SER A 29 -10.11 11.14 -2.46
N LYS A 30 -10.95 10.24 -2.95
CA LYS A 30 -12.08 10.70 -3.76
C LYS A 30 -13.21 11.24 -2.93
N LEU A 31 -13.25 10.81 -1.68
CA LEU A 31 -14.28 11.19 -0.74
C LEU A 31 -14.23 12.70 -0.46
N ALA A 32 -13.06 13.21 -0.21
CA ALA A 32 -12.95 14.62 0.15
C ALA A 32 -12.41 15.52 -0.95
N ARG A 33 -11.74 14.93 -1.92
CA ARG A 33 -11.19 15.72 -3.03
C ARG A 33 -12.28 15.97 -4.05
N ASN A 34 -13.24 15.09 -4.11
CA ASN A 34 -14.35 15.27 -4.99
C ASN A 34 -15.63 15.24 -4.18
N GLU A 35 -16.07 16.40 -3.78
CA GLU A 35 -17.27 16.57 -3.01
C GLU A 35 -18.10 17.69 -3.60
N SER A 36 -17.69 18.94 -3.30
CA SER A 36 -18.37 20.15 -3.75
C SER A 36 -19.86 20.12 -3.30
N ARG A 37 -20.68 21.06 -3.78
CA ARG A 37 -22.13 21.08 -3.53
C ARG A 37 -22.43 21.34 -2.02
N GLY A 38 -23.67 21.61 -1.70
CA GLY A 38 -24.05 21.80 -0.33
C GLY A 38 -24.50 20.49 0.28
N GLY A 39 -24.06 20.22 1.48
CA GLY A 39 -24.41 18.98 2.12
C GLY A 39 -25.47 19.14 3.17
N LEU A 40 -26.03 20.36 3.25
CA LEU A 40 -27.07 20.75 4.21
C LEU A 40 -26.51 20.79 5.64
N VAL A 41 -26.18 19.65 6.19
CA VAL A 41 -25.57 19.58 7.49
C VAL A 41 -24.10 19.16 7.37
N PRO A 42 -23.17 20.12 7.41
CA PRO A 42 -21.75 19.85 7.29
C PRO A 42 -21.23 19.08 8.50
N ARG A 43 -20.98 17.80 8.31
CA ARG A 43 -20.42 16.99 9.37
C ARG A 43 -18.92 17.16 9.38
N GLY A 44 -18.40 17.59 10.52
CA GLY A 44 -16.99 17.88 10.61
C GLY A 44 -16.67 19.08 9.76
N SER A 45 -16.07 18.82 8.59
CA SER A 45 -15.79 19.82 7.56
C SER A 45 -14.66 20.79 7.96
N GLY A 46 -14.83 21.46 9.07
CA GLY A 46 -13.86 22.40 9.52
C GLY A 46 -14.04 22.69 10.98
N GLY A 47 -13.72 23.90 11.36
CA GLY A 47 -13.85 24.30 12.73
C GLY A 47 -12.50 24.37 13.39
N SER A 48 -12.49 24.37 14.69
CA SER A 48 -11.25 24.43 15.40
C SER A 48 -10.65 23.04 15.53
N LEU A 49 -9.81 22.71 14.58
CA LEU A 49 -9.14 21.43 14.52
C LEU A 49 -7.66 21.68 14.34
N PHE A 50 -6.88 20.64 14.36
CA PHE A 50 -5.48 20.78 14.16
C PHE A 50 -5.13 20.33 12.75
N SER A 51 -4.42 21.16 12.06
CA SER A 51 -3.99 20.86 10.73
C SER A 51 -2.66 20.14 10.80
N PHE A 52 -2.67 18.87 10.48
CA PHE A 52 -1.47 18.08 10.53
C PHE A 52 -0.67 18.26 9.24
N LEU A 53 0.41 19.02 9.31
CA LEU A 53 1.24 19.28 8.16
C LEU A 53 2.70 18.95 8.42
N GLY A 54 3.51 19.23 7.44
CA GLY A 54 4.92 18.98 7.49
C GLY A 54 5.39 18.77 6.10
N LYS A 55 4.91 17.71 5.51
CA LYS A 55 5.15 17.39 4.13
C LYS A 55 3.84 17.00 3.50
N LYS A 56 3.71 17.25 2.22
CA LYS A 56 2.55 16.82 1.46
C LYS A 56 2.46 15.30 1.51
N CYS A 57 3.54 14.69 1.10
CA CYS A 57 3.66 13.29 1.07
C CYS A 57 4.56 12.84 2.20
N VAL A 58 3.98 12.12 3.12
CA VAL A 58 4.70 11.62 4.23
C VAL A 58 4.96 10.12 4.07
N THR A 59 6.19 9.75 4.12
CA THR A 59 6.58 8.38 3.99
C THR A 59 6.80 7.75 5.37
N MET A 60 6.21 6.59 5.56
CA MET A 60 6.39 5.87 6.80
C MET A 60 7.32 4.69 6.61
N SER A 61 7.39 4.14 5.39
CA SER A 61 8.15 2.94 5.20
C SER A 61 8.68 2.83 3.78
N SER A 62 9.88 2.30 3.66
CA SER A 62 10.51 2.03 2.40
C SER A 62 11.17 0.67 2.51
N ALA A 63 11.07 -0.15 1.48
CA ALA A 63 11.59 -1.51 1.55
C ALA A 63 11.98 -2.03 0.18
N VAL A 64 13.01 -2.87 0.14
CA VAL A 64 13.45 -3.47 -1.09
C VAL A 64 12.56 -4.67 -1.44
N VAL A 65 11.91 -4.60 -2.61
CA VAL A 65 10.94 -5.62 -3.01
C VAL A 65 10.87 -5.79 -4.52
N GLN A 66 10.10 -6.76 -4.93
CA GLN A 66 9.73 -6.91 -6.30
C GLN A 66 8.20 -7.01 -6.31
N LEU A 67 7.59 -6.38 -7.26
CA LEU A 67 6.15 -6.28 -7.28
C LEU A 67 5.56 -7.28 -8.27
N TYR A 68 4.59 -8.02 -7.81
CA TYR A 68 3.88 -8.98 -8.62
C TYR A 68 2.48 -8.51 -8.87
N ALA A 69 2.05 -8.63 -10.08
CA ALA A 69 0.70 -8.33 -10.45
C ALA A 69 0.06 -9.63 -10.85
N ALA A 70 -1.09 -9.92 -10.35
CA ALA A 70 -1.70 -11.17 -10.61
C ALA A 70 -2.51 -11.15 -11.84
N ASP A 71 -2.30 -12.12 -12.69
CA ASP A 71 -3.21 -12.33 -13.76
C ASP A 71 -4.38 -13.01 -13.16
N ARG A 72 -5.55 -12.63 -13.62
CA ARG A 72 -6.86 -12.94 -13.01
C ARG A 72 -6.81 -13.76 -11.73
N ASN A 73 -6.95 -15.04 -11.84
CA ASN A 73 -6.93 -15.88 -10.65
C ASN A 73 -5.74 -16.83 -10.61
N CYS A 74 -4.88 -16.84 -11.60
CA CYS A 74 -3.95 -17.98 -11.66
C CYS A 74 -2.49 -17.72 -12.07
N MET A 75 -1.92 -16.56 -11.73
CA MET A 75 -0.47 -16.35 -12.00
C MET A 75 0.02 -15.02 -11.48
N TRP A 76 1.20 -15.02 -10.89
CA TRP A 76 1.85 -13.79 -10.52
C TRP A 76 2.78 -13.38 -11.64
N SER A 77 2.67 -12.19 -12.08
CA SER A 77 3.52 -11.69 -13.09
C SER A 77 4.30 -10.56 -12.49
N LYS A 78 5.60 -10.67 -12.51
CA LYS A 78 6.43 -9.63 -11.96
C LYS A 78 6.24 -8.37 -12.79
N LYS A 79 5.81 -7.33 -12.14
CA LYS A 79 5.50 -6.11 -12.82
C LYS A 79 6.71 -5.20 -12.84
N CYS A 80 7.35 -5.09 -11.70
CA CYS A 80 8.49 -4.21 -11.55
C CYS A 80 9.28 -4.71 -10.35
N SER A 81 10.54 -4.41 -10.32
CA SER A 81 11.38 -4.78 -9.21
C SER A 81 12.21 -3.60 -8.80
N GLY A 82 12.44 -3.45 -7.52
CA GLY A 82 13.22 -2.36 -7.07
C GLY A 82 13.03 -2.09 -5.61
N VAL A 83 12.59 -0.91 -5.31
CA VAL A 83 12.38 -0.49 -3.95
C VAL A 83 10.97 0.11 -3.85
N ALA A 84 10.35 -0.06 -2.71
CA ALA A 84 9.02 0.42 -2.46
C ALA A 84 9.02 1.54 -1.47
N CYS A 85 8.07 2.43 -1.61
CA CYS A 85 7.87 3.50 -0.65
C CYS A 85 6.38 3.64 -0.40
N LEU A 86 6.01 3.59 0.86
CA LEU A 86 4.63 3.73 1.24
C LEU A 86 4.45 5.17 1.67
N VAL A 87 3.64 5.88 0.94
CA VAL A 87 3.46 7.27 1.13
C VAL A 87 2.00 7.59 1.45
N LYS A 88 1.81 8.49 2.34
CA LYS A 88 0.53 9.02 2.60
C LYS A 88 0.53 10.49 2.32
N ASP A 89 -0.43 10.93 1.58
CA ASP A 89 -0.61 12.32 1.44
C ASP A 89 -1.54 12.66 2.56
N ASN A 90 -0.95 13.14 3.63
CA ASN A 90 -1.65 13.34 4.90
C ASN A 90 -2.96 14.13 4.74
N PRO A 91 -2.97 15.31 4.05
CA PRO A 91 -4.19 16.05 3.80
C PRO A 91 -5.21 15.25 2.94
N GLN A 92 -4.72 14.30 2.14
CA GLN A 92 -5.58 13.50 1.27
C GLN A 92 -6.16 12.34 2.10
N ARG A 93 -5.58 12.13 3.28
CA ARG A 93 -5.98 11.10 4.26
C ARG A 93 -5.91 9.67 3.70
N SER A 94 -5.33 9.50 2.55
CA SER A 94 -5.25 8.22 1.91
C SER A 94 -3.81 7.78 1.81
N TYR A 95 -3.57 6.70 1.13
CA TYR A 95 -2.24 6.16 0.97
C TYR A 95 -1.97 5.91 -0.47
N PHE A 96 -0.76 6.09 -0.83
CA PHE A 96 -0.30 5.77 -2.12
C PHE A 96 0.90 4.90 -1.97
N LEU A 97 0.95 3.87 -2.71
CA LEU A 97 2.05 2.99 -2.67
C LEU A 97 2.70 3.08 -3.99
N ARG A 98 3.96 3.37 -3.98
CA ARG A 98 4.69 3.58 -5.18
C ARG A 98 5.93 2.75 -5.21
N ILE A 99 6.11 2.10 -6.32
CA ILE A 99 7.19 1.19 -6.53
C ILE A 99 8.11 1.77 -7.58
N PHE A 100 9.35 1.86 -7.26
CA PHE A 100 10.34 2.40 -8.14
C PHE A 100 11.34 1.36 -8.53
N ASP A 101 11.49 1.22 -9.82
CA ASP A 101 12.27 0.18 -10.46
C ASP A 101 13.76 0.36 -10.17
N ILE A 102 14.46 -0.74 -10.08
CA ILE A 102 15.89 -0.71 -9.79
C ILE A 102 16.73 -0.54 -11.07
N LYS A 103 16.22 -1.01 -12.19
CA LYS A 103 16.92 -0.99 -13.42
C LYS A 103 16.77 0.39 -14.03
N ASP A 104 15.51 0.79 -14.21
CA ASP A 104 15.18 2.08 -14.80
C ASP A 104 15.32 3.16 -13.76
N GLY A 105 14.62 2.98 -12.66
CA GLY A 105 14.62 3.99 -11.61
C GLY A 105 13.72 5.17 -11.93
N LYS A 106 12.89 5.00 -12.96
CA LYS A 106 12.00 6.06 -13.40
C LYS A 106 10.76 6.18 -12.52
N LEU A 107 10.40 5.06 -11.86
CA LEU A 107 9.19 4.96 -11.03
C LEU A 107 7.95 5.04 -11.94
N LEU A 108 7.24 3.94 -12.02
CA LEU A 108 6.13 3.85 -12.95
C LEU A 108 4.93 3.20 -12.30
N TRP A 109 4.97 3.02 -11.02
CA TRP A 109 3.94 2.27 -10.41
C TRP A 109 3.44 3.00 -9.18
N GLU A 110 2.15 3.23 -9.15
CA GLU A 110 1.48 3.81 -8.00
C GLU A 110 0.17 3.12 -7.82
N GLN A 111 -0.24 2.99 -6.62
CA GLN A 111 -1.47 2.38 -6.30
C GLN A 111 -2.06 3.20 -5.16
N GLU A 112 -3.32 3.56 -5.26
CA GLU A 112 -3.95 4.31 -4.20
C GLU A 112 -4.68 3.32 -3.29
N LEU A 113 -4.40 3.39 -2.02
CA LEU A 113 -4.95 2.44 -1.08
C LEU A 113 -6.12 3.05 -0.33
N TYR A 114 -7.10 2.21 -0.10
CA TYR A 114 -8.34 2.59 0.53
C TYR A 114 -8.23 2.58 2.06
N ASN A 115 -9.22 3.15 2.71
CA ASN A 115 -9.19 3.37 4.17
C ASN A 115 -9.90 2.23 4.92
N ASN A 116 -10.02 1.11 4.26
CA ASN A 116 -10.64 -0.09 4.87
C ASN A 116 -9.65 -1.22 4.82
N PHE A 117 -8.43 -0.87 4.49
CA PHE A 117 -7.41 -1.86 4.22
C PHE A 117 -6.86 -2.52 5.48
N VAL A 118 -6.95 -3.81 5.50
CA VAL A 118 -6.35 -4.67 6.50
C VAL A 118 -5.16 -5.30 5.78
N TYR A 119 -4.07 -5.56 6.48
CA TYR A 119 -2.90 -5.97 5.77
C TYR A 119 -2.92 -7.48 5.55
N ASN A 120 -2.50 -7.94 4.37
CA ASN A 120 -2.53 -9.35 4.08
C ASN A 120 -1.09 -9.83 3.87
N SER A 121 -0.62 -10.65 4.75
CA SER A 121 0.68 -11.21 4.59
C SER A 121 0.66 -12.74 4.72
N PRO A 122 0.68 -13.44 3.59
CA PRO A 122 0.71 -14.91 3.58
C PRO A 122 2.04 -15.43 4.10
N ARG A 123 3.11 -14.78 3.69
CA ARG A 123 4.42 -15.15 4.07
C ARG A 123 5.07 -13.96 4.68
N GLY A 124 6.20 -14.16 5.27
CA GLY A 124 6.95 -13.08 5.84
C GLY A 124 7.53 -12.22 4.75
N TYR A 125 7.92 -12.88 3.67
CA TYR A 125 8.57 -12.21 2.55
C TYR A 125 7.54 -11.63 1.63
N PHE A 126 6.55 -12.40 1.35
CA PHE A 126 5.61 -12.05 0.34
C PHE A 126 4.33 -11.57 0.97
N HIS A 127 3.90 -10.37 0.60
CA HIS A 127 2.68 -9.81 1.10
C HIS A 127 1.75 -9.53 -0.06
N THR A 128 0.48 -9.61 0.18
CA THR A 128 -0.53 -9.47 -0.85
C THR A 128 -1.44 -8.29 -0.51
N PHE A 129 -1.82 -7.53 -1.49
CA PHE A 129 -2.74 -6.44 -1.24
C PHE A 129 -3.65 -6.17 -2.43
N ALA A 130 -4.71 -5.44 -2.19
CA ALA A 130 -5.64 -5.09 -3.22
C ALA A 130 -5.17 -3.81 -3.87
N GLY A 131 -5.08 -3.83 -5.15
CA GLY A 131 -4.64 -2.69 -5.85
C GLY A 131 -5.39 -2.50 -7.12
N ASP A 132 -6.11 -1.38 -7.20
CA ASP A 132 -6.88 -1.01 -8.42
C ASP A 132 -8.03 -2.02 -8.59
N THR A 133 -8.42 -2.63 -7.45
CA THR A 133 -9.47 -3.67 -7.38
C THR A 133 -8.95 -5.02 -7.95
N CYS A 134 -7.70 -5.04 -8.29
CA CYS A 134 -7.03 -6.23 -8.73
C CYS A 134 -6.13 -6.67 -7.57
N GLN A 135 -5.49 -7.79 -7.69
CA GLN A 135 -4.62 -8.24 -6.65
C GLN A 135 -3.17 -8.13 -7.06
N VAL A 136 -2.43 -7.43 -6.26
CA VAL A 136 -1.04 -7.17 -6.44
C VAL A 136 -0.32 -7.55 -5.18
N ALA A 137 0.91 -7.88 -5.27
CA ALA A 137 1.65 -8.32 -4.12
C ALA A 137 3.06 -7.87 -4.17
N LEU A 138 3.66 -7.72 -3.03
CA LEU A 138 5.05 -7.34 -3.02
C LEU A 138 5.89 -8.40 -2.30
N ASN A 139 7.01 -8.74 -2.90
CA ASN A 139 7.88 -9.80 -2.39
C ASN A 139 9.17 -9.20 -1.87
N PHE A 140 9.46 -9.50 -0.63
CA PHE A 140 10.62 -9.00 0.06
C PHE A 140 11.73 -9.98 0.07
N ALA A 141 12.89 -9.45 0.35
CA ALA A 141 14.05 -10.23 0.61
C ALA A 141 14.41 -10.08 2.09
N ASN A 142 13.67 -9.22 2.77
CA ASN A 142 13.91 -8.90 4.16
C ASN A 142 12.62 -9.03 4.95
N GLU A 143 12.50 -10.09 5.74
CA GLU A 143 11.33 -10.32 6.56
C GLU A 143 11.19 -9.28 7.68
N GLU A 144 12.30 -8.79 8.18
CA GLU A 144 12.31 -7.85 9.30
C GLU A 144 11.57 -6.57 8.91
N GLU A 145 11.93 -6.01 7.76
CA GLU A 145 11.31 -4.79 7.28
C GLU A 145 9.86 -5.04 6.89
N ALA A 146 9.61 -6.22 6.40
CA ALA A 146 8.31 -6.61 5.97
C ALA A 146 7.36 -6.74 7.15
N LYS A 147 7.84 -7.30 8.21
CA LYS A 147 7.03 -7.51 9.39
C LYS A 147 6.77 -6.23 10.15
N LYS A 148 7.56 -5.20 9.92
CA LYS A 148 7.32 -3.97 10.66
C LYS A 148 6.38 -3.03 9.93
N PHE A 149 6.60 -2.83 8.64
CA PHE A 149 5.80 -1.86 7.91
C PHE A 149 4.37 -2.33 7.75
N ARG A 150 4.17 -3.66 7.64
CA ARG A 150 2.84 -4.21 7.49
C ARG A 150 1.95 -3.79 8.66
N LYS A 151 2.54 -3.73 9.82
CA LYS A 151 1.84 -3.37 11.00
C LYS A 151 1.73 -1.86 11.00
N ALA A 152 2.87 -1.21 10.77
CA ALA A 152 2.97 0.26 10.78
C ALA A 152 1.95 0.94 9.85
N VAL A 153 1.81 0.44 8.62
CA VAL A 153 0.92 1.07 7.65
C VAL A 153 -0.55 0.85 8.04
N THR A 154 -0.86 -0.37 8.33
CA THR A 154 -2.21 -0.77 8.66
C THR A 154 -2.65 -0.16 10.02
N ASP A 155 -1.67 0.04 10.88
CA ASP A 155 -1.85 0.68 12.19
C ASP A 155 -2.20 2.14 12.01
N LEU A 156 -1.39 2.82 11.21
CA LEU A 156 -1.51 4.25 10.95
C LEU A 156 -2.87 4.51 10.30
N LEU A 157 -3.34 3.55 9.51
CA LEU A 157 -4.62 3.64 8.80
C LEU A 157 -5.76 3.74 9.81
N GLY A 158 -5.65 2.99 10.90
CA GLY A 158 -6.67 3.03 11.93
C GLY A 158 -6.75 4.38 12.63
N ARG A 159 -5.64 5.08 12.64
CA ARG A 159 -5.58 6.43 13.23
C ARG A 159 -6.13 7.49 12.27
N ARG A 160 -6.07 7.19 10.96
CA ARG A 160 -6.54 8.10 9.87
C ARG A 160 -5.51 9.23 9.67
N GLN A 161 -5.42 10.12 10.64
CA GLN A 161 -4.39 11.13 10.69
C GLN A 161 -3.78 11.11 12.07
N ARG A 162 -2.49 11.03 12.12
CA ARG A 162 -1.81 10.99 13.40
C ARG A 162 -0.55 11.82 13.35
N LYS A 163 0.11 11.82 12.19
CA LYS A 163 1.35 12.54 11.97
C LYS A 163 2.50 11.94 12.77
N SER A 164 3.22 11.07 12.13
CA SER A 164 4.37 10.43 12.72
C SER A 164 5.57 10.87 11.89
N GLU A 165 5.44 12.05 11.30
CA GLU A 165 6.41 12.65 10.40
C GLU A 165 7.72 12.86 11.18
N LYS A 166 8.70 12.06 10.85
CA LYS A 166 9.99 12.09 11.50
C LYS A 166 11.11 12.33 10.50
N ARG A 167 10.83 12.03 9.24
CA ARG A 167 11.82 12.04 8.17
C ARG A 167 12.81 10.89 8.39
N ARG A 168 12.68 9.89 7.57
CA ARG A 168 13.55 8.73 7.63
C ARG A 168 14.45 8.72 6.40
N ASP A 169 13.84 8.67 5.26
CA ASP A 169 14.54 8.70 3.99
C ASP A 169 13.70 9.47 3.01
N GLY A 1 14.68 -16.08 12.99
CA GLY A 1 15.95 -15.94 12.29
C GLY A 1 15.94 -14.75 11.38
N SER A 2 16.80 -14.75 10.41
CA SER A 2 16.88 -13.68 9.48
C SER A 2 17.13 -14.26 8.10
N GLU A 3 17.04 -13.44 7.08
CA GLU A 3 17.17 -13.91 5.73
C GLU A 3 18.53 -14.43 5.35
N SER A 4 18.65 -15.72 5.43
CA SER A 4 19.79 -16.41 4.98
C SER A 4 19.60 -16.57 3.50
N ARG A 5 20.19 -15.64 2.74
CA ARG A 5 19.94 -15.46 1.33
C ARG A 5 18.54 -14.90 1.11
N PHE A 6 18.46 -13.69 0.63
CA PHE A 6 17.17 -13.08 0.37
C PHE A 6 16.46 -13.75 -0.79
N TYR A 7 15.27 -14.22 -0.55
CA TYR A 7 14.54 -14.98 -1.53
C TYR A 7 13.57 -14.18 -2.34
N PHE A 8 13.67 -14.38 -3.61
CA PHE A 8 12.74 -13.87 -4.57
C PHE A 8 12.27 -15.08 -5.34
N HIS A 9 13.24 -15.80 -5.86
CA HIS A 9 12.98 -17.01 -6.56
C HIS A 9 13.04 -18.19 -5.58
N PRO A 10 12.30 -19.27 -5.85
CA PRO A 10 11.46 -19.40 -7.02
C PRO A 10 10.03 -18.87 -6.79
N ILE A 11 9.44 -18.27 -7.83
CA ILE A 11 8.06 -17.75 -7.77
C ILE A 11 7.08 -18.89 -7.47
N SER A 12 7.50 -20.07 -7.84
CA SER A 12 6.76 -21.29 -7.61
C SER A 12 6.64 -21.64 -6.11
N ASP A 13 7.53 -21.09 -5.27
CA ASP A 13 7.47 -21.34 -3.82
C ASP A 13 6.44 -20.43 -3.21
N LEU A 14 6.30 -19.26 -3.82
CA LEU A 14 5.34 -18.27 -3.40
C LEU A 14 3.93 -18.85 -3.63
N PRO A 15 2.96 -18.50 -2.79
CA PRO A 15 1.63 -19.10 -2.88
C PRO A 15 0.83 -18.55 -4.07
N PRO A 16 0.00 -19.41 -4.72
CA PRO A 16 -0.85 -18.97 -5.81
C PRO A 16 -1.82 -17.89 -5.32
N PRO A 17 -2.14 -16.92 -6.16
CA PRO A 17 -2.99 -15.79 -5.77
C PRO A 17 -4.41 -16.22 -5.42
N GLU A 18 -5.04 -15.42 -4.62
CA GLU A 18 -6.39 -15.62 -4.18
C GLU A 18 -7.11 -14.30 -4.30
N PRO A 19 -8.45 -14.32 -4.51
CA PRO A 19 -9.23 -13.09 -4.56
C PRO A 19 -9.17 -12.40 -3.21
N TYR A 20 -8.92 -11.12 -3.22
CA TYR A 20 -8.84 -10.36 -2.02
C TYR A 20 -10.26 -10.15 -1.50
N VAL A 21 -10.56 -10.70 -0.35
CA VAL A 21 -11.91 -10.69 0.16
C VAL A 21 -12.15 -9.59 1.18
N GLN A 22 -12.67 -8.49 0.68
CA GLN A 22 -13.05 -7.34 1.47
C GLN A 22 -14.40 -6.85 1.01
N THR A 23 -15.13 -6.26 1.90
CA THR A 23 -16.43 -5.71 1.62
C THR A 23 -16.20 -4.42 0.77
N THR A 24 -17.28 -3.80 0.24
CA THR A 24 -17.14 -2.68 -0.70
C THR A 24 -16.24 -1.57 -0.12
N LYS A 25 -15.23 -1.21 -0.90
CA LYS A 25 -14.16 -0.37 -0.45
C LYS A 25 -14.31 1.02 -1.04
N SER A 26 -13.67 1.96 -0.40
CA SER A 26 -13.62 3.31 -0.88
C SER A 26 -12.20 3.81 -0.72
N TYR A 27 -11.77 4.67 -1.59
CA TYR A 27 -10.50 5.31 -1.47
C TYR A 27 -10.73 6.60 -0.67
N PRO A 28 -9.92 6.88 0.36
CA PRO A 28 -10.11 8.06 1.23
C PRO A 28 -10.20 9.38 0.45
N SER A 29 -9.45 9.48 -0.63
CA SER A 29 -9.46 10.68 -1.44
C SER A 29 -10.77 10.76 -2.20
N LYS A 30 -11.14 9.66 -2.83
CA LYS A 30 -12.35 9.58 -3.63
C LYS A 30 -13.57 9.80 -2.75
N LEU A 31 -13.47 9.29 -1.53
CA LEU A 31 -14.51 9.41 -0.53
C LEU A 31 -14.67 10.88 -0.15
N ALA A 32 -13.58 11.53 0.10
CA ALA A 32 -13.59 12.92 0.54
C ALA A 32 -13.62 13.91 -0.64
N ARG A 33 -13.96 13.38 -1.83
CA ARG A 33 -13.92 14.13 -3.10
C ARG A 33 -12.50 14.25 -3.62
N ASN A 34 -12.15 13.39 -4.56
CA ASN A 34 -10.84 13.38 -5.18
C ASN A 34 -10.75 14.50 -6.17
N GLU A 35 -11.86 14.79 -6.77
CA GLU A 35 -11.97 15.82 -7.74
C GLU A 35 -13.37 16.41 -7.72
N SER A 36 -13.45 17.70 -7.47
CA SER A 36 -14.71 18.38 -7.52
C SER A 36 -15.16 18.46 -8.98
N ARG A 37 -16.08 17.61 -9.31
CA ARG A 37 -16.48 17.40 -10.67
C ARG A 37 -18.00 17.42 -10.79
N GLY A 38 -18.49 18.33 -11.57
CA GLY A 38 -19.91 18.42 -11.79
C GLY A 38 -20.26 17.87 -13.13
N GLY A 39 -21.17 16.93 -13.15
CA GLY A 39 -21.56 16.33 -14.40
C GLY A 39 -22.53 15.21 -14.20
N LEU A 40 -22.77 14.46 -15.27
CA LEU A 40 -23.68 13.33 -15.34
C LEU A 40 -25.14 13.78 -15.24
N VAL A 41 -25.48 14.40 -14.16
CA VAL A 41 -26.81 14.89 -13.94
C VAL A 41 -26.83 16.42 -13.85
N PRO A 42 -27.18 17.09 -14.96
CA PRO A 42 -27.31 18.54 -14.99
C PRO A 42 -28.56 18.98 -14.24
N ARG A 43 -28.68 20.29 -14.00
CA ARG A 43 -29.78 20.88 -13.23
C ARG A 43 -29.69 20.51 -11.76
N GLY A 44 -28.96 21.33 -11.04
CA GLY A 44 -28.76 21.11 -9.65
C GLY A 44 -27.38 21.57 -9.24
N SER A 45 -27.10 21.52 -7.97
CA SER A 45 -25.82 21.93 -7.47
C SER A 45 -25.35 20.89 -6.45
N GLY A 46 -24.15 20.39 -6.63
CA GLY A 46 -23.63 19.39 -5.73
C GLY A 46 -22.20 19.04 -6.00
N GLY A 47 -21.85 18.87 -7.27
CA GLY A 47 -20.51 18.50 -7.65
C GLY A 47 -19.54 19.67 -7.59
N SER A 48 -19.40 20.24 -6.43
CA SER A 48 -18.55 21.35 -6.21
C SER A 48 -18.14 21.36 -4.75
N LEU A 49 -16.87 21.55 -4.52
CA LEU A 49 -16.33 21.60 -3.19
C LEU A 49 -15.00 22.32 -3.25
N PHE A 50 -14.84 23.31 -2.44
CA PHE A 50 -13.59 24.00 -2.35
C PHE A 50 -12.81 23.42 -1.20
N SER A 51 -11.86 22.60 -1.51
CA SER A 51 -11.08 21.96 -0.49
C SER A 51 -9.92 22.85 -0.09
N PHE A 52 -9.69 22.94 1.18
CA PHE A 52 -8.57 23.64 1.70
C PHE A 52 -7.50 22.61 1.98
N LEU A 53 -6.57 22.47 1.07
CA LEU A 53 -5.57 21.46 1.20
C LEU A 53 -4.18 22.05 1.26
N GLY A 54 -3.37 21.48 2.12
CA GLY A 54 -2.03 21.93 2.29
C GLY A 54 -1.15 20.80 2.78
N LYS A 55 0.05 21.15 3.21
CA LYS A 55 1.06 20.19 3.68
C LYS A 55 1.66 19.37 2.54
N LYS A 56 2.64 18.58 2.89
CA LYS A 56 3.34 17.77 1.93
C LYS A 56 2.96 16.31 2.12
N CYS A 57 3.32 15.49 1.16
CA CYS A 57 3.08 14.08 1.26
C CYS A 57 4.18 13.47 2.13
N VAL A 58 3.79 12.76 3.15
CA VAL A 58 4.76 12.25 4.10
C VAL A 58 5.14 10.80 3.85
N THR A 59 6.42 10.59 3.75
CA THR A 59 6.98 9.29 3.58
C THR A 59 7.15 8.67 4.93
N MET A 60 6.58 7.53 5.11
CA MET A 60 6.67 6.85 6.37
C MET A 60 7.61 5.67 6.28
N SER A 61 7.71 5.08 5.12
CA SER A 61 8.51 3.90 5.00
C SER A 61 9.03 3.69 3.58
N SER A 62 10.15 3.01 3.51
CA SER A 62 10.76 2.62 2.28
C SER A 62 11.35 1.23 2.54
N ALA A 63 11.29 0.35 1.56
CA ALA A 63 11.82 -1.00 1.72
C ALA A 63 12.08 -1.63 0.38
N VAL A 64 13.11 -2.42 0.29
CA VAL A 64 13.43 -3.14 -0.92
C VAL A 64 12.57 -4.41 -1.06
N VAL A 65 11.79 -4.45 -2.15
CA VAL A 65 10.84 -5.53 -2.43
C VAL A 65 10.60 -5.68 -3.96
N GLN A 66 9.85 -6.69 -4.33
CA GLN A 66 9.37 -6.81 -5.70
C GLN A 66 7.87 -6.79 -5.68
N LEU A 67 7.27 -6.32 -6.75
CA LEU A 67 5.85 -6.25 -6.85
C LEU A 67 5.36 -7.26 -7.88
N TYR A 68 4.47 -8.07 -7.44
CA TYR A 68 3.82 -9.06 -8.26
C TYR A 68 2.37 -8.69 -8.39
N ALA A 69 1.87 -8.74 -9.58
CA ALA A 69 0.51 -8.40 -9.83
C ALA A 69 -0.21 -9.66 -10.21
N ALA A 70 -1.35 -9.89 -9.62
CA ALA A 70 -2.08 -11.08 -9.89
C ALA A 70 -3.07 -10.91 -10.98
N ASP A 71 -3.03 -11.80 -11.93
CA ASP A 71 -4.05 -11.87 -12.91
C ASP A 71 -5.21 -12.53 -12.21
N ARG A 72 -6.42 -12.09 -12.52
CA ARG A 72 -7.64 -12.34 -11.74
C ARG A 72 -7.44 -13.13 -10.45
N ASN A 73 -7.76 -14.38 -10.44
CA ASN A 73 -7.59 -15.19 -9.25
C ASN A 73 -6.57 -16.31 -9.43
N CYS A 74 -5.75 -16.29 -10.48
CA CYS A 74 -4.93 -17.49 -10.73
C CYS A 74 -3.56 -17.30 -11.44
N MET A 75 -2.85 -16.18 -11.22
CA MET A 75 -1.49 -16.04 -11.79
C MET A 75 -0.75 -14.79 -11.26
N TRP A 76 0.44 -14.97 -10.72
CA TRP A 76 1.27 -13.82 -10.36
C TRP A 76 2.14 -13.45 -11.54
N SER A 77 2.31 -12.19 -11.76
CA SER A 77 3.17 -11.71 -12.78
C SER A 77 3.97 -10.55 -12.21
N LYS A 78 5.26 -10.62 -12.35
CA LYS A 78 6.14 -9.58 -11.86
C LYS A 78 5.93 -8.32 -12.66
N LYS A 79 5.59 -7.27 -11.99
CA LYS A 79 5.32 -6.01 -12.64
C LYS A 79 6.54 -5.13 -12.59
N CYS A 80 7.15 -5.04 -11.43
CA CYS A 80 8.33 -4.21 -11.24
C CYS A 80 9.05 -4.62 -9.96
N SER A 81 10.32 -4.35 -9.88
CA SER A 81 11.11 -4.72 -8.73
C SER A 81 12.00 -3.58 -8.28
N GLY A 82 12.28 -3.53 -7.00
CA GLY A 82 13.18 -2.54 -6.53
C GLY A 82 12.94 -2.16 -5.12
N VAL A 83 12.56 -0.96 -4.92
CA VAL A 83 12.32 -0.44 -3.64
C VAL A 83 10.95 0.25 -3.60
N ALA A 84 10.29 0.12 -2.49
CA ALA A 84 8.97 0.64 -2.29
C ALA A 84 8.97 1.80 -1.35
N CYS A 85 8.02 2.67 -1.51
CA CYS A 85 7.89 3.81 -0.63
C CYS A 85 6.43 3.98 -0.22
N LEU A 86 6.22 4.13 1.06
CA LEU A 86 4.91 4.34 1.62
C LEU A 86 4.76 5.81 1.95
N VAL A 87 3.91 6.49 1.20
CA VAL A 87 3.72 7.92 1.36
C VAL A 87 2.25 8.22 1.42
N LYS A 88 1.80 8.99 2.38
CA LYS A 88 0.44 9.39 2.31
C LYS A 88 0.38 10.85 1.96
N ASP A 89 -0.44 11.16 1.03
CA ASP A 89 -0.57 12.52 0.60
C ASP A 89 -1.69 13.14 1.39
N ASN A 90 -1.33 13.85 2.44
CA ASN A 90 -2.30 14.52 3.32
C ASN A 90 -3.25 15.45 2.58
N PRO A 91 -2.75 16.36 1.69
CA PRO A 91 -3.63 17.19 0.88
C PRO A 91 -4.63 16.39 0.00
N GLN A 92 -4.21 15.21 -0.48
CA GLN A 92 -5.07 14.38 -1.31
C GLN A 92 -6.03 13.59 -0.42
N ARG A 93 -5.73 13.61 0.89
CA ARG A 93 -6.50 12.95 1.95
C ARG A 93 -6.45 11.41 1.86
N SER A 94 -5.49 10.88 1.10
CA SER A 94 -5.37 9.44 0.92
C SER A 94 -3.94 8.92 1.14
N TYR A 95 -3.74 7.65 0.85
CA TYR A 95 -2.46 6.99 1.08
C TYR A 95 -1.98 6.47 -0.26
N PHE A 96 -0.71 6.58 -0.53
CA PHE A 96 -0.17 6.07 -1.76
C PHE A 96 0.98 5.15 -1.51
N LEU A 97 0.98 4.07 -2.20
CA LEU A 97 2.03 3.13 -2.12
C LEU A 97 2.68 3.08 -3.49
N ARG A 98 3.96 3.30 -3.53
CA ARG A 98 4.67 3.35 -4.80
C ARG A 98 5.81 2.36 -4.82
N ILE A 99 5.97 1.72 -5.93
CA ILE A 99 7.03 0.76 -6.15
C ILE A 99 7.87 1.31 -7.30
N PHE A 100 9.14 1.36 -7.11
CA PHE A 100 10.04 1.94 -8.07
C PHE A 100 11.29 1.12 -8.22
N ASP A 101 11.84 1.14 -9.40
CA ASP A 101 13.01 0.36 -9.75
C ASP A 101 14.20 0.79 -8.91
N ILE A 102 14.89 -0.17 -8.34
CA ILE A 102 16.02 0.07 -7.43
C ILE A 102 17.20 0.76 -8.15
N LYS A 103 17.33 0.50 -9.42
CA LYS A 103 18.45 1.01 -10.15
C LYS A 103 18.14 2.42 -10.63
N ASP A 104 17.13 2.54 -11.46
CA ASP A 104 16.82 3.81 -12.10
C ASP A 104 15.99 4.72 -11.19
N GLY A 105 14.91 4.19 -10.66
CA GLY A 105 14.06 4.95 -9.76
C GLY A 105 13.04 5.82 -10.45
N LYS A 106 12.75 5.53 -11.72
CA LYS A 106 11.78 6.31 -12.51
C LYS A 106 10.34 6.25 -11.96
N LEU A 107 10.06 5.24 -11.12
CA LEU A 107 8.73 4.99 -10.51
C LEU A 107 7.77 4.48 -11.59
N LEU A 108 7.31 3.26 -11.40
CA LEU A 108 6.48 2.65 -12.42
C LEU A 108 5.16 2.19 -11.84
N TRP A 109 4.94 2.46 -10.57
CA TRP A 109 3.79 1.91 -9.94
C TRP A 109 3.42 2.72 -8.71
N GLU A 110 2.19 3.16 -8.66
CA GLU A 110 1.63 3.77 -7.48
C GLU A 110 0.19 3.34 -7.34
N GLN A 111 -0.26 3.18 -6.13
CA GLN A 111 -1.58 2.70 -5.89
C GLN A 111 -2.12 3.43 -4.67
N GLU A 112 -3.35 3.89 -4.75
CA GLU A 112 -4.00 4.57 -3.64
C GLU A 112 -4.68 3.52 -2.75
N LEU A 113 -4.39 3.56 -1.49
CA LEU A 113 -4.91 2.56 -0.58
C LEU A 113 -6.31 2.92 -0.08
N TYR A 114 -7.09 1.90 0.25
CA TYR A 114 -8.49 2.08 0.62
C TYR A 114 -8.67 2.32 2.12
N ASN A 115 -9.87 2.72 2.49
CA ASN A 115 -10.25 2.86 3.91
C ASN A 115 -10.41 1.48 4.54
N ASN A 116 -10.89 0.54 3.75
CA ASN A 116 -11.11 -0.85 4.22
C ASN A 116 -9.96 -1.74 3.78
N PHE A 117 -8.81 -1.14 3.59
CA PHE A 117 -7.63 -1.85 3.18
C PHE A 117 -6.99 -2.52 4.39
N VAL A 118 -6.82 -3.80 4.32
CA VAL A 118 -6.17 -4.51 5.38
C VAL A 118 -4.91 -5.14 4.81
N TYR A 119 -3.86 -5.19 5.59
CA TYR A 119 -2.64 -5.76 5.12
C TYR A 119 -2.66 -7.25 5.48
N ASN A 120 -2.52 -8.11 4.49
CA ASN A 120 -2.62 -9.55 4.73
C ASN A 120 -1.32 -10.26 4.40
N SER A 121 -0.94 -11.18 5.25
CA SER A 121 0.23 -11.97 5.05
C SER A 121 -0.08 -13.46 5.16
N PRO A 122 -0.17 -14.19 4.03
CA PRO A 122 -0.35 -15.64 4.06
C PRO A 122 0.89 -16.28 4.70
N ARG A 123 2.06 -15.93 4.17
CA ARG A 123 3.31 -16.29 4.75
C ARG A 123 3.91 -15.01 5.24
N GLY A 124 4.82 -15.08 6.15
CA GLY A 124 5.43 -13.89 6.67
C GLY A 124 6.32 -13.20 5.66
N TYR A 125 6.87 -13.98 4.76
CA TYR A 125 7.84 -13.46 3.83
C TYR A 125 7.21 -12.87 2.58
N PHE A 126 6.05 -13.34 2.21
CA PHE A 126 5.41 -12.85 1.01
C PHE A 126 4.09 -12.24 1.39
N HIS A 127 3.86 -11.04 0.96
CA HIS A 127 2.67 -10.33 1.41
C HIS A 127 1.76 -10.04 0.24
N THR A 128 0.47 -10.11 0.46
CA THR A 128 -0.53 -9.95 -0.59
C THR A 128 -1.52 -8.87 -0.16
N PHE A 129 -1.81 -7.92 -1.02
CA PHE A 129 -2.77 -6.86 -0.69
C PHE A 129 -3.48 -6.28 -1.92
N ALA A 130 -4.50 -5.46 -1.69
CA ALA A 130 -5.31 -4.89 -2.75
C ALA A 130 -4.60 -3.82 -3.54
N GLY A 131 -4.67 -3.94 -4.83
CA GLY A 131 -4.09 -2.98 -5.71
C GLY A 131 -5.02 -2.61 -6.81
N ASP A 132 -5.89 -1.65 -6.53
CA ASP A 132 -6.89 -1.14 -7.48
C ASP A 132 -7.76 -2.26 -8.03
N THR A 133 -8.75 -2.63 -7.24
CA THR A 133 -9.74 -3.67 -7.57
C THR A 133 -9.12 -5.11 -7.58
N CYS A 134 -7.81 -5.24 -7.76
CA CYS A 134 -7.21 -6.54 -7.88
C CYS A 134 -6.19 -6.79 -6.76
N GLN A 135 -5.46 -7.87 -6.89
CA GLN A 135 -4.52 -8.32 -5.87
C GLN A 135 -3.07 -8.07 -6.34
N VAL A 136 -2.30 -7.38 -5.53
CA VAL A 136 -0.91 -7.11 -5.76
C VAL A 136 -0.11 -7.61 -4.57
N ALA A 137 1.05 -8.09 -4.78
CA ALA A 137 1.82 -8.67 -3.72
C ALA A 137 3.22 -8.17 -3.67
N LEU A 138 3.81 -8.25 -2.50
CA LEU A 138 5.20 -7.86 -2.31
C LEU A 138 6.06 -9.03 -1.90
N ASN A 139 7.20 -9.11 -2.53
CA ASN A 139 8.22 -10.11 -2.26
C ASN A 139 9.30 -9.40 -1.49
N PHE A 140 9.61 -9.91 -0.34
CA PHE A 140 10.58 -9.31 0.56
C PHE A 140 11.99 -9.40 -0.02
N ALA A 141 12.81 -8.43 0.28
CA ALA A 141 14.22 -8.55 0.03
C ALA A 141 14.93 -8.58 1.37
N ASN A 142 14.12 -8.48 2.42
CA ASN A 142 14.56 -8.56 3.81
C ASN A 142 13.35 -8.95 4.65
N GLU A 143 13.50 -9.98 5.48
CA GLU A 143 12.37 -10.48 6.27
C GLU A 143 11.92 -9.49 7.32
N GLU A 144 12.88 -8.93 8.06
CA GLU A 144 12.58 -8.05 9.16
C GLU A 144 11.87 -6.81 8.65
N GLU A 145 12.48 -6.14 7.66
CA GLU A 145 11.90 -4.94 7.08
C GLU A 145 10.51 -5.19 6.51
N ALA A 146 10.27 -6.39 5.99
CA ALA A 146 8.99 -6.73 5.43
C ALA A 146 7.95 -6.79 6.50
N LYS A 147 8.32 -7.35 7.62
CA LYS A 147 7.44 -7.48 8.76
C LYS A 147 7.21 -6.10 9.36
N LYS A 148 8.20 -5.25 9.23
CA LYS A 148 8.13 -3.94 9.79
C LYS A 148 7.21 -3.05 8.98
N PHE A 149 7.39 -3.01 7.66
CA PHE A 149 6.51 -2.16 6.84
C PHE A 149 5.09 -2.72 6.84
N ARG A 150 4.99 -4.05 6.91
CA ARG A 150 3.69 -4.73 7.03
C ARG A 150 2.87 -4.14 8.17
N LYS A 151 3.49 -4.06 9.31
CA LYS A 151 2.83 -3.59 10.49
C LYS A 151 2.66 -2.08 10.36
N ALA A 152 3.66 -1.44 9.83
CA ALA A 152 3.64 0.01 9.61
C ALA A 152 2.44 0.41 8.75
N VAL A 153 2.19 -0.34 7.67
CA VAL A 153 1.05 -0.06 6.80
C VAL A 153 -0.25 -0.41 7.50
N THR A 154 -0.28 -1.57 8.13
CA THR A 154 -1.49 -2.10 8.74
C THR A 154 -1.94 -1.19 9.92
N ASP A 155 -0.95 -0.61 10.60
CA ASP A 155 -1.18 0.26 11.75
C ASP A 155 -1.65 1.62 11.29
N LEU A 156 -0.92 2.18 10.33
CA LEU A 156 -1.22 3.48 9.77
C LEU A 156 -2.60 3.51 9.14
N LEU A 157 -2.92 2.47 8.41
CA LEU A 157 -4.21 2.38 7.72
C LEU A 157 -5.33 2.42 8.78
N GLY A 158 -5.13 1.69 9.87
CA GLY A 158 -6.10 1.65 10.94
C GLY A 158 -6.24 2.99 11.64
N ARG A 159 -5.13 3.69 11.77
CA ARG A 159 -5.13 5.03 12.37
C ARG A 159 -5.80 6.04 11.46
N ARG A 160 -5.60 5.87 10.15
CA ARG A 160 -6.24 6.66 9.10
C ARG A 160 -5.67 8.09 9.01
N GLN A 161 -5.77 8.83 10.11
CA GLN A 161 -5.35 10.23 10.16
C GLN A 161 -3.86 10.38 9.82
N ARG A 162 -3.00 9.86 10.68
CA ARG A 162 -1.56 9.94 10.49
C ARG A 162 -0.87 9.10 11.53
N LYS A 163 0.44 9.03 11.44
CA LYS A 163 1.24 8.31 12.38
C LYS A 163 2.67 8.81 12.29
N SER A 164 3.13 9.47 13.32
CA SER A 164 4.50 9.89 13.36
C SER A 164 5.30 8.91 14.18
N GLU A 165 5.79 7.89 13.51
CA GLU A 165 6.55 6.81 14.11
C GLU A 165 7.09 5.96 13.00
N LYS A 166 8.41 5.78 12.99
CA LYS A 166 9.12 5.06 11.92
C LYS A 166 9.05 5.81 10.62
N ARG A 167 10.08 6.50 10.29
CA ARG A 167 10.14 7.15 9.02
C ARG A 167 11.35 6.63 8.30
N ARG A 168 11.14 5.67 7.47
CA ARG A 168 12.23 5.11 6.71
C ARG A 168 12.33 5.80 5.38
N ASP A 169 13.32 6.63 5.26
CA ASP A 169 13.60 7.36 4.04
C ASP A 169 15.08 7.49 3.92
#